data_9MIH
#
_entry.id   9MIH
#
_cell.length_a   1.00
_cell.length_b   1.00
_cell.length_c   1.00
_cell.angle_alpha   90.00
_cell.angle_beta   90.00
_cell.angle_gamma   90.00
#
_symmetry.space_group_name_H-M   'P 1'
#
loop_
_entity.id
_entity.type
_entity.pdbx_description
1 polymer '273-4D01 kappa chain Fv'
2 polymer 'HIV-1 Envelope Glycoprotein BG505 SOSIP.664 gp120'
3 polymer 'Envelope glycoprotein gp160'
4 polymer 'RM20A3 heavy chain Fv'
5 polymer 'RM20A3 light chain Fv'
6 polymer '273-4D01 heavy chain Fv'
7 branched 2-acetamido-2-deoxy-beta-D-glucopyranose-(1-4)-2-acetamido-2-deoxy-beta-D-glucopyranose
8 branched beta-D-mannopyranose-(1-4)-2-acetamido-2-deoxy-beta-D-glucopyranose-(1-4)-2-acetamido-2-deoxy-beta-D-glucopyranose
9 branched alpha-D-mannopyranose-(1-3)-beta-D-mannopyranose-(1-4)-2-acetamido-2-deoxy-beta-D-glucopyranose-(1-4)-2-acetamido-2-deoxy-beta-D-glucopyranose
10 branched alpha-D-mannopyranose-(1-3)-[alpha-D-mannopyranose-(1-6)]beta-D-mannopyranose-(1-4)-2-acetamido-2-deoxy-beta-D-glucopyranose-(1-4)-2-acetamido-2-deoxy-beta-D-glucopyranose
11 non-polymer 2-acetamido-2-deoxy-beta-D-glucopyranose
#
loop_
_entity_poly.entity_id
_entity_poly.type
_entity_poly.pdbx_seq_one_letter_code
_entity_poly.pdbx_strand_id
1 'polypeptide(L)'
;DIQVTQSPSSLSASVGDRVTITCRASQGISNYLAWYQQKPGKVPKLLIYGASTLQSGVPSRFSGSGSGTDFTLTISSLQP
EDFATYYCQIYETFGQGTKVDIK
;
L
2 'polypeptide(L)'
;MDAMKRGLCCVLLLCGAVFVSPSQEIHARFRRGARAENLWVTVYYGVPVWKDAETTLFCASDAKAYETEKHNVWATHACV
PTDPNPQEIHLENVTEEFNMWKNNMVEQMHTDIISLWDQSLKPCVKLTPLCVTLQCTNVTNNITDDMRGELKNCSFNMTT
ELRDKKQKVYSLFYRLDVVQINENQGNRSNNSNKEYRLINCNTSAITQACPKVSFEPIPIHYCAPAGFAILKCKDKKFNG
TGPCPSVSTVQCTHGIKPVVSTQLLLNGSLAEEEVMIRSENITNNAKNILVQFNTPVQINCTRPNNNTRKSIRIGPGQAF
YATGDIIGDIRQAHCNVSKATWNETLGKVVKQLRKHFGNNTIIRFANSSGGDLEVTTHSFNCGGEFFYCNTSGLFNSTWI
SNTSVQGSNSTGSNDSITLPCRIKQIINMWQRIGQAMYAPPIQGVIRCVSNITGLILTRDGGSTNSTTETFRPGGGDMRD
NWRSELYKYKVVKIEPLGVAPTRCKRRVVGRRRRRR
;
A,C,E
3 'polypeptide(L)'
;AVGIGAVFLGFLGAAGSTMGAASMTLTVQARNLLSGIVQQQSNLLRAPEAQQHLLKLTVWGIKQLQARVLAVERYLRDQQ
LLGIWGCSGKLICCTNVPWNSSWSNRNLSEIWDNMTWLQWDKEISNYTQIIYGLLEESQNQQEKNEQDLLALD
;
B,D,F
4 'polypeptide(L)'
;EVQLVETGGGLVQPGGSLKLSCRASGYTFSSFAMSWVRQAPGKGLEWVSLINDRGGLTFYVDSVKGRFTISRDNSKNTLS
LQMHSLRDGDTAVYYCATGGMSSALQSSKYYFDFWGQGALVTVSS
;
G,J,M
5 'polypeptide(L)'
;ALTQPPSVSGSPGQSVTISCTGTSSDIGSYNYVSWYQQHPGKAPKLMIYDVTQRPSGVSDRFSGSKSGNTASLTISGLQA
DDEADYYCSAYAGRQTFYIFGGGTRLTVLGQPKASPTVTLFPPSSEEL
;
I,K,N
6 'polypeptide(L)'
;QVQLVQSGAEVKKPGASVKVSCKTSGYTFTDFYMHWMRQAPGQGLEWMGWINPTGGGVNYAHKFQGRVTMTRDTSISTAY
MELSRLTSDDTGVYYCARSPARELLPLDYWGQGTLVTVSS
;
H
#
loop_
_chem_comp.id
_chem_comp.type
_chem_comp.name
_chem_comp.formula
BMA D-saccharide, beta linking beta-D-mannopyranose 'C6 H12 O6'
MAN D-saccharide, alpha linking alpha-D-mannopyranose 'C6 H12 O6'
NAG D-saccharide, beta linking 2-acetamido-2-deoxy-beta-D-glucopyranose 'C8 H15 N O6'
#
# COMPACT_ATOMS: atom_id res chain seq x y z
N ILE A 2 50.99 14.32 12.86
CA ILE A 2 50.94 14.10 11.42
C ILE A 2 51.85 15.10 10.74
N GLN A 3 53.02 14.64 10.29
CA GLN A 3 54.00 15.52 9.71
C GLN A 3 53.45 16.13 8.42
N VAL A 4 53.61 17.44 8.27
CA VAL A 4 53.18 18.17 7.08
C VAL A 4 54.36 18.97 6.57
N THR A 5 54.70 18.76 5.29
CA THR A 5 55.84 19.41 4.65
C THR A 5 55.33 20.12 3.39
N GLN A 6 55.12 21.41 3.48
CA GLN A 6 54.72 22.18 2.31
C GLN A 6 55.85 22.23 1.29
N SER A 7 55.48 22.46 0.03
CA SER A 7 56.46 22.57 -1.04
C SER A 7 55.85 23.33 -2.21
N PRO A 8 56.54 24.35 -2.79
CA PRO A 8 57.81 24.97 -2.39
C PRO A 8 57.60 25.97 -1.26
N SER A 9 58.62 26.22 -0.43
CA SER A 9 58.48 27.23 0.61
C SER A 9 58.30 28.61 0.01
N SER A 10 59.04 28.92 -1.06
CA SER A 10 58.96 30.19 -1.77
C SER A 10 58.67 29.93 -3.24
N LEU A 11 57.94 30.86 -3.86
CA LEU A 11 57.55 30.72 -5.25
C LEU A 11 57.26 32.10 -5.83
N SER A 12 57.74 32.32 -7.05
CA SER A 12 57.46 33.53 -7.81
C SER A 12 56.88 33.12 -9.16
N ALA A 13 55.70 33.63 -9.48
CA ALA A 13 55.00 33.29 -10.71
C ALA A 13 54.40 34.55 -11.32
N SER A 14 54.18 34.49 -12.63
CA SER A 14 53.69 35.62 -13.40
C SER A 14 52.20 35.47 -13.71
N VAL A 15 51.63 36.48 -14.35
CA VAL A 15 50.21 36.47 -14.67
C VAL A 15 49.91 35.36 -15.65
N GLY A 16 48.77 34.69 -15.46
CA GLY A 16 48.29 33.66 -16.36
C GLY A 16 49.27 32.53 -16.65
N ASP A 17 49.57 31.72 -15.64
CA ASP A 17 50.48 30.59 -15.80
C ASP A 17 50.03 29.46 -14.89
N ARG A 18 50.47 28.24 -15.22
CA ARG A 18 50.15 27.08 -14.42
C ARG A 18 51.07 27.02 -13.21
N VAL A 19 50.47 27.11 -12.01
CA VAL A 19 51.21 27.10 -10.76
C VAL A 19 50.62 26.02 -9.86
N THR A 20 51.47 25.15 -9.32
CA THR A 20 51.08 24.02 -8.50
C THR A 20 51.85 24.04 -7.19
N ILE A 21 51.17 23.71 -6.10
CA ILE A 21 51.77 23.68 -4.77
C ILE A 21 51.29 22.41 -4.06
N THR A 22 52.21 21.74 -3.35
CA THR A 22 51.95 20.43 -2.78
C THR A 22 52.30 20.43 -1.29
N CYS A 23 51.84 19.40 -0.59
CA CYS A 23 52.20 19.18 0.81
C CYS A 23 52.30 17.68 1.06
N ARG A 24 53.43 17.26 1.62
CA ARG A 24 53.67 15.86 1.96
C ARG A 24 53.13 15.58 3.35
N ALA A 25 52.40 14.48 3.48
CA ALA A 25 51.87 13.99 4.75
C ALA A 25 52.67 12.80 5.23
N SER A 26 52.28 12.28 6.40
CA SER A 26 52.97 11.13 6.98
C SER A 26 52.46 9.83 6.37
N GLN A 27 51.16 9.57 6.51
CA GLN A 27 50.51 8.37 5.99
C GLN A 27 49.38 8.84 5.08
N GLY A 28 48.48 7.92 4.74
CA GLY A 28 47.40 8.24 3.82
C GLY A 28 46.20 8.78 4.58
N ILE A 29 45.61 9.84 4.03
CA ILE A 29 44.45 10.50 4.63
C ILE A 29 43.29 10.59 3.64
N SER A 30 43.41 9.94 2.49
CA SER A 30 42.35 9.89 1.46
C SER A 30 41.98 11.34 1.07
N ASN A 31 40.70 11.64 0.85
CA ASN A 31 40.26 12.99 0.50
C ASN A 31 40.41 13.99 1.64
N TYR A 32 40.76 13.55 2.84
CA TYR A 32 40.75 14.42 4.01
C TYR A 32 41.88 15.45 3.87
N LEU A 33 41.56 16.64 3.35
CA LEU A 33 42.55 17.70 3.19
C LEU A 33 41.82 18.99 2.83
N ALA A 34 42.39 20.12 3.23
CA ALA A 34 41.85 21.43 2.89
C ALA A 34 42.98 22.44 2.75
N TRP A 35 42.80 23.37 1.81
CA TRP A 35 43.72 24.48 1.55
C TRP A 35 42.98 25.81 1.70
N TYR A 36 43.67 26.79 2.27
CA TYR A 36 43.12 28.11 2.52
C TYR A 36 44.08 29.17 1.98
N GLN A 37 43.57 30.39 1.85
CA GLN A 37 44.36 31.56 1.47
C GLN A 37 44.28 32.60 2.59
N GLN A 38 45.35 33.38 2.73
CA GLN A 38 45.38 34.53 3.63
C GLN A 38 46.12 35.65 2.90
N LYS A 39 45.36 36.53 2.26
CA LYS A 39 45.95 37.75 1.73
C LYS A 39 46.50 38.57 2.90
N PRO A 40 47.64 39.26 2.73
CA PRO A 40 48.21 40.00 3.88
C PRO A 40 47.24 41.03 4.44
N GLY A 41 47.16 41.09 5.76
CA GLY A 41 46.22 41.98 6.44
C GLY A 41 44.82 41.42 6.58
N LYS A 42 44.26 40.88 5.51
CA LYS A 42 42.89 40.39 5.54
C LYS A 42 42.83 39.01 6.20
N VAL A 43 41.61 38.59 6.51
CA VAL A 43 41.36 37.36 7.24
C VAL A 43 41.60 36.18 6.29
N PRO A 44 42.08 35.02 6.77
CA PRO A 44 42.20 33.88 5.85
C PRO A 44 40.83 33.41 5.38
N LYS A 45 40.79 32.95 4.12
CA LYS A 45 39.57 32.41 3.51
C LYS A 45 39.86 31.02 2.96
N LEU A 46 38.81 30.21 2.86
CA LEU A 46 38.92 28.82 2.45
C LEU A 46 38.86 28.73 0.93
N LEU A 47 39.79 27.96 0.34
CA LEU A 47 39.78 27.66 -1.08
C LEU A 47 39.24 26.27 -1.39
N ILE A 48 39.85 25.24 -0.80
CA ILE A 48 39.55 23.86 -1.15
C ILE A 48 39.30 23.11 0.15
N TYR A 49 38.39 22.13 0.08
CA TYR A 49 38.22 21.29 1.27
C TYR A 49 37.97 19.91 0.81
N GLY A 50 37.99 18.95 1.71
CA GLY A 50 37.59 17.62 1.26
C GLY A 50 38.41 17.21 0.06
N ALA A 51 39.71 17.44 0.11
CA ALA A 51 40.54 17.12 -1.07
C ALA A 51 39.99 17.91 -2.24
N SER A 52 39.75 17.24 -3.35
CA SER A 52 39.42 18.00 -4.56
C SER A 52 38.23 18.93 -4.31
N THR A 53 37.24 18.45 -3.56
CA THR A 53 36.04 19.32 -3.41
C THR A 53 36.43 20.78 -3.23
N LEU A 54 35.74 21.65 -3.93
CA LEU A 54 35.95 23.06 -3.70
C LEU A 54 34.80 23.80 -3.04
N GLN A 55 35.11 24.96 -2.47
CA GLN A 55 34.10 25.77 -1.81
C GLN A 55 33.17 26.41 -2.83
N SER A 56 32.05 26.92 -2.34
CA SER A 56 31.10 27.63 -3.17
C SER A 56 31.62 29.03 -3.49
N GLY A 57 31.21 29.56 -4.64
CA GLY A 57 31.67 30.86 -5.08
C GLY A 57 33.15 30.92 -5.38
N VAL A 58 33.78 29.79 -5.65
CA VAL A 58 35.21 29.72 -5.95
C VAL A 58 35.36 29.58 -7.46
N PRO A 59 36.16 30.43 -8.13
CA PRO A 59 36.39 30.22 -9.56
C PRO A 59 37.01 28.86 -9.83
N SER A 60 36.63 28.26 -10.96
CA SER A 60 37.07 26.92 -11.31
C SER A 60 38.57 26.84 -11.60
N ARG A 61 39.25 27.97 -11.78
CA ARG A 61 40.69 27.96 -12.01
C ARG A 61 41.42 27.29 -10.84
N PHE A 62 40.92 27.50 -9.63
CA PHE A 62 41.48 26.85 -8.44
C PHE A 62 40.98 25.42 -8.39
N SER A 63 41.90 24.45 -8.39
CA SER A 63 41.49 23.06 -8.30
C SER A 63 42.61 22.24 -7.68
N GLY A 64 42.25 21.36 -6.73
CA GLY A 64 43.22 20.51 -6.07
C GLY A 64 42.82 19.05 -6.18
N SER A 65 43.81 18.19 -6.00
CA SER A 65 43.59 16.74 -6.02
C SER A 65 44.93 16.04 -5.72
N GLY A 66 44.84 14.73 -5.53
CA GLY A 66 46.03 13.92 -5.26
C GLY A 66 45.64 12.62 -4.58
N SER A 67 46.58 12.07 -3.81
CA SER A 67 46.31 10.82 -3.11
C SER A 67 47.47 10.49 -2.20
N GLY A 68 47.27 9.46 -1.37
CA GLY A 68 48.32 8.97 -0.51
C GLY A 68 48.83 10.04 0.41
N THR A 69 50.14 10.27 0.37
CA THR A 69 50.79 11.29 1.17
C THR A 69 50.93 12.63 0.44
N ASP A 70 50.63 12.69 -0.87
CA ASP A 70 50.95 13.86 -1.67
C ASP A 70 49.73 14.32 -2.45
N PHE A 71 49.43 15.61 -2.33
CA PHE A 71 48.37 16.26 -3.06
C PHE A 71 48.90 17.57 -3.62
N THR A 72 48.08 18.21 -4.46
CA THR A 72 48.51 19.38 -5.21
C THR A 72 47.31 20.27 -5.45
N LEU A 73 47.45 21.54 -5.11
CA LEU A 73 46.51 22.58 -5.53
C LEU A 73 47.14 23.33 -6.70
N THR A 74 46.39 23.45 -7.79
CA THR A 74 46.87 24.04 -9.03
C THR A 74 45.91 25.14 -9.48
N ILE A 75 46.51 26.15 -10.12
CA ILE A 75 45.79 27.26 -10.74
C ILE A 75 46.40 27.49 -12.12
N SER A 76 45.55 27.72 -13.12
CA SER A 76 45.98 28.04 -14.48
C SER A 76 45.92 29.54 -14.76
N SER A 77 44.73 30.13 -14.64
CA SER A 77 44.58 31.57 -14.78
C SER A 77 44.89 32.25 -13.44
N LEU A 78 45.38 33.48 -13.52
CA LEU A 78 45.82 34.20 -12.32
C LEU A 78 45.57 35.69 -12.54
N GLN A 79 44.48 36.18 -11.96
CA GLN A 79 44.19 37.61 -11.89
C GLN A 79 44.95 38.19 -10.70
N PRO A 80 45.26 39.50 -10.72
CA PRO A 80 46.24 40.03 -9.74
C PRO A 80 45.87 39.82 -8.28
N GLU A 81 44.59 39.76 -7.94
CA GLU A 81 44.21 39.45 -6.56
C GLU A 81 44.51 38.00 -6.18
N ASP A 82 44.77 37.12 -7.16
CA ASP A 82 44.83 35.69 -6.85
C ASP A 82 46.03 35.35 -5.98
N PHE A 83 47.20 35.91 -6.26
CA PHE A 83 48.39 35.54 -5.49
C PHE A 83 48.25 36.03 -4.05
N ALA A 84 48.70 35.19 -3.12
CA ALA A 84 48.64 35.49 -1.70
C ALA A 84 49.41 34.39 -0.97
N THR A 85 49.43 34.48 0.35
CA THR A 85 49.91 33.38 1.17
C THR A 85 48.88 32.26 1.16
N TYR A 86 49.33 31.02 0.94
CA TYR A 86 48.46 29.86 0.90
C TYR A 86 48.89 28.88 1.96
N TYR A 87 47.91 28.15 2.51
CA TYR A 87 48.12 27.26 3.64
C TYR A 87 47.47 25.91 3.36
N CYS A 88 48.29 24.86 3.35
CA CYS A 88 47.81 23.50 3.35
C CYS A 88 47.49 23.07 4.79
N GLN A 89 46.54 22.14 4.94
CA GLN A 89 46.08 21.79 6.27
C GLN A 89 45.78 20.30 6.33
N ILE A 90 46.14 19.68 7.44
CA ILE A 90 45.88 18.27 7.70
C ILE A 90 45.68 18.09 9.20
N TYR A 91 44.51 17.58 9.60
CA TYR A 91 44.16 17.22 10.99
C TYR A 91 44.44 18.43 11.88
N GLU A 92 45.08 18.26 13.05
CA GLU A 92 45.66 19.37 13.82
C GLU A 92 47.12 19.60 13.44
N THR A 93 47.42 19.62 12.15
CA THR A 93 48.79 19.75 11.65
C THR A 93 48.79 20.68 10.44
N PHE A 94 48.19 21.86 10.61
CA PHE A 94 48.28 22.98 9.68
C PHE A 94 49.64 23.07 8.97
N GLY A 95 49.62 23.40 7.70
CA GLY A 95 50.84 23.62 6.97
C GLY A 95 51.54 24.90 7.42
N GLN A 96 52.86 24.92 7.25
CA GLN A 96 53.61 26.14 7.50
C GLN A 96 53.16 27.27 6.60
N GLY A 97 52.71 26.96 5.39
CA GLY A 97 52.27 27.93 4.41
C GLY A 97 53.25 28.04 3.25
N THR A 98 52.93 28.96 2.35
CA THR A 98 53.75 29.22 1.18
C THR A 98 53.50 30.65 0.72
N LYS A 99 54.46 31.20 -0.01
CA LYS A 99 54.42 32.59 -0.45
C LYS A 99 54.28 32.63 -1.98
N VAL A 100 53.26 33.35 -2.45
CA VAL A 100 53.00 33.54 -3.86
C VAL A 100 53.07 35.04 -4.15
N ASP A 101 53.84 35.40 -5.18
CA ASP A 101 54.07 36.80 -5.53
C ASP A 101 53.97 36.93 -7.05
N ILE A 102 53.70 38.17 -7.49
CA ILE A 102 53.69 38.46 -8.92
C ILE A 102 55.07 38.16 -9.50
N LYS A 103 55.07 37.77 -10.78
CA LYS A 103 56.28 37.46 -11.56
C LYS A 103 57.27 36.56 -10.80
N ASN B 38 19.38 -20.07 -27.55
CA ASN B 38 19.03 -18.67 -27.30
C ASN B 38 18.58 -18.49 -25.86
N LEU B 39 18.31 -17.25 -25.48
CA LEU B 39 17.89 -16.90 -24.13
C LEU B 39 16.72 -15.93 -24.18
N TRP B 40 15.79 -16.09 -23.24
CA TRP B 40 14.59 -15.26 -23.16
C TRP B 40 14.44 -14.76 -21.74
N VAL B 41 13.91 -13.54 -21.62
CA VAL B 41 13.72 -12.93 -20.31
C VAL B 41 12.67 -13.71 -19.53
N THR B 42 12.83 -13.74 -18.21
CA THR B 42 11.81 -14.28 -17.33
C THR B 42 11.83 -13.47 -16.03
N VAL B 43 10.64 -13.25 -15.48
CA VAL B 43 10.44 -12.42 -14.30
C VAL B 43 10.22 -13.34 -13.10
N TYR B 44 11.06 -13.18 -12.07
CA TYR B 44 11.00 -13.96 -10.84
C TYR B 44 10.54 -13.04 -9.73
N TYR B 45 9.41 -13.39 -9.10
CA TYR B 45 8.85 -12.62 -8.00
C TYR B 45 9.21 -13.27 -6.68
N GLY B 46 9.47 -12.45 -5.68
CA GLY B 46 9.83 -12.97 -4.37
C GLY B 46 11.22 -13.54 -4.43
N VAL B 47 12.21 -12.68 -4.64
CA VAL B 47 13.57 -13.09 -4.96
C VAL B 47 14.50 -12.51 -3.91
N PRO B 48 15.51 -13.24 -3.39
CA PRO B 48 16.25 -12.66 -2.26
C PRO B 48 17.28 -11.62 -2.70
N VAL B 49 16.79 -10.40 -2.87
CA VAL B 49 17.61 -9.26 -3.25
C VAL B 49 17.25 -8.10 -2.34
N TRP B 50 18.26 -7.35 -1.89
CA TRP B 50 18.04 -6.23 -0.99
C TRP B 50 18.91 -5.06 -1.40
N LYS B 51 18.50 -3.87 -0.96
CA LYS B 51 19.31 -2.67 -1.09
C LYS B 51 19.15 -1.83 0.16
N ASP B 52 20.18 -1.06 0.47
CA ASP B 52 20.09 -0.18 1.63
C ASP B 52 19.02 0.88 1.41
N ALA B 53 18.27 1.18 2.46
CA ALA B 53 17.18 2.15 2.37
C ALA B 53 16.85 2.62 3.78
N GLU B 54 16.00 3.65 3.85
CA GLU B 54 15.64 4.30 5.10
C GLU B 54 14.13 4.37 5.20
N THR B 55 13.58 3.91 6.33
CA THR B 55 12.15 3.92 6.57
C THR B 55 11.91 3.80 8.08
N THR B 56 10.67 4.03 8.47
CA THR B 56 10.29 3.95 9.87
C THR B 56 10.27 2.51 10.35
N LEU B 57 10.65 2.31 11.61
CA LEU B 57 10.60 1.03 12.30
C LEU B 57 9.53 1.10 13.38
N PHE B 58 9.36 0.01 14.13
CA PHE B 58 8.43 0.03 15.26
C PHE B 58 8.95 -0.88 16.36
N CYS B 59 8.57 -0.54 17.59
CA CYS B 59 9.13 -1.20 18.76
C CYS B 59 8.60 -2.63 18.89
N ALA B 60 8.98 -3.27 20.00
CA ALA B 60 8.34 -4.49 20.48
C ALA B 60 8.81 -4.72 21.91
N SER B 61 7.89 -5.13 22.77
CA SER B 61 8.24 -5.38 24.17
C SER B 61 7.20 -6.25 24.86
N THR B 76 4.69 3.30 27.86
CA THR B 76 4.39 3.45 26.44
C THR B 76 2.90 3.28 26.18
N HIS B 77 2.37 2.12 26.56
CA HIS B 77 0.98 1.74 26.35
C HIS B 77 0.62 1.57 24.87
N ALA B 78 1.62 1.53 23.97
CA ALA B 78 1.37 1.33 22.55
C ALA B 78 2.30 0.30 21.91
N CYS B 79 3.34 -0.18 22.61
CA CYS B 79 4.18 -1.20 22.03
C CYS B 79 3.43 -2.50 21.77
N VAL B 80 3.63 -3.04 20.58
CA VAL B 80 3.08 -4.35 20.24
C VAL B 80 3.94 -5.42 20.90
N PRO B 81 3.37 -6.36 21.67
CA PRO B 81 4.22 -7.30 22.41
C PRO B 81 5.05 -8.18 21.47
N THR B 82 6.24 -8.52 21.93
CA THR B 82 7.14 -9.38 21.15
C THR B 82 6.63 -10.82 21.25
N ASP B 83 7.43 -11.75 20.77
CA ASP B 83 7.15 -13.18 20.85
C ASP B 83 8.40 -13.89 21.35
N PRO B 84 8.26 -15.09 21.92
CA PRO B 84 9.42 -15.80 22.45
C PRO B 84 10.26 -16.52 21.40
N ASN B 85 10.03 -16.26 20.11
CA ASN B 85 10.76 -16.90 19.02
C ASN B 85 11.72 -15.90 18.39
N PRO B 86 12.92 -15.71 18.95
CA PRO B 86 13.89 -14.85 18.27
C PRO B 86 14.45 -15.51 17.03
N GLN B 87 13.63 -15.58 15.98
CA GLN B 87 14.01 -16.26 14.76
C GLN B 87 15.20 -15.55 14.11
N GLU B 88 16.35 -16.21 14.13
CA GLU B 88 17.60 -15.65 13.61
C GLU B 88 18.06 -16.57 12.48
N ILE B 89 17.58 -16.31 11.27
CA ILE B 89 17.93 -17.13 10.12
C ILE B 89 19.36 -16.76 9.74
N HIS B 90 20.29 -17.69 9.94
CA HIS B 90 21.71 -17.46 9.66
C HIS B 90 21.89 -17.43 8.14
N LEU B 91 21.99 -16.23 7.57
CA LEU B 91 22.35 -16.11 6.17
C LEU B 91 23.74 -16.71 5.95
N GLU B 92 23.89 -17.48 4.87
CA GLU B 92 25.08 -18.28 4.61
C GLU B 92 25.75 -17.81 3.32
N ASN B 93 27.08 -17.85 3.30
CA ASN B 93 27.88 -17.41 2.16
C ASN B 93 27.63 -15.94 1.80
N VAL B 94 27.21 -15.14 2.78
CA VAL B 94 26.92 -13.73 2.57
C VAL B 94 28.08 -12.91 3.12
N THR B 95 28.17 -11.65 2.68
CA THR B 95 29.10 -10.68 3.23
C THR B 95 28.55 -9.31 2.89
N GLU B 96 28.25 -8.50 3.91
CA GLU B 96 27.49 -7.27 3.71
C GLU B 96 28.26 -6.09 4.29
N GLU B 97 28.28 -4.98 3.56
CA GLU B 97 28.95 -3.79 4.05
C GLU B 97 28.13 -3.16 5.18
N PHE B 98 28.83 -2.67 6.20
CA PHE B 98 28.21 -1.99 7.33
C PHE B 98 28.91 -0.67 7.58
N ASN B 99 28.13 0.31 8.06
CA ASN B 99 28.62 1.62 8.50
C ASN B 99 27.76 1.97 9.71
N MET B 100 28.23 1.60 10.90
CA MET B 100 27.44 1.86 12.10
C MET B 100 27.31 3.35 12.39
N TRP B 101 28.17 4.18 11.81
CA TRP B 101 28.12 5.62 12.04
C TRP B 101 27.06 6.33 11.22
N LYS B 102 26.37 5.64 10.32
CA LYS B 102 25.35 6.29 9.49
C LYS B 102 24.08 5.46 9.33
N ASN B 103 23.93 4.36 10.06
CA ASN B 103 22.63 3.68 10.11
C ASN B 103 21.61 4.64 10.69
N ASN B 104 20.64 5.08 9.87
CA ASN B 104 19.77 6.17 10.29
C ASN B 104 18.95 5.84 11.52
N MET B 105 18.63 4.55 11.72
CA MET B 105 17.65 4.18 12.73
C MET B 105 18.03 4.65 14.12
N VAL B 106 19.33 4.73 14.41
CA VAL B 106 19.77 5.25 15.70
C VAL B 106 19.20 6.64 15.94
N GLU B 107 19.32 7.52 14.94
CA GLU B 107 18.71 8.84 15.04
C GLU B 107 17.21 8.70 15.23
N GLN B 108 16.58 7.81 14.46
CA GLN B 108 15.15 7.57 14.62
C GLN B 108 14.85 7.18 16.06
N MET B 109 15.63 6.24 16.60
CA MET B 109 15.43 5.82 17.98
C MET B 109 15.56 7.02 18.90
N HIS B 110 16.60 7.83 18.68
CA HIS B 110 16.79 9.04 19.48
C HIS B 110 15.54 9.90 19.42
N THR B 111 15.06 10.18 18.20
CA THR B 111 13.89 11.02 18.04
C THR B 111 12.70 10.40 18.76
N ASP B 112 12.53 9.08 18.62
CA ASP B 112 11.43 8.40 19.27
C ASP B 112 11.49 8.64 20.76
N ILE B 113 12.69 8.44 21.34
CA ILE B 113 12.86 8.61 22.78
C ILE B 113 12.46 10.02 23.18
N ILE B 114 12.91 11.01 22.39
CA ILE B 114 12.60 12.40 22.69
C ILE B 114 11.10 12.57 22.78
N SER B 115 10.38 12.12 21.74
CA SER B 115 8.95 12.29 21.71
C SER B 115 8.31 11.57 22.88
N LEU B 116 8.80 10.36 23.17
CA LEU B 116 8.26 9.59 24.29
C LEU B 116 8.36 10.40 25.56
N TRP B 117 9.55 10.96 25.81
CA TRP B 117 9.76 11.77 27.01
C TRP B 117 8.75 12.90 27.07
N ASP B 118 8.57 13.59 25.95
CA ASP B 118 7.65 14.72 25.93
C ASP B 118 6.24 14.26 26.24
N GLN B 119 5.80 13.17 25.62
CA GLN B 119 4.42 12.76 25.86
C GLN B 119 4.26 12.22 27.27
N SER B 120 5.36 11.75 27.89
CA SER B 120 5.25 11.32 29.26
C SER B 120 5.07 12.52 30.20
N LEU B 121 5.64 13.67 29.83
CA LEU B 121 5.66 14.82 30.73
C LEU B 121 4.45 15.73 30.58
N LYS B 122 3.83 15.75 29.40
CA LYS B 122 2.77 16.72 29.14
C LYS B 122 1.59 16.60 30.10
N PRO B 123 1.07 15.39 30.48
CA PRO B 123 -0.06 15.30 31.41
C PRO B 123 0.35 15.35 32.89
N CYS B 124 1.24 16.29 33.23
CA CYS B 124 1.74 16.47 34.58
C CYS B 124 1.61 17.93 34.98
N VAL B 125 1.69 18.17 36.29
CA VAL B 125 1.54 19.52 36.81
C VAL B 125 2.64 20.42 36.28
N LYS B 126 2.26 21.63 35.88
CA LYS B 126 3.20 22.66 35.45
C LYS B 126 3.41 23.61 36.60
N LEU B 127 4.62 23.64 37.14
CA LEU B 127 4.93 24.49 38.30
C LEU B 127 5.32 25.90 37.87
N THR B 128 4.51 26.53 37.03
CA THR B 128 4.70 27.93 36.72
C THR B 128 4.55 28.83 37.95
N PRO B 129 3.57 28.66 38.84
CA PRO B 129 3.51 29.50 40.04
C PRO B 129 4.72 29.37 40.95
N LEU B 130 5.49 28.29 40.84
CA LEU B 130 6.60 28.07 41.76
C LEU B 130 7.70 29.11 41.61
N CYS B 131 7.75 29.84 40.50
CA CYS B 131 8.82 30.81 40.26
C CYS B 131 8.54 32.06 41.09
N VAL B 132 8.98 32.01 42.35
CA VAL B 132 8.84 33.11 43.29
C VAL B 132 10.16 33.30 44.02
N THR B 133 10.29 34.46 44.66
CA THR B 133 11.47 34.71 45.48
C THR B 133 11.53 33.72 46.63
N LEU B 134 12.74 33.27 46.95
CA LEU B 134 12.97 32.24 47.95
C LEU B 134 13.80 32.84 49.08
N GLN B 135 13.24 32.83 50.29
CA GLN B 135 13.97 33.24 51.49
C GLN B 135 14.73 32.04 52.01
N CYS B 136 16.03 31.99 51.72
CA CYS B 136 16.83 30.79 51.91
C CYS B 136 17.69 30.87 53.16
N THR B 137 17.99 29.70 53.74
CA THR B 137 18.94 29.55 54.81
C THR B 137 19.80 28.33 54.53
N ASN B 138 21.11 28.48 54.68
CA ASN B 138 21.99 27.32 54.55
C ASN B 138 21.73 26.34 55.69
N VAL B 139 21.57 25.06 55.36
CA VAL B 139 21.27 24.07 56.39
C VAL B 139 22.51 23.79 57.21
N THR B 140 22.33 23.64 58.53
CA THR B 140 23.42 23.40 59.45
C THR B 140 23.01 22.36 60.50
N ASN B 141 22.37 21.29 60.06
CA ASN B 141 21.90 20.21 60.93
C ASN B 141 22.56 18.91 60.51
N ASN B 142 23.46 18.40 61.35
CA ASN B 142 24.14 17.12 61.13
C ASN B 142 24.83 17.10 59.77
N ILE B 143 25.40 18.23 59.38
CA ILE B 143 26.00 18.42 58.06
C ILE B 143 27.51 18.22 58.18
N THR B 144 28.09 17.45 57.26
CA THR B 144 29.49 17.10 57.32
C THR B 144 30.34 18.18 56.65
N ASP B 145 31.66 17.96 56.66
CA ASP B 145 32.60 18.87 56.01
C ASP B 145 32.74 18.60 54.51
N ASP B 146 32.15 17.53 54.00
CA ASP B 146 32.16 17.28 52.56
C ASP B 146 31.11 18.13 51.86
N MET B 147 29.85 17.99 52.27
CA MET B 147 28.75 18.79 51.75
C MET B 147 28.67 20.02 52.65
N ARG B 148 29.39 21.07 52.28
CA ARG B 148 29.43 22.31 53.06
C ARG B 148 28.48 23.31 52.42
N GLY B 149 27.19 23.11 52.69
CA GLY B 149 26.17 24.05 52.26
C GLY B 149 25.69 23.84 50.84
N GLU B 150 25.31 22.61 50.50
CA GLU B 150 24.67 22.34 49.21
C GLU B 150 23.14 22.42 49.36
N LEU B 151 22.58 21.65 50.28
CA LEU B 151 21.17 21.82 50.61
C LEU B 151 20.97 23.16 51.28
N LYS B 152 19.85 23.81 50.95
CA LYS B 152 19.54 25.15 51.45
C LYS B 152 18.04 25.21 51.67
N ASN B 153 17.59 25.20 52.92
CA ASN B 153 16.16 25.18 53.18
C ASN B 153 15.59 26.59 53.01
N CYS B 154 14.62 26.73 52.10
CA CYS B 154 14.11 28.03 51.69
C CYS B 154 12.60 28.10 51.91
N SER B 155 12.19 29.08 52.70
CA SER B 155 10.78 29.42 52.82
C SER B 155 10.33 30.23 51.61
N PHE B 156 9.04 30.17 51.33
CA PHE B 156 8.45 31.01 50.30
C PHE B 156 6.94 30.94 50.41
N ASN B 157 6.29 31.99 49.91
CA ASN B 157 4.85 31.98 49.79
C ASN B 157 4.44 31.20 48.55
N MET B 158 3.35 30.42 48.70
CA MET B 158 2.87 29.58 47.62
C MET B 158 1.36 29.70 47.48
N THR B 159 0.90 29.62 46.24
CA THR B 159 -0.52 29.70 45.93
C THR B 159 -1.23 28.44 46.40
N THR B 160 -2.48 28.60 46.82
CA THR B 160 -3.33 27.53 47.32
C THR B 160 -4.52 27.37 46.37
N GLU B 161 -5.50 26.57 46.81
CA GLU B 161 -6.68 26.33 45.97
C GLU B 161 -7.41 27.63 45.66
N LEU B 162 -7.54 28.50 46.67
CA LEU B 162 -8.17 29.80 46.50
C LEU B 162 -7.08 30.83 46.31
N ARG B 163 -6.97 31.37 45.09
CA ARG B 163 -5.90 32.33 44.80
C ARG B 163 -6.09 33.65 45.53
N ASP B 164 -7.27 33.92 46.10
CA ASP B 164 -7.40 35.06 47.00
C ASP B 164 -6.53 34.85 48.24
N LYS B 165 -6.39 33.62 48.69
CA LYS B 165 -5.56 33.25 49.82
C LYS B 165 -4.24 32.67 49.31
N LYS B 166 -3.28 32.57 50.22
CA LYS B 166 -1.97 31.99 49.91
C LYS B 166 -1.51 31.23 51.15
N GLN B 167 -0.28 30.72 51.12
CA GLN B 167 0.26 30.01 52.26
C GLN B 167 1.76 30.28 52.32
N LYS B 168 2.42 29.68 53.32
CA LYS B 168 3.85 29.83 53.57
C LYS B 168 4.43 28.44 53.74
N VAL B 169 5.21 27.99 52.76
CA VAL B 169 5.75 26.64 52.75
C VAL B 169 7.26 26.70 52.67
N TYR B 170 7.90 25.53 52.69
CA TYR B 170 9.34 25.40 52.82
C TYR B 170 9.83 24.41 51.77
N SER B 171 11.13 24.12 51.81
CA SER B 171 11.73 23.15 50.91
C SER B 171 13.20 22.96 51.26
N LEU B 172 13.89 22.08 50.54
CA LEU B 172 15.34 21.91 50.64
C LEU B 172 15.96 21.69 49.25
N PHE B 173 15.67 22.59 48.32
CA PHE B 173 16.34 22.62 47.03
C PHE B 173 17.85 22.55 47.18
N TYR B 174 18.49 21.78 46.30
CA TYR B 174 19.94 21.71 46.28
C TYR B 174 20.53 23.00 45.69
N ARG B 175 21.84 23.17 45.91
CA ARG B 175 22.49 24.44 45.57
C ARG B 175 22.45 24.71 44.07
N LEU B 176 22.70 23.69 43.25
CA LEU B 176 22.86 23.90 41.82
C LEU B 176 21.58 24.44 41.17
N ASP B 177 20.43 24.23 41.80
CA ASP B 177 19.16 24.70 41.24
C ASP B 177 18.79 26.11 41.69
N VAL B 178 19.46 26.66 42.70
CA VAL B 178 19.11 27.96 43.27
C VAL B 178 20.27 28.91 43.02
N VAL B 179 19.95 30.14 42.62
CA VAL B 179 20.94 31.19 42.39
C VAL B 179 20.51 32.44 43.14
N GLN B 180 21.48 33.15 43.69
CA GLN B 180 21.21 34.34 44.50
C GLN B 180 20.87 35.51 43.58
N ILE B 181 19.64 36.00 43.68
CA ILE B 181 19.17 37.01 42.73
C ILE B 181 19.97 38.31 42.86
N ASN B 182 20.25 38.72 44.09
CA ASN B 182 21.01 39.95 44.33
C ASN B 182 22.51 39.69 44.22
N LYS B 194 20.38 37.49 50.22
CA LYS B 194 19.91 36.24 50.80
C LYS B 194 18.70 35.68 50.04
N GLU B 195 18.14 36.47 49.13
CA GLU B 195 17.03 36.00 48.30
C GLU B 195 17.56 35.24 47.09
N TYR B 196 16.98 34.07 46.84
CA TYR B 196 17.37 33.20 45.73
C TYR B 196 16.16 32.89 44.86
N ARG B 197 16.46 32.44 43.65
CA ARG B 197 15.45 31.96 42.71
C ARG B 197 15.88 30.59 42.19
N LEU B 198 14.90 29.81 41.76
CA LEU B 198 15.20 28.55 41.10
C LEU B 198 15.89 28.83 39.77
N ILE B 199 16.74 27.88 39.34
CA ILE B 199 17.71 28.14 38.28
C ILE B 199 17.01 28.55 36.99
N ASN B 200 15.92 27.87 36.67
CA ASN B 200 15.30 27.95 35.35
C ASN B 200 14.31 29.10 35.21
N CYS B 201 14.09 29.90 36.26
CA CYS B 201 12.95 30.81 36.25
C CYS B 201 13.11 31.97 35.28
N ASN B 202 14.28 32.14 34.65
CA ASN B 202 14.49 33.17 33.64
C ASN B 202 14.74 32.63 32.24
N THR B 203 15.22 31.39 32.11
CA THR B 203 15.48 30.81 30.79
C THR B 203 14.23 30.14 30.21
N SER B 204 13.68 29.18 30.93
CA SER B 204 12.64 28.29 30.39
C SER B 204 11.58 28.02 31.45
N ALA B 205 10.41 27.62 30.98
CA ALA B 205 9.36 27.18 31.87
C ALA B 205 9.81 25.92 32.61
N ILE B 206 9.03 25.55 33.64
CA ILE B 206 9.35 24.41 34.50
C ILE B 206 8.13 23.51 34.61
N THR B 207 8.35 22.20 34.49
CA THR B 207 7.33 21.19 34.65
C THR B 207 7.87 20.10 35.57
N GLN B 208 6.96 19.26 36.06
CA GLN B 208 7.27 18.18 36.99
C GLN B 208 6.90 16.84 36.37
N ALA B 209 7.67 15.82 36.71
CA ALA B 209 7.37 14.46 36.26
C ALA B 209 6.23 13.87 37.08
N CYS B 210 5.29 13.23 36.39
CA CYS B 210 4.18 12.59 37.08
C CYS B 210 4.71 11.50 38.01
N PRO B 211 4.27 11.43 39.27
CA PRO B 211 4.86 10.45 40.19
C PRO B 211 4.59 9.01 39.81
N LYS B 212 3.58 8.75 38.98
CA LYS B 212 3.24 7.37 38.64
C LYS B 212 4.38 6.67 37.94
N VAL B 213 4.90 7.27 36.86
CA VAL B 213 5.89 6.61 36.04
C VAL B 213 7.21 6.52 36.80
N SER B 214 7.72 5.31 36.98
CA SER B 214 9.08 5.08 37.46
C SER B 214 10.00 4.84 36.27
N PHE B 215 10.15 5.91 35.48
CA PHE B 215 10.89 5.83 34.22
C PHE B 215 12.31 5.35 34.46
N GLU B 216 12.73 4.37 33.68
CA GLU B 216 14.01 3.69 33.84
C GLU B 216 14.24 2.82 32.62
N PRO B 217 15.42 2.23 32.45
CA PRO B 217 15.64 1.35 31.29
C PRO B 217 14.67 0.18 31.27
N ILE B 218 13.83 0.15 30.23
CA ILE B 218 12.94 -0.97 29.95
C ILE B 218 13.33 -1.49 28.57
N PRO B 219 13.54 -2.80 28.37
CA PRO B 219 13.95 -3.28 27.04
C PRO B 219 12.94 -2.90 25.96
N ILE B 220 13.46 -2.31 24.89
CA ILE B 220 12.66 -1.85 23.76
C ILE B 220 13.26 -2.48 22.51
N HIS B 221 12.74 -3.65 22.13
CA HIS B 221 13.17 -4.29 20.90
C HIS B 221 12.70 -3.46 19.71
N TYR B 222 13.32 -3.69 18.56
CA TYR B 222 12.98 -3.01 17.32
C TYR B 222 12.64 -4.02 16.24
N CYS B 223 11.76 -3.62 15.32
CA CYS B 223 11.30 -4.47 14.23
C CYS B 223 11.04 -3.60 13.00
N ALA B 224 11.13 -4.27 11.80
CA ALA B 224 10.99 -3.61 10.51
C ALA B 224 9.61 -3.89 9.91
N PRO B 225 9.00 -2.93 9.18
CA PRO B 225 7.57 -3.03 8.84
C PRO B 225 7.18 -3.74 7.54
N ALA B 226 7.21 -5.07 7.57
CA ALA B 226 6.49 -5.92 6.61
C ALA B 226 6.88 -5.60 5.16
N GLY B 227 8.13 -5.92 4.84
CA GLY B 227 8.74 -5.55 3.57
C GLY B 227 10.09 -4.89 3.72
N PHE B 228 10.71 -5.07 4.88
CA PHE B 228 12.06 -4.61 5.14
C PHE B 228 12.70 -5.64 6.06
N ALA B 229 14.02 -5.73 6.02
CA ALA B 229 14.75 -6.73 6.78
C ALA B 229 15.81 -6.05 7.66
N ILE B 230 16.04 -6.67 8.82
CA ILE B 230 17.04 -6.21 9.78
C ILE B 230 18.17 -7.22 9.73
N LEU B 231 19.37 -6.74 9.43
CA LEU B 231 20.56 -7.59 9.28
C LEU B 231 21.52 -7.32 10.42
N LYS B 232 21.90 -8.38 11.13
CA LYS B 232 22.90 -8.32 12.18
C LYS B 232 24.30 -8.44 11.58
N CYS B 233 25.31 -8.45 12.44
CA CYS B 233 26.67 -8.85 12.06
C CYS B 233 27.23 -9.67 13.22
N LYS B 234 27.17 -10.99 13.08
CA LYS B 234 27.60 -11.88 14.16
C LYS B 234 29.11 -11.89 14.36
N ASP B 235 29.88 -11.28 13.45
CA ASP B 235 31.32 -11.21 13.62
C ASP B 235 31.65 -10.47 14.91
N LYS B 236 32.54 -11.06 15.71
CA LYS B 236 32.88 -10.55 17.02
C LYS B 236 34.05 -9.58 17.00
N LYS B 237 34.66 -9.34 15.83
CA LYS B 237 35.75 -8.38 15.67
C LYS B 237 35.31 -7.19 14.81
N PHE B 238 34.01 -6.94 14.74
CA PHE B 238 33.48 -5.89 13.87
C PHE B 238 33.92 -4.53 14.39
N ASN B 239 34.87 -3.90 13.68
CA ASN B 239 35.39 -2.60 14.07
C ASN B 239 34.50 -1.43 13.62
N GLY B 240 33.27 -1.71 13.19
CA GLY B 240 32.26 -0.69 12.95
C GLY B 240 32.02 -0.37 11.49
N THR B 241 33.02 -0.53 10.63
CA THR B 241 32.89 -0.13 9.23
C THR B 241 33.58 -1.15 8.35
N GLY B 242 32.91 -1.51 7.25
CA GLY B 242 33.51 -2.34 6.24
C GLY B 242 32.69 -3.56 5.89
N PRO B 243 33.26 -4.47 5.09
CA PRO B 243 32.53 -5.71 4.77
C PRO B 243 32.48 -6.68 5.94
N CYS B 244 31.31 -6.82 6.55
CA CYS B 244 31.13 -7.78 7.62
C CYS B 244 30.97 -9.17 7.01
N PRO B 245 31.77 -10.19 7.45
CA PRO B 245 31.79 -11.47 6.73
C PRO B 245 30.62 -12.37 7.04
N SER B 246 30.16 -12.38 8.29
CA SER B 246 29.08 -13.26 8.74
C SER B 246 27.85 -12.42 9.07
N VAL B 247 26.73 -12.74 8.43
CA VAL B 247 25.50 -11.94 8.52
C VAL B 247 24.35 -12.87 8.82
N SER B 248 23.36 -12.35 9.55
CA SER B 248 22.14 -13.09 9.85
C SER B 248 21.03 -12.10 10.12
N THR B 249 19.84 -12.41 9.61
CA THR B 249 18.70 -11.54 9.80
C THR B 249 17.95 -11.93 11.08
N VAL B 250 17.04 -11.04 11.50
CA VAL B 250 16.19 -11.29 12.66
C VAL B 250 14.84 -10.64 12.42
N GLN B 251 13.79 -11.27 12.96
CA GLN B 251 12.47 -10.65 12.92
C GLN B 251 12.48 -9.34 13.69
N CYS B 252 13.13 -9.32 14.85
CA CYS B 252 13.20 -8.12 15.68
C CYS B 252 14.55 -8.11 16.40
N THR B 253 14.93 -6.93 16.87
CA THR B 253 16.20 -6.78 17.57
C THR B 253 16.10 -7.42 18.96
N HIS B 254 17.26 -7.63 19.58
CA HIS B 254 17.29 -8.16 20.94
C HIS B 254 16.97 -7.02 21.90
N GLY B 255 17.23 -7.22 23.19
CA GLY B 255 17.02 -6.16 24.15
C GLY B 255 18.02 -5.03 23.95
N ILE B 256 17.52 -3.80 24.00
CA ILE B 256 18.34 -2.60 24.07
C ILE B 256 17.74 -1.74 25.17
N LYS B 257 18.40 -1.68 26.31
CA LYS B 257 17.95 -0.80 27.37
C LYS B 257 18.13 0.64 26.94
N PRO B 258 17.09 1.49 26.95
CA PRO B 258 17.30 2.89 26.55
C PRO B 258 17.94 3.72 27.65
N VAL B 259 19.19 3.39 27.99
CA VAL B 259 19.85 4.04 29.12
C VAL B 259 20.26 5.46 28.71
N VAL B 260 20.28 6.35 29.69
CA VAL B 260 20.72 7.73 29.53
C VAL B 260 21.93 7.91 30.43
N SER B 261 23.12 7.92 29.83
CA SER B 261 24.35 8.10 30.59
C SER B 261 25.40 8.74 29.70
N THR B 262 26.22 9.60 30.29
CA THR B 262 27.32 10.26 29.62
C THR B 262 28.62 9.94 30.34
N GLN B 263 29.69 9.78 29.56
CA GLN B 263 31.04 9.43 30.00
C GLN B 263 31.15 7.98 30.45
N LEU B 264 30.05 7.25 30.54
CA LEU B 264 30.08 5.91 31.12
C LEU B 264 28.77 5.25 30.70
N LEU B 265 28.85 4.27 29.79
CA LEU B 265 27.64 3.63 29.27
C LEU B 265 27.17 2.60 30.29
N LEU B 266 26.22 3.00 31.13
CA LEU B 266 25.72 2.15 32.20
C LEU B 266 24.80 1.07 31.64
N ASN B 267 25.05 -0.18 32.00
CA ASN B 267 24.24 -1.33 31.60
C ASN B 267 24.38 -1.55 30.10
N GLY B 268 23.75 -2.59 29.57
CA GLY B 268 23.75 -2.84 28.14
C GLY B 268 24.48 -4.11 27.74
N SER B 269 24.97 -4.15 26.50
CA SER B 269 25.59 -5.32 25.92
C SER B 269 27.10 -5.18 25.91
N LEU B 270 27.78 -6.25 26.29
CA LEU B 270 29.23 -6.27 26.41
C LEU B 270 29.84 -6.99 25.20
N ALA B 271 31.08 -6.62 24.88
CA ALA B 271 31.79 -7.30 23.80
C ALA B 271 31.98 -8.77 24.14
N GLU B 272 31.80 -9.63 23.14
CA GLU B 272 31.70 -11.06 23.41
C GLU B 272 33.05 -11.67 23.74
N GLU B 273 34.11 -11.26 23.04
CA GLU B 273 35.44 -11.84 23.20
C GLU B 273 36.44 -10.88 23.80
N GLU B 274 36.61 -9.67 23.24
CA GLU B 274 37.66 -8.75 23.66
C GLU B 274 37.15 -7.32 23.56
N VAL B 275 37.84 -6.42 24.27
CA VAL B 275 37.53 -5.01 24.22
C VAL B 275 37.62 -4.52 22.78
N MET B 276 36.74 -3.58 22.42
CA MET B 276 36.73 -3.02 21.07
C MET B 276 36.71 -1.50 21.13
N ILE B 277 37.43 -0.89 20.19
CA ILE B 277 37.53 0.56 20.07
C ILE B 277 36.93 0.94 18.73
N ARG B 278 35.88 1.75 18.75
CA ARG B 278 35.18 2.17 17.56
C ARG B 278 35.29 3.68 17.39
N SER B 279 35.44 4.10 16.14
CA SER B 279 35.62 5.50 15.79
C SER B 279 35.44 5.61 14.29
N GLU B 280 34.75 6.66 13.83
CA GLU B 280 34.54 6.78 12.38
C GLU B 280 35.89 7.04 11.73
N ASN B 281 36.77 7.77 12.43
CA ASN B 281 38.18 7.87 12.10
C ASN B 281 38.92 7.95 13.42
N ILE B 282 39.75 6.95 13.71
CA ILE B 282 40.43 6.88 14.99
C ILE B 282 41.35 8.07 15.20
N THR B 283 41.90 8.62 14.12
CA THR B 283 43.09 9.47 14.21
C THR B 283 42.83 10.95 13.91
N ASN B 284 41.57 11.39 13.86
CA ASN B 284 41.27 12.79 13.53
C ASN B 284 40.78 13.61 14.73
N ASN B 285 40.88 13.08 15.95
CA ASN B 285 40.71 13.83 17.20
C ASN B 285 39.39 14.59 17.31
N ALA B 286 38.39 14.22 16.50
CA ALA B 286 37.11 14.93 16.51
C ALA B 286 35.90 14.00 16.47
N LYS B 287 36.09 12.70 16.52
CA LYS B 287 35.01 11.72 16.54
C LYS B 287 35.00 11.04 17.90
N ASN B 288 33.86 11.06 18.56
CA ASN B 288 33.76 10.50 19.90
C ASN B 288 34.07 9.01 19.88
N ILE B 289 35.20 8.63 20.45
CA ILE B 289 35.63 7.23 20.45
C ILE B 289 34.74 6.46 21.41
N LEU B 290 34.23 5.31 20.96
CA LEU B 290 33.51 4.38 21.81
C LEU B 290 34.42 3.24 22.20
N VAL B 291 34.37 2.85 23.47
CA VAL B 291 35.16 1.73 23.99
C VAL B 291 34.18 0.75 24.61
N GLN B 292 33.96 -0.37 23.93
CA GLN B 292 33.09 -1.42 24.44
C GLN B 292 33.91 -2.46 25.19
N PHE B 293 33.50 -2.76 26.42
CA PHE B 293 34.26 -3.63 27.29
C PHE B 293 33.98 -5.10 26.96
N ASN B 294 35.00 -5.93 27.21
CA ASN B 294 34.82 -7.38 27.11
C ASN B 294 34.01 -7.90 28.28
N THR B 295 34.27 -7.39 29.49
CA THR B 295 33.62 -7.81 30.71
C THR B 295 33.11 -6.59 31.45
N PRO B 296 32.08 -6.74 32.28
CA PRO B 296 31.51 -5.58 32.97
C PRO B 296 32.39 -5.14 34.14
N VAL B 297 32.14 -3.91 34.60
CA VAL B 297 32.75 -3.38 35.81
C VAL B 297 31.65 -3.03 36.78
N GLN B 298 31.66 -3.65 37.96
CA GLN B 298 30.63 -3.40 38.94
C GLN B 298 30.72 -1.96 39.45
N ILE B 299 29.58 -1.29 39.56
CA ILE B 299 29.53 0.07 40.11
C ILE B 299 28.33 0.21 41.03
N ASN B 300 28.55 0.84 42.18
CA ASN B 300 27.52 1.02 43.20
C ASN B 300 27.41 2.51 43.51
N CYS B 301 26.30 3.13 43.13
CA CYS B 301 26.02 4.53 43.45
C CYS B 301 24.96 4.60 44.53
N THR B 302 25.13 5.53 45.47
CA THR B 302 24.28 5.59 46.64
C THR B 302 23.99 7.03 47.05
N ARG B 303 22.73 7.23 47.44
CA ARG B 303 22.21 8.46 48.03
C ARG B 303 21.82 8.08 49.47
N PRO B 304 22.71 8.24 50.45
CA PRO B 304 22.43 7.71 51.79
C PRO B 304 21.63 8.63 52.71
N ASN B 305 21.23 9.81 52.28
CA ASN B 305 20.51 10.73 53.14
C ASN B 305 19.04 10.33 53.18
N ASN B 306 18.57 9.92 54.36
CA ASN B 306 17.16 9.59 54.55
C ASN B 306 16.32 10.84 54.31
N ASN B 307 15.58 10.85 53.20
CA ASN B 307 14.81 12.01 52.76
C ASN B 307 13.34 11.62 52.70
N THR B 308 12.48 12.60 52.95
CA THR B 308 11.04 12.44 52.94
C THR B 308 10.43 13.24 51.80
N ARG B 309 9.10 13.16 51.68
CA ARG B 309 8.36 13.84 50.65
C ARG B 309 7.05 14.34 51.24
N LYS B 310 6.62 15.52 50.79
CA LYS B 310 5.37 16.12 51.26
C LYS B 310 4.60 16.65 50.06
N SER B 311 3.28 16.75 50.22
CA SER B 311 2.40 17.28 49.19
C SER B 311 1.98 18.68 49.56
N ILE B 312 1.99 19.58 48.57
CA ILE B 312 1.56 20.96 48.74
C ILE B 312 0.54 21.26 47.65
N ARG B 313 -0.63 21.75 48.04
CA ARG B 313 -1.70 22.01 47.08
C ARG B 313 -1.46 23.34 46.40
N ILE B 314 -1.23 23.30 45.08
CA ILE B 314 -0.86 24.47 44.29
C ILE B 314 -2.05 25.00 43.48
N GLY B 315 -3.27 24.57 43.81
CA GLY B 315 -4.43 24.96 43.05
C GLY B 315 -5.50 23.88 43.10
N PRO B 316 -6.43 23.90 42.15
CA PRO B 316 -7.50 22.89 42.17
C PRO B 316 -7.00 21.51 41.78
N GLY B 317 -6.34 20.83 42.72
CA GLY B 317 -5.91 19.45 42.52
C GLY B 317 -4.45 19.28 42.19
N GLN B 318 -3.74 20.36 41.85
CA GLN B 318 -2.33 20.26 41.50
C GLN B 318 -1.53 20.09 42.77
N ALA B 319 -1.02 18.87 43.01
CA ALA B 319 -0.26 18.53 44.20
C ALA B 319 1.22 18.50 43.83
N PHE B 320 1.97 19.48 44.33
CA PHE B 320 3.40 19.55 44.09
C PHE B 320 4.11 18.78 45.20
N TYR B 321 5.00 17.87 44.80
CA TYR B 321 5.76 17.07 45.75
C TYR B 321 7.05 17.80 46.09
N ALA B 322 7.20 18.19 47.35
CA ALA B 322 8.34 18.97 47.82
C ALA B 322 9.05 18.26 48.96
N THR B 323 10.36 18.46 49.02
CA THR B 323 11.15 17.99 50.15
C THR B 323 10.70 18.66 51.44
N GLY B 324 10.48 17.86 52.48
CA GLY B 324 10.04 18.35 53.77
C GLY B 324 11.17 18.55 54.75
N ASP B 325 11.98 17.51 54.96
CA ASP B 325 13.17 17.58 55.82
C ASP B 325 13.92 16.27 55.71
N ILE B 326 15.22 16.29 55.97
CA ILE B 326 16.05 15.10 55.89
C ILE B 326 16.06 14.44 57.27
N ILE B 327 15.73 13.16 57.29
CA ILE B 327 15.67 12.40 58.54
C ILE B 327 17.09 11.99 58.92
N GLY B 328 17.39 12.07 60.21
CA GLY B 328 18.68 11.61 60.69
C GLY B 328 19.83 12.46 60.17
N ASP B 329 20.98 11.82 59.98
CA ASP B 329 22.18 12.49 59.56
C ASP B 329 22.15 12.80 58.07
N ILE B 330 23.11 13.61 57.64
CA ILE B 330 23.28 13.99 56.23
C ILE B 330 24.73 13.71 55.85
N ARG B 331 24.92 13.10 54.70
CA ARG B 331 26.26 12.78 54.19
C ARG B 331 26.25 12.93 52.67
N GLN B 332 27.44 12.80 52.08
CA GLN B 332 27.58 12.98 50.64
C GLN B 332 27.16 11.72 49.90
N ALA B 333 26.40 11.91 48.81
CA ALA B 333 25.92 10.80 47.99
C ALA B 333 26.99 10.45 46.97
N HIS B 334 27.58 9.27 47.13
CA HIS B 334 28.81 8.92 46.42
C HIS B 334 28.64 7.62 45.66
N CYS B 335 29.67 7.29 44.88
CA CYS B 335 29.70 6.07 44.08
C CYS B 335 31.00 5.33 44.34
N ASN B 336 30.98 4.02 44.12
CA ASN B 336 32.13 3.16 44.35
C ASN B 336 32.32 2.22 43.18
N VAL B 337 33.59 1.99 42.82
CA VAL B 337 33.94 1.02 41.80
C VAL B 337 35.17 0.24 42.26
N SER B 338 35.15 -1.07 42.06
CA SER B 338 36.29 -1.92 42.42
C SER B 338 37.54 -1.46 41.70
N LYS B 339 38.54 -1.02 42.47
CA LYS B 339 39.73 -0.43 41.87
C LYS B 339 40.49 -1.43 41.03
N ALA B 340 40.62 -2.67 41.51
CA ALA B 340 41.42 -3.66 40.79
C ALA B 340 40.81 -3.99 39.43
N THR B 341 39.50 -4.23 39.40
CA THR B 341 38.84 -4.55 38.14
C THR B 341 38.91 -3.38 37.17
N TRP B 342 38.74 -2.16 37.67
CA TRP B 342 38.86 -0.99 36.81
C TRP B 342 40.28 -0.89 36.25
N ASN B 343 41.28 -1.16 37.09
CA ASN B 343 42.66 -1.14 36.63
C ASN B 343 42.89 -2.15 35.52
N GLU B 344 42.39 -3.38 35.69
CA GLU B 344 42.60 -4.40 34.67
C GLU B 344 41.89 -4.03 33.38
N THR B 345 40.67 -3.50 33.49
CA THR B 345 39.92 -3.15 32.29
C THR B 345 40.59 -1.99 31.55
N LEU B 346 41.05 -0.96 32.26
CA LEU B 346 41.76 0.10 31.57
C LEU B 346 43.08 -0.37 30.98
N GLY B 347 43.74 -1.33 31.64
CA GLY B 347 44.91 -1.94 31.03
C GLY B 347 44.57 -2.60 29.71
N LYS B 348 43.48 -3.35 29.71
CA LYS B 348 42.97 -4.00 28.50
C LYS B 348 42.68 -2.96 27.41
N VAL B 349 42.06 -1.85 27.80
CA VAL B 349 41.70 -0.80 26.85
C VAL B 349 42.97 -0.22 26.22
N VAL B 350 43.98 0.06 27.02
CA VAL B 350 45.19 0.67 26.48
C VAL B 350 45.95 -0.32 25.60
N LYS B 351 45.96 -1.60 25.98
CA LYS B 351 46.58 -2.60 25.11
C LYS B 351 45.89 -2.64 23.76
N GLN B 352 44.55 -2.54 23.75
CA GLN B 352 43.85 -2.49 22.47
C GLN B 352 44.18 -1.23 21.70
N LEU B 353 44.29 -0.10 22.40
CA LEU B 353 44.61 1.17 21.73
C LEU B 353 46.01 1.16 21.14
N ARG B 354 46.92 0.36 21.70
CA ARG B 354 48.27 0.28 21.16
C ARG B 354 48.27 -0.18 19.71
N LYS B 355 47.27 -0.97 19.30
CA LYS B 355 47.17 -1.39 17.92
C LYS B 355 47.04 -0.19 16.99
N HIS B 356 46.11 0.72 17.31
CA HIS B 356 45.87 1.87 16.44
C HIS B 356 46.94 2.94 16.59
N PHE B 357 47.58 3.04 17.76
CA PHE B 357 48.55 4.10 18.03
C PHE B 357 49.96 3.57 18.23
N GLY B 358 50.25 2.35 17.80
CA GLY B 358 51.59 1.81 17.83
C GLY B 358 51.92 1.16 19.16
N ASN B 359 52.89 0.25 19.11
CA ASN B 359 53.29 -0.54 20.26
C ASN B 359 54.37 0.12 21.11
N ASN B 360 54.65 1.41 20.87
CA ASN B 360 55.71 2.13 21.57
C ASN B 360 55.27 3.53 21.96
N THR B 361 53.98 3.71 22.26
CA THR B 361 53.41 5.01 22.58
C THR B 361 53.00 5.05 24.05
N ILE B 362 53.43 6.11 24.75
CA ILE B 362 52.92 6.35 26.09
C ILE B 362 51.44 6.72 25.98
N ILE B 363 50.67 6.43 27.02
CA ILE B 363 49.27 6.82 27.07
C ILE B 363 49.01 7.57 28.37
N ARG B 364 48.13 8.58 28.30
CA ARG B 364 47.75 9.38 29.46
C ARG B 364 46.23 9.45 29.55
N PHE B 365 45.73 9.38 30.78
CA PHE B 365 44.30 9.55 31.07
C PHE B 365 44.17 10.72 32.02
N ALA B 366 43.38 11.73 31.61
CA ALA B 366 43.15 12.93 32.38
C ALA B 366 41.66 13.24 32.38
N ASN B 367 41.21 13.91 33.45
CA ASN B 367 39.80 14.15 33.65
C ASN B 367 39.23 15.07 32.58
N SER B 368 37.92 15.26 32.61
CA SER B 368 37.23 16.01 31.57
C SER B 368 37.75 17.43 31.48
N SER B 369 37.68 18.00 30.27
CA SER B 369 38.35 19.25 29.96
C SER B 369 37.50 20.49 30.25
N GLY B 370 36.21 20.32 30.54
CA GLY B 370 35.32 21.43 30.85
C GLY B 370 34.06 21.35 30.01
N GLY B 371 33.22 22.38 30.15
CA GLY B 371 31.94 22.45 29.47
C GLY B 371 30.79 22.59 30.44
N ASP B 372 29.64 22.04 30.04
CA ASP B 372 28.46 22.07 30.88
C ASP B 372 28.56 21.03 31.98
N LEU B 373 27.67 21.15 32.98
CA LEU B 373 27.69 20.22 34.09
C LEU B 373 27.36 18.80 33.64
N GLU B 374 26.42 18.66 32.71
CA GLU B 374 25.98 17.33 32.27
C GLU B 374 27.09 16.56 31.56
N VAL B 375 28.06 17.25 30.95
CA VAL B 375 29.13 16.59 30.19
C VAL B 375 30.43 16.57 30.98
N THR B 376 30.66 17.59 31.81
CA THR B 376 31.88 17.58 32.61
C THR B 376 31.90 16.44 33.61
N THR B 377 30.74 15.83 33.89
CA THR B 377 30.63 14.80 34.90
C THR B 377 29.86 13.64 34.31
N HIS B 378 30.09 12.45 34.86
CA HIS B 378 29.19 11.34 34.65
C HIS B 378 27.79 11.76 35.06
N SER B 379 26.87 11.80 34.10
CA SER B 379 25.48 12.18 34.35
C SER B 379 24.60 10.99 34.07
N PHE B 380 23.71 10.64 35.00
CA PHE B 380 22.83 9.51 34.75
C PHE B 380 21.69 9.52 35.75
N ASN B 381 20.84 8.50 35.66
CA ASN B 381 19.64 8.34 36.47
C ASN B 381 19.86 7.24 37.48
N CYS B 382 19.35 7.42 38.70
CA CYS B 382 19.46 6.41 39.73
C CYS B 382 18.27 6.54 40.66
N GLY B 383 17.39 5.54 40.63
CA GLY B 383 16.24 5.51 41.53
C GLY B 383 15.40 6.76 41.48
N GLY B 384 15.19 7.30 40.29
CA GLY B 384 14.44 8.54 40.12
C GLY B 384 15.29 9.78 40.19
N GLU B 385 16.27 9.82 41.09
CA GLU B 385 17.14 10.98 41.19
C GLU B 385 18.11 11.02 40.02
N PHE B 386 18.76 12.18 39.87
CA PHE B 386 19.72 12.42 38.79
C PHE B 386 21.09 12.61 39.42
N PHE B 387 22.00 11.68 39.16
CA PHE B 387 23.34 11.70 39.74
C PHE B 387 24.33 12.34 38.77
N TYR B 388 25.17 13.22 39.32
CA TYR B 388 26.25 13.88 38.58
C TYR B 388 27.55 13.58 39.32
N CYS B 389 28.20 12.48 38.95
CA CYS B 389 29.42 12.03 39.60
C CYS B 389 30.64 12.62 38.90
N ASN B 390 31.63 13.03 39.69
CA ASN B 390 32.84 13.69 39.18
C ASN B 390 33.87 12.59 38.93
N THR B 391 34.11 12.26 37.66
CA THR B 391 34.98 11.16 37.28
C THR B 391 36.45 11.56 37.19
N SER B 392 36.84 12.67 37.82
CA SER B 392 38.25 13.00 37.83
C SER B 392 39.07 12.03 38.67
N GLY B 393 38.43 11.25 39.54
CA GLY B 393 39.13 10.29 40.37
C GLY B 393 39.46 8.98 39.71
N LEU B 394 39.06 8.77 38.45
CA LEU B 394 39.36 7.56 37.70
C LEU B 394 40.30 7.81 36.54
N PHE B 395 39.96 8.74 35.65
CA PHE B 395 40.78 9.05 34.48
C PHE B 395 41.94 9.96 34.87
N ASN B 396 42.83 9.41 35.68
CA ASN B 396 44.04 10.11 36.14
C ASN B 396 45.10 9.00 36.20
N SER B 397 45.86 8.85 35.13
CA SER B 397 46.89 7.82 35.10
C SER B 397 47.77 8.01 33.87
N THR B 398 48.86 7.24 33.84
CA THR B 398 49.79 7.24 32.71
C THR B 398 50.38 5.84 32.61
N TRP B 399 50.48 5.33 31.38
CA TRP B 399 50.99 3.98 31.13
C TRP B 399 52.12 4.06 30.11
N ILE B 400 53.20 3.36 30.43
CA ILE B 400 54.44 3.37 29.65
C ILE B 400 54.47 2.12 28.78
N SER B 401 55.11 2.23 27.62
CA SER B 401 55.29 1.11 26.71
C SER B 401 56.02 -0.05 27.38
N ASP B 415 40.11 -2.79 47.95
CA ASP B 415 40.17 -1.38 47.57
C ASP B 415 38.98 -1.04 46.67
N SER B 416 38.58 0.23 46.71
CA SER B 416 37.46 0.71 45.92
C SER B 416 37.64 2.20 45.68
N ILE B 417 37.72 2.61 44.41
CA ILE B 417 37.74 4.03 44.10
C ILE B 417 36.38 4.61 44.45
N THR B 418 36.39 5.76 45.14
CA THR B 418 35.20 6.46 45.58
C THR B 418 35.06 7.73 44.75
N LEU B 419 33.84 7.96 44.25
CA LEU B 419 33.51 9.10 43.42
C LEU B 419 32.55 10.01 44.15
N PRO B 420 32.90 11.27 44.50
CA PRO B 420 31.85 12.18 44.98
C PRO B 420 30.90 12.54 43.87
N CYS B 421 29.62 12.70 44.23
CA CYS B 421 28.57 12.99 43.26
C CYS B 421 27.62 14.04 43.82
N ARG B 422 27.18 14.93 42.94
CA ARG B 422 26.15 15.91 43.24
C ARG B 422 24.80 15.44 42.72
N ILE B 423 23.74 16.10 43.18
CA ILE B 423 22.37 15.79 42.82
C ILE B 423 21.71 17.08 42.35
N LYS B 424 20.67 16.93 41.54
CA LYS B 424 19.92 18.05 41.01
C LYS B 424 18.45 17.70 41.00
N GLN B 425 17.61 18.74 41.01
CA GLN B 425 16.17 18.59 40.88
C GLN B 425 15.60 19.28 39.65
N ILE B 426 16.36 20.14 38.99
CA ILE B 426 15.97 20.77 37.73
C ILE B 426 16.93 20.26 36.65
N ILE B 427 16.38 19.66 35.60
CA ILE B 427 17.17 19.00 34.57
C ILE B 427 16.69 19.48 33.22
N ASN B 428 17.60 20.04 32.42
CA ASN B 428 17.35 20.38 31.02
C ASN B 428 17.72 19.21 30.11
N MET B 429 17.08 18.07 30.36
CA MET B 429 17.44 16.83 29.68
C MET B 429 17.37 16.97 28.16
N TRP B 430 18.18 16.15 27.48
CA TRP B 430 18.34 16.21 26.02
C TRP B 430 18.96 17.52 25.56
N GLN B 431 19.71 18.19 26.44
CA GLN B 431 20.37 19.48 26.23
C GLN B 431 19.51 20.44 25.41
N ARG B 432 18.22 20.48 25.71
CA ARG B 432 17.27 21.34 25.03
C ARG B 432 17.11 22.65 25.78
N ILE B 433 16.46 23.61 25.12
CA ILE B 433 16.16 24.91 25.68
C ILE B 433 14.66 25.12 25.56
N GLY B 434 14.01 25.41 26.69
CA GLY B 434 12.59 25.68 26.73
C GLY B 434 11.75 24.65 27.45
N GLN B 435 12.33 23.50 27.83
CA GLN B 435 11.58 22.42 28.51
C GLN B 435 12.46 21.87 29.63
N ALA B 436 12.28 22.43 30.83
CA ALA B 436 12.99 21.98 32.02
C ALA B 436 12.06 21.12 32.86
N MET B 437 12.56 19.97 33.30
CA MET B 437 11.77 18.97 34.01
C MET B 437 12.21 18.94 35.47
N TYR B 438 11.25 18.94 36.39
CA TYR B 438 11.52 18.84 37.82
C TYR B 438 11.39 17.39 38.23
N ALA B 439 12.46 16.83 38.80
CA ALA B 439 12.46 15.43 39.23
C ALA B 439 12.01 15.35 40.68
N PRO B 440 10.88 14.73 41.00
CA PRO B 440 10.43 14.71 42.39
C PRO B 440 11.38 13.91 43.27
N PRO B 441 11.50 14.24 44.55
CA PRO B 441 12.33 13.42 45.44
C PRO B 441 11.70 12.05 45.68
N ILE B 442 12.51 11.16 46.22
CA ILE B 442 12.13 9.77 46.48
C ILE B 442 12.41 9.46 47.94
N GLN B 443 11.39 8.91 48.63
CA GLN B 443 11.50 8.67 50.05
C GLN B 443 12.57 7.62 50.34
N GLY B 444 13.35 7.87 51.39
CA GLY B 444 14.37 6.93 51.83
C GLY B 444 15.63 7.00 51.00
N VAL B 445 16.67 6.34 51.51
CA VAL B 445 17.95 6.28 50.80
C VAL B 445 17.77 5.52 49.49
N ILE B 446 18.71 5.74 48.57
CA ILE B 446 18.65 5.16 47.23
C ILE B 446 19.94 4.42 46.96
N ARG B 447 19.80 3.25 46.33
CA ARG B 447 20.93 2.42 45.91
C ARG B 447 20.78 2.10 44.43
N CYS B 448 21.91 1.99 43.75
CA CYS B 448 21.92 1.63 42.33
C CYS B 448 23.15 0.80 42.06
N VAL B 449 22.95 -0.49 41.79
CA VAL B 449 24.01 -1.42 41.41
C VAL B 449 23.90 -1.65 39.91
N SER B 450 25.02 -1.54 39.20
CA SER B 450 24.97 -1.66 37.75
C SER B 450 26.29 -2.17 37.20
N ASN B 451 26.22 -2.64 35.95
CA ASN B 451 27.37 -3.04 35.16
C ASN B 451 27.79 -1.89 34.27
N ILE B 452 29.05 -1.51 34.36
CA ILE B 452 29.65 -0.57 33.43
C ILE B 452 30.15 -1.36 32.22
N THR B 453 29.73 -0.94 31.03
CA THR B 453 29.92 -1.69 29.80
C THR B 453 30.78 -0.99 28.78
N GLY B 454 30.93 0.33 28.83
CA GLY B 454 31.80 1.00 27.90
C GLY B 454 31.92 2.47 28.20
N LEU B 455 32.93 3.08 27.60
CA LEU B 455 33.29 4.48 27.80
C LEU B 455 33.18 5.26 26.50
N ILE B 456 33.16 6.58 26.64
CA ILE B 456 33.17 7.52 25.52
C ILE B 456 34.36 8.45 25.75
N LEU B 457 35.37 8.34 24.90
CA LEU B 457 36.64 9.04 25.05
C LEU B 457 36.88 9.97 23.87
N THR B 458 37.85 10.87 24.05
CA THR B 458 38.30 11.77 23.00
C THR B 458 39.80 11.98 23.16
N ARG B 459 40.52 12.06 22.04
CA ARG B 459 42.00 12.19 22.09
C ARG B 459 42.36 13.66 22.24
N ASP B 460 43.33 13.98 23.09
CA ASP B 460 43.62 15.40 23.38
C ASP B 460 44.05 16.04 22.09
N GLY B 461 45.16 15.53 21.61
CA GLY B 461 45.75 16.13 20.41
C GLY B 461 47.02 16.86 20.78
N GLY B 462 47.26 17.99 20.13
CA GLY B 462 48.49 18.78 20.36
C GLY B 462 49.59 18.22 19.51
N SER B 463 49.29 17.14 18.78
CA SER B 463 50.26 16.55 17.82
C SER B 463 51.39 15.95 18.65
N THR B 464 52.08 16.79 19.41
CA THR B 464 53.12 16.33 20.37
C THR B 464 54.23 15.57 19.66
N ASN B 465 54.56 15.89 18.40
CA ASN B 465 55.71 15.18 17.80
C ASN B 465 55.35 13.72 18.03
N SER B 466 56.26 12.92 18.58
CA SER B 466 55.84 11.58 19.03
C SER B 466 55.86 11.71 20.54
N THR B 467 54.71 11.54 21.18
CA THR B 467 54.60 11.79 22.63
C THR B 467 53.39 11.03 23.14
N THR B 468 53.22 10.95 24.46
CA THR B 468 52.01 10.32 25.05
C THR B 468 50.78 11.01 24.44
N GLU B 469 49.80 10.22 24.02
CA GLU B 469 48.56 10.82 23.48
C GLU B 469 47.55 10.78 24.61
N THR B 470 46.94 11.93 24.93
CA THR B 470 46.05 11.98 26.12
C THR B 470 44.61 11.70 25.72
N PHE B 471 43.95 10.89 26.54
CA PHE B 471 42.53 10.57 26.29
C PHE B 471 41.71 11.10 27.47
N ARG B 472 40.58 11.72 27.19
CA ARG B 472 39.70 12.32 28.18
C ARG B 472 38.27 11.85 27.96
N PRO B 473 37.48 11.69 29.04
CA PRO B 473 36.07 11.33 28.84
C PRO B 473 35.33 12.45 28.12
N GLY B 474 34.36 12.05 27.29
CA GLY B 474 33.56 12.98 26.52
C GLY B 474 32.08 12.79 26.76
N GLY B 475 31.32 12.54 25.70
CA GLY B 475 29.90 12.29 25.81
C GLY B 475 29.07 13.53 25.60
N GLY B 476 27.93 13.61 26.28
CA GLY B 476 27.00 14.70 26.09
C GLY B 476 26.00 14.37 25.01
N ASP B 477 26.49 14.11 23.80
CA ASP B 477 25.62 13.72 22.69
C ASP B 477 25.14 12.30 22.96
N MET B 478 23.92 12.18 23.48
CA MET B 478 23.41 10.87 23.88
C MET B 478 23.28 9.90 22.71
N ARG B 479 23.18 10.42 21.47
CA ARG B 479 23.05 9.57 20.30
C ARG B 479 24.17 8.55 20.23
N ASP B 480 25.39 8.95 20.59
CA ASP B 480 26.52 8.02 20.57
C ASP B 480 26.26 6.81 21.45
N ASN B 481 25.63 7.03 22.61
CA ASN B 481 25.30 5.92 23.49
C ASN B 481 24.38 4.94 22.77
N TRP B 482 23.40 5.46 22.03
CA TRP B 482 22.54 4.58 21.24
C TRP B 482 23.36 3.80 20.23
N ARG B 483 24.38 4.44 19.64
CA ARG B 483 25.22 3.73 18.69
C ARG B 483 26.02 2.62 19.35
N SER B 484 26.18 2.65 20.67
CA SER B 484 26.89 1.56 21.34
C SER B 484 26.11 0.26 21.33
N GLU B 485 24.80 0.29 21.01
CA GLU B 485 23.98 -0.91 20.89
C GLU B 485 23.37 -1.11 19.51
N LEU B 486 23.45 -0.11 18.62
CA LEU B 486 22.84 -0.17 17.29
C LEU B 486 23.91 -0.23 16.19
N TYR B 487 25.08 -0.77 16.52
CA TYR B 487 26.17 -0.88 15.56
C TYR B 487 26.18 -2.21 14.83
N LYS B 488 25.73 -3.28 15.48
CA LYS B 488 25.69 -4.58 14.85
C LYS B 488 24.61 -4.70 13.78
N TYR B 489 23.70 -3.72 13.68
CA TYR B 489 22.46 -3.89 12.94
C TYR B 489 22.43 -2.97 11.72
N LYS B 490 21.50 -3.26 10.82
CA LYS B 490 21.21 -2.39 9.68
C LYS B 490 19.84 -2.75 9.14
N VAL B 491 19.24 -1.81 8.42
CA VAL B 491 17.92 -1.98 7.81
C VAL B 491 18.10 -1.96 6.30
N VAL B 492 17.43 -2.89 5.61
CA VAL B 492 17.47 -2.97 4.15
C VAL B 492 16.06 -3.19 3.62
N LYS B 493 15.88 -2.87 2.34
CA LYS B 493 14.61 -3.01 1.64
C LYS B 493 14.72 -4.11 0.61
N ILE B 494 13.72 -4.98 0.55
CA ILE B 494 13.70 -6.09 -0.37
C ILE B 494 13.14 -5.60 -1.70
N GLU B 495 13.81 -5.96 -2.80
CA GLU B 495 13.33 -5.73 -4.16
C GLU B 495 12.95 -7.07 -4.75
N PRO B 496 11.72 -7.56 -4.53
CA PRO B 496 11.42 -8.96 -4.82
C PRO B 496 11.08 -9.27 -6.27
N LEU B 497 11.14 -8.29 -7.18
CA LEU B 497 10.80 -8.48 -8.59
C LEU B 497 12.08 -8.42 -9.42
N GLY B 498 12.74 -9.57 -9.57
CA GLY B 498 13.94 -9.67 -10.38
C GLY B 498 13.64 -10.26 -11.75
N VAL B 499 14.65 -10.22 -12.62
CA VAL B 499 14.57 -10.81 -13.95
C VAL B 499 15.87 -11.55 -14.25
N ALA B 500 15.79 -12.48 -15.20
CA ALA B 500 16.97 -13.23 -15.58
C ALA B 500 16.71 -13.93 -16.92
N PRO B 501 17.74 -14.38 -17.62
CA PRO B 501 17.53 -15.16 -18.85
C PRO B 501 17.38 -16.64 -18.59
N THR B 502 16.52 -17.27 -19.40
CA THR B 502 16.35 -18.71 -19.34
C THR B 502 15.76 -19.17 -20.67
N ARG B 503 15.72 -20.49 -20.85
CA ARG B 503 15.36 -21.11 -22.12
C ARG B 503 13.86 -21.36 -22.25
N CYS B 504 13.03 -20.66 -21.49
CA CYS B 504 11.59 -20.86 -21.49
C CYS B 504 10.95 -19.78 -22.35
N LYS B 505 10.05 -20.20 -23.25
CA LYS B 505 9.41 -19.33 -24.21
C LYS B 505 7.90 -19.49 -24.08
N ARG B 506 7.18 -18.37 -24.17
CA ARG B 506 5.74 -18.37 -24.07
C ARG B 506 5.09 -19.00 -25.30
N LEU C 9 15.36 -22.54 3.82
CA LEU C 9 15.46 -22.49 5.27
C LEU C 9 14.40 -21.55 5.83
N GLY C 10 14.50 -20.28 5.50
CA GLY C 10 13.57 -19.29 5.99
C GLY C 10 13.64 -18.01 5.18
N PHE C 11 13.25 -16.91 5.82
CA PHE C 11 13.27 -15.62 5.14
C PHE C 11 14.69 -15.25 4.78
N LEU C 12 14.91 -14.93 3.50
CA LEU C 12 16.25 -14.73 2.97
C LEU C 12 17.14 -15.94 3.23
N GLY C 13 16.54 -17.13 3.18
CA GLY C 13 17.27 -18.32 3.60
C GLY C 13 18.46 -18.64 2.72
N ALA C 14 18.32 -18.38 1.42
CA ALA C 14 19.33 -18.71 0.42
C ALA C 14 19.81 -17.47 -0.35
N ALA C 15 19.84 -16.32 0.32
CA ALA C 15 20.17 -15.08 -0.38
C ALA C 15 21.59 -15.09 -0.92
N GLY C 16 22.52 -15.69 -0.18
CA GLY C 16 23.88 -15.84 -0.64
C GLY C 16 24.18 -17.12 -1.37
N SER C 17 23.20 -17.98 -1.55
CA SER C 17 23.44 -19.29 -2.14
C SER C 17 23.53 -19.18 -3.65
N THR C 18 23.70 -20.32 -4.30
CA THR C 18 23.70 -20.33 -5.76
C THR C 18 22.32 -19.95 -6.28
N MET C 19 22.27 -19.75 -7.60
CA MET C 19 21.11 -19.14 -8.21
C MET C 19 19.90 -20.05 -8.11
N GLY C 20 20.07 -21.30 -8.52
CA GLY C 20 18.95 -22.22 -8.56
C GLY C 20 18.43 -22.57 -7.17
N ALA C 21 19.34 -22.75 -6.21
CA ALA C 21 18.92 -23.05 -4.84
C ALA C 21 18.06 -21.95 -4.26
N ALA C 22 18.23 -20.71 -4.73
CA ALA C 22 17.30 -19.64 -4.37
C ALA C 22 16.05 -19.67 -5.23
N SER C 23 16.13 -20.21 -6.45
CA SER C 23 15.02 -20.11 -7.38
C SER C 23 13.76 -20.83 -6.88
N MET C 24 13.90 -21.87 -6.05
CA MET C 24 12.74 -22.59 -5.51
C MET C 24 12.42 -22.21 -4.05
N THR C 25 12.97 -21.11 -3.56
CA THR C 25 12.62 -20.58 -2.23
C THR C 25 11.89 -19.25 -2.32
N LEU C 26 11.21 -19.00 -3.44
CA LEU C 26 10.57 -17.70 -3.65
C LEU C 26 9.34 -17.51 -2.77
N THR C 27 8.66 -18.61 -2.40
CA THR C 27 7.38 -18.47 -1.72
C THR C 27 7.54 -17.77 -0.39
N VAL C 28 8.59 -18.08 0.36
CA VAL C 28 8.75 -17.52 1.70
C VAL C 28 8.93 -16.00 1.61
N GLN C 29 9.83 -15.56 0.73
CA GLN C 29 10.08 -14.12 0.60
C GLN C 29 8.86 -13.41 0.04
N ALA C 30 8.18 -14.02 -0.93
CA ALA C 30 6.96 -13.41 -1.47
C ALA C 30 5.90 -13.26 -0.39
N ARG C 31 5.79 -14.26 0.48
CA ARG C 31 4.76 -14.24 1.52
C ARG C 31 5.10 -13.26 2.62
N ASN C 32 6.38 -13.05 2.90
CA ASN C 32 6.81 -12.22 4.02
C ASN C 32 6.92 -10.74 3.64
N LEU C 33 6.23 -10.30 2.58
CA LEU C 33 6.12 -8.89 2.26
C LEU C 33 4.90 -8.24 2.92
N LEU C 34 4.15 -8.97 3.72
CA LEU C 34 2.98 -8.42 4.42
C LEU C 34 2.88 -9.00 5.83
N THR C 58 -1.04 10.43 16.51
CA THR C 58 -0.15 10.11 17.62
C THR C 58 1.29 10.05 17.17
N VAL C 59 2.20 9.93 18.14
CA VAL C 59 3.62 9.81 17.84
C VAL C 59 3.90 8.52 17.08
N TRP C 60 3.08 7.49 17.28
CA TRP C 60 3.34 6.14 16.83
C TRP C 60 2.28 5.58 15.90
N GLY C 61 1.01 5.79 16.22
CA GLY C 61 -0.06 5.28 15.38
C GLY C 61 0.02 5.80 13.96
N ILE C 62 0.29 7.10 13.81
CA ILE C 62 0.43 7.66 12.47
C ILE C 62 1.63 7.04 11.75
N LYS C 63 2.73 6.81 12.47
CA LYS C 63 3.91 6.26 11.81
C LYS C 63 3.73 4.78 11.48
N GLN C 64 3.09 4.03 12.37
CA GLN C 64 2.78 2.64 12.04
C GLN C 64 1.86 2.58 10.82
N LEU C 65 0.87 3.47 10.76
CA LEU C 65 -0.01 3.54 9.60
C LEU C 65 0.78 3.89 8.33
N GLN C 66 1.70 4.84 8.44
CA GLN C 66 2.49 5.24 7.28
C GLN C 66 3.31 4.07 6.76
N ALA C 67 3.96 3.33 7.67
CA ALA C 67 4.76 2.20 7.24
C ALA C 67 3.90 1.11 6.62
N ARG C 68 2.76 0.80 7.25
CA ARG C 68 1.91 -0.27 6.73
C ARG C 68 1.35 0.10 5.36
N VAL C 69 0.90 1.34 5.18
CA VAL C 69 0.34 1.71 3.90
C VAL C 69 1.44 1.85 2.84
N LEU C 70 2.66 2.22 3.24
CA LEU C 70 3.75 2.20 2.28
C LEU C 70 4.01 0.78 1.81
N ALA C 71 3.97 -0.18 2.74
CA ALA C 71 4.15 -1.57 2.36
C ALA C 71 3.06 -2.05 1.41
N VAL C 72 1.80 -1.70 1.71
CA VAL C 72 0.72 -2.17 0.85
C VAL C 72 0.84 -1.54 -0.54
N GLU C 73 1.20 -0.24 -0.61
CA GLU C 73 1.43 0.38 -1.91
C GLU C 73 2.54 -0.32 -2.68
N ARG C 74 3.63 -0.67 -1.99
CA ARG C 74 4.73 -1.35 -2.68
C ARG C 74 4.28 -2.70 -3.24
N TYR C 75 3.57 -3.47 -2.42
CA TYR C 75 3.06 -4.76 -2.90
C TYR C 75 2.13 -4.58 -4.08
N LEU C 76 1.24 -3.58 -4.02
CA LEU C 76 0.31 -3.38 -5.12
C LEU C 76 1.03 -2.96 -6.38
N ARG C 77 2.06 -2.12 -6.26
CA ARG C 77 2.84 -1.73 -7.43
C ARG C 77 3.52 -2.94 -8.06
N ASP C 78 4.09 -3.81 -7.23
CA ASP C 78 4.73 -5.02 -7.77
C ASP C 78 3.70 -5.90 -8.46
N GLN C 79 2.53 -6.07 -7.84
CA GLN C 79 1.50 -6.92 -8.44
C GLN C 79 1.02 -6.35 -9.77
N GLN C 80 0.83 -5.03 -9.85
CA GLN C 80 0.42 -4.42 -11.10
C GLN C 80 1.51 -4.57 -12.16
N LEU C 81 2.77 -4.39 -11.78
CA LEU C 81 3.85 -4.54 -12.74
C LEU C 81 3.89 -5.96 -13.30
N LEU C 82 3.62 -6.95 -12.45
CA LEU C 82 3.52 -8.32 -12.95
C LEU C 82 2.29 -8.51 -13.83
N GLY C 83 1.17 -7.89 -13.45
CA GLY C 83 -0.07 -8.10 -14.17
C GLY C 83 -0.03 -7.56 -15.59
N ILE C 84 0.60 -6.39 -15.77
CA ILE C 84 0.72 -5.82 -17.10
C ILE C 84 1.73 -6.57 -17.98
N TRP C 85 2.39 -7.60 -17.43
CA TRP C 85 3.21 -8.51 -18.21
C TRP C 85 2.57 -9.88 -18.39
N GLY C 86 1.35 -10.09 -17.91
CA GLY C 86 0.68 -11.36 -18.06
C GLY C 86 1.12 -12.45 -17.10
N CYS C 87 2.05 -12.15 -16.20
CA CYS C 87 2.56 -13.12 -15.24
C CYS C 87 1.83 -13.09 -13.91
N SER C 88 0.61 -12.55 -13.89
CA SER C 88 -0.11 -12.40 -12.63
C SER C 88 -0.41 -13.74 -12.00
N GLY C 89 -0.17 -13.83 -10.69
CA GLY C 89 -0.49 -15.01 -9.92
C GLY C 89 0.56 -16.10 -9.95
N LYS C 90 1.64 -15.93 -10.70
CA LYS C 90 2.71 -16.92 -10.80
C LYS C 90 4.01 -16.24 -10.38
N LEU C 91 4.70 -16.81 -9.39
CA LEU C 91 6.01 -16.29 -9.03
C LEU C 91 6.99 -16.48 -10.18
N ILE C 92 6.96 -17.65 -10.82
CA ILE C 92 7.74 -17.90 -12.01
C ILE C 92 6.88 -17.47 -13.20
N CYS C 93 7.52 -17.14 -14.30
CA CYS C 93 6.77 -16.85 -15.51
C CYS C 93 7.72 -16.92 -16.71
N CYS C 94 7.16 -16.76 -17.89
CA CYS C 94 7.91 -16.79 -19.13
C CYS C 94 7.37 -15.72 -20.06
N THR C 95 8.26 -15.17 -20.88
CA THR C 95 7.99 -14.00 -21.70
C THR C 95 8.43 -14.31 -23.13
N ASN C 96 8.24 -13.33 -24.02
CA ASN C 96 8.50 -13.50 -25.44
C ASN C 96 9.28 -12.29 -25.97
N VAL C 97 10.35 -11.93 -25.27
CA VAL C 97 11.30 -10.92 -25.70
C VAL C 97 12.65 -11.60 -25.87
N PRO C 98 13.37 -11.41 -26.99
CA PRO C 98 14.72 -11.97 -27.06
C PRO C 98 15.64 -11.29 -26.08
N TRP C 99 16.63 -12.03 -25.60
CA TRP C 99 17.60 -11.52 -24.64
C TRP C 99 18.74 -10.88 -25.42
N ASN C 100 18.71 -9.56 -25.53
CA ASN C 100 19.81 -8.84 -26.14
C ASN C 100 21.06 -9.05 -25.29
N SER C 101 22.10 -9.62 -25.90
CA SER C 101 23.31 -9.96 -25.16
C SER C 101 24.06 -8.75 -24.64
N SER C 102 23.73 -7.54 -25.12
CA SER C 102 24.36 -6.34 -24.59
C SER C 102 24.14 -6.20 -23.09
N TRP C 103 22.97 -6.60 -22.61
CA TRP C 103 22.70 -6.53 -21.17
C TRP C 103 23.61 -7.50 -20.42
N SER C 104 23.77 -8.71 -20.94
CA SER C 104 24.70 -9.67 -20.35
C SER C 104 25.00 -10.74 -21.39
N ASN C 105 26.21 -11.28 -21.33
CA ASN C 105 26.67 -12.31 -22.25
C ASN C 105 27.02 -13.62 -21.57
N ARG C 106 26.89 -13.69 -20.24
CA ARG C 106 27.24 -14.91 -19.52
C ARG C 106 26.31 -16.05 -19.92
N ASN C 107 26.89 -17.22 -20.16
CA ASN C 107 26.10 -18.39 -20.52
C ASN C 107 25.37 -18.94 -19.29
N LEU C 108 24.48 -19.91 -19.55
CA LEU C 108 23.53 -20.36 -18.53
C LEU C 108 24.23 -20.98 -17.33
N SER C 109 25.24 -21.81 -17.54
CA SER C 109 25.87 -22.49 -16.42
C SER C 109 26.54 -21.49 -15.48
N GLU C 110 27.23 -20.49 -16.04
CA GLU C 110 27.91 -19.51 -15.20
C GLU C 110 26.92 -18.75 -14.33
N ILE C 111 25.81 -18.31 -14.92
CA ILE C 111 24.82 -17.55 -14.15
C ILE C 111 24.18 -18.46 -13.10
N TRP C 112 23.65 -19.59 -13.55
CA TRP C 112 22.71 -20.38 -12.76
C TRP C 112 23.37 -21.45 -11.89
N ASP C 113 24.71 -21.53 -11.87
CA ASP C 113 25.41 -22.38 -10.92
C ASP C 113 26.52 -21.69 -10.12
N ASN C 114 27.00 -20.53 -10.56
CA ASN C 114 28.16 -19.87 -9.94
C ASN C 114 27.90 -18.39 -9.73
N MET C 115 26.75 -18.05 -9.15
CA MET C 115 26.42 -16.65 -8.95
C MET C 115 25.28 -16.53 -7.96
N THR C 116 25.26 -15.39 -7.26
CA THR C 116 24.24 -15.07 -6.27
C THR C 116 23.29 -14.01 -6.82
N TRP C 117 22.08 -13.98 -6.24
CA TRP C 117 21.05 -13.08 -6.75
C TRP C 117 21.47 -11.62 -6.62
N LEU C 118 22.12 -11.27 -5.51
CA LEU C 118 22.57 -9.89 -5.31
C LEU C 118 23.56 -9.49 -6.39
N GLN C 119 24.51 -10.38 -6.71
CA GLN C 119 25.45 -10.09 -7.78
C GLN C 119 24.73 -9.90 -9.10
N TRP C 120 23.71 -10.72 -9.37
CA TRP C 120 22.97 -10.59 -10.61
C TRP C 120 22.27 -9.26 -10.71
N ASP C 121 21.61 -8.85 -9.62
CA ASP C 121 20.92 -7.56 -9.65
C ASP C 121 21.92 -6.42 -9.81
N LYS C 122 23.10 -6.57 -9.20
CA LYS C 122 24.14 -5.56 -9.38
C LYS C 122 24.59 -5.49 -10.83
N GLU C 123 24.68 -6.64 -11.50
CA GLU C 123 25.25 -6.66 -12.85
C GLU C 123 24.34 -5.96 -13.86
N ILE C 124 23.03 -6.15 -13.77
CA ILE C 124 22.10 -5.71 -14.82
C ILE C 124 21.32 -4.48 -14.39
N SER C 125 21.87 -3.69 -13.46
CA SER C 125 21.09 -2.64 -12.82
C SER C 125 20.60 -1.61 -13.82
N ASN C 126 21.46 -1.18 -14.75
CA ASN C 126 21.07 -0.13 -15.69
C ASN C 126 19.98 -0.60 -16.63
N TYR C 127 20.08 -1.84 -17.12
CA TYR C 127 19.22 -2.31 -18.20
C TYR C 127 17.80 -2.65 -17.75
N THR C 128 17.54 -2.74 -16.44
CA THR C 128 16.25 -3.18 -15.92
C THR C 128 15.11 -2.41 -16.56
N GLN C 129 15.20 -1.07 -16.54
CA GLN C 129 14.16 -0.23 -17.11
C GLN C 129 13.86 -0.63 -18.54
N ILE C 130 14.91 -0.74 -19.36
CA ILE C 130 14.72 -1.12 -20.76
C ILE C 130 13.98 -2.44 -20.83
N ILE C 131 14.43 -3.41 -20.03
CA ILE C 131 13.81 -4.74 -20.03
C ILE C 131 12.32 -4.59 -19.74
N TYR C 132 12.00 -3.83 -18.68
CA TYR C 132 10.60 -3.68 -18.28
C TYR C 132 9.80 -3.10 -19.43
N GLY C 133 10.34 -2.06 -20.07
CA GLY C 133 9.63 -1.47 -21.20
C GLY C 133 9.34 -2.50 -22.27
N LEU C 134 10.40 -3.22 -22.68
CA LEU C 134 10.22 -4.22 -23.72
C LEU C 134 9.20 -5.26 -23.29
N LEU C 135 9.30 -5.70 -22.03
CA LEU C 135 8.36 -6.70 -21.53
C LEU C 135 6.94 -6.23 -21.70
N GLU C 136 6.65 -5.01 -21.23
CA GLU C 136 5.31 -4.46 -21.34
C GLU C 136 4.87 -4.48 -22.80
N GLU C 137 5.74 -3.96 -23.68
CA GLU C 137 5.37 -3.85 -25.08
C GLU C 137 5.05 -5.22 -25.65
N SER C 138 5.88 -6.22 -25.31
CA SER C 138 5.65 -7.55 -25.85
C SER C 138 4.27 -8.06 -25.45
N GLN C 139 3.93 -7.89 -24.17
CA GLN C 139 2.63 -8.33 -23.69
C GLN C 139 1.54 -7.67 -24.49
N ASN C 140 1.65 -6.35 -24.69
CA ASN C 140 0.64 -5.60 -25.42
C ASN C 140 0.47 -6.18 -26.81
N GLN C 141 1.59 -6.42 -27.52
CA GLN C 141 1.50 -6.98 -28.84
C GLN C 141 0.83 -8.35 -28.78
N GLN C 142 1.33 -9.21 -27.90
CA GLN C 142 0.77 -10.54 -27.74
C GLN C 142 -0.72 -10.45 -27.47
N GLU C 143 -1.11 -9.49 -26.64
CA GLU C 143 -2.48 -9.50 -26.17
C GLU C 143 -3.39 -9.24 -27.37
N LYS C 144 -3.03 -8.24 -28.19
CA LYS C 144 -3.90 -7.90 -29.31
C LYS C 144 -3.99 -9.08 -30.25
N ASN C 145 -2.86 -9.80 -30.43
CA ASN C 145 -2.86 -10.99 -31.27
C ASN C 145 -3.87 -12.00 -30.75
N GLU C 146 -3.85 -12.23 -29.43
CA GLU C 146 -4.80 -13.16 -28.83
C GLU C 146 -6.23 -12.76 -29.14
N GLN C 147 -6.53 -11.46 -28.99
CA GLN C 147 -7.90 -11.00 -29.23
C GLN C 147 -8.31 -11.30 -30.66
N ASP C 148 -7.39 -11.09 -31.61
CA ASP C 148 -7.70 -11.37 -33.01
C ASP C 148 -8.04 -12.84 -33.19
N LEU C 149 -7.30 -13.73 -32.53
CA LEU C 149 -7.63 -15.14 -32.60
C LEU C 149 -9.02 -15.41 -32.04
N LEU C 150 -9.36 -14.76 -30.93
CA LEU C 150 -10.70 -14.97 -30.40
C LEU C 150 -11.76 -14.28 -31.25
N ALA C 151 -11.36 -13.37 -32.15
CA ALA C 151 -12.30 -12.78 -33.07
C ALA C 151 -12.57 -13.65 -34.29
N LEU C 152 -11.59 -14.48 -34.67
CA LEU C 152 -11.79 -15.35 -35.82
C LEU C 152 -12.91 -16.34 -35.53
N ASP C 153 -13.82 -16.49 -36.49
CA ASP C 153 -14.95 -17.38 -36.33
C ASP C 153 -14.52 -18.83 -36.52
N GLU D 1 35.34 -43.06 -13.52
CA GLU D 1 34.50 -42.79 -14.71
C GLU D 1 33.04 -43.13 -14.42
N VAL D 2 32.13 -42.42 -15.11
CA VAL D 2 30.71 -42.68 -14.97
C VAL D 2 30.41 -44.10 -15.41
N GLN D 3 29.60 -44.81 -14.62
CA GLN D 3 29.24 -46.19 -14.90
C GLN D 3 27.73 -46.30 -14.68
N LEU D 4 27.06 -47.07 -15.54
CA LEU D 4 25.62 -47.30 -15.45
C LEU D 4 25.36 -48.80 -15.35
N VAL D 5 25.27 -49.31 -14.11
CA VAL D 5 24.82 -50.68 -13.90
C VAL D 5 23.39 -50.80 -14.41
N GLU D 6 23.11 -51.88 -15.14
CA GLU D 6 21.77 -52.27 -15.50
C GLU D 6 21.60 -53.73 -15.12
N THR D 7 20.62 -54.03 -14.28
CA THR D 7 20.31 -55.41 -13.91
C THR D 7 19.37 -56.04 -14.92
N GLY D 8 18.15 -55.49 -15.05
CA GLY D 8 17.22 -55.85 -16.09
C GLY D 8 16.96 -57.33 -16.27
N GLY D 9 17.42 -57.87 -17.39
CA GLY D 9 17.17 -59.25 -17.74
C GLY D 9 15.86 -59.41 -18.51
N GLY D 10 15.79 -60.51 -19.27
CA GLY D 10 14.58 -60.82 -20.03
C GLY D 10 14.09 -62.24 -19.88
N LEU D 11 12.91 -62.39 -19.27
CA LEU D 11 12.20 -63.67 -19.30
C LEU D 11 10.75 -63.38 -18.92
N VAL D 12 9.86 -63.36 -19.92
CA VAL D 12 8.46 -63.02 -19.68
C VAL D 12 7.62 -63.60 -20.81
N GLN D 13 6.36 -63.90 -20.48
CA GLN D 13 5.39 -64.31 -21.48
C GLN D 13 5.07 -63.11 -22.38
N PRO D 14 4.55 -63.34 -23.59
CA PRO D 14 4.18 -62.18 -24.42
C PRO D 14 3.17 -61.25 -23.77
N GLY D 15 2.21 -61.79 -23.02
CA GLY D 15 1.23 -60.99 -22.32
C GLY D 15 1.62 -60.55 -20.93
N GLY D 16 2.85 -60.83 -20.49
CA GLY D 16 3.27 -60.54 -19.15
C GLY D 16 3.87 -59.15 -19.00
N SER D 17 4.53 -58.95 -17.87
CA SER D 17 5.16 -57.67 -17.54
C SER D 17 6.54 -57.96 -16.95
N LEU D 18 7.36 -56.91 -16.87
CA LEU D 18 8.71 -57.08 -16.37
C LEU D 18 9.26 -55.70 -15.99
N LYS D 19 9.91 -55.64 -14.84
CA LYS D 19 10.48 -54.40 -14.30
C LYS D 19 11.97 -54.30 -14.59
N LEU D 20 12.41 -53.12 -15.04
CA LEU D 20 13.81 -52.83 -15.31
C LEU D 20 14.33 -51.79 -14.32
N SER D 21 15.60 -51.93 -13.94
CA SER D 21 16.27 -51.02 -13.03
C SER D 21 17.63 -50.64 -13.60
N CYS D 22 18.06 -49.42 -13.27
CA CYS D 22 19.34 -48.91 -13.76
C CYS D 22 19.93 -48.01 -12.68
N ARG D 23 21.10 -48.39 -12.15
CA ARG D 23 21.77 -47.63 -11.10
C ARG D 23 23.02 -46.99 -11.69
N ALA D 24 23.11 -45.66 -11.60
CA ALA D 24 24.19 -44.91 -12.22
C ALA D 24 25.06 -44.26 -11.15
N SER D 25 26.37 -44.24 -11.40
CA SER D 25 27.34 -43.68 -10.47
C SER D 25 28.45 -42.99 -11.24
N GLY D 26 29.30 -42.29 -10.50
CA GLY D 26 30.38 -41.51 -11.08
C GLY D 26 30.01 -40.10 -11.47
N TYR D 27 28.84 -39.60 -11.06
CA TYR D 27 28.39 -38.26 -11.41
C TYR D 27 27.14 -37.98 -10.59
N THR D 28 26.69 -36.72 -10.66
CA THR D 28 25.45 -36.33 -10.00
C THR D 28 24.27 -36.94 -10.73
N PHE D 29 23.67 -37.98 -10.13
CA PHE D 29 22.48 -38.60 -10.71
C PHE D 29 21.35 -37.59 -10.84
N SER D 30 21.27 -36.63 -9.92
CA SER D 30 20.13 -35.71 -9.89
C SER D 30 20.14 -34.77 -11.09
N SER D 31 21.26 -34.14 -11.37
CA SER D 31 21.29 -32.97 -12.26
C SER D 31 21.15 -33.32 -13.74
N PHE D 32 20.96 -34.59 -14.10
CA PHE D 32 20.77 -35.01 -15.48
C PHE D 32 19.36 -35.57 -15.66
N ALA D 33 18.93 -35.63 -16.92
CA ALA D 33 17.67 -36.25 -17.32
C ALA D 33 17.96 -37.54 -18.06
N MET D 34 17.24 -38.60 -17.71
CA MET D 34 17.52 -39.93 -18.22
C MET D 34 16.53 -40.32 -19.31
N SER D 35 16.87 -41.41 -20.00
CA SER D 35 16.06 -41.89 -21.10
C SER D 35 16.36 -43.36 -21.33
N TRP D 36 15.45 -44.02 -22.04
CA TRP D 36 15.55 -45.42 -22.42
C TRP D 36 15.55 -45.50 -23.94
N VAL D 37 16.52 -46.23 -24.50
CA VAL D 37 16.69 -46.40 -25.93
C VAL D 37 16.77 -47.89 -26.24
N ARG D 38 15.99 -48.35 -27.21
CA ARG D 38 15.90 -49.76 -27.57
C ARG D 38 16.60 -50.03 -28.90
N GLN D 39 17.21 -51.21 -29.01
CA GLN D 39 17.91 -51.63 -30.22
C GLN D 39 17.58 -53.10 -30.47
N ALA D 40 16.83 -53.37 -31.53
CA ALA D 40 16.49 -54.75 -31.87
C ALA D 40 17.71 -55.46 -32.47
N PRO D 41 17.86 -56.79 -32.26
CA PRO D 41 19.11 -57.43 -32.69
C PRO D 41 19.25 -57.51 -34.21
N GLY D 42 19.62 -56.39 -34.82
CA GLY D 42 19.87 -56.34 -36.26
C GLY D 42 19.38 -55.09 -36.94
N LYS D 43 18.55 -54.30 -36.26
CA LYS D 43 17.95 -53.10 -36.81
C LYS D 43 18.66 -51.88 -36.22
N GLY D 44 18.19 -50.69 -36.62
CA GLY D 44 18.72 -49.48 -36.05
C GLY D 44 18.14 -49.18 -34.68
N LEU D 45 18.89 -48.42 -33.90
CA LEU D 45 18.48 -48.11 -32.54
C LEU D 45 17.20 -47.26 -32.58
N GLU D 46 16.58 -47.08 -31.42
CA GLU D 46 15.38 -46.28 -31.35
C GLU D 46 15.10 -45.86 -29.91
N TRP D 47 14.71 -44.60 -29.73
CA TRP D 47 14.42 -44.07 -28.42
C TRP D 47 13.12 -44.63 -27.88
N VAL D 48 13.09 -44.94 -26.58
CA VAL D 48 11.90 -45.48 -25.94
C VAL D 48 11.18 -44.39 -25.18
N SER D 49 11.85 -43.80 -24.18
CA SER D 49 11.15 -42.92 -23.26
C SER D 49 12.14 -41.99 -22.59
N LEU D 50 11.61 -40.94 -21.96
CA LEU D 50 12.45 -39.91 -21.34
C LEU D 50 11.84 -39.44 -20.03
N ILE D 51 12.69 -39.21 -19.05
CA ILE D 51 12.30 -38.60 -17.78
C ILE D 51 13.27 -37.46 -17.47
N ASN D 52 12.72 -36.36 -16.96
CA ASN D 52 13.53 -35.20 -16.60
C ASN D 52 14.26 -35.44 -15.28
N ASP D 53 15.02 -34.43 -14.86
CA ASP D 53 15.84 -34.57 -13.65
C ASP D 53 14.98 -34.77 -12.41
N ARG D 54 13.98 -33.90 -12.20
CA ARG D 54 13.17 -33.97 -11.00
C ARG D 54 12.26 -35.19 -10.97
N GLY D 55 12.01 -35.81 -12.12
CA GLY D 55 11.11 -36.94 -12.19
C GLY D 55 9.64 -36.59 -12.27
N GLY D 56 9.30 -35.30 -12.22
CA GLY D 56 7.91 -34.88 -12.30
C GLY D 56 7.36 -34.76 -13.69
N LEU D 57 8.17 -35.02 -14.72
CA LEU D 57 7.72 -35.01 -16.11
C LEU D 57 8.27 -36.23 -16.81
N THR D 58 7.56 -36.69 -17.84
CA THR D 58 7.92 -37.91 -18.55
C THR D 58 7.36 -37.85 -19.95
N PHE D 59 7.93 -38.68 -20.83
CA PHE D 59 7.54 -38.71 -22.23
C PHE D 59 7.78 -40.10 -22.80
N TYR D 60 6.91 -40.50 -23.74
CA TYR D 60 6.97 -41.81 -24.37
C TYR D 60 6.77 -41.65 -25.87
N VAL D 61 7.20 -42.66 -26.63
CA VAL D 61 6.92 -42.74 -28.05
C VAL D 61 5.45 -43.06 -28.25
N ASP D 62 4.97 -42.94 -29.49
CA ASP D 62 3.59 -43.30 -29.81
C ASP D 62 3.36 -44.80 -29.81
N SER D 63 4.42 -45.60 -29.91
CA SER D 63 4.24 -47.06 -29.96
C SER D 63 3.79 -47.61 -28.60
N VAL D 64 4.39 -47.13 -27.52
CA VAL D 64 4.09 -47.60 -26.17
C VAL D 64 3.58 -46.43 -25.34
N LYS D 65 2.82 -45.54 -25.98
CA LYS D 65 2.40 -44.29 -25.36
C LYS D 65 1.64 -44.54 -24.05
N GLY D 66 0.68 -45.45 -24.07
CA GLY D 66 -0.15 -45.74 -22.92
C GLY D 66 0.21 -47.00 -22.15
N ARG D 67 1.38 -47.59 -22.40
CA ARG D 67 1.75 -48.88 -21.82
C ARG D 67 2.86 -48.75 -20.78
N PHE D 68 4.02 -48.23 -21.16
CA PHE D 68 5.16 -48.24 -20.25
C PHE D 68 5.06 -47.07 -19.27
N THR D 69 5.82 -47.18 -18.18
CA THR D 69 5.82 -46.16 -17.14
C THR D 69 7.22 -46.13 -16.52
N ILE D 70 7.98 -45.10 -16.85
CA ILE D 70 9.35 -44.97 -16.31
C ILE D 70 9.32 -43.93 -15.18
N SER D 71 10.03 -44.18 -14.11
CA SER D 71 10.11 -43.30 -12.94
C SER D 71 11.56 -43.27 -12.46
N ARG D 72 11.81 -42.43 -11.46
CA ARG D 72 13.16 -42.25 -10.93
C ARG D 72 13.11 -42.09 -9.43
N ASP D 73 14.24 -42.40 -8.78
CA ASP D 73 14.42 -42.21 -7.35
C ASP D 73 15.78 -41.55 -7.16
N ASN D 74 15.76 -40.27 -6.80
CA ASN D 74 16.97 -39.46 -6.82
C ASN D 74 17.88 -39.80 -5.64
N SER D 75 17.31 -39.97 -4.44
CA SER D 75 18.13 -40.20 -3.26
C SER D 75 18.91 -41.50 -3.36
N LYS D 76 18.28 -42.54 -3.91
CA LYS D 76 18.93 -43.82 -4.12
C LYS D 76 19.62 -43.92 -5.48
N ASN D 77 19.46 -42.92 -6.35
CA ASN D 77 20.12 -42.88 -7.64
C ASN D 77 19.74 -44.09 -8.49
N THR D 78 18.45 -44.22 -8.76
CA THR D 78 17.93 -45.34 -9.54
C THR D 78 16.93 -44.84 -10.58
N LEU D 79 16.94 -45.49 -11.73
CA LEU D 79 15.95 -45.29 -12.79
C LEU D 79 15.18 -46.59 -12.93
N SER D 80 13.85 -46.51 -12.86
CA SER D 80 12.98 -47.67 -12.91
C SER D 80 12.12 -47.58 -14.16
N LEU D 81 11.91 -48.73 -14.81
CA LEU D 81 10.94 -48.87 -15.87
C LEU D 81 9.96 -49.97 -15.49
N GLN D 82 8.67 -49.72 -15.74
CA GLN D 82 7.64 -50.74 -15.65
C GLN D 82 7.03 -50.92 -17.03
N MET D 83 7.14 -52.13 -17.56
CA MET D 83 6.47 -52.52 -18.79
C MET D 83 5.06 -53.00 -18.48
N HIS D 84 4.22 -53.08 -19.51
CA HIS D 84 2.85 -53.52 -19.35
C HIS D 84 2.37 -54.16 -20.65
N SER D 85 1.59 -55.23 -20.50
CA SER D 85 1.02 -55.98 -21.62
C SER D 85 2.08 -56.59 -22.53
N LEU D 86 2.85 -55.72 -23.21
CA LEU D 86 4.01 -56.06 -24.04
C LEU D 86 3.57 -56.54 -25.42
N ARG D 87 4.52 -56.59 -26.35
CA ARG D 87 4.27 -57.00 -27.72
C ARG D 87 5.56 -57.62 -28.23
N ASP D 88 5.47 -58.83 -28.80
CA ASP D 88 6.64 -59.64 -29.17
C ASP D 88 7.76 -58.86 -29.88
N GLY D 89 7.44 -57.73 -30.53
CA GLY D 89 8.47 -56.91 -31.12
C GLY D 89 9.43 -56.31 -30.13
N ASP D 90 9.01 -56.15 -28.86
CA ASP D 90 9.83 -55.45 -27.86
C ASP D 90 11.21 -56.07 -27.73
N THR D 91 11.32 -57.37 -28.00
CA THR D 91 12.56 -58.14 -27.94
C THR D 91 13.72 -57.38 -28.58
N ALA D 92 14.67 -56.97 -27.74
CA ALA D 92 15.67 -55.99 -28.09
C ALA D 92 16.55 -55.80 -26.87
N VAL D 93 17.68 -55.12 -27.07
CA VAL D 93 18.53 -54.68 -25.98
C VAL D 93 18.17 -53.24 -25.65
N TYR D 94 17.79 -53.02 -24.39
CA TYR D 94 17.41 -51.71 -23.90
C TYR D 94 18.59 -51.13 -23.12
N TYR D 95 18.97 -49.91 -23.49
CA TYR D 95 20.07 -49.18 -22.87
C TYR D 95 19.55 -47.97 -22.12
N CYS D 96 20.12 -47.73 -20.95
CA CYS D 96 19.91 -46.49 -20.22
C CYS D 96 20.80 -45.40 -20.81
N ALA D 97 20.28 -44.18 -20.86
CA ALA D 97 21.03 -43.06 -21.40
C ALA D 97 20.77 -41.82 -20.57
N THR D 98 21.77 -40.95 -20.49
CA THR D 98 21.68 -39.70 -19.76
C THR D 98 21.67 -38.54 -20.75
N GLY D 99 20.66 -37.69 -20.64
CA GLY D 99 20.50 -36.55 -21.52
C GLY D 99 19.18 -36.60 -22.26
N GLY D 100 19.15 -35.95 -23.42
CA GLY D 100 17.93 -35.86 -24.20
C GLY D 100 17.01 -34.73 -23.78
N MET D 101 17.27 -34.09 -22.65
CA MET D 101 16.46 -33.01 -22.11
C MET D 101 17.18 -32.45 -20.89
N SER D 102 16.95 -31.18 -20.61
CA SER D 102 17.53 -30.58 -19.42
C SER D 102 16.75 -29.32 -19.07
N SER D 103 16.70 -29.02 -17.78
CA SER D 103 15.83 -27.97 -17.30
C SER D 103 16.24 -26.62 -17.88
N ALA D 104 15.31 -25.67 -17.83
CA ALA D 104 15.55 -24.34 -18.37
C ALA D 104 16.72 -23.66 -17.68
N LEU D 105 17.03 -24.04 -16.44
CA LEU D 105 18.16 -23.44 -15.75
C LEU D 105 19.48 -23.83 -16.41
N GLN D 106 19.63 -25.09 -16.77
CA GLN D 106 20.82 -25.59 -17.45
C GLN D 106 20.71 -25.32 -18.94
N SER D 107 21.85 -25.43 -19.63
CA SER D 107 21.86 -25.28 -21.08
C SER D 107 21.17 -26.47 -21.73
N SER D 108 20.52 -26.20 -22.87
CA SER D 108 19.90 -27.27 -23.65
C SER D 108 20.97 -28.28 -24.06
N LYS D 109 20.62 -29.57 -23.97
CA LYS D 109 21.47 -30.62 -24.50
C LYS D 109 20.85 -31.25 -25.73
N TYR D 110 19.74 -31.98 -25.58
CA TYR D 110 19.14 -32.76 -26.66
C TYR D 110 20.11 -33.77 -27.27
N TYR D 111 20.72 -34.61 -26.43
CA TYR D 111 21.48 -35.77 -26.93
C TYR D 111 21.62 -36.77 -25.79
N PHE D 112 22.45 -37.81 -26.00
CA PHE D 112 22.70 -38.84 -25.00
C PHE D 112 24.21 -39.05 -24.88
N ASP D 113 24.73 -38.92 -23.66
CA ASP D 113 26.17 -38.92 -23.44
C ASP D 113 26.70 -40.28 -22.98
N PHE D 114 26.22 -40.77 -21.85
CA PHE D 114 26.77 -41.95 -21.19
C PHE D 114 25.76 -43.06 -21.35
N TRP D 115 26.18 -44.18 -21.93
CA TRP D 115 25.29 -45.28 -22.30
C TRP D 115 25.67 -46.51 -21.52
N GLY D 116 24.70 -47.06 -20.77
CA GLY D 116 24.93 -48.26 -20.00
C GLY D 116 24.97 -49.51 -20.86
N GLN D 117 25.29 -50.63 -20.21
CA GLN D 117 25.34 -51.90 -20.91
C GLN D 117 23.96 -52.49 -21.20
N GLY D 118 22.91 -51.99 -20.54
CA GLY D 118 21.58 -52.38 -20.92
C GLY D 118 21.27 -53.84 -20.60
N ALA D 119 20.24 -54.36 -21.27
CA ALA D 119 19.91 -55.77 -21.15
C ALA D 119 18.91 -56.15 -22.22
N LEU D 120 18.90 -57.44 -22.56
CA LEU D 120 18.04 -57.97 -23.61
C LEU D 120 16.74 -58.46 -22.98
N VAL D 121 15.61 -57.93 -23.45
CA VAL D 121 14.29 -58.40 -23.03
C VAL D 121 13.87 -59.54 -23.95
N THR D 122 13.44 -60.65 -23.37
CA THR D 122 13.06 -61.85 -24.10
C THR D 122 11.59 -62.13 -23.89
N VAL D 123 10.87 -62.40 -24.98
CA VAL D 123 9.44 -62.71 -24.95
C VAL D 123 9.30 -64.20 -25.19
N SER D 124 8.63 -64.90 -24.28
CA SER D 124 8.46 -66.34 -24.38
C SER D 124 7.47 -66.68 -25.49
N ALA E 1 11.78 -43.13 -39.49
CA ALA E 1 13.24 -43.15 -39.44
C ALA E 1 13.81 -42.06 -40.34
N LEU E 2 15.14 -42.00 -40.42
CA LEU E 2 15.86 -41.03 -41.24
C LEU E 2 16.56 -41.74 -42.38
N THR E 3 16.42 -41.19 -43.58
CA THR E 3 17.03 -41.78 -44.75
C THR E 3 18.53 -41.51 -44.77
N GLN E 4 19.32 -42.57 -44.96
CA GLN E 4 20.76 -42.49 -45.06
C GLN E 4 21.25 -43.76 -45.73
N PRO E 5 22.42 -43.76 -46.36
CA PRO E 5 22.85 -44.94 -47.12
C PRO E 5 23.02 -46.14 -46.20
N PRO E 6 22.62 -47.36 -46.62
CA PRO E 6 22.77 -48.51 -45.72
C PRO E 6 24.20 -48.77 -45.29
N SER E 7 25.16 -48.58 -46.18
CA SER E 7 26.56 -48.85 -45.86
C SER E 7 27.43 -48.07 -46.84
N VAL E 8 28.67 -47.81 -46.41
CA VAL E 8 29.68 -47.14 -47.21
C VAL E 8 31.00 -47.86 -46.99
N SER E 9 32.05 -47.38 -47.67
CA SER E 9 33.36 -48.00 -47.60
C SER E 9 34.42 -46.94 -47.86
N GLY E 10 35.65 -47.28 -47.48
CA GLY E 10 36.77 -46.38 -47.69
C GLY E 10 38.08 -47.08 -47.47
N SER E 11 39.14 -46.30 -47.41
CA SER E 11 40.50 -46.77 -47.21
C SER E 11 41.19 -45.93 -46.14
N PRO E 12 42.21 -46.48 -45.47
CA PRO E 12 42.96 -45.66 -44.52
C PRO E 12 43.63 -44.48 -45.19
N GLY E 13 43.73 -43.38 -44.45
CA GLY E 13 44.40 -42.18 -44.95
C GLY E 13 43.56 -41.32 -45.87
N GLN E 14 42.31 -41.66 -46.12
CA GLN E 14 41.41 -40.90 -46.97
C GLN E 14 40.20 -40.47 -46.14
N SER E 15 39.90 -39.18 -46.16
CA SER E 15 38.75 -38.69 -45.42
C SER E 15 37.47 -39.21 -46.06
N VAL E 16 36.48 -39.54 -45.22
CA VAL E 16 35.22 -40.12 -45.66
C VAL E 16 34.08 -39.29 -45.08
N THR E 17 33.08 -38.99 -45.91
CA THR E 17 31.88 -38.29 -45.50
C THR E 17 30.68 -39.21 -45.64
N ILE E 18 29.76 -39.13 -44.66
CA ILE E 18 28.52 -39.90 -44.67
C ILE E 18 27.36 -38.94 -44.45
N SER E 19 26.31 -39.10 -45.25
CA SER E 19 25.18 -38.18 -45.27
C SER E 19 24.00 -38.74 -44.47
N CYS E 20 23.07 -37.84 -44.15
CA CYS E 20 21.90 -38.18 -43.34
C CYS E 20 20.79 -37.23 -43.75
N THR E 21 19.78 -37.76 -44.45
CA THR E 21 18.76 -36.96 -45.11
C THR E 21 17.47 -36.98 -44.29
N GLY E 22 16.81 -35.81 -44.20
CA GLY E 22 15.60 -35.67 -43.42
C GLY E 22 14.62 -34.73 -44.10
N THR E 23 13.43 -34.66 -43.52
CA THR E 23 12.34 -33.82 -44.01
C THR E 23 12.45 -32.43 -43.39
N SER E 24 11.43 -31.59 -43.63
CA SER E 24 11.47 -30.20 -43.18
C SER E 24 11.46 -30.10 -41.67
N SER E 25 10.50 -30.77 -41.01
CA SER E 25 10.43 -30.75 -39.56
C SER E 25 11.53 -31.57 -38.91
N ASP E 26 12.28 -32.35 -39.68
CA ASP E 26 13.17 -33.34 -39.09
C ASP E 26 14.49 -32.67 -38.69
N ILE E 27 15.23 -32.15 -39.67
CA ILE E 27 16.50 -31.49 -39.44
C ILE E 27 16.38 -29.97 -39.58
N GLY E 28 15.65 -29.50 -40.59
CA GLY E 28 15.61 -28.08 -40.86
C GLY E 28 14.97 -27.27 -39.76
N SER E 29 13.96 -27.83 -39.09
CA SER E 29 13.25 -27.09 -38.06
C SER E 29 14.16 -26.76 -36.88
N TYR E 30 14.97 -27.72 -36.44
CA TYR E 30 15.86 -27.54 -35.29
C TYR E 30 17.23 -28.08 -35.65
N ASN E 31 18.26 -27.28 -35.38
CA ASN E 31 19.64 -27.66 -35.69
C ASN E 31 20.28 -28.45 -34.55
N TYR E 32 19.60 -29.51 -34.12
CA TYR E 32 20.07 -30.43 -33.08
C TYR E 32 20.22 -31.79 -33.74
N VAL E 33 21.41 -32.05 -34.28
CA VAL E 33 21.73 -33.30 -34.96
C VAL E 33 22.91 -33.94 -34.24
N SER E 34 22.83 -35.25 -34.03
CA SER E 34 23.85 -36.00 -33.32
C SER E 34 24.15 -37.29 -34.04
N TRP E 35 25.37 -37.77 -33.88
CA TRP E 35 25.84 -39.03 -34.44
C TRP E 35 26.44 -39.88 -33.33
N TYR E 36 25.94 -41.11 -33.20
CA TYR E 36 26.37 -42.06 -32.19
C TYR E 36 26.90 -43.32 -32.88
N GLN E 37 28.09 -43.77 -32.48
CA GLN E 37 28.64 -45.02 -32.99
C GLN E 37 28.49 -46.13 -31.96
N GLN E 38 28.35 -47.36 -32.45
CA GLN E 38 28.47 -48.55 -31.61
C GLN E 38 29.28 -49.59 -32.37
N HIS E 39 30.27 -50.17 -31.68
CA HIS E 39 30.99 -51.31 -32.20
C HIS E 39 30.09 -52.54 -32.16
N PRO E 40 30.45 -53.62 -32.89
CA PRO E 40 29.60 -54.82 -32.90
C PRO E 40 29.35 -55.39 -31.50
N GLY E 41 28.10 -55.34 -31.06
CA GLY E 41 27.71 -55.90 -29.78
C GLY E 41 28.01 -55.03 -28.58
N LYS E 42 28.55 -53.83 -28.76
CA LYS E 42 28.91 -52.94 -27.67
C LYS E 42 27.87 -51.83 -27.53
N ALA E 43 27.79 -51.28 -26.33
CA ALA E 43 26.87 -50.17 -26.09
C ALA E 43 27.30 -48.97 -26.92
N PRO E 44 26.38 -48.24 -27.54
CA PRO E 44 26.80 -47.10 -28.37
C PRO E 44 27.48 -46.01 -27.56
N LYS E 45 28.29 -45.22 -28.26
CA LYS E 45 29.01 -44.09 -27.72
C LYS E 45 28.72 -42.86 -28.55
N LEU E 46 28.62 -41.70 -27.91
CA LEU E 46 28.31 -40.47 -28.62
C LEU E 46 29.58 -40.03 -29.33
N MET E 47 29.47 -39.73 -30.63
CA MET E 47 30.57 -39.20 -31.40
C MET E 47 30.49 -37.71 -31.68
N ILE E 48 29.32 -37.18 -32.06
CA ILE E 48 29.17 -35.73 -32.12
C ILE E 48 27.74 -35.37 -31.72
N TYR E 49 27.63 -34.26 -31.00
CA TYR E 49 26.35 -33.66 -30.63
C TYR E 49 26.23 -32.30 -31.30
N ASP E 50 24.99 -31.95 -31.69
CA ASP E 50 24.73 -30.74 -32.47
C ASP E 50 25.48 -30.76 -33.80
N VAL E 51 25.32 -29.70 -34.60
CA VAL E 51 25.84 -29.71 -35.97
C VAL E 51 27.36 -29.83 -35.98
N THR E 52 28.05 -29.07 -35.13
CA THR E 52 29.51 -28.97 -35.19
C THR E 52 30.23 -29.21 -33.87
N GLN E 53 29.63 -28.77 -32.75
CA GLN E 53 30.30 -28.90 -31.47
C GLN E 53 30.59 -30.36 -31.15
N ARG E 54 31.78 -30.62 -30.59
CA ARG E 54 32.26 -31.98 -30.36
C ARG E 54 32.47 -32.21 -28.86
N PRO E 55 32.13 -33.38 -28.33
CA PRO E 55 32.33 -33.61 -26.88
C PRO E 55 33.80 -33.63 -26.51
N SER E 56 34.06 -33.33 -25.24
CA SER E 56 35.40 -33.52 -24.69
C SER E 56 35.76 -34.99 -24.72
N GLY E 57 37.03 -35.27 -25.01
CA GLY E 57 37.50 -36.64 -25.10
C GLY E 57 37.24 -37.32 -26.43
N VAL E 58 36.75 -36.60 -27.43
CA VAL E 58 36.50 -37.13 -28.77
C VAL E 58 37.62 -36.65 -29.67
N SER E 59 37.98 -37.48 -30.65
CA SER E 59 39.07 -37.14 -31.55
C SER E 59 38.71 -35.92 -32.39
N ASP E 60 39.76 -35.13 -32.71
CA ASP E 60 39.59 -33.99 -33.60
C ASP E 60 39.07 -34.45 -34.97
N ARG E 61 39.42 -35.69 -35.36
CA ARG E 61 39.15 -36.16 -36.71
C ARG E 61 37.66 -36.09 -37.06
N PHE E 62 36.80 -36.49 -36.14
CA PHE E 62 35.38 -36.48 -36.40
C PHE E 62 34.84 -35.05 -36.41
N SER E 63 33.99 -34.76 -37.40
CA SER E 63 33.43 -33.43 -37.56
C SER E 63 32.06 -33.55 -38.21
N GLY E 64 31.24 -32.51 -38.03
CA GLY E 64 29.88 -32.52 -38.53
C GLY E 64 29.58 -31.28 -39.34
N SER E 65 28.51 -31.38 -40.14
CA SER E 65 28.04 -30.25 -40.92
C SER E 65 26.56 -30.45 -41.21
N LYS E 66 25.91 -29.34 -41.56
CA LYS E 66 24.47 -29.31 -41.84
C LYS E 66 24.20 -28.41 -43.03
N SER E 67 23.34 -28.87 -43.94
CA SER E 67 22.93 -28.09 -45.09
C SER E 67 21.50 -28.46 -45.46
N GLY E 68 20.63 -27.46 -45.55
CA GLY E 68 19.24 -27.72 -45.90
C GLY E 68 18.60 -28.66 -44.91
N ASN E 69 17.98 -29.72 -45.43
CA ASN E 69 17.37 -30.78 -44.62
C ASN E 69 18.28 -32.00 -44.52
N THR E 70 19.59 -31.80 -44.56
CA THR E 70 20.56 -32.88 -44.55
C THR E 70 21.69 -32.55 -43.59
N ALA E 71 22.32 -33.59 -43.07
CA ALA E 71 23.49 -33.49 -42.21
C ALA E 71 24.57 -34.42 -42.74
N SER E 72 25.79 -34.19 -42.29
CA SER E 72 26.92 -35.00 -42.73
C SER E 72 27.95 -35.14 -41.62
N LEU E 73 28.52 -36.34 -41.52
CA LEU E 73 29.64 -36.62 -40.63
C LEU E 73 30.87 -36.87 -41.48
N THR E 74 31.92 -36.09 -41.26
CA THR E 74 33.19 -36.21 -41.97
C THR E 74 34.24 -36.72 -41.00
N ILE E 75 35.00 -37.74 -41.43
CA ILE E 75 36.10 -38.31 -40.66
C ILE E 75 37.36 -38.21 -41.50
N SER E 76 38.49 -38.07 -40.84
CA SER E 76 39.78 -37.98 -41.50
C SER E 76 40.26 -39.38 -41.88
N GLY E 77 41.53 -39.50 -42.24
CA GLY E 77 42.14 -40.79 -42.61
C GLY E 77 41.89 -41.89 -41.61
N LEU E 78 41.16 -42.92 -42.06
CA LEU E 78 40.56 -43.89 -41.16
C LEU E 78 41.63 -44.71 -40.45
N GLN E 79 41.60 -44.71 -39.12
CA GLN E 79 42.43 -45.60 -38.34
C GLN E 79 41.84 -47.00 -38.31
N ALA E 80 42.60 -47.93 -37.75
CA ALA E 80 42.14 -49.31 -37.64
C ALA E 80 41.04 -49.49 -36.61
N ASP E 81 40.78 -48.49 -35.77
CA ASP E 81 39.81 -48.59 -34.69
C ASP E 81 38.47 -47.93 -35.01
N ASP E 82 38.38 -47.17 -36.11
CA ASP E 82 37.13 -46.48 -36.46
C ASP E 82 36.21 -47.33 -37.34
N GLU E 83 36.02 -48.61 -36.99
CA GLU E 83 35.06 -49.49 -37.65
C GLU E 83 33.90 -49.70 -36.69
N ALA E 84 32.76 -49.10 -37.00
CA ALA E 84 31.58 -49.21 -36.16
C ALA E 84 30.34 -49.05 -37.03
N ASP E 85 29.17 -49.09 -36.39
CA ASP E 85 27.91 -48.70 -37.00
C ASP E 85 27.52 -47.33 -36.44
N TYR E 86 27.29 -46.37 -37.34
CA TYR E 86 27.07 -44.98 -36.98
C TYR E 86 25.63 -44.60 -37.26
N TYR E 87 24.99 -43.94 -36.30
CA TYR E 87 23.56 -43.67 -36.32
C TYR E 87 23.33 -42.16 -36.21
N CYS E 88 22.57 -41.63 -37.17
CA CYS E 88 22.12 -40.25 -37.16
C CYS E 88 20.89 -40.10 -36.27
N SER E 89 20.75 -38.92 -35.66
CA SER E 89 19.64 -38.67 -34.75
C SER E 89 19.41 -37.17 -34.66
N ALA E 90 18.18 -36.80 -34.29
CA ALA E 90 17.87 -35.39 -34.12
C ALA E 90 16.60 -35.23 -33.30
N TYR E 91 16.42 -34.02 -32.78
CA TYR E 91 15.19 -33.63 -32.09
C TYR E 91 14.25 -33.04 -33.13
N ALA E 92 13.07 -33.65 -33.29
CA ALA E 92 12.18 -33.28 -34.38
C ALA E 92 10.73 -33.47 -33.94
N GLY E 93 10.14 -32.40 -33.41
CA GLY E 93 8.75 -32.43 -32.98
C GLY E 93 8.60 -32.54 -31.48
N ARG E 94 7.74 -31.69 -30.91
CA ARG E 94 7.48 -31.77 -29.47
C ARG E 94 6.90 -33.12 -29.08
N GLN E 95 5.94 -33.62 -29.86
CA GLN E 95 5.33 -34.92 -29.55
C GLN E 95 6.27 -36.04 -29.91
N THR E 96 6.64 -36.15 -31.19
CA THR E 96 7.63 -37.11 -31.64
C THR E 96 9.00 -36.57 -31.25
N PHE E 97 9.48 -36.98 -30.08
CA PHE E 97 10.70 -36.38 -29.55
C PHE E 97 11.91 -36.71 -30.41
N TYR E 98 12.19 -37.98 -30.63
CA TYR E 98 13.44 -38.41 -31.23
C TYR E 98 13.17 -39.45 -32.31
N ILE E 99 13.51 -39.10 -33.55
CA ILE E 99 13.48 -39.99 -34.69
C ILE E 99 14.91 -40.33 -35.06
N PHE E 100 15.21 -41.62 -35.16
CA PHE E 100 16.57 -42.10 -35.34
C PHE E 100 16.76 -42.47 -36.82
N GLY E 101 17.93 -43.04 -37.15
CA GLY E 101 18.21 -43.50 -38.49
C GLY E 101 18.66 -44.95 -38.49
N GLY E 102 18.74 -45.50 -39.70
CA GLY E 102 19.16 -46.87 -39.90
C GLY E 102 20.66 -47.06 -39.78
N GLY E 103 21.09 -48.30 -39.99
CA GLY E 103 22.49 -48.64 -39.85
C GLY E 103 23.34 -48.09 -40.97
N THR E 104 24.62 -47.90 -40.66
CA THR E 104 25.61 -47.37 -41.60
C THR E 104 26.91 -48.12 -41.37
N ARG E 105 27.14 -49.15 -42.17
CA ARG E 105 28.33 -50.00 -42.04
C ARG E 105 29.46 -49.38 -42.86
N LEU E 106 30.45 -48.81 -42.17
CA LEU E 106 31.61 -48.20 -42.82
C LEU E 106 32.62 -49.30 -43.10
N THR E 107 32.58 -49.84 -44.31
CA THR E 107 33.42 -50.98 -44.69
C THR E 107 34.82 -50.47 -45.00
N VAL E 108 35.65 -50.37 -43.96
CA VAL E 108 37.04 -49.99 -44.15
C VAL E 108 37.75 -51.03 -45.00
N LEU E 109 38.37 -50.58 -46.08
CA LEU E 109 39.02 -51.48 -47.03
C LEU E 109 40.21 -50.80 -47.68
N ASN F 38 -11.83 -41.64 -5.50
CA ASN F 38 -10.79 -40.79 -4.93
C ASN F 38 -11.18 -39.32 -5.01
N LEU F 39 -10.69 -38.53 -4.07
CA LEU F 39 -11.04 -37.12 -3.94
C LEU F 39 -9.78 -36.27 -4.01
N TRP F 40 -9.99 -34.98 -4.28
CA TRP F 40 -8.90 -34.01 -4.36
C TRP F 40 -9.33 -32.72 -3.69
N VAL F 41 -8.34 -31.98 -3.19
CA VAL F 41 -8.62 -30.71 -2.53
C VAL F 41 -9.24 -29.74 -3.54
N THR F 42 -10.01 -28.79 -3.02
CA THR F 42 -10.50 -27.69 -3.84
C THR F 42 -10.70 -26.49 -2.93
N VAL F 43 -10.14 -25.34 -3.32
CA VAL F 43 -10.19 -24.13 -2.53
C VAL F 43 -11.36 -23.27 -2.99
N TYR F 44 -12.17 -22.84 -2.03
CA TYR F 44 -13.35 -22.01 -2.28
C TYR F 44 -13.15 -20.68 -1.57
N TYR F 45 -13.33 -19.58 -2.29
CA TYR F 45 -13.14 -18.24 -1.77
C TYR F 45 -14.46 -17.50 -1.67
N GLY F 46 -14.59 -16.67 -0.64
CA GLY F 46 -15.85 -16.02 -0.32
C GLY F 46 -16.82 -16.92 0.40
N VAL F 47 -16.32 -17.91 1.13
CA VAL F 47 -17.20 -18.88 1.78
C VAL F 47 -18.07 -18.18 2.81
N PRO F 48 -19.35 -18.55 2.99
CA PRO F 48 -20.09 -17.99 4.14
C PRO F 48 -19.70 -18.68 5.45
N VAL F 49 -18.56 -18.29 5.99
CA VAL F 49 -18.08 -18.81 7.28
C VAL F 49 -17.53 -17.64 8.08
N TRP F 50 -17.73 -17.71 9.40
CA TRP F 50 -17.30 -16.65 10.30
C TRP F 50 -16.68 -17.26 11.55
N LYS F 51 -16.12 -16.39 12.38
CA LYS F 51 -15.57 -16.78 13.67
C LYS F 51 -15.83 -15.66 14.67
N ASP F 52 -15.88 -16.04 15.94
CA ASP F 52 -15.95 -15.06 17.01
C ASP F 52 -14.73 -14.17 16.97
N ALA F 53 -14.96 -12.86 17.11
CA ALA F 53 -13.87 -11.90 16.94
C ALA F 53 -14.21 -10.63 17.72
N GLU F 54 -13.19 -9.80 17.89
CA GLU F 54 -13.33 -8.48 18.50
C GLU F 54 -12.59 -7.48 17.63
N THR F 55 -13.12 -6.26 17.57
CA THR F 55 -12.55 -5.23 16.71
C THR F 55 -13.18 -3.89 17.07
N THR F 56 -12.89 -2.88 16.25
CA THR F 56 -13.41 -1.53 16.41
C THR F 56 -14.38 -1.23 15.27
N LEU F 57 -15.50 -0.61 15.62
CA LEU F 57 -16.54 -0.21 14.68
C LEU F 57 -16.57 1.32 14.60
N PHE F 58 -17.54 1.84 13.84
CA PHE F 58 -17.65 3.29 13.63
C PHE F 58 -19.08 3.76 13.81
N CYS F 59 -19.18 5.06 14.12
CA CYS F 59 -20.44 5.73 14.32
C CYS F 59 -21.07 6.11 12.98
N ALA F 60 -22.39 5.94 12.90
CA ALA F 60 -23.18 6.41 11.78
C ALA F 60 -24.44 7.07 12.33
N SER F 61 -24.82 8.20 11.74
CA SER F 61 -25.98 8.96 12.20
C SER F 61 -26.80 9.50 11.04
N ASN F 72 -23.08 19.17 18.06
CA ASN F 72 -23.57 18.42 19.19
C ASN F 72 -22.44 17.53 19.70
N VAL F 73 -22.49 17.17 20.99
CA VAL F 73 -21.44 16.35 21.60
C VAL F 73 -21.29 15.04 20.85
N TRP F 74 -22.40 14.35 20.61
CA TRP F 74 -22.38 13.12 19.82
C TRP F 74 -22.63 13.45 18.35
N ALA F 75 -22.38 12.45 17.49
CA ALA F 75 -22.62 12.57 16.06
C ALA F 75 -21.87 13.76 15.47
N THR F 76 -20.61 13.89 15.85
CA THR F 76 -19.78 15.01 15.43
C THR F 76 -19.48 14.88 13.93
N HIS F 77 -18.63 15.78 13.42
CA HIS F 77 -18.27 15.75 12.00
C HIS F 77 -17.63 14.43 11.60
N ALA F 78 -17.01 13.71 12.53
CA ALA F 78 -16.42 12.40 12.27
C ALA F 78 -17.44 11.29 12.50
N CYS F 79 -18.54 11.37 11.76
CA CYS F 79 -19.56 10.34 11.81
C CYS F 79 -20.28 10.30 10.47
N VAL F 80 -20.28 9.15 9.83
CA VAL F 80 -20.86 9.01 8.49
C VAL F 80 -22.36 9.23 8.58
N PRO F 81 -23.02 9.85 7.59
CA PRO F 81 -24.48 9.88 7.61
C PRO F 81 -25.07 8.49 7.45
N THR F 82 -26.22 8.28 8.08
CA THR F 82 -26.86 6.97 8.05
C THR F 82 -27.36 6.68 6.64
N ASP F 83 -27.28 5.41 6.27
CA ASP F 83 -27.84 5.00 4.99
C ASP F 83 -29.36 5.19 5.03
N PRO F 84 -29.98 5.67 3.94
CA PRO F 84 -31.43 5.91 3.99
C PRO F 84 -32.27 4.66 4.26
N ASN F 85 -31.76 3.47 3.92
CA ASN F 85 -32.50 2.23 4.13
C ASN F 85 -31.51 1.10 4.34
N PRO F 86 -31.00 0.95 5.57
CA PRO F 86 -30.09 -0.18 5.83
C PRO F 86 -30.80 -1.51 5.65
N GLN F 87 -30.07 -2.49 5.12
CA GLN F 87 -30.63 -3.79 4.78
C GLN F 87 -30.35 -4.78 5.91
N GLU F 88 -31.38 -5.46 6.37
CA GLU F 88 -31.28 -6.55 7.33
C GLU F 88 -31.60 -7.84 6.60
N ILE F 89 -30.69 -8.81 6.67
CA ILE F 89 -30.80 -10.05 5.89
C ILE F 89 -31.04 -11.18 6.87
N HIS F 90 -32.11 -11.93 6.63
CA HIS F 90 -32.49 -13.04 7.48
C HIS F 90 -31.62 -14.26 7.17
N LEU F 91 -31.19 -14.95 8.23
CA LEU F 91 -30.42 -16.18 8.11
C LEU F 91 -31.23 -17.33 8.69
N GLU F 92 -31.20 -18.47 8.01
CA GLU F 92 -31.92 -19.68 8.41
C GLU F 92 -30.92 -20.73 8.86
N ASN F 93 -31.41 -21.64 9.71
CA ASN F 93 -30.63 -22.80 10.15
C ASN F 93 -29.28 -22.42 10.76
N VAL F 94 -29.22 -21.27 11.41
CA VAL F 94 -28.05 -20.82 12.16
C VAL F 94 -28.44 -20.69 13.63
N THR F 95 -27.66 -21.29 14.51
CA THR F 95 -27.81 -21.15 15.97
C THR F 95 -26.49 -20.62 16.50
N GLU F 96 -26.32 -19.30 16.45
CA GLU F 96 -25.09 -18.67 16.89
C GLU F 96 -25.15 -18.45 18.39
N GLU F 97 -24.12 -18.89 19.10
CA GLU F 97 -24.06 -18.69 20.54
C GLU F 97 -23.87 -17.20 20.84
N PHE F 98 -24.41 -16.77 21.97
CA PHE F 98 -24.32 -15.39 22.41
C PHE F 98 -23.96 -15.34 23.88
N ASN F 99 -23.25 -14.29 24.27
CA ASN F 99 -22.95 -14.01 25.67
C ASN F 99 -22.84 -12.49 25.77
N MET F 100 -23.96 -11.84 26.09
CA MET F 100 -23.98 -10.37 26.08
C MET F 100 -23.10 -9.79 27.18
N TRP F 101 -22.89 -10.54 28.27
CA TRP F 101 -21.99 -10.05 29.32
C TRP F 101 -20.56 -9.94 28.81
N LYS F 102 -20.11 -10.92 28.03
CA LYS F 102 -18.76 -10.93 27.48
C LYS F 102 -18.68 -10.25 26.12
N ASN F 103 -19.77 -9.62 25.67
CA ASN F 103 -19.77 -8.95 24.38
C ASN F 103 -18.73 -7.83 24.36
N ASN F 104 -18.04 -7.71 23.23
CA ASN F 104 -16.99 -6.70 23.09
C ASN F 104 -17.55 -5.31 22.81
N MET F 105 -18.71 -5.23 22.15
CA MET F 105 -19.23 -3.94 21.68
C MET F 105 -19.43 -2.97 22.83
N VAL F 106 -19.87 -3.46 23.99
CA VAL F 106 -20.21 -2.56 25.09
C VAL F 106 -18.97 -1.82 25.60
N GLU F 107 -17.85 -2.54 25.74
CA GLU F 107 -16.64 -1.91 26.29
C GLU F 107 -16.11 -0.83 25.35
N GLN F 108 -16.01 -1.15 24.06
CA GLN F 108 -15.50 -0.17 23.11
C GLN F 108 -16.47 0.99 22.94
N MET F 109 -17.77 0.73 23.02
CA MET F 109 -18.75 1.82 23.01
C MET F 109 -18.55 2.73 24.21
N HIS F 110 -18.31 2.14 25.39
CA HIS F 110 -18.07 2.94 26.59
C HIS F 110 -16.84 3.82 26.40
N THR F 111 -15.76 3.24 25.86
CA THR F 111 -14.54 4.01 25.64
C THR F 111 -14.78 5.14 24.65
N ASP F 112 -15.52 4.85 23.57
CA ASP F 112 -15.81 5.86 22.57
C ASP F 112 -16.63 7.00 23.16
N ILE F 113 -17.61 6.66 24.00
CA ILE F 113 -18.45 7.69 24.61
C ILE F 113 -17.62 8.53 25.57
N ILE F 114 -16.72 7.90 26.32
CA ILE F 114 -15.83 8.64 27.23
C ILE F 114 -14.99 9.63 26.42
N SER F 115 -14.40 9.16 25.32
CA SER F 115 -13.55 10.04 24.54
C SER F 115 -14.35 11.16 23.89
N LEU F 116 -15.58 10.86 23.45
CA LEU F 116 -16.44 11.92 22.93
C LEU F 116 -16.72 12.97 23.99
N TRP F 117 -16.99 12.52 25.22
CA TRP F 117 -17.21 13.43 26.33
C TRP F 117 -16.01 14.35 26.52
N ASP F 118 -14.81 13.76 26.59
CA ASP F 118 -13.62 14.55 26.81
C ASP F 118 -13.36 15.52 25.66
N GLN F 119 -13.55 15.06 24.42
CA GLN F 119 -13.31 15.91 23.27
C GLN F 119 -14.28 17.08 23.23
N SER F 120 -15.55 16.84 23.58
CA SER F 120 -16.50 17.94 23.61
C SER F 120 -16.22 18.89 24.75
N LEU F 121 -15.76 18.38 25.90
CA LEU F 121 -15.41 19.24 27.01
C LEU F 121 -14.19 20.11 26.70
N LYS F 122 -13.27 19.60 25.88
CA LYS F 122 -11.96 20.25 25.72
C LYS F 122 -12.04 21.67 25.19
N PRO F 123 -12.72 21.97 24.07
CA PRO F 123 -12.73 23.36 23.57
C PRO F 123 -13.73 24.24 24.32
N CYS F 124 -13.47 24.44 25.60
CA CYS F 124 -14.33 25.29 26.42
C CYS F 124 -13.49 25.94 27.52
N VAL F 125 -14.04 27.04 28.06
CA VAL F 125 -13.29 27.87 28.99
C VAL F 125 -12.99 27.09 30.27
N LYS F 126 -11.77 27.29 30.80
CA LYS F 126 -11.42 26.79 32.12
C LYS F 126 -11.95 27.73 33.19
N LEU F 127 -12.47 27.15 34.27
CA LEU F 127 -13.20 27.89 35.30
C LEU F 127 -12.48 27.81 36.64
N THR F 128 -11.15 27.90 36.61
CA THR F 128 -10.40 28.03 37.85
C THR F 128 -10.82 29.25 38.70
N PRO F 129 -11.17 30.42 38.13
CA PRO F 129 -11.37 31.60 39.01
C PRO F 129 -12.43 31.44 40.08
N LEU F 130 -13.45 30.60 39.89
CA LEU F 130 -14.43 30.41 40.95
C LEU F 130 -13.86 29.73 42.20
N CYS F 131 -12.66 29.19 42.14
CA CYS F 131 -11.98 28.69 43.33
C CYS F 131 -11.56 29.91 44.15
N VAL F 132 -12.51 30.45 44.90
CA VAL F 132 -12.28 31.61 45.76
C VAL F 132 -13.21 31.49 46.97
N THR F 133 -12.83 32.17 48.05
CA THR F 133 -13.68 32.19 49.24
C THR F 133 -15.04 32.79 48.91
N LEU F 134 -16.09 32.12 49.35
CA LEU F 134 -17.46 32.48 49.02
C LEU F 134 -18.15 33.01 50.26
N GLN F 135 -18.74 34.20 50.18
CA GLN F 135 -19.59 34.74 51.23
C GLN F 135 -21.03 34.43 50.84
N CYS F 136 -21.62 33.45 51.51
CA CYS F 136 -22.93 32.92 51.12
C CYS F 136 -23.94 33.12 52.24
N THR F 137 -25.20 33.29 51.82
CA THR F 137 -26.32 33.46 52.74
C THR F 137 -27.47 32.57 52.29
N ASN F 138 -28.33 32.26 53.26
CA ASN F 138 -29.57 31.56 52.97
C ASN F 138 -30.46 32.42 52.08
N VAL F 139 -31.51 31.79 51.54
CA VAL F 139 -32.51 32.45 50.73
C VAL F 139 -33.89 32.14 51.31
N THR F 140 -34.67 33.18 51.57
CA THR F 140 -36.02 33.01 52.10
C THR F 140 -36.95 34.02 51.44
N ASN F 141 -36.74 34.28 50.15
CA ASN F 141 -37.52 35.23 49.38
C ASN F 141 -38.54 34.44 48.54
N ASN F 142 -39.79 34.43 48.99
CA ASN F 142 -40.84 33.63 48.36
C ASN F 142 -40.42 32.16 48.27
N ILE F 143 -39.74 31.68 49.30
CA ILE F 143 -39.24 30.31 49.34
C ILE F 143 -40.40 29.42 49.77
N THR F 144 -40.21 28.11 49.64
CA THR F 144 -41.06 27.11 50.28
C THR F 144 -40.34 26.48 51.44
N ASP F 145 -41.13 25.89 52.35
CA ASP F 145 -40.55 25.12 53.44
C ASP F 145 -39.76 23.93 52.90
N ASP F 146 -40.15 23.40 51.74
CA ASP F 146 -39.45 22.25 51.17
C ASP F 146 -38.05 22.64 50.71
N MET F 147 -37.93 23.73 49.97
CA MET F 147 -36.62 24.25 49.54
C MET F 147 -36.01 25.14 50.62
N ARG F 148 -35.78 24.56 51.78
CA ARG F 148 -35.13 25.26 52.89
C ARG F 148 -33.64 24.91 52.86
N GLY F 149 -32.81 25.92 52.67
CA GLY F 149 -31.38 25.74 52.73
C GLY F 149 -30.80 24.78 51.72
N GLU F 150 -31.40 24.68 50.53
CA GLU F 150 -30.83 23.93 49.41
C GLU F 150 -30.14 24.84 48.41
N LEU F 151 -30.69 26.02 48.17
CA LEU F 151 -30.09 27.06 47.36
C LEU F 151 -29.43 28.08 48.28
N LYS F 152 -28.29 28.63 47.81
CA LYS F 152 -27.49 29.55 48.61
C LYS F 152 -27.02 30.70 47.73
N ASN F 153 -27.21 31.91 48.22
CA ASN F 153 -26.82 33.13 47.50
C ASN F 153 -25.39 33.50 47.90
N CYS F 154 -24.43 33.28 46.99
CA CYS F 154 -23.02 33.49 47.25
C CYS F 154 -22.49 34.70 46.49
N SER F 155 -21.47 35.33 47.06
CA SER F 155 -20.78 36.45 46.44
C SER F 155 -19.29 36.31 46.66
N PHE F 156 -18.51 36.95 45.80
CA PHE F 156 -17.07 36.78 45.81
C PHE F 156 -16.40 37.79 44.89
N ASN F 157 -15.09 37.95 45.09
CA ASN F 157 -14.29 38.69 44.12
C ASN F 157 -14.17 37.90 42.83
N MET F 158 -13.84 38.60 41.75
CA MET F 158 -13.67 37.95 40.47
C MET F 158 -12.79 38.83 39.59
N THR F 159 -12.12 38.21 38.63
CA THR F 159 -11.30 38.95 37.69
C THR F 159 -12.19 39.72 36.73
N THR F 160 -11.55 40.43 35.80
CA THR F 160 -12.25 41.25 34.82
C THR F 160 -11.56 41.05 33.47
N GLU F 161 -11.97 41.85 32.48
CA GLU F 161 -11.23 41.87 31.23
C GLU F 161 -9.78 42.27 31.47
N LEU F 162 -9.57 43.30 32.28
CA LEU F 162 -8.24 43.78 32.62
C LEU F 162 -7.83 43.22 33.98
N ARG F 163 -6.58 42.76 34.07
CA ARG F 163 -6.14 42.03 35.25
C ARG F 163 -6.14 42.89 36.50
N ASP F 164 -6.01 44.21 36.36
CA ASP F 164 -5.95 45.06 37.54
C ASP F 164 -7.31 45.17 38.23
N LYS F 165 -8.38 45.26 37.44
CA LYS F 165 -9.70 45.50 38.01
C LYS F 165 -10.32 44.20 38.48
N LYS F 166 -10.81 44.20 39.73
CA LYS F 166 -11.55 43.09 40.30
C LYS F 166 -12.98 43.53 40.57
N GLN F 167 -13.93 42.62 40.38
CA GLN F 167 -15.36 42.90 40.51
C GLN F 167 -15.96 41.99 41.56
N LYS F 168 -16.79 42.56 42.43
CA LYS F 168 -17.54 41.80 43.43
C LYS F 168 -18.83 41.34 42.78
N VAL F 169 -18.94 40.05 42.49
CA VAL F 169 -20.09 39.49 41.78
C VAL F 169 -20.67 38.33 42.58
N TYR F 170 -21.95 38.07 42.33
CA TYR F 170 -22.73 37.10 43.09
C TYR F 170 -23.48 36.18 42.15
N SER F 171 -23.74 34.98 42.64
CA SER F 171 -24.56 34.00 41.94
C SER F 171 -25.16 33.04 42.95
N LEU F 172 -26.02 32.16 42.45
CA LEU F 172 -26.76 31.21 43.27
C LEU F 172 -26.24 29.81 43.02
N PHE F 173 -25.93 29.10 44.10
CA PHE F 173 -25.43 27.73 44.04
C PHE F 173 -26.38 26.81 44.80
N TYR F 174 -26.15 25.51 44.63
CA TYR F 174 -26.94 24.46 45.29
C TYR F 174 -26.11 23.84 46.40
N ARG F 175 -26.77 23.52 47.52
CA ARG F 175 -26.05 23.07 48.71
C ARG F 175 -25.24 21.81 48.43
N LEU F 176 -25.72 20.94 47.53
CA LEU F 176 -24.98 19.73 47.20
C LEU F 176 -23.63 20.05 46.55
N ASP F 177 -23.45 21.27 46.05
CA ASP F 177 -22.28 21.66 45.29
C ASP F 177 -21.28 22.49 46.07
N VAL F 178 -21.54 22.79 47.34
CA VAL F 178 -20.76 23.77 48.09
C VAL F 178 -20.45 23.17 49.46
N VAL F 179 -19.31 23.56 50.02
CA VAL F 179 -18.83 23.04 51.30
C VAL F 179 -18.34 24.21 52.15
N GLN F 180 -18.65 24.15 53.45
CA GLN F 180 -18.22 25.17 54.39
C GLN F 180 -16.75 25.00 54.76
N ILE F 181 -16.12 26.12 55.09
CA ILE F 181 -14.72 26.17 55.49
C ILE F 181 -14.69 26.29 57.02
N ASN F 182 -14.15 25.26 57.68
CA ASN F 182 -14.04 25.24 59.12
C ASN F 182 -15.40 25.38 59.80
N ASN F 193 -18.14 34.41 59.81
CA ASN F 193 -18.28 33.02 59.36
C ASN F 193 -18.91 33.02 57.95
N LYS F 194 -19.83 32.07 57.68
CA LYS F 194 -20.51 31.93 56.37
C LYS F 194 -19.51 31.96 55.22
N GLU F 195 -18.39 31.25 55.39
CA GLU F 195 -17.37 31.10 54.36
C GLU F 195 -17.52 29.75 53.71
N TYR F 196 -17.47 29.73 52.37
CA TYR F 196 -17.84 28.56 51.60
C TYR F 196 -16.93 28.44 50.39
N ARG F 197 -16.89 27.24 49.80
CA ARG F 197 -16.12 27.01 48.58
C ARG F 197 -16.82 25.94 47.76
N LEU F 198 -16.44 25.87 46.48
CA LEU F 198 -16.94 24.80 45.62
C LEU F 198 -16.43 23.45 46.11
N ILE F 199 -17.30 22.44 46.05
CA ILE F 199 -16.96 21.14 46.61
C ILE F 199 -15.77 20.54 45.89
N ASN F 200 -15.72 20.65 44.56
CA ASN F 200 -14.65 20.07 43.78
C ASN F 200 -13.35 20.86 43.83
N CYS F 201 -13.36 22.06 44.39
CA CYS F 201 -12.20 22.94 44.30
C CYS F 201 -10.98 22.34 44.99
N ASN F 202 -11.18 21.52 46.01
CA ASN F 202 -10.09 20.89 46.72
C ASN F 202 -9.54 19.67 45.99
N THR F 203 -10.26 19.14 44.99
CA THR F 203 -9.96 17.85 44.39
C THR F 203 -9.28 17.97 43.04
N SER F 204 -9.89 18.67 42.09
CA SER F 204 -9.43 18.65 40.71
C SER F 204 -9.88 19.91 40.01
N ALA F 205 -9.26 20.16 38.85
CA ALA F 205 -9.61 21.32 38.04
C ALA F 205 -11.07 21.27 37.61
N ILE F 206 -11.56 22.41 37.15
CA ILE F 206 -12.95 22.60 36.78
C ILE F 206 -13.02 23.30 35.43
N THR F 207 -13.90 22.83 34.56
CA THR F 207 -14.12 23.42 33.25
C THR F 207 -15.63 23.49 33.01
N GLN F 208 -16.10 24.61 32.47
CA GLN F 208 -17.53 24.79 32.21
C GLN F 208 -17.80 24.49 30.74
N ALA F 209 -18.80 23.65 30.48
CA ALA F 209 -19.15 23.31 29.10
C ALA F 209 -19.75 24.51 28.39
N CYS F 210 -19.43 24.63 27.11
CA CYS F 210 -19.98 25.69 26.29
C CYS F 210 -21.47 25.43 26.11
N PRO F 211 -22.36 26.38 26.44
CA PRO F 211 -23.80 26.09 26.30
C PRO F 211 -24.27 25.89 24.87
N LYS F 212 -23.44 26.23 23.87
CA LYS F 212 -23.85 26.06 22.48
C LYS F 212 -24.15 24.61 22.17
N VAL F 213 -23.29 23.68 22.59
CA VAL F 213 -23.57 22.27 22.37
C VAL F 213 -24.71 21.83 23.27
N SER F 214 -25.36 20.74 22.88
CA SER F 214 -26.53 20.19 23.57
C SER F 214 -26.24 18.77 24.02
N PHE F 215 -26.80 18.42 25.18
CA PHE F 215 -26.64 17.10 25.76
C PHE F 215 -27.74 16.13 25.34
N GLU F 216 -28.62 16.52 24.43
CA GLU F 216 -29.66 15.63 23.96
C GLU F 216 -29.03 14.41 23.28
N PRO F 217 -29.33 13.18 23.70
CA PRO F 217 -28.66 12.03 23.07
C PRO F 217 -29.22 11.71 21.69
N ILE F 218 -28.47 12.07 20.66
CA ILE F 218 -28.87 11.75 19.29
C ILE F 218 -28.68 10.26 19.05
N PRO F 219 -29.59 9.56 18.38
CA PRO F 219 -29.36 8.13 18.13
C PRO F 219 -28.10 7.89 17.30
N ILE F 220 -27.38 6.83 17.64
CA ILE F 220 -26.10 6.51 17.01
C ILE F 220 -26.11 5.04 16.64
N HIS F 221 -25.68 4.73 15.42
CA HIS F 221 -25.53 3.35 14.95
C HIS F 221 -24.06 2.97 14.96
N TYR F 222 -23.78 1.72 15.34
CA TYR F 222 -22.42 1.18 15.33
C TYR F 222 -22.32 0.19 14.18
N CYS F 223 -21.47 0.51 13.20
CA CYS F 223 -21.31 -0.29 11.99
C CYS F 223 -19.88 -0.79 11.90
N ALA F 224 -19.72 -2.10 11.68
CA ALA F 224 -18.40 -2.70 11.58
C ALA F 224 -17.80 -2.47 10.20
N PRO F 225 -16.46 -2.44 10.08
CA PRO F 225 -15.86 -2.24 8.75
C PRO F 225 -15.92 -3.50 7.89
N ALA F 226 -15.29 -3.45 6.72
CA ALA F 226 -15.29 -4.56 5.79
C ALA F 226 -14.71 -5.81 6.45
N GLY F 227 -15.10 -6.97 5.91
CA GLY F 227 -14.67 -8.23 6.46
C GLY F 227 -15.26 -8.56 7.81
N PHE F 228 -16.30 -7.84 8.24
CA PHE F 228 -16.94 -8.07 9.53
C PHE F 228 -18.44 -7.98 9.32
N ALA F 229 -19.18 -8.65 10.21
CA ALA F 229 -20.63 -8.61 10.18
C ALA F 229 -21.17 -8.51 11.60
N ILE F 230 -22.41 -8.02 11.70
CA ILE F 230 -23.11 -7.90 12.97
C ILE F 230 -24.27 -8.89 12.93
N LEU F 231 -24.28 -9.82 13.88
CA LEU F 231 -25.29 -10.87 13.94
C LEU F 231 -26.31 -10.53 15.02
N LYS F 232 -27.45 -10.01 14.60
CA LYS F 232 -28.54 -9.72 15.53
C LYS F 232 -29.21 -11.02 15.95
N CYS F 233 -29.53 -11.11 17.24
CA CYS F 233 -30.26 -12.23 17.81
C CYS F 233 -31.74 -11.85 17.85
N LYS F 234 -32.52 -12.41 16.93
CA LYS F 234 -33.91 -12.00 16.79
C LYS F 234 -34.85 -12.69 17.76
N ASP F 235 -34.38 -13.64 18.56
CA ASP F 235 -35.27 -14.40 19.42
C ASP F 235 -35.93 -13.49 20.45
N LYS F 236 -37.24 -13.65 20.63
CA LYS F 236 -37.99 -12.76 21.49
C LYS F 236 -37.74 -13.04 22.97
N LYS F 237 -37.57 -14.31 23.33
CA LYS F 237 -37.40 -14.72 24.72
C LYS F 237 -35.94 -14.86 25.11
N PHE F 238 -35.02 -14.33 24.30
CA PHE F 238 -33.59 -14.48 24.57
C PHE F 238 -33.22 -13.82 25.89
N ASN F 239 -32.48 -14.55 26.72
CA ASN F 239 -32.14 -14.07 28.05
C ASN F 239 -30.78 -13.39 28.12
N GLY F 240 -29.84 -13.75 27.25
CA GLY F 240 -28.55 -13.10 27.22
C GLY F 240 -27.38 -14.04 26.96
N THR F 241 -27.53 -15.31 27.35
CA THR F 241 -26.48 -16.30 27.19
C THR F 241 -27.05 -17.54 26.54
N GLY F 242 -26.20 -18.21 25.75
CA GLY F 242 -26.56 -19.48 25.13
C GLY F 242 -26.91 -19.34 23.66
N PRO F 243 -27.47 -20.40 23.07
CA PRO F 243 -27.90 -20.31 21.68
C PRO F 243 -29.05 -19.33 21.50
N CYS F 244 -29.09 -18.72 20.31
CA CYS F 244 -30.19 -17.85 19.88
C CYS F 244 -30.60 -18.29 18.49
N PRO F 245 -31.46 -19.31 18.37
CA PRO F 245 -31.88 -19.75 17.04
C PRO F 245 -32.56 -18.66 16.23
N SER F 246 -32.42 -18.76 14.91
CA SER F 246 -32.99 -17.80 13.97
C SER F 246 -32.38 -16.41 14.14
N VAL F 247 -31.07 -16.33 13.94
CA VAL F 247 -30.35 -15.07 13.94
C VAL F 247 -30.52 -14.38 12.60
N SER F 248 -30.16 -13.10 12.55
CA SER F 248 -30.13 -12.33 11.32
C SER F 248 -28.81 -11.57 11.27
N THR F 249 -28.52 -10.94 10.13
CA THR F 249 -27.31 -10.13 9.98
C THR F 249 -27.69 -8.75 9.51
N VAL F 250 -26.94 -7.75 9.99
CA VAL F 250 -27.22 -6.35 9.70
C VAL F 250 -25.90 -5.63 9.44
N GLN F 251 -25.95 -4.65 8.54
CA GLN F 251 -24.78 -3.81 8.31
C GLN F 251 -24.56 -2.84 9.46
N CYS F 252 -25.65 -2.25 9.96
CA CYS F 252 -25.60 -1.29 11.05
C CYS F 252 -26.70 -1.59 12.05
N THR F 253 -26.38 -1.44 13.33
CA THR F 253 -27.39 -1.60 14.37
C THR F 253 -28.38 -0.44 14.30
N HIS F 254 -29.59 -0.71 14.77
CA HIS F 254 -30.61 0.33 14.85
C HIS F 254 -30.16 1.45 15.78
N GLY F 255 -30.91 2.54 15.75
CA GLY F 255 -30.57 3.72 16.54
C GLY F 255 -30.53 3.48 18.03
N ILE F 256 -29.39 3.80 18.64
CA ILE F 256 -29.18 3.68 20.08
C ILE F 256 -29.03 5.10 20.63
N LYS F 257 -29.85 5.43 21.61
CA LYS F 257 -29.76 6.75 22.23
C LYS F 257 -28.72 6.69 23.34
N PRO F 258 -27.58 7.40 23.24
CA PRO F 258 -26.59 7.30 24.33
C PRO F 258 -27.02 8.05 25.58
N VAL F 259 -28.04 7.53 26.25
CA VAL F 259 -28.52 8.12 27.48
C VAL F 259 -27.56 7.78 28.62
N VAL F 260 -27.51 8.65 29.62
CA VAL F 260 -26.76 8.41 30.86
C VAL F 260 -27.77 8.43 32.01
N SER F 261 -28.05 7.27 32.56
CA SER F 261 -28.99 7.14 33.67
C SER F 261 -28.55 6.01 34.57
N THR F 262 -28.90 6.12 35.85
CA THR F 262 -28.54 5.14 36.87
C THR F 262 -29.81 4.66 37.56
N GLN F 263 -29.84 3.35 37.83
CA GLN F 263 -30.93 2.68 38.55
C GLN F 263 -32.23 2.60 37.76
N LEU F 264 -32.31 3.24 36.59
CA LEU F 264 -33.59 3.35 35.89
C LEU F 264 -33.28 3.69 34.44
N LEU F 265 -33.39 2.70 33.55
CA LEU F 265 -33.10 2.94 32.14
C LEU F 265 -34.16 3.85 31.53
N LEU F 266 -33.73 4.76 30.65
CA LEU F 266 -34.60 5.75 30.05
C LEU F 266 -34.46 5.75 28.54
N ASN F 267 -35.58 5.91 27.84
CA ASN F 267 -35.62 6.07 26.39
C ASN F 267 -34.90 4.92 25.68
N GLY F 268 -34.96 3.73 26.26
CA GLY F 268 -34.37 2.55 25.66
C GLY F 268 -35.35 1.80 24.78
N SER F 269 -34.90 0.65 24.28
CA SER F 269 -35.79 -0.23 23.55
C SER F 269 -36.75 -0.91 24.53
N LEU F 270 -37.68 -1.70 23.98
CA LEU F 270 -38.69 -2.40 24.75
C LEU F 270 -38.59 -3.89 24.48
N ALA F 271 -38.71 -4.69 25.54
CA ALA F 271 -38.88 -6.12 25.35
C ALA F 271 -40.15 -6.36 24.54
N GLU F 272 -40.03 -7.17 23.49
CA GLU F 272 -41.06 -7.16 22.45
C GLU F 272 -42.37 -7.77 22.94
N GLU F 273 -42.32 -8.78 23.82
CA GLU F 273 -43.50 -9.51 24.26
C GLU F 273 -43.75 -9.46 25.76
N GLU F 274 -42.72 -9.61 26.58
CA GLU F 274 -42.91 -9.67 28.02
C GLU F 274 -41.65 -9.18 28.73
N VAL F 275 -41.80 -8.87 30.02
CA VAL F 275 -40.66 -8.45 30.82
C VAL F 275 -39.61 -9.55 30.83
N MET F 276 -38.34 -9.16 30.78
CA MET F 276 -37.24 -10.12 30.74
C MET F 276 -36.22 -9.77 31.81
N ILE F 277 -35.59 -10.81 32.34
CA ILE F 277 -34.61 -10.71 33.42
C ILE F 277 -33.31 -11.32 32.92
N ARG F 278 -32.20 -10.60 33.09
CA ARG F 278 -30.89 -11.04 32.64
C ARG F 278 -29.88 -10.90 33.76
N SER F 279 -28.97 -11.87 33.86
CA SER F 279 -28.00 -11.91 34.94
C SER F 279 -26.80 -12.74 34.52
N GLU F 280 -25.61 -12.26 34.87
CA GLU F 280 -24.40 -13.05 34.64
C GLU F 280 -24.47 -14.36 35.42
N ASN F 281 -24.83 -14.29 36.70
CA ASN F 281 -25.02 -15.46 37.53
C ASN F 281 -26.09 -15.03 38.55
N ILE F 282 -27.35 -15.35 38.24
CA ILE F 282 -28.46 -14.88 39.04
C ILE F 282 -28.40 -15.43 40.45
N THR F 283 -27.78 -16.60 40.62
CA THR F 283 -27.53 -17.10 41.98
C THR F 283 -26.54 -16.21 42.70
N ASN F 284 -25.54 -15.69 41.99
CA ASN F 284 -24.57 -14.79 42.59
C ASN F 284 -25.22 -13.43 42.80
N ASN F 285 -25.21 -12.97 44.06
CA ASN F 285 -25.83 -11.68 44.38
C ASN F 285 -24.96 -10.51 43.91
N ALA F 286 -23.64 -10.68 43.87
CA ALA F 286 -22.76 -9.56 43.58
C ALA F 286 -22.95 -9.00 42.17
N LYS F 287 -23.47 -9.80 41.25
CA LYS F 287 -23.67 -9.35 39.87
C LYS F 287 -25.02 -8.66 39.75
N ASN F 288 -25.01 -7.45 39.21
CA ASN F 288 -26.25 -6.70 39.04
C ASN F 288 -27.16 -7.40 38.04
N ILE F 289 -28.45 -7.41 38.34
CA ILE F 289 -29.47 -8.00 37.48
C ILE F 289 -30.08 -6.90 36.63
N LEU F 290 -30.22 -7.15 35.34
CA LEU F 290 -30.88 -6.25 34.42
C LEU F 290 -32.30 -6.70 34.16
N VAL F 291 -33.22 -5.73 34.08
CA VAL F 291 -34.62 -6.00 33.76
C VAL F 291 -34.99 -5.14 32.57
N GLN F 292 -35.61 -5.76 31.56
CA GLN F 292 -36.14 -5.07 30.40
C GLN F 292 -37.66 -5.15 30.43
N PHE F 293 -38.32 -3.99 30.37
CA PHE F 293 -39.76 -3.92 30.49
C PHE F 293 -40.45 -4.37 29.21
N ASN F 294 -41.65 -4.95 29.37
CA ASN F 294 -42.47 -5.27 28.22
C ASN F 294 -42.97 -4.01 27.53
N THR F 295 -43.54 -3.09 28.30
CA THR F 295 -44.12 -1.86 27.82
C THR F 295 -43.53 -0.69 28.59
N PRO F 296 -43.45 0.49 27.99
CA PRO F 296 -42.88 1.64 28.71
C PRO F 296 -43.81 2.09 29.82
N VAL F 297 -43.24 2.80 30.78
CA VAL F 297 -44.03 3.58 31.74
C VAL F 297 -43.60 5.04 31.62
N GLN F 298 -44.57 5.92 31.42
CA GLN F 298 -44.25 7.33 31.23
C GLN F 298 -43.86 7.97 32.55
N ILE F 299 -42.79 8.78 32.51
CA ILE F 299 -42.32 9.52 33.66
C ILE F 299 -42.14 10.97 33.25
N ASN F 300 -42.77 11.88 34.00
CA ASN F 300 -42.60 13.31 33.82
C ASN F 300 -41.59 13.81 34.84
N CYS F 301 -40.83 14.83 34.47
CA CYS F 301 -39.88 15.43 35.39
C CYS F 301 -39.80 16.92 35.09
N THR F 302 -39.72 17.75 36.13
CA THR F 302 -39.77 19.21 35.88
C THR F 302 -39.07 20.05 36.94
N ARG F 303 -38.11 20.90 36.54
CA ARG F 303 -37.56 21.90 37.49
C ARG F 303 -38.49 23.10 37.26
N PRO F 304 -39.35 23.52 38.20
CA PRO F 304 -40.39 24.51 37.90
C PRO F 304 -39.92 25.95 37.87
N ASN F 305 -38.78 26.26 38.47
CA ASN F 305 -38.37 27.65 38.65
C ASN F 305 -38.12 28.33 37.31
N ASN F 306 -38.51 29.60 37.22
CA ASN F 306 -38.25 30.42 36.04
C ASN F 306 -36.86 31.03 36.21
N ASN F 307 -35.84 30.31 35.72
CA ASN F 307 -34.47 30.72 35.94
C ASN F 307 -34.12 31.93 35.09
N THR F 308 -33.09 32.65 35.55
CA THR F 308 -32.49 33.74 34.80
C THR F 308 -30.97 33.56 34.82
N ARG F 309 -30.34 33.84 33.68
CA ARG F 309 -28.92 33.60 33.48
C ARG F 309 -28.22 34.92 33.16
N LYS F 310 -27.02 35.09 33.69
CA LYS F 310 -26.21 36.27 33.45
C LYS F 310 -24.82 35.85 33.02
N SER F 311 -24.14 36.75 32.29
CA SER F 311 -22.81 36.50 31.76
C SER F 311 -21.81 37.41 32.44
N ILE F 312 -20.66 36.84 32.80
CA ILE F 312 -19.57 37.58 33.43
C ILE F 312 -18.31 37.33 32.61
N ARG F 313 -17.65 38.40 32.20
CA ARG F 313 -16.41 38.30 31.43
C ARG F 313 -15.26 38.15 32.41
N ILE F 314 -14.70 36.94 32.49
CA ILE F 314 -13.64 36.64 33.43
C ILE F 314 -12.27 36.90 32.82
N GLY F 315 -12.04 36.36 31.63
CA GLY F 315 -10.82 36.57 30.89
C GLY F 315 -11.08 37.41 29.66
N PRO F 316 -10.10 37.50 28.76
CA PRO F 316 -10.34 38.21 27.50
C PRO F 316 -11.27 37.41 26.59
N GLY F 317 -12.57 37.56 26.83
CA GLY F 317 -13.58 36.79 26.13
C GLY F 317 -13.92 35.46 26.77
N GLN F 318 -13.23 35.07 27.84
CA GLN F 318 -13.51 33.83 28.56
C GLN F 318 -14.76 34.03 29.39
N ALA F 319 -15.90 34.02 28.72
CA ALA F 319 -17.18 34.27 29.37
C ALA F 319 -17.53 33.15 30.33
N PHE F 320 -18.32 33.47 31.35
CA PHE F 320 -18.78 32.50 32.34
C PHE F 320 -20.24 32.80 32.66
N TYR F 321 -21.08 31.77 32.60
CA TYR F 321 -22.51 31.91 32.81
C TYR F 321 -22.84 31.58 34.26
N ALA F 322 -23.62 32.46 34.89
CA ALA F 322 -23.98 32.34 36.30
C ALA F 322 -25.50 32.43 36.44
N THR F 323 -26.00 31.77 37.48
CA THR F 323 -27.42 31.80 37.77
C THR F 323 -27.87 33.22 38.12
N GLY F 324 -29.19 33.42 38.17
CA GLY F 324 -29.77 34.70 38.45
C GLY F 324 -31.02 34.56 39.30
N ASP F 325 -31.64 35.70 39.59
CA ASP F 325 -32.82 35.72 40.45
C ASP F 325 -33.93 34.90 39.81
N ILE F 326 -34.57 34.06 40.63
CA ILE F 326 -35.77 33.33 40.23
C ILE F 326 -36.94 34.28 40.38
N ILE F 327 -37.38 34.86 39.26
CA ILE F 327 -38.51 35.78 39.27
C ILE F 327 -39.78 34.95 39.41
N GLY F 328 -40.25 34.79 40.64
CA GLY F 328 -41.38 33.92 40.93
C GLY F 328 -41.23 33.20 42.25
N ASP F 329 -41.64 31.94 42.29
CA ASP F 329 -41.62 31.13 43.50
C ASP F 329 -40.70 29.94 43.27
N ILE F 330 -39.89 29.62 44.28
CA ILE F 330 -38.89 28.56 44.19
C ILE F 330 -39.53 27.31 44.75
N ARG F 331 -40.20 26.55 43.89
CA ARG F 331 -40.68 25.23 44.25
C ARG F 331 -39.52 24.24 44.05
N GLN F 332 -39.74 22.98 44.39
CA GLN F 332 -38.72 21.95 44.21
C GLN F 332 -38.94 21.18 42.91
N ALA F 333 -37.84 20.74 42.31
CA ALA F 333 -37.93 19.89 41.14
C ALA F 333 -38.48 18.53 41.54
N HIS F 334 -39.38 18.00 40.72
CA HIS F 334 -40.06 16.76 41.04
C HIS F 334 -40.23 15.89 39.80
N CYS F 335 -40.23 14.57 40.02
CA CYS F 335 -40.49 13.59 38.98
C CYS F 335 -41.75 12.83 39.36
N ASN F 336 -42.73 12.83 38.46
CA ASN F 336 -43.98 12.10 38.64
C ASN F 336 -44.00 10.85 37.80
N VAL F 337 -44.51 9.77 38.38
CA VAL F 337 -44.71 8.51 37.65
C VAL F 337 -46.06 7.94 38.05
N SER F 338 -46.75 7.33 37.09
CA SER F 338 -48.08 6.78 37.34
C SER F 338 -48.01 5.66 38.37
N LYS F 339 -48.90 5.71 39.36
CA LYS F 339 -48.90 4.71 40.40
C LYS F 339 -49.37 3.36 39.87
N ALA F 340 -50.46 3.34 39.13
CA ALA F 340 -51.05 2.07 38.69
C ALA F 340 -50.21 1.40 37.63
N THR F 341 -49.70 2.17 36.66
CA THR F 341 -48.83 1.59 35.64
C THR F 341 -47.57 1.01 36.26
N TRP F 342 -46.97 1.74 37.20
CA TRP F 342 -45.80 1.24 37.90
C TRP F 342 -46.14 0.00 38.71
N ASN F 343 -47.33 -0.02 39.31
CA ASN F 343 -47.77 -1.19 40.08
C ASN F 343 -47.83 -2.42 39.21
N GLU F 344 -48.50 -2.32 38.06
CA GLU F 344 -48.64 -3.49 37.19
C GLU F 344 -47.29 -3.90 36.60
N THR F 345 -46.43 -2.92 36.27
CA THR F 345 -45.12 -3.27 35.75
C THR F 345 -44.30 -4.00 36.81
N LEU F 346 -44.37 -3.53 38.06
CA LEU F 346 -43.66 -4.22 39.13
C LEU F 346 -44.22 -5.63 39.31
N GLY F 347 -45.54 -5.79 39.16
CA GLY F 347 -46.13 -7.11 39.21
C GLY F 347 -45.59 -8.02 38.12
N LYS F 348 -45.48 -7.49 36.91
CA LYS F 348 -44.96 -8.28 35.80
C LYS F 348 -43.53 -8.74 36.07
N VAL F 349 -42.65 -7.81 36.49
CA VAL F 349 -41.26 -8.19 36.69
C VAL F 349 -41.14 -9.18 37.85
N VAL F 350 -41.89 -8.98 38.94
CA VAL F 350 -41.74 -9.90 40.05
C VAL F 350 -42.28 -11.27 39.69
N LYS F 351 -43.37 -11.33 38.91
CA LYS F 351 -43.87 -12.62 38.45
C LYS F 351 -42.83 -13.32 37.59
N GLN F 352 -42.15 -12.57 36.71
CA GLN F 352 -41.11 -13.19 35.90
C GLN F 352 -39.95 -13.67 36.77
N LEU F 353 -39.58 -12.87 37.77
CA LEU F 353 -38.46 -13.23 38.63
C LEU F 353 -38.77 -14.46 39.49
N ARG F 354 -40.06 -14.69 39.77
CA ARG F 354 -40.45 -15.84 40.58
C ARG F 354 -39.98 -17.16 39.99
N LYS F 355 -39.79 -17.21 38.66
CA LYS F 355 -39.32 -18.42 38.01
C LYS F 355 -37.89 -18.79 38.41
N HIS F 356 -37.14 -17.89 39.05
CA HIS F 356 -35.76 -18.12 39.43
C HIS F 356 -35.54 -18.24 40.93
N PHE F 357 -36.38 -17.61 41.75
CA PHE F 357 -36.20 -17.54 43.20
C PHE F 357 -37.40 -18.15 43.92
N GLY F 358 -37.89 -19.27 43.44
CA GLY F 358 -39.04 -19.90 44.06
C GLY F 358 -40.33 -19.24 43.65
N ASN F 359 -41.35 -20.02 43.36
CA ASN F 359 -42.61 -19.49 42.84
C ASN F 359 -43.63 -19.17 43.93
N ASN F 360 -43.27 -19.36 45.21
CA ASN F 360 -44.17 -19.06 46.33
C ASN F 360 -43.55 -18.17 47.39
N THR F 361 -42.23 -18.01 47.42
CA THR F 361 -41.59 -17.16 48.41
C THR F 361 -41.98 -15.69 48.19
N ILE F 362 -41.56 -14.84 49.13
CA ILE F 362 -41.89 -13.42 49.13
C ILE F 362 -40.67 -12.66 48.61
N ILE F 363 -40.91 -11.70 47.72
CA ILE F 363 -39.88 -10.86 47.13
C ILE F 363 -40.17 -9.41 47.51
N ARG F 364 -39.15 -8.73 48.02
CA ARG F 364 -39.27 -7.38 48.55
C ARG F 364 -38.40 -6.42 47.75
N PHE F 365 -38.82 -5.16 47.70
CA PHE F 365 -38.06 -4.08 47.08
C PHE F 365 -37.72 -3.05 48.14
N ALA F 366 -36.44 -2.65 48.18
CA ALA F 366 -35.94 -1.67 49.13
C ALA F 366 -35.13 -0.63 48.39
N ASN F 367 -34.97 0.54 49.01
CA ASN F 367 -34.21 1.61 48.38
C ASN F 367 -32.71 1.30 48.45
N SER F 368 -31.92 2.16 47.82
CA SER F 368 -30.48 1.95 47.76
C SER F 368 -29.88 2.03 49.16
N SER F 369 -28.89 1.16 49.41
CA SER F 369 -28.30 1.10 50.74
C SER F 369 -27.61 2.40 51.12
N GLY F 370 -26.85 2.97 50.20
CA GLY F 370 -26.13 4.20 50.48
C GLY F 370 -24.88 4.29 49.64
N GLY F 371 -24.20 5.43 49.77
CA GLY F 371 -22.97 5.73 49.07
C GLY F 371 -23.01 7.13 48.50
N ASP F 372 -22.14 7.37 47.53
CA ASP F 372 -22.16 8.64 46.80
C ASP F 372 -23.52 8.82 46.13
N LEU F 373 -23.93 10.09 45.98
CA LEU F 373 -25.32 10.40 45.65
C LEU F 373 -25.75 9.81 44.32
N GLU F 374 -24.82 9.63 43.38
CA GLU F 374 -25.22 9.12 42.07
C GLU F 374 -25.73 7.68 42.16
N VAL F 375 -25.05 6.83 42.94
CA VAL F 375 -25.50 5.45 43.04
C VAL F 375 -26.77 5.36 43.88
N THR F 376 -26.87 6.19 44.93
CA THR F 376 -28.03 6.13 45.80
C THR F 376 -29.31 6.54 45.06
N THR F 377 -29.22 7.58 44.23
CA THR F 377 -30.37 8.23 43.65
C THR F 377 -30.42 7.98 42.15
N HIS F 378 -31.62 8.10 41.59
CA HIS F 378 -31.80 8.03 40.15
C HIS F 378 -31.28 9.32 39.54
N SER F 379 -30.18 9.23 38.80
CA SER F 379 -29.52 10.39 38.21
C SER F 379 -29.75 10.39 36.70
N PHE F 380 -29.96 11.58 36.14
CA PHE F 380 -30.12 11.71 34.69
C PHE F 380 -30.13 13.19 34.34
N ASN F 381 -29.78 13.47 33.09
CA ASN F 381 -29.78 14.83 32.57
C ASN F 381 -30.83 14.97 31.48
N CYS F 382 -31.69 15.98 31.65
CA CYS F 382 -32.76 16.25 30.65
C CYS F 382 -32.87 17.77 30.47
N GLY F 383 -33.11 18.22 29.25
CA GLY F 383 -33.23 19.64 28.97
C GLY F 383 -31.93 20.41 29.14
N GLY F 384 -30.79 19.73 29.12
CA GLY F 384 -29.52 20.39 29.36
C GLY F 384 -29.18 20.61 30.81
N GLU F 385 -29.99 20.10 31.75
CA GLU F 385 -29.71 20.23 33.18
C GLU F 385 -29.86 18.87 33.84
N PHE F 386 -29.19 18.72 34.98
CA PHE F 386 -29.04 17.44 35.64
C PHE F 386 -30.02 17.31 36.81
N PHE F 387 -30.32 16.06 37.15
CA PHE F 387 -31.36 15.71 38.09
C PHE F 387 -30.89 14.50 38.89
N TYR F 388 -31.12 14.56 40.21
CA TYR F 388 -30.91 13.42 41.10
C TYR F 388 -32.16 13.27 41.95
N CYS F 389 -32.79 12.10 41.89
CA CYS F 389 -34.10 11.87 42.50
C CYS F 389 -34.03 10.74 43.51
N ASN F 390 -34.74 10.94 44.63
CA ASN F 390 -34.70 9.99 45.74
C ASN F 390 -35.19 8.61 45.32
N THR F 391 -36.28 8.57 44.56
CA THR F 391 -36.86 7.34 43.99
C THR F 391 -37.02 6.21 45.02
N SER F 392 -37.22 6.58 46.29
CA SER F 392 -37.41 5.57 47.32
C SER F 392 -38.81 4.97 47.27
N GLY F 393 -39.81 5.77 46.92
CA GLY F 393 -41.17 5.28 46.90
C GLY F 393 -41.38 4.17 45.88
N LEU F 394 -40.76 4.31 44.71
CA LEU F 394 -40.93 3.30 43.67
C LEU F 394 -40.32 1.96 44.06
N PHE F 395 -39.35 1.95 44.98
CA PHE F 395 -38.62 0.76 45.35
C PHE F 395 -38.78 0.45 46.85
N ASN F 396 -39.90 0.86 47.44
CA ASN F 396 -40.28 0.48 48.79
C ASN F 396 -41.65 -0.17 48.64
N SER F 397 -41.64 -1.46 48.33
CA SER F 397 -42.86 -2.27 48.23
C SER F 397 -42.48 -3.71 48.43
N THR F 398 -43.44 -4.50 48.92
CA THR F 398 -43.24 -5.91 49.20
C THR F 398 -44.23 -6.73 48.37
N TRP F 399 -43.73 -7.81 47.78
CA TRP F 399 -44.54 -8.84 47.13
C TRP F 399 -45.11 -8.38 45.79
N ILE F 400 -44.85 -7.15 45.36
CA ILE F 400 -45.39 -6.63 44.10
C ILE F 400 -44.65 -5.36 43.74
N ASP F 415 -53.23 7.68 41.76
CA ASP F 415 -52.97 7.27 40.38
C ASP F 415 -51.60 7.75 39.90
N SER F 416 -51.06 8.80 40.53
CA SER F 416 -49.74 9.33 40.23
C SER F 416 -49.00 9.56 41.54
N ILE F 417 -47.69 9.34 41.52
CA ILE F 417 -46.83 9.53 42.68
C ILE F 417 -45.67 10.43 42.31
N THR F 418 -45.39 11.39 43.20
CA THR F 418 -44.33 12.37 43.06
C THR F 418 -43.06 11.87 43.75
N LEU F 419 -41.92 12.40 43.30
CA LEU F 419 -40.63 12.11 43.89
C LEU F 419 -39.85 13.42 43.93
N PRO F 420 -39.23 13.78 45.06
CA PRO F 420 -38.33 14.94 45.06
C PRO F 420 -37.11 14.68 44.19
N CYS F 421 -36.56 15.76 43.64
CA CYS F 421 -35.37 15.67 42.82
C CYS F 421 -34.48 16.87 43.11
N ARG F 422 -33.23 16.59 43.47
CA ARG F 422 -32.27 17.61 43.88
C ARG F 422 -31.23 17.75 42.79
N ILE F 423 -30.92 19.00 42.42
CA ILE F 423 -30.16 19.31 41.23
C ILE F 423 -28.73 19.67 41.63
N LYS F 424 -27.77 19.09 40.92
CA LYS F 424 -26.35 19.38 41.07
C LYS F 424 -25.83 20.06 39.81
N GLN F 425 -24.82 20.90 39.97
CA GLN F 425 -24.21 21.63 38.86
C GLN F 425 -22.82 21.11 38.54
N ILE F 426 -21.92 21.08 39.52
CA ILE F 426 -20.63 20.43 39.32
C ILE F 426 -20.85 18.92 39.26
N ILE F 427 -20.36 18.29 38.20
CA ILE F 427 -20.62 16.89 37.93
C ILE F 427 -19.30 16.21 37.61
N ASN F 428 -18.98 15.15 38.34
CA ASN F 428 -17.87 14.26 38.00
C ASN F 428 -18.47 13.07 37.28
N MET F 429 -18.80 13.30 36.01
CA MET F 429 -19.51 12.33 35.20
C MET F 429 -18.70 11.03 35.13
N TRP F 430 -19.40 9.92 34.94
CA TRP F 430 -18.84 8.56 35.00
C TRP F 430 -18.29 8.38 36.42
N GLN F 431 -17.16 7.69 36.60
CA GLN F 431 -16.59 7.43 37.92
C GLN F 431 -15.19 8.02 38.06
N ARG F 432 -14.77 8.88 37.14
CA ARG F 432 -13.45 9.51 37.24
C ARG F 432 -13.42 10.48 38.41
N ILE F 433 -12.22 11.02 38.67
CA ILE F 433 -12.06 12.08 39.65
C ILE F 433 -11.21 13.24 39.14
N GLY F 434 -10.40 13.06 38.09
CA GLY F 434 -9.50 14.10 37.63
C GLY F 434 -10.15 15.21 36.84
N GLN F 435 -11.38 15.01 36.37
CA GLN F 435 -12.12 16.01 35.61
C GLN F 435 -13.47 16.24 36.27
N ALA F 436 -14.04 17.41 36.00
CA ALA F 436 -15.34 17.77 36.55
C ALA F 436 -15.91 18.98 35.83
N MET F 437 -17.16 18.88 35.39
CA MET F 437 -17.78 19.92 34.56
C MET F 437 -18.73 20.75 35.41
N TYR F 438 -18.75 22.05 35.13
CA TYR F 438 -19.78 22.95 35.65
C TYR F 438 -20.97 22.95 34.70
N ALA F 439 -22.16 22.80 35.25
CA ALA F 439 -23.37 22.78 34.43
C ALA F 439 -23.79 24.22 34.10
N PRO F 440 -23.83 24.62 32.84
CA PRO F 440 -24.36 25.96 32.53
C PRO F 440 -25.84 26.03 32.86
N PRO F 441 -26.28 26.90 33.77
CA PRO F 441 -27.71 26.94 34.07
C PRO F 441 -28.54 27.32 32.85
N ILE F 442 -29.69 26.67 32.71
CA ILE F 442 -30.56 26.84 31.55
C ILE F 442 -31.67 27.80 31.93
N GLN F 443 -31.87 28.83 31.12
CA GLN F 443 -32.87 29.84 31.41
C GLN F 443 -34.27 29.23 31.39
N GLY F 444 -35.06 29.58 32.39
CA GLY F 444 -36.48 29.26 32.38
C GLY F 444 -36.79 27.90 32.98
N VAL F 445 -38.11 27.64 33.03
CA VAL F 445 -38.60 26.35 33.51
C VAL F 445 -38.07 25.23 32.65
N ILE F 446 -37.91 24.05 33.26
CA ILE F 446 -37.47 22.85 32.56
C ILE F 446 -38.51 21.76 32.76
N ARG F 447 -38.88 21.09 31.68
CA ARG F 447 -39.89 20.04 31.72
C ARG F 447 -39.52 18.99 30.68
N CYS F 448 -39.55 17.72 31.07
CA CYS F 448 -39.16 16.65 30.16
C CYS F 448 -39.94 15.39 30.50
N VAL F 449 -40.53 14.77 29.48
CA VAL F 449 -41.23 13.50 29.58
C VAL F 449 -40.35 12.42 28.97
N SER F 450 -40.46 11.21 29.48
CA SER F 450 -39.68 10.12 28.90
C SER F 450 -40.35 8.78 29.22
N ASN F 451 -40.22 7.86 28.27
CA ASN F 451 -40.53 6.46 28.57
C ASN F 451 -39.47 5.90 29.50
N ILE F 452 -39.87 4.94 30.32
CA ILE F 452 -38.96 4.14 31.11
C ILE F 452 -39.14 2.68 30.70
N THR F 453 -38.01 2.00 30.47
CA THR F 453 -37.99 0.69 29.83
C THR F 453 -37.18 -0.37 30.55
N GLY F 454 -36.42 -0.02 31.58
CA GLY F 454 -35.58 -1.02 32.24
C GLY F 454 -35.12 -0.63 33.62
N LEU F 455 -34.66 -1.63 34.36
CA LEU F 455 -34.20 -1.49 35.73
C LEU F 455 -32.86 -2.20 35.92
N ILE F 456 -32.09 -1.70 36.88
CA ILE F 456 -30.80 -2.27 37.26
C ILE F 456 -30.87 -2.54 38.76
N LEU F 457 -31.15 -3.79 39.13
CA LEU F 457 -31.34 -4.18 40.51
C LEU F 457 -30.15 -4.99 41.01
N THR F 458 -30.10 -5.19 42.32
CA THR F 458 -29.08 -6.03 42.94
C THR F 458 -29.69 -6.70 44.16
N ARG F 459 -29.16 -7.87 44.50
CA ARG F 459 -29.63 -8.68 45.60
C ARG F 459 -28.68 -8.59 46.78
N ASP F 460 -29.20 -8.92 47.96
CA ASP F 460 -28.43 -8.88 49.20
C ASP F 460 -28.59 -10.19 49.96
N SER F 466 -33.55 -15.80 53.72
CA SER F 466 -33.36 -17.03 52.95
C SER F 466 -34.68 -17.49 52.35
N THR F 467 -35.77 -17.34 53.11
CA THR F 467 -37.11 -17.65 52.63
C THR F 467 -37.76 -16.51 51.88
N THR F 468 -37.17 -15.32 51.88
CA THR F 468 -37.68 -14.18 51.13
C THR F 468 -36.49 -13.38 50.61
N GLU F 469 -36.70 -12.72 49.47
CA GLU F 469 -35.65 -12.00 48.77
C GLU F 469 -35.91 -10.51 48.80
N THR F 470 -34.82 -9.73 48.91
CA THR F 470 -34.87 -8.28 48.89
C THR F 470 -33.97 -7.79 47.76
N PHE F 471 -34.48 -6.85 46.97
CA PHE F 471 -33.75 -6.26 45.85
C PHE F 471 -33.70 -4.75 46.03
N ARG F 472 -32.59 -4.16 45.59
CA ARG F 472 -32.35 -2.73 45.68
C ARG F 472 -31.89 -2.18 44.35
N PRO F 473 -32.24 -0.94 43.99
CA PRO F 473 -31.61 -0.33 42.82
C PRO F 473 -30.11 -0.18 43.03
N GLY F 474 -29.36 -0.37 41.95
CA GLY F 474 -27.92 -0.26 41.98
C GLY F 474 -27.37 0.27 40.68
N GLY F 475 -26.32 -0.37 40.18
CA GLY F 475 -25.72 0.03 38.92
C GLY F 475 -24.60 1.02 39.14
N GLY F 476 -24.66 2.14 38.42
CA GLY F 476 -23.60 3.12 38.42
C GLY F 476 -22.50 2.85 37.43
N ASP F 477 -22.49 1.68 36.79
CA ASP F 477 -21.51 1.32 35.76
C ASP F 477 -22.24 1.35 34.43
N MET F 478 -21.88 2.31 33.57
CA MET F 478 -22.57 2.49 32.30
C MET F 478 -22.39 1.32 31.36
N ARG F 479 -21.43 0.43 31.62
CA ARG F 479 -21.34 -0.81 30.87
C ARG F 479 -22.66 -1.56 30.95
N ASP F 480 -23.27 -1.57 32.13
CA ASP F 480 -24.59 -2.19 32.27
C ASP F 480 -25.63 -1.44 31.44
N ASN F 481 -25.55 -0.11 31.40
CA ASN F 481 -26.50 0.65 30.59
C ASN F 481 -26.39 0.28 29.12
N TRP F 482 -25.18 0.11 28.61
CA TRP F 482 -25.03 -0.26 27.21
C TRP F 482 -25.46 -1.71 26.98
N ARG F 483 -25.17 -2.58 27.94
CA ARG F 483 -25.65 -3.95 27.86
C ARG F 483 -27.17 -4.01 27.83
N SER F 484 -27.83 -3.04 28.47
CA SER F 484 -29.28 -2.99 28.42
C SER F 484 -29.80 -2.85 26.99
N GLU F 485 -28.99 -2.26 26.11
CA GLU F 485 -29.36 -2.05 24.71
C GLU F 485 -28.62 -2.99 23.77
N LEU F 486 -27.28 -3.02 23.83
CA LEU F 486 -26.48 -3.87 22.93
C LEU F 486 -26.39 -5.29 23.48
N TYR F 487 -27.56 -5.93 23.57
CA TYR F 487 -27.67 -7.33 23.93
C TYR F 487 -28.06 -8.21 22.75
N LYS F 488 -28.71 -7.64 21.74
CA LYS F 488 -29.11 -8.41 20.57
C LYS F 488 -27.95 -8.69 19.64
N TYR F 489 -26.92 -7.84 19.62
CA TYR F 489 -25.95 -7.81 18.54
C TYR F 489 -24.63 -8.44 18.98
N LYS F 490 -23.77 -8.67 18.00
CA LYS F 490 -22.48 -9.33 18.18
C LYS F 490 -21.71 -9.20 16.89
N VAL F 491 -20.40 -8.98 16.99
CA VAL F 491 -19.53 -8.85 15.83
C VAL F 491 -18.92 -10.20 15.51
N VAL F 492 -18.75 -10.48 14.21
CA VAL F 492 -18.17 -11.73 13.74
C VAL F 492 -17.26 -11.42 12.57
N LYS F 493 -16.17 -12.19 12.47
CA LYS F 493 -15.13 -11.97 11.47
C LYS F 493 -15.21 -13.08 10.43
N ILE F 494 -15.39 -12.69 9.17
CA ILE F 494 -15.49 -13.65 8.08
C ILE F 494 -14.10 -14.08 7.69
N GLU F 495 -13.88 -15.40 7.66
CA GLU F 495 -12.66 -16.00 7.13
C GLU F 495 -13.03 -16.66 5.80
N PRO F 496 -13.12 -15.88 4.72
CA PRO F 496 -13.85 -16.36 3.53
C PRO F 496 -13.19 -17.52 2.81
N LEU F 497 -11.93 -17.82 3.09
CA LEU F 497 -11.25 -18.90 2.40
C LEU F 497 -11.55 -20.23 3.07
N GLY F 498 -11.77 -21.26 2.25
CA GLY F 498 -12.01 -22.60 2.76
C GLY F 498 -11.53 -23.64 1.77
N VAL F 499 -11.47 -24.89 2.25
CA VAL F 499 -11.02 -26.03 1.45
C VAL F 499 -12.01 -27.16 1.65
N ALA F 500 -12.35 -27.85 0.57
CA ALA F 500 -13.26 -28.99 0.63
C ALA F 500 -12.84 -30.03 -0.40
N PRO F 501 -13.17 -31.31 -0.18
CA PRO F 501 -12.86 -32.31 -1.21
C PRO F 501 -13.89 -32.32 -2.33
N THR F 502 -13.41 -32.55 -3.54
CA THR F 502 -14.24 -32.74 -4.72
C THR F 502 -13.64 -33.86 -5.55
N ARG F 503 -14.17 -34.03 -6.76
CA ARG F 503 -13.59 -34.93 -7.75
C ARG F 503 -12.81 -34.17 -8.83
N CYS F 504 -12.65 -32.86 -8.67
CA CYS F 504 -11.93 -32.08 -9.66
C CYS F 504 -10.43 -32.38 -9.62
N LYS F 505 -9.80 -32.24 -10.78
CA LYS F 505 -8.35 -32.39 -10.91
C LYS F 505 -7.86 -31.43 -11.97
N ARG F 506 -6.72 -30.80 -11.71
CA ARG F 506 -6.22 -29.76 -12.61
C ARG F 506 -5.32 -30.35 -13.69
N LEU G 9 -31.15 -13.81 -2.44
CA LEU G 9 -30.69 -13.40 -1.13
C LEU G 9 -29.51 -12.42 -1.30
N GLY G 10 -28.96 -11.95 -0.18
CA GLY G 10 -27.88 -11.00 -0.18
C GLY G 10 -26.67 -11.44 0.61
N PHE G 11 -26.20 -10.58 1.52
CA PHE G 11 -24.99 -10.86 2.29
C PHE G 11 -25.19 -12.07 3.18
N LEU G 12 -24.31 -13.06 3.02
CA LEU G 12 -24.35 -14.29 3.81
C LEU G 12 -25.73 -14.94 3.76
N GLY G 13 -26.36 -14.89 2.59
CA GLY G 13 -27.70 -15.44 2.46
C GLY G 13 -27.73 -16.92 2.74
N ALA G 14 -26.78 -17.66 2.19
CA ALA G 14 -26.66 -19.10 2.42
C ALA G 14 -25.71 -19.41 3.56
N ALA G 15 -25.95 -18.78 4.72
CA ALA G 15 -25.08 -18.99 5.86
C ALA G 15 -25.16 -20.42 6.37
N GLY G 16 -26.38 -20.97 6.41
CA GLY G 16 -26.63 -22.31 6.91
C GLY G 16 -27.09 -23.27 5.84
N SER G 17 -27.11 -22.85 4.57
CA SER G 17 -27.56 -23.73 3.50
C SER G 17 -26.61 -24.92 3.36
N THR G 18 -27.06 -25.88 2.58
CA THR G 18 -26.20 -26.98 2.19
C THR G 18 -25.03 -26.44 1.36
N MET G 19 -24.01 -27.28 1.18
CA MET G 19 -22.73 -26.81 0.68
C MET G 19 -22.87 -26.29 -0.76
N GLY G 20 -23.64 -27.02 -1.59
CA GLY G 20 -23.74 -26.66 -3.00
C GLY G 20 -24.43 -25.33 -3.21
N ALA G 21 -25.55 -25.10 -2.53
CA ALA G 21 -26.28 -23.86 -2.70
C ALA G 21 -25.45 -22.67 -2.28
N ALA G 22 -24.73 -22.78 -1.15
CA ALA G 22 -23.86 -21.70 -0.71
C ALA G 22 -22.73 -21.48 -1.71
N SER G 23 -22.11 -22.56 -2.19
CA SER G 23 -21.03 -22.42 -3.16
C SER G 23 -21.51 -21.77 -4.45
N MET G 24 -22.79 -21.94 -4.79
CA MET G 24 -23.31 -21.32 -6.01
C MET G 24 -23.29 -19.81 -5.94
N THR G 25 -23.27 -19.21 -4.74
CA THR G 25 -23.41 -17.77 -4.56
C THR G 25 -22.23 -17.22 -3.78
N LEU G 26 -21.01 -17.58 -4.18
CA LEU G 26 -19.82 -17.10 -3.49
C LEU G 26 -19.45 -15.67 -3.88
N THR G 27 -20.10 -15.11 -4.90
CA THR G 27 -19.70 -13.80 -5.41
C THR G 27 -20.09 -12.67 -4.46
N VAL G 28 -21.27 -12.77 -3.85
CA VAL G 28 -21.74 -11.70 -2.96
C VAL G 28 -20.79 -11.54 -1.78
N GLN G 29 -20.35 -12.65 -1.21
CA GLN G 29 -19.36 -12.57 -0.12
C GLN G 29 -18.08 -11.93 -0.61
N ALA G 30 -17.56 -12.41 -1.76
CA ALA G 30 -16.31 -11.89 -2.29
C ALA G 30 -16.38 -10.38 -2.49
N ARG G 31 -17.50 -9.90 -3.03
CA ARG G 31 -17.69 -8.46 -3.18
C ARG G 31 -17.73 -7.76 -1.83
N ASN G 32 -18.41 -8.35 -0.86
CA ASN G 32 -18.61 -7.66 0.42
C ASN G 32 -17.37 -7.67 1.31
N LEU G 33 -16.33 -8.43 0.98
CA LEU G 33 -15.09 -8.36 1.75
C LEU G 33 -14.45 -6.98 1.72
N LEU G 34 -14.78 -6.15 0.73
CA LEU G 34 -14.34 -4.75 0.69
C LEU G 34 -15.54 -3.84 0.86
N SER G 35 -15.41 -2.88 1.77
CA SER G 35 -16.44 -1.91 2.22
C SER G 35 -17.86 -2.07 1.68
N THR G 58 -10.59 14.20 16.03
CA THR G 58 -9.99 13.62 14.84
C THR G 58 -9.38 12.24 15.09
N VAL G 59 -9.39 11.79 16.35
CA VAL G 59 -8.92 10.43 16.65
C VAL G 59 -9.79 9.39 15.98
N TRP G 60 -11.05 9.73 15.69
CA TRP G 60 -11.86 8.86 14.84
C TRP G 60 -11.27 8.74 13.45
N GLY G 61 -10.52 9.76 13.02
CA GLY G 61 -9.71 9.65 11.82
C GLY G 61 -8.79 8.45 11.86
N ILE G 62 -7.87 8.38 12.82
CA ILE G 62 -6.96 7.23 12.87
C ILE G 62 -7.71 5.94 13.14
N LYS G 63 -8.84 6.01 13.86
CA LYS G 63 -9.62 4.79 14.06
C LYS G 63 -10.09 4.22 12.72
N GLN G 64 -10.71 5.05 11.88
CA GLN G 64 -11.17 4.57 10.58
C GLN G 64 -10.00 4.20 9.68
N LEU G 65 -8.91 4.95 9.75
CA LEU G 65 -7.75 4.63 8.91
C LEU G 65 -7.19 3.27 9.25
N GLN G 66 -6.99 2.96 10.54
CA GLN G 66 -6.43 1.66 10.86
C GLN G 66 -7.44 0.55 10.65
N ALA G 67 -8.74 0.81 10.84
CA ALA G 67 -9.75 -0.20 10.52
C ALA G 67 -9.70 -0.55 9.04
N ARG G 68 -9.69 0.46 8.17
CA ARG G 68 -9.71 0.21 6.74
C ARG G 68 -8.41 -0.43 6.27
N VAL G 69 -7.26 0.00 6.81
CA VAL G 69 -6.01 -0.59 6.35
C VAL G 69 -5.92 -2.03 6.82
N LEU G 70 -6.45 -2.34 8.02
CA LEU G 70 -6.46 -3.74 8.46
C LEU G 70 -7.35 -4.57 7.56
N ALA G 71 -8.51 -4.04 7.16
CA ALA G 71 -9.38 -4.77 6.24
C ALA G 71 -8.67 -5.03 4.91
N VAL G 72 -8.03 -4.00 4.36
CA VAL G 72 -7.34 -4.13 3.09
C VAL G 72 -6.20 -5.14 3.23
N GLU G 73 -5.47 -5.09 4.33
CA GLU G 73 -4.36 -6.01 4.54
C GLU G 73 -4.85 -7.44 4.64
N ARG G 74 -5.97 -7.67 5.35
CA ARG G 74 -6.51 -9.02 5.43
C ARG G 74 -6.92 -9.52 4.05
N TYR G 75 -7.62 -8.68 3.28
CA TYR G 75 -8.02 -9.10 1.95
C TYR G 75 -6.82 -9.41 1.08
N LEU G 76 -5.80 -8.57 1.11
CA LEU G 76 -4.64 -8.78 0.25
C LEU G 76 -3.84 -9.99 0.70
N ARG G 77 -3.78 -10.25 2.01
CA ARG G 77 -3.14 -11.47 2.49
C ARG G 77 -3.85 -12.70 1.96
N ASP G 78 -5.19 -12.69 2.01
CA ASP G 78 -5.94 -13.82 1.47
C ASP G 78 -5.75 -13.94 -0.03
N GLN G 79 -5.74 -12.82 -0.74
CA GLN G 79 -5.55 -12.84 -2.19
C GLN G 79 -4.19 -13.42 -2.54
N GLN G 80 -3.14 -13.01 -1.84
CA GLN G 80 -1.81 -13.54 -2.11
C GLN G 80 -1.73 -15.02 -1.73
N LEU G 81 -2.40 -15.41 -0.65
CA LEU G 81 -2.42 -16.80 -0.25
C LEU G 81 -3.12 -17.66 -1.30
N LEU G 82 -4.08 -17.07 -2.02
CA LEU G 82 -4.67 -17.77 -3.16
C LEU G 82 -3.70 -17.78 -4.34
N GLY G 83 -3.11 -16.63 -4.65
CA GLY G 83 -2.30 -16.54 -5.86
C GLY G 83 -1.06 -17.38 -5.80
N ILE G 84 -0.52 -17.60 -4.60
CA ILE G 84 0.64 -18.48 -4.47
C ILE G 84 0.31 -19.90 -4.86
N TRP G 85 -0.96 -20.30 -4.86
CA TRP G 85 -1.37 -21.60 -5.35
C TRP G 85 -1.69 -21.60 -6.84
N GLY G 86 -1.46 -20.48 -7.52
CA GLY G 86 -1.93 -20.37 -8.89
C GLY G 86 -3.42 -20.21 -9.03
N CYS G 87 -4.14 -20.02 -7.91
CA CYS G 87 -5.58 -19.94 -7.88
C CYS G 87 -6.11 -18.51 -7.99
N SER G 88 -5.24 -17.51 -8.10
CA SER G 88 -5.72 -16.15 -8.28
C SER G 88 -6.49 -16.03 -9.58
N GLY G 89 -7.36 -15.03 -9.63
CA GLY G 89 -8.24 -14.86 -10.77
C GLY G 89 -9.42 -15.80 -10.81
N LYS G 90 -9.63 -16.61 -9.77
CA LYS G 90 -10.74 -17.54 -9.73
C LYS G 90 -11.23 -17.64 -8.29
N LEU G 91 -12.46 -18.11 -8.14
CA LEU G 91 -13.02 -18.47 -6.84
C LEU G 91 -13.16 -19.97 -6.67
N ILE G 92 -13.48 -20.69 -7.74
CA ILE G 92 -13.54 -22.15 -7.72
C ILE G 92 -12.28 -22.61 -8.45
N CYS G 93 -11.21 -22.80 -7.68
CA CYS G 93 -9.92 -23.22 -8.22
C CYS G 93 -9.67 -24.67 -7.84
N CYS G 94 -9.27 -25.47 -8.81
CA CYS G 94 -8.98 -26.89 -8.61
C CYS G 94 -7.48 -27.09 -8.44
N THR G 95 -7.13 -28.13 -7.67
CA THR G 95 -5.75 -28.43 -7.36
C THR G 95 -5.49 -29.93 -7.56
N ASN G 96 -4.30 -30.39 -7.18
CA ASN G 96 -3.90 -31.78 -7.39
C ASN G 96 -3.31 -32.41 -6.13
N VAL G 97 -3.58 -31.84 -4.96
CA VAL G 97 -3.16 -32.49 -3.72
C VAL G 97 -4.06 -33.70 -3.52
N PRO G 98 -3.53 -34.92 -3.37
CA PRO G 98 -4.41 -36.04 -3.01
C PRO G 98 -5.07 -35.79 -1.66
N TRP G 99 -6.35 -36.13 -1.57
CA TRP G 99 -7.11 -35.90 -0.35
C TRP G 99 -6.87 -37.07 0.59
N ASN G 100 -5.87 -36.91 1.45
CA ASN G 100 -5.65 -37.85 2.54
C ASN G 100 -6.92 -38.04 3.35
N SER G 101 -7.40 -39.28 3.39
CA SER G 101 -8.64 -39.58 4.10
C SER G 101 -8.52 -39.37 5.60
N SER G 102 -7.29 -39.27 6.13
CA SER G 102 -7.12 -39.06 7.56
C SER G 102 -7.78 -37.78 8.04
N TRP G 103 -7.84 -36.75 7.19
CA TRP G 103 -8.47 -35.51 7.59
C TRP G 103 -9.96 -35.70 7.83
N SER G 104 -10.62 -36.44 6.93
CA SER G 104 -12.03 -36.78 7.09
C SER G 104 -12.39 -37.80 6.04
N ASN G 105 -13.21 -38.78 6.42
CA ASN G 105 -13.62 -39.87 5.55
C ASN G 105 -15.07 -39.74 5.10
N ARG G 106 -15.69 -38.59 5.33
CA ARG G 106 -17.08 -38.39 4.93
C ARG G 106 -17.18 -38.39 3.42
N ASN G 107 -17.87 -39.39 2.87
CA ASN G 107 -18.15 -39.41 1.43
C ASN G 107 -18.86 -38.14 1.00
N LEU G 108 -18.81 -37.86 -0.31
CA LEU G 108 -19.22 -36.56 -0.83
C LEU G 108 -20.69 -36.25 -0.56
N SER G 109 -21.52 -37.26 -0.33
CA SER G 109 -22.94 -37.00 -0.10
C SER G 109 -23.16 -36.14 1.13
N GLU G 110 -22.46 -36.45 2.23
CA GLU G 110 -22.66 -35.68 3.44
C GLU G 110 -22.03 -34.30 3.31
N ILE G 111 -20.82 -34.23 2.73
CA ILE G 111 -20.12 -32.96 2.65
C ILE G 111 -20.89 -31.98 1.76
N TRP G 112 -21.42 -32.46 0.65
CA TRP G 112 -21.97 -31.61 -0.41
C TRP G 112 -23.48 -31.65 -0.50
N ASP G 113 -24.18 -32.42 0.35
CA ASP G 113 -25.63 -32.41 0.36
C ASP G 113 -26.26 -32.45 1.74
N ASN G 114 -25.52 -32.69 2.81
CA ASN G 114 -26.09 -32.82 4.15
C ASN G 114 -25.22 -32.12 5.18
N MET G 115 -24.63 -30.97 4.84
CA MET G 115 -23.79 -30.26 5.79
C MET G 115 -23.71 -28.79 5.39
N THR G 116 -23.36 -27.96 6.37
CA THR G 116 -23.18 -26.53 6.18
C THR G 116 -21.70 -26.19 6.27
N TRP G 117 -21.37 -24.99 5.79
CA TRP G 117 -19.97 -24.57 5.77
C TRP G 117 -19.39 -24.42 7.16
N LEU G 118 -20.20 -23.98 8.13
CA LEU G 118 -19.69 -23.75 9.48
C LEU G 118 -19.21 -25.04 10.13
N GLN G 119 -20.05 -26.08 10.09
CA GLN G 119 -19.65 -27.36 10.66
C GLN G 119 -18.43 -27.91 9.96
N TRP G 120 -18.37 -27.77 8.63
CA TRP G 120 -17.23 -28.27 7.88
C TRP G 120 -15.96 -27.55 8.30
N ASP G 121 -16.02 -26.23 8.39
CA ASP G 121 -14.85 -25.45 8.80
C ASP G 121 -14.42 -25.82 10.21
N LYS G 122 -15.38 -26.07 11.10
CA LYS G 122 -15.06 -26.59 12.42
C LYS G 122 -14.34 -27.93 12.32
N GLU G 123 -14.69 -28.75 11.33
CA GLU G 123 -14.15 -30.10 11.27
C GLU G 123 -12.69 -30.12 10.82
N ILE G 124 -12.34 -29.33 9.80
CA ILE G 124 -10.98 -29.35 9.25
C ILE G 124 -10.13 -28.19 9.79
N SER G 125 -10.57 -27.57 10.90
CA SER G 125 -9.77 -26.50 11.48
C SER G 125 -8.42 -27.02 11.96
N ASN G 126 -8.38 -28.25 12.44
CA ASN G 126 -7.15 -28.81 13.00
C ASN G 126 -6.13 -29.19 11.92
N TYR G 127 -6.51 -29.25 10.64
CA TYR G 127 -5.63 -29.70 9.57
C TYR G 127 -5.48 -28.71 8.43
N THR G 128 -6.14 -27.55 8.49
CA THR G 128 -6.10 -26.60 7.38
C THR G 128 -4.68 -26.13 7.08
N GLN G 129 -3.82 -26.05 8.09
CA GLN G 129 -2.44 -25.64 7.85
C GLN G 129 -1.70 -26.65 6.98
N ILE G 130 -1.91 -27.94 7.25
CA ILE G 130 -1.27 -28.97 6.44
C ILE G 130 -1.79 -28.92 5.02
N ILE G 131 -3.09 -28.62 4.86
CA ILE G 131 -3.65 -28.43 3.52
C ILE G 131 -2.92 -27.31 2.80
N TYR G 132 -2.70 -26.20 3.50
CA TYR G 132 -2.01 -25.07 2.86
C TYR G 132 -0.60 -25.47 2.45
N GLY G 133 0.12 -26.16 3.33
CA GLY G 133 1.48 -26.54 3.01
C GLY G 133 1.56 -27.47 1.80
N LEU G 134 0.69 -28.48 1.78
CA LEU G 134 0.66 -29.39 0.64
C LEU G 134 0.33 -28.64 -0.64
N LEU G 135 -0.58 -27.68 -0.56
CA LEU G 135 -0.93 -26.88 -1.73
C LEU G 135 0.27 -26.06 -2.22
N GLU G 136 1.03 -25.48 -1.29
CA GLU G 136 2.26 -24.78 -1.66
C GLU G 136 3.19 -25.70 -2.44
N GLU G 137 3.47 -26.88 -1.88
CA GLU G 137 4.41 -27.79 -2.53
C GLU G 137 3.91 -28.20 -3.91
N SER G 138 2.63 -28.54 -4.02
CA SER G 138 2.09 -28.99 -5.30
C SER G 138 2.17 -27.89 -6.35
N GLN G 139 1.82 -26.66 -5.98
CA GLN G 139 1.90 -25.58 -6.96
C GLN G 139 3.34 -25.32 -7.37
N ASN G 140 4.29 -25.40 -6.43
CA ASN G 140 5.69 -25.19 -6.80
C ASN G 140 6.15 -26.21 -7.81
N GLN G 141 5.82 -27.49 -7.57
CA GLN G 141 6.21 -28.52 -8.52
C GLN G 141 5.54 -28.29 -9.87
N GLN G 142 4.27 -27.88 -9.86
CA GLN G 142 3.56 -27.71 -11.12
C GLN G 142 4.09 -26.55 -11.94
N GLU G 143 4.37 -25.41 -11.30
CA GLU G 143 4.96 -24.30 -12.06
C GLU G 143 6.34 -24.66 -12.58
N LYS G 144 7.14 -25.40 -11.79
CA LYS G 144 8.45 -25.78 -12.30
C LYS G 144 8.32 -26.72 -13.50
N ASN G 145 7.38 -27.67 -13.42
CA ASN G 145 7.16 -28.57 -14.56
C ASN G 145 6.63 -27.81 -15.76
N GLU G 146 5.80 -26.80 -15.54
CA GLU G 146 5.28 -26.02 -16.67
C GLU G 146 6.40 -25.27 -17.36
N GLN G 147 7.27 -24.62 -16.59
CA GLN G 147 8.42 -23.95 -17.19
C GLN G 147 9.30 -24.95 -17.92
N ASP G 148 9.45 -26.15 -17.36
CA ASP G 148 10.25 -27.18 -18.01
C ASP G 148 9.65 -27.57 -19.36
N LEU G 149 8.33 -27.74 -19.40
CA LEU G 149 7.67 -28.04 -20.67
C LEU G 149 7.89 -26.92 -21.67
N LEU G 150 7.75 -25.67 -21.24
CA LEU G 150 8.00 -24.55 -22.15
C LEU G 150 9.46 -24.47 -22.58
N ALA G 151 10.38 -25.10 -21.83
CA ALA G 151 11.78 -25.08 -22.23
C ALA G 151 12.01 -25.83 -23.54
N LEU G 152 11.15 -26.79 -23.89
CA LEU G 152 11.30 -27.51 -25.14
C LEU G 152 11.17 -26.56 -26.33
N ASP G 153 11.93 -26.84 -27.38
CA ASP G 153 11.86 -26.09 -28.62
C ASP G 153 10.83 -26.70 -29.56
N GLU H 1 -42.68 -42.49 -8.54
CA GLU H 1 -41.88 -43.50 -9.29
C GLU H 1 -41.19 -42.85 -10.48
N VAL H 2 -39.86 -43.04 -10.55
CA VAL H 2 -39.09 -42.58 -11.69
C VAL H 2 -39.68 -43.19 -12.95
N GLN H 3 -40.05 -42.35 -13.91
CA GLN H 3 -40.69 -42.81 -15.13
C GLN H 3 -40.41 -41.81 -16.24
N LEU H 4 -40.04 -42.33 -17.41
CA LEU H 4 -39.70 -41.51 -18.57
C LEU H 4 -40.53 -41.94 -19.77
N VAL H 5 -41.12 -40.97 -20.47
CA VAL H 5 -41.82 -41.19 -21.73
C VAL H 5 -41.10 -40.41 -22.81
N GLU H 6 -41.30 -40.83 -24.06
CA GLU H 6 -40.76 -40.14 -25.23
C GLU H 6 -41.90 -39.82 -26.19
N THR H 7 -41.79 -38.67 -26.84
CA THR H 7 -42.75 -38.22 -27.84
C THR H 7 -42.00 -37.72 -29.07
N GLY H 8 -42.66 -37.82 -30.21
CA GLY H 8 -42.03 -37.56 -31.49
C GLY H 8 -41.48 -38.83 -32.09
N GLY H 9 -40.77 -38.65 -33.21
CA GLY H 9 -40.21 -39.78 -33.93
C GLY H 9 -41.16 -40.32 -34.98
N GLY H 10 -40.70 -41.37 -35.65
CA GLY H 10 -41.45 -42.03 -36.72
C GLY H 10 -40.81 -41.82 -38.08
N LEU H 11 -41.66 -41.61 -39.10
CA LEU H 11 -41.16 -41.45 -40.46
C LEU H 11 -40.62 -40.03 -40.63
N VAL H 12 -39.39 -39.94 -41.16
CA VAL H 12 -38.80 -38.67 -41.53
C VAL H 12 -37.83 -38.90 -42.69
N GLN H 13 -38.12 -38.30 -43.84
CA GLN H 13 -37.22 -38.45 -44.97
C GLN H 13 -35.91 -37.70 -44.70
N PRO H 14 -34.82 -38.05 -45.40
CA PRO H 14 -33.56 -37.34 -45.18
C PRO H 14 -33.68 -35.85 -45.47
N GLY H 15 -33.14 -35.04 -44.56
CA GLY H 15 -33.08 -33.60 -44.73
C GLY H 15 -34.01 -32.84 -43.80
N GLY H 16 -35.19 -33.40 -43.54
CA GLY H 16 -36.19 -32.71 -42.74
C GLY H 16 -35.96 -32.87 -41.25
N SER H 17 -35.56 -31.79 -40.58
CA SER H 17 -35.16 -31.84 -39.18
C SER H 17 -36.29 -32.39 -38.31
N LEU H 18 -35.90 -33.09 -37.24
CA LEU H 18 -36.87 -33.73 -36.36
C LEU H 18 -36.34 -33.71 -34.94
N LYS H 19 -37.27 -33.66 -33.98
CA LYS H 19 -36.94 -33.56 -32.57
C LYS H 19 -37.69 -34.61 -31.76
N LEU H 20 -36.98 -35.26 -30.84
CA LEU H 20 -37.56 -36.12 -29.82
C LEU H 20 -37.67 -35.33 -28.52
N SER H 21 -38.80 -35.51 -27.82
CA SER H 21 -39.05 -34.85 -26.54
C SER H 21 -39.26 -35.93 -25.49
N CYS H 22 -38.33 -36.03 -24.55
CA CYS H 22 -38.40 -37.00 -23.46
C CYS H 22 -38.85 -36.28 -22.20
N ARG H 23 -39.88 -36.80 -21.55
CA ARG H 23 -40.44 -36.24 -20.32
C ARG H 23 -40.17 -37.21 -19.17
N ALA H 24 -39.51 -36.71 -18.14
CA ALA H 24 -39.14 -37.48 -16.96
C ALA H 24 -39.95 -37.00 -15.76
N SER H 25 -40.29 -37.93 -14.87
CA SER H 25 -41.04 -37.57 -13.68
C SER H 25 -40.72 -38.55 -12.57
N GLY H 26 -41.00 -38.12 -11.34
CA GLY H 26 -40.82 -38.94 -10.16
C GLY H 26 -39.54 -38.75 -9.40
N TYR H 27 -38.76 -37.70 -9.70
CA TYR H 27 -37.47 -37.51 -9.05
C TYR H 27 -37.04 -36.07 -9.28
N THR H 28 -35.98 -35.67 -8.55
CA THR H 28 -35.44 -34.32 -8.65
C THR H 28 -34.75 -34.19 -10.01
N PHE H 29 -35.43 -33.52 -10.95
CA PHE H 29 -34.98 -33.55 -12.33
C PHE H 29 -33.61 -32.89 -12.47
N SER H 30 -33.39 -31.78 -11.77
CA SER H 30 -32.20 -30.97 -11.91
C SER H 30 -30.94 -31.62 -11.34
N SER H 31 -31.04 -32.79 -10.72
CA SER H 31 -29.91 -33.38 -10.01
C SER H 31 -29.09 -34.36 -10.85
N PHE H 32 -29.53 -34.72 -12.06
CA PHE H 32 -28.91 -35.77 -12.85
C PHE H 32 -28.55 -35.26 -14.24
N ALA H 33 -27.44 -35.78 -14.78
CA ALA H 33 -27.10 -35.47 -16.19
C ALA H 33 -27.85 -36.50 -17.05
N MET H 34 -27.96 -36.30 -18.36
CA MET H 34 -28.80 -37.26 -19.15
C MET H 34 -28.12 -37.70 -20.46
N SER H 35 -28.38 -38.94 -20.89
CA SER H 35 -27.86 -39.43 -22.14
C SER H 35 -28.98 -39.88 -23.07
N TRP H 36 -28.66 -39.89 -24.36
CA TRP H 36 -29.41 -40.61 -25.38
C TRP H 36 -28.62 -41.82 -25.84
N VAL H 37 -29.32 -42.95 -26.02
CA VAL H 37 -28.69 -44.19 -26.46
C VAL H 37 -29.47 -44.74 -27.65
N ARG H 38 -28.77 -45.04 -28.72
CA ARG H 38 -29.37 -45.57 -29.94
C ARG H 38 -29.34 -47.10 -29.93
N GLN H 39 -30.46 -47.71 -30.32
CA GLN H 39 -30.54 -49.17 -30.50
C GLN H 39 -31.10 -49.42 -31.88
N ALA H 40 -30.28 -49.99 -32.77
CA ALA H 40 -30.76 -50.31 -34.10
C ALA H 40 -31.70 -51.52 -34.04
N PRO H 41 -32.49 -51.75 -35.09
CA PRO H 41 -33.41 -52.89 -35.06
C PRO H 41 -32.73 -54.23 -34.86
N GLY H 42 -31.48 -54.37 -35.32
CA GLY H 42 -30.77 -55.63 -35.23
C GLY H 42 -29.43 -55.54 -34.52
N LYS H 43 -28.85 -54.34 -34.42
CA LYS H 43 -27.52 -54.19 -33.87
C LYS H 43 -27.63 -54.02 -32.35
N GLY H 44 -26.52 -53.64 -31.71
CA GLY H 44 -26.50 -53.39 -30.29
C GLY H 44 -26.69 -51.91 -29.95
N LEU H 45 -26.38 -51.58 -28.70
CA LEU H 45 -26.52 -50.22 -28.22
C LEU H 45 -25.31 -49.39 -28.67
N GLU H 46 -25.46 -48.08 -28.58
CA GLU H 46 -24.37 -47.17 -28.93
C GLU H 46 -24.70 -45.82 -28.32
N TRP H 47 -23.79 -45.28 -27.52
CA TRP H 47 -24.00 -43.98 -26.92
C TRP H 47 -24.05 -42.92 -28.01
N VAL H 48 -24.91 -41.92 -27.83
CA VAL H 48 -25.12 -40.86 -28.79
C VAL H 48 -24.66 -39.52 -28.24
N SER H 49 -25.26 -39.08 -27.13
CA SER H 49 -24.99 -37.76 -26.58
C SER H 49 -25.23 -37.78 -25.09
N LEU H 50 -24.55 -36.85 -24.41
CA LEU H 50 -24.57 -36.71 -22.95
C LEU H 50 -24.62 -35.22 -22.62
N ILE H 51 -25.51 -34.84 -21.71
CA ILE H 51 -25.70 -33.44 -21.35
C ILE H 51 -25.73 -33.35 -19.83
N ASN H 52 -25.04 -32.35 -19.29
CA ASN H 52 -24.94 -32.18 -17.86
C ASN H 52 -26.28 -31.75 -17.28
N ASP H 53 -26.36 -31.72 -15.94
CA ASP H 53 -27.62 -31.42 -15.28
C ASP H 53 -28.06 -29.99 -15.55
N ARG H 54 -27.15 -29.02 -15.39
CA ARG H 54 -27.50 -27.61 -15.54
C ARG H 54 -27.91 -27.26 -16.97
N GLY H 55 -27.52 -28.06 -17.96
CA GLY H 55 -27.85 -27.80 -19.34
C GLY H 55 -26.88 -26.94 -20.10
N GLY H 56 -25.68 -26.70 -19.55
CA GLY H 56 -24.68 -25.92 -20.24
C GLY H 56 -23.77 -26.76 -21.12
N LEU H 57 -23.18 -27.81 -20.54
CA LEU H 57 -22.29 -28.69 -21.28
C LEU H 57 -23.08 -29.66 -22.13
N THR H 58 -22.51 -29.99 -23.29
CA THR H 58 -23.08 -31.01 -24.16
C THR H 58 -21.93 -31.77 -24.82
N PHE H 59 -22.18 -33.06 -25.09
CA PHE H 59 -21.23 -33.89 -25.82
C PHE H 59 -22.02 -34.84 -26.70
N TYR H 60 -21.44 -35.19 -27.84
CA TYR H 60 -22.07 -36.07 -28.81
C TYR H 60 -21.05 -37.05 -29.34
N VAL H 61 -21.53 -38.20 -29.79
CA VAL H 61 -20.66 -39.15 -30.47
C VAL H 61 -20.10 -38.51 -31.73
N ASP H 62 -18.83 -38.79 -32.02
CA ASP H 62 -18.11 -38.09 -33.09
C ASP H 62 -18.80 -38.23 -34.44
N SER H 63 -19.55 -39.32 -34.66
CA SER H 63 -20.12 -39.56 -35.97
C SER H 63 -21.20 -38.55 -36.33
N VAL H 64 -21.88 -37.97 -35.33
CA VAL H 64 -23.01 -37.08 -35.56
C VAL H 64 -22.79 -35.76 -34.84
N LYS H 65 -21.52 -35.37 -34.68
CA LYS H 65 -21.18 -34.23 -33.83
C LYS H 65 -21.84 -32.94 -34.32
N GLY H 66 -21.78 -32.68 -35.61
CA GLY H 66 -22.30 -31.45 -36.18
C GLY H 66 -23.74 -31.49 -36.61
N ARG H 67 -24.46 -32.60 -36.39
CA ARG H 67 -25.80 -32.79 -36.90
C ARG H 67 -26.88 -32.86 -35.81
N PHE H 68 -26.48 -33.06 -34.56
CA PHE H 68 -27.41 -33.22 -33.44
C PHE H 68 -27.36 -31.98 -32.56
N THR H 69 -28.39 -31.83 -31.73
CA THR H 69 -28.45 -30.73 -30.78
C THR H 69 -29.32 -31.16 -29.61
N ILE H 70 -28.70 -31.28 -28.44
CA ILE H 70 -29.37 -31.73 -27.21
C ILE H 70 -29.59 -30.53 -26.31
N SER H 71 -30.74 -30.49 -25.65
CA SER H 71 -31.07 -29.36 -24.78
C SER H 71 -32.03 -29.79 -23.69
N ARG H 72 -31.91 -29.12 -22.55
CA ARG H 72 -32.78 -29.29 -21.39
C ARG H 72 -33.59 -28.03 -21.17
N ASP H 73 -34.69 -28.20 -20.45
CA ASP H 73 -35.51 -27.07 -19.97
C ASP H 73 -35.93 -27.47 -18.55
N ASN H 74 -35.18 -27.00 -17.56
CA ASN H 74 -35.46 -27.41 -16.20
C ASN H 74 -36.75 -26.81 -15.65
N SER H 75 -37.28 -25.75 -16.29
CA SER H 75 -38.51 -25.14 -15.80
C SER H 75 -39.68 -26.11 -15.90
N LYS H 76 -39.89 -26.68 -17.10
CA LYS H 76 -40.90 -27.70 -17.32
C LYS H 76 -40.19 -28.99 -17.74
N ASN H 77 -40.56 -30.09 -17.12
CA ASN H 77 -39.75 -31.31 -17.19
C ASN H 77 -39.73 -31.82 -18.62
N THR H 78 -38.64 -31.59 -19.35
CA THR H 78 -38.53 -32.00 -20.74
C THR H 78 -37.06 -32.26 -21.08
N LEU H 79 -36.86 -32.81 -22.28
CA LEU H 79 -35.52 -32.98 -22.86
C LEU H 79 -35.73 -33.00 -24.38
N SER H 80 -35.19 -32.01 -25.09
CA SER H 80 -35.37 -31.89 -26.53
C SER H 80 -34.07 -32.24 -27.23
N LEU H 81 -34.09 -33.30 -28.04
CA LEU H 81 -32.98 -33.65 -28.93
C LEU H 81 -33.46 -33.43 -30.36
N GLN H 82 -32.92 -32.40 -31.01
CA GLN H 82 -33.29 -32.01 -32.36
C GLN H 82 -32.10 -32.24 -33.29
N MET H 83 -32.33 -32.94 -34.40
CA MET H 83 -31.27 -33.20 -35.36
C MET H 83 -31.79 -33.03 -36.79
N HIS H 84 -30.88 -32.64 -37.68
CA HIS H 84 -31.15 -32.36 -39.07
C HIS H 84 -30.52 -33.44 -39.95
N SER H 85 -30.64 -33.28 -41.25
CA SER H 85 -30.07 -34.20 -42.23
C SER H 85 -30.69 -35.59 -42.12
N LEU H 86 -30.40 -36.31 -41.04
CA LEU H 86 -30.98 -37.62 -40.77
C LEU H 86 -30.67 -38.61 -41.89
N ARG H 87 -29.38 -38.92 -42.00
CA ARG H 87 -28.90 -39.88 -42.99
C ARG H 87 -29.48 -41.27 -42.74
N ASP H 88 -29.16 -42.22 -43.63
CA ASP H 88 -29.73 -43.56 -43.54
C ASP H 88 -29.36 -44.24 -42.22
N GLY H 89 -28.18 -43.95 -41.68
CA GLY H 89 -27.76 -44.60 -40.45
C GLY H 89 -28.67 -44.31 -39.27
N ASP H 90 -29.33 -43.15 -39.28
CA ASP H 90 -30.20 -42.74 -38.18
C ASP H 90 -31.58 -43.41 -38.30
N THR H 91 -31.56 -44.74 -38.24
CA THR H 91 -32.76 -45.57 -38.36
C THR H 91 -32.74 -46.54 -37.18
N ALA H 92 -33.39 -46.16 -36.09
CA ALA H 92 -33.21 -46.88 -34.83
C ALA H 92 -34.19 -46.34 -33.81
N VAL H 93 -34.23 -47.02 -32.65
CA VAL H 93 -35.03 -46.57 -31.53
C VAL H 93 -34.11 -45.87 -30.54
N TYR H 94 -34.45 -44.63 -30.22
CA TYR H 94 -33.67 -43.76 -29.35
C TYR H 94 -34.24 -43.83 -27.95
N TYR H 95 -33.35 -43.98 -26.97
CA TYR H 95 -33.71 -44.17 -25.58
C TYR H 95 -33.20 -42.99 -24.77
N CYS H 96 -34.09 -42.41 -23.97
CA CYS H 96 -33.76 -41.27 -23.10
C CYS H 96 -33.46 -41.83 -21.72
N ALA H 97 -32.18 -41.85 -21.36
CA ALA H 97 -31.72 -42.34 -20.06
C ALA H 97 -31.13 -41.20 -19.25
N THR H 98 -31.12 -41.37 -17.94
CA THR H 98 -30.55 -40.40 -17.02
C THR H 98 -29.33 -41.00 -16.36
N GLY H 99 -28.26 -40.21 -16.28
CA GLY H 99 -26.99 -40.61 -15.71
C GLY H 99 -25.87 -40.33 -16.69
N GLY H 100 -24.72 -40.97 -16.44
CA GLY H 100 -23.58 -40.88 -17.32
C GLY H 100 -22.56 -39.82 -16.94
N MET H 101 -22.96 -38.85 -16.12
CA MET H 101 -22.04 -37.79 -15.70
C MET H 101 -22.58 -37.20 -14.41
N SER H 102 -21.68 -36.69 -13.58
CA SER H 102 -22.03 -36.10 -12.30
C SER H 102 -21.44 -34.71 -12.22
N SER H 103 -22.03 -33.88 -11.36
CA SER H 103 -21.70 -32.47 -11.26
C SER H 103 -20.37 -32.20 -10.55
N ALA H 104 -19.60 -33.23 -10.20
CA ALA H 104 -18.29 -33.18 -9.57
C ALA H 104 -18.39 -32.88 -8.07
N LEU H 105 -19.57 -32.60 -7.53
CA LEU H 105 -19.78 -32.43 -6.11
C LEU H 105 -20.46 -33.62 -5.46
N GLN H 106 -20.95 -34.56 -6.27
CA GLN H 106 -21.63 -35.77 -5.79
C GLN H 106 -20.85 -36.98 -6.28
N SER H 107 -21.26 -38.15 -5.82
CA SER H 107 -20.61 -39.39 -6.23
C SER H 107 -20.67 -39.54 -7.74
N SER H 108 -19.52 -39.86 -8.34
CA SER H 108 -19.45 -40.04 -9.79
C SER H 108 -20.38 -41.15 -10.23
N LYS H 109 -21.16 -40.89 -11.29
CA LYS H 109 -22.09 -41.89 -11.81
C LYS H 109 -21.42 -42.70 -12.91
N TYR H 110 -21.16 -42.06 -14.05
CA TYR H 110 -20.56 -42.71 -15.21
C TYR H 110 -21.34 -43.97 -15.62
N TYR H 111 -22.66 -43.84 -15.69
CA TYR H 111 -23.57 -44.84 -16.24
C TYR H 111 -24.93 -44.18 -16.36
N PHE H 112 -25.88 -44.89 -16.94
CA PHE H 112 -27.23 -44.37 -17.18
C PHE H 112 -28.23 -45.28 -16.48
N ASP H 113 -29.26 -44.68 -15.85
CA ASP H 113 -30.17 -45.46 -15.03
C ASP H 113 -31.60 -44.99 -15.19
N PHE H 114 -32.51 -45.88 -14.80
CA PHE H 114 -33.95 -45.75 -15.00
C PHE H 114 -34.26 -45.36 -16.45
N TRP H 115 -33.97 -46.31 -17.34
CA TRP H 115 -34.11 -46.07 -18.77
C TRP H 115 -35.58 -45.93 -19.14
N GLY H 116 -35.82 -45.18 -20.23
CA GLY H 116 -37.17 -44.98 -20.72
C GLY H 116 -37.61 -46.09 -21.66
N GLN H 117 -38.85 -45.94 -22.15
CA GLN H 117 -39.40 -46.94 -23.07
C GLN H 117 -38.77 -46.86 -24.45
N GLY H 118 -38.36 -45.67 -24.90
CA GLY H 118 -37.75 -45.51 -26.23
C GLY H 118 -38.75 -45.20 -27.32
N ALA H 119 -38.29 -44.41 -28.30
CA ALA H 119 -39.12 -44.01 -29.43
C ALA H 119 -38.38 -44.27 -30.73
N LEU H 120 -39.11 -44.81 -31.72
CA LEU H 120 -38.52 -45.26 -32.98
C LEU H 120 -38.49 -44.12 -33.98
N VAL H 121 -37.35 -43.96 -34.66
CA VAL H 121 -37.19 -43.01 -35.75
C VAL H 121 -36.69 -43.77 -36.97
N THR H 122 -37.32 -43.52 -38.12
CA THR H 122 -37.05 -44.22 -39.36
C THR H 122 -36.81 -43.21 -40.47
N VAL H 123 -36.13 -43.66 -41.51
CA VAL H 123 -35.74 -42.81 -42.64
C VAL H 123 -36.01 -43.58 -43.93
N SER H 124 -36.74 -42.96 -44.85
CA SER H 124 -37.07 -43.59 -46.12
C SER H 124 -35.89 -43.47 -47.10
N ALA I 1 -16.13 -51.19 -30.35
CA ALA I 1 -16.91 -52.01 -29.43
C ALA I 1 -15.98 -52.95 -28.67
N LEU I 2 -16.57 -53.82 -27.84
CA LEU I 2 -15.83 -54.74 -26.99
C LEU I 2 -16.06 -56.16 -27.49
N THR I 3 -14.98 -56.94 -27.57
CA THR I 3 -15.08 -58.30 -28.04
C THR I 3 -15.81 -59.14 -27.00
N GLN I 4 -17.05 -59.52 -27.32
CA GLN I 4 -17.92 -60.31 -26.47
C GLN I 4 -18.56 -61.42 -27.29
N PRO I 5 -18.91 -62.56 -26.68
CA PRO I 5 -19.49 -63.66 -27.47
C PRO I 5 -20.85 -63.28 -28.01
N PRO I 6 -21.20 -63.71 -29.24
CA PRO I 6 -22.58 -63.49 -29.70
C PRO I 6 -23.62 -64.19 -28.84
N SER I 7 -23.26 -65.31 -28.21
CA SER I 7 -24.21 -66.05 -27.38
C SER I 7 -23.43 -67.00 -26.48
N VAL I 8 -24.07 -67.37 -25.37
CA VAL I 8 -23.52 -68.32 -24.41
C VAL I 8 -24.62 -69.32 -24.07
N SER I 9 -24.21 -70.44 -23.48
CA SER I 9 -25.12 -71.50 -23.05
C SER I 9 -24.93 -71.79 -21.57
N GLY I 10 -26.06 -71.94 -20.87
CA GLY I 10 -26.04 -72.29 -19.46
C GLY I 10 -27.36 -72.90 -19.02
N SER I 11 -27.31 -74.06 -18.39
CA SER I 11 -28.50 -74.77 -17.96
C SER I 11 -28.83 -74.47 -16.51
N PRO I 12 -30.08 -74.62 -16.08
CA PRO I 12 -30.38 -74.47 -14.65
C PRO I 12 -29.63 -75.50 -13.82
N GLY I 13 -29.26 -75.10 -12.62
CA GLY I 13 -28.48 -75.93 -11.71
C GLY I 13 -26.99 -75.69 -11.72
N GLN I 14 -26.51 -74.78 -12.57
CA GLN I 14 -25.09 -74.44 -12.62
C GLN I 14 -24.96 -72.92 -12.79
N SER I 15 -23.72 -72.46 -12.75
CA SER I 15 -23.39 -71.05 -12.92
C SER I 15 -22.78 -70.83 -14.30
N VAL I 16 -23.15 -69.71 -14.93
CA VAL I 16 -22.62 -69.30 -16.22
C VAL I 16 -22.00 -67.91 -16.05
N THR I 17 -20.85 -67.71 -16.70
CA THR I 17 -20.16 -66.43 -16.70
C THR I 17 -20.07 -65.90 -18.12
N ILE I 18 -20.29 -64.59 -18.28
CA ILE I 18 -20.18 -63.89 -19.54
C ILE I 18 -18.96 -62.98 -19.47
N SER I 19 -18.18 -62.96 -20.54
CA SER I 19 -16.97 -62.16 -20.64
C SER I 19 -17.14 -61.08 -21.69
N CYS I 20 -16.47 -59.95 -21.47
CA CYS I 20 -16.52 -58.84 -22.41
C CYS I 20 -15.16 -58.15 -22.39
N THR I 21 -14.46 -58.15 -23.53
CA THR I 21 -13.08 -57.67 -23.62
C THR I 21 -13.02 -56.45 -24.53
N GLY I 22 -12.19 -55.49 -24.13
CA GLY I 22 -11.97 -54.25 -24.87
C GLY I 22 -10.50 -53.95 -25.02
N THR I 23 -10.09 -52.72 -24.66
CA THR I 23 -8.71 -52.29 -24.74
C THR I 23 -8.30 -51.60 -23.45
N SER I 24 -7.03 -51.73 -23.09
CA SER I 24 -6.52 -51.14 -21.86
C SER I 24 -6.68 -49.63 -21.84
N SER I 25 -6.64 -48.98 -23.01
CA SER I 25 -6.78 -47.54 -23.07
C SER I 25 -8.15 -47.05 -22.63
N ASP I 26 -9.17 -47.92 -22.64
CA ASP I 26 -10.53 -47.55 -22.24
C ASP I 26 -10.98 -48.30 -20.99
N ILE I 27 -10.93 -49.63 -20.98
CA ILE I 27 -11.39 -50.39 -19.82
C ILE I 27 -10.26 -50.59 -18.80
N GLY I 28 -9.03 -50.83 -19.26
CA GLY I 28 -7.94 -51.03 -18.32
C GLY I 28 -7.59 -49.78 -17.56
N SER I 29 -7.61 -48.63 -18.22
CA SER I 29 -7.22 -47.39 -17.56
C SER I 29 -8.30 -46.91 -16.59
N TYR I 30 -9.56 -47.07 -16.96
CA TYR I 30 -10.69 -46.53 -16.20
C TYR I 30 -11.45 -47.66 -15.53
N ASN I 31 -11.68 -47.50 -14.23
CA ASN I 31 -12.44 -48.48 -13.44
C ASN I 31 -13.93 -48.09 -13.44
N TYR I 32 -14.50 -48.08 -14.65
CA TYR I 32 -15.92 -47.75 -14.84
C TYR I 32 -16.45 -48.64 -15.96
N VAL I 33 -17.01 -49.78 -15.57
CA VAL I 33 -17.69 -50.70 -16.49
C VAL I 33 -19.12 -50.89 -16.00
N SER I 34 -20.06 -50.92 -16.93
CA SER I 34 -21.47 -51.10 -16.64
C SER I 34 -22.04 -52.24 -17.47
N TRP I 35 -22.88 -53.05 -16.83
CA TRP I 35 -23.50 -54.22 -17.43
C TRP I 35 -25.01 -54.05 -17.44
N TYR I 36 -25.63 -54.37 -18.57
CA TYR I 36 -27.06 -54.21 -18.75
C TYR I 36 -27.65 -55.49 -19.32
N GLN I 37 -28.92 -55.73 -18.99
CA GLN I 37 -29.68 -56.89 -19.47
C GLN I 37 -30.99 -56.39 -20.07
N GLN I 38 -31.08 -56.44 -21.39
CA GLN I 38 -32.26 -55.99 -22.12
C GLN I 38 -33.10 -57.20 -22.52
N HIS I 39 -34.33 -57.25 -22.02
CA HIS I 39 -35.29 -58.21 -22.51
C HIS I 39 -35.77 -57.74 -23.89
N PRO I 40 -35.85 -58.63 -24.89
CA PRO I 40 -35.99 -58.15 -26.29
C PRO I 40 -37.19 -57.26 -26.54
N GLY I 41 -38.29 -57.47 -25.82
CA GLY I 41 -39.44 -56.60 -25.87
C GLY I 41 -39.47 -55.47 -24.86
N LYS I 42 -38.37 -55.24 -24.14
CA LYS I 42 -38.33 -54.24 -23.08
C LYS I 42 -37.03 -53.46 -23.17
N ALA I 43 -37.03 -52.27 -22.58
CA ALA I 43 -35.83 -51.45 -22.50
C ALA I 43 -34.78 -52.12 -21.60
N PRO I 44 -33.50 -51.74 -21.75
CA PRO I 44 -32.47 -52.31 -20.87
C PRO I 44 -32.63 -51.92 -19.40
N LYS I 45 -31.79 -52.48 -18.54
CA LYS I 45 -31.81 -52.18 -17.12
C LYS I 45 -30.42 -52.46 -16.57
N LEU I 46 -30.14 -51.92 -15.39
CA LEU I 46 -28.81 -52.03 -14.78
C LEU I 46 -28.78 -53.23 -13.85
N MET I 47 -28.01 -54.25 -14.22
CA MET I 47 -27.77 -55.38 -13.34
C MET I 47 -26.52 -55.17 -12.49
N ILE I 48 -25.50 -54.52 -13.04
CA ILE I 48 -24.25 -54.28 -12.32
C ILE I 48 -23.68 -52.93 -12.77
N TYR I 49 -23.72 -51.92 -11.90
CA TYR I 49 -23.02 -50.67 -12.15
C TYR I 49 -21.64 -50.73 -11.52
N ASP I 50 -20.65 -50.19 -12.22
CA ASP I 50 -19.24 -50.32 -11.76
C ASP I 50 -18.84 -51.78 -11.95
N VAL I 51 -17.61 -52.13 -11.59
CA VAL I 51 -17.11 -53.49 -11.80
C VAL I 51 -17.77 -54.49 -10.86
N THR I 52 -18.03 -54.09 -9.61
CA THR I 52 -18.59 -54.99 -8.59
C THR I 52 -19.93 -54.52 -8.03
N GLN I 53 -20.13 -53.22 -7.85
CA GLN I 53 -21.32 -52.74 -7.16
C GLN I 53 -22.58 -53.09 -7.95
N ARG I 54 -23.70 -53.22 -7.24
CA ARG I 54 -24.97 -53.60 -7.82
C ARG I 54 -26.04 -52.60 -7.41
N PRO I 55 -26.89 -52.10 -8.31
CA PRO I 55 -27.92 -51.16 -7.89
C PRO I 55 -29.03 -51.87 -7.13
N SER I 56 -29.75 -51.08 -6.34
CA SER I 56 -30.87 -51.62 -5.59
C SER I 56 -31.95 -52.12 -6.54
N GLY I 57 -32.61 -53.21 -6.16
CA GLY I 57 -33.63 -53.83 -6.98
C GLY I 57 -33.16 -54.98 -7.84
N VAL I 58 -31.94 -55.48 -7.62
CA VAL I 58 -31.38 -56.60 -8.36
C VAL I 58 -30.96 -57.67 -7.36
N SER I 59 -31.25 -58.93 -7.68
CA SER I 59 -30.93 -60.01 -6.78
C SER I 59 -29.41 -60.22 -6.71
N ASP I 60 -28.99 -60.92 -5.66
CA ASP I 60 -27.57 -61.22 -5.44
C ASP I 60 -27.00 -62.17 -6.49
N ARG I 61 -27.86 -62.82 -7.28
CA ARG I 61 -27.38 -63.76 -8.29
C ARG I 61 -26.42 -63.10 -9.27
N PHE I 62 -26.74 -61.89 -9.70
CA PHE I 62 -25.81 -61.14 -10.55
C PHE I 62 -24.59 -60.73 -9.73
N SER I 63 -23.41 -60.83 -10.36
CA SER I 63 -22.16 -60.51 -9.67
C SER I 63 -21.11 -60.20 -10.72
N GLY I 64 -20.67 -58.95 -10.78
CA GLY I 64 -19.67 -58.52 -11.74
C GLY I 64 -18.25 -58.57 -11.20
N SER I 65 -17.30 -58.37 -12.11
CA SER I 65 -15.89 -58.28 -11.76
C SER I 65 -15.12 -57.87 -13.00
N LYS I 66 -13.88 -57.43 -12.81
CA LYS I 66 -13.02 -56.99 -13.89
C LYS I 66 -11.61 -57.51 -13.63
N SER I 67 -10.86 -57.71 -14.71
CA SER I 67 -9.47 -58.14 -14.60
C SER I 67 -8.79 -57.89 -15.93
N GLY I 68 -7.63 -57.24 -15.89
CA GLY I 68 -6.86 -56.99 -17.09
C GLY I 68 -7.63 -56.17 -18.11
N ASN I 69 -8.04 -56.83 -19.19
CA ASN I 69 -8.80 -56.23 -20.27
C ASN I 69 -10.10 -56.98 -20.51
N THR I 70 -10.66 -57.58 -19.47
CA THR I 70 -11.89 -58.36 -19.57
C THR I 70 -12.75 -58.11 -18.34
N ALA I 71 -14.02 -57.79 -18.58
CA ALA I 71 -15.03 -57.72 -17.53
C ALA I 71 -15.86 -58.97 -17.57
N SER I 72 -15.94 -59.65 -16.43
CA SER I 72 -16.73 -60.87 -16.26
C SER I 72 -17.97 -60.59 -15.44
N LEU I 73 -19.01 -61.36 -15.70
CA LEU I 73 -20.27 -61.25 -14.97
C LEU I 73 -20.85 -62.65 -14.80
N THR I 74 -21.08 -63.04 -13.54
CA THR I 74 -21.57 -64.37 -13.20
C THR I 74 -22.98 -64.26 -12.62
N ILE I 75 -23.82 -65.24 -12.93
CA ILE I 75 -25.25 -65.20 -12.64
C ILE I 75 -25.67 -66.22 -11.60
N SER I 76 -24.74 -67.01 -11.08
CA SER I 76 -25.06 -68.03 -10.06
C SER I 76 -26.10 -69.00 -10.64
N GLY I 77 -27.00 -69.52 -9.82
CA GLY I 77 -28.06 -70.36 -10.29
C GLY I 77 -28.96 -69.66 -11.30
N LEU I 78 -29.19 -70.29 -12.44
CA LEU I 78 -29.95 -69.70 -13.53
C LEU I 78 -31.42 -70.07 -13.43
N GLN I 79 -32.26 -69.21 -14.00
CA GLN I 79 -33.69 -69.43 -14.08
C GLN I 79 -34.17 -69.05 -15.48
N ALA I 80 -35.35 -69.53 -15.83
CA ALA I 80 -35.89 -69.28 -17.17
C ALA I 80 -36.14 -67.80 -17.40
N ASP I 81 -36.55 -67.06 -16.36
CA ASP I 81 -36.92 -65.67 -16.54
C ASP I 81 -35.72 -64.80 -16.91
N ASP I 82 -34.49 -65.23 -16.63
CA ASP I 82 -33.30 -64.47 -16.99
C ASP I 82 -32.85 -64.80 -18.41
N GLU I 83 -33.77 -64.57 -19.35
CA GLU I 83 -33.57 -64.84 -20.77
C GLU I 83 -33.65 -63.49 -21.48
N ALA I 84 -32.50 -62.80 -21.53
CA ALA I 84 -32.47 -61.43 -22.02
C ALA I 84 -31.02 -61.08 -22.33
N ASP I 85 -30.81 -60.39 -23.46
CA ASP I 85 -29.47 -60.22 -23.97
C ASP I 85 -28.67 -59.26 -23.09
N TYR I 86 -27.35 -59.43 -23.07
CA TYR I 86 -26.48 -58.68 -22.19
C TYR I 86 -25.66 -57.68 -22.98
N TYR I 87 -25.17 -56.66 -22.28
CA TYR I 87 -24.41 -55.58 -22.91
C TYR I 87 -23.44 -54.96 -21.92
N CYS I 88 -22.22 -54.68 -22.39
CA CYS I 88 -21.17 -54.05 -21.59
C CYS I 88 -20.82 -52.68 -22.15
N SER I 89 -20.58 -51.72 -21.24
CA SER I 89 -20.18 -50.37 -21.60
C SER I 89 -19.10 -49.91 -20.64
N ALA I 90 -18.33 -48.90 -21.07
CA ALA I 90 -17.28 -48.37 -20.22
C ALA I 90 -16.95 -46.95 -20.64
N TYR I 91 -16.46 -46.16 -19.68
CA TYR I 91 -16.06 -44.78 -19.96
C TYR I 91 -14.80 -44.83 -20.81
N ALA I 92 -14.94 -44.62 -22.11
CA ALA I 92 -13.79 -44.70 -23.00
C ALA I 92 -12.85 -43.52 -22.82
N GLY I 93 -13.37 -42.30 -22.71
CA GLY I 93 -12.52 -41.15 -22.53
C GLY I 93 -13.28 -39.85 -22.67
N ARG I 94 -12.52 -38.76 -22.53
CA ARG I 94 -13.10 -37.43 -22.70
C ARG I 94 -13.43 -37.12 -24.17
N GLN I 95 -12.84 -37.85 -25.12
CA GLN I 95 -13.13 -37.65 -26.53
C GLN I 95 -14.31 -38.52 -26.95
N THR I 96 -14.18 -39.83 -26.79
CA THR I 96 -15.28 -40.78 -26.93
C THR I 96 -15.67 -41.21 -25.52
N PHE I 97 -16.94 -41.04 -25.18
CA PHE I 97 -17.36 -41.26 -23.79
C PHE I 97 -17.61 -42.73 -23.52
N TYR I 98 -18.59 -43.32 -24.21
CA TYR I 98 -19.03 -44.68 -23.94
C TYR I 98 -19.05 -45.47 -25.23
N ILE I 99 -18.60 -46.72 -25.14
CA ILE I 99 -18.55 -47.64 -26.27
C ILE I 99 -19.26 -48.91 -25.83
N PHE I 100 -20.34 -49.25 -26.54
CA PHE I 100 -21.16 -50.40 -26.20
C PHE I 100 -20.70 -51.63 -26.98
N GLY I 101 -20.87 -52.80 -26.37
CA GLY I 101 -20.48 -54.05 -26.98
C GLY I 101 -21.59 -54.69 -27.78
N GLY I 102 -21.30 -55.90 -28.26
CA GLY I 102 -22.31 -56.68 -28.94
C GLY I 102 -23.31 -57.29 -27.97
N GLY I 103 -24.33 -57.93 -28.55
CA GLY I 103 -25.35 -58.61 -27.76
C GLY I 103 -25.04 -60.08 -27.57
N THR I 104 -25.18 -60.53 -26.33
CA THR I 104 -24.97 -61.93 -25.95
C THR I 104 -26.30 -62.53 -25.57
N ARG I 105 -26.72 -63.56 -26.31
CA ARG I 105 -28.01 -64.22 -26.12
C ARG I 105 -27.77 -65.50 -25.32
N LEU I 106 -27.94 -65.43 -24.00
CA LEU I 106 -27.82 -66.65 -23.22
C LEU I 106 -29.04 -67.53 -23.45
N THR I 107 -28.85 -68.84 -23.22
CA THR I 107 -29.89 -69.83 -23.41
C THR I 107 -30.04 -70.63 -22.13
N VAL I 108 -31.29 -70.76 -21.65
CA VAL I 108 -31.61 -71.57 -20.48
C VAL I 108 -32.34 -72.81 -20.97
N LEU I 109 -31.79 -73.98 -20.64
CA LEU I 109 -32.37 -75.24 -21.09
C LEU I 109 -33.37 -75.76 -20.06
N ASN J 38 -24.26 -10.90 -33.07
CA ASN J 38 -22.95 -11.55 -33.09
C ASN J 38 -21.95 -10.84 -32.20
N LEU J 39 -22.20 -9.57 -31.87
CA LEU J 39 -21.30 -8.83 -31.02
C LEU J 39 -21.27 -9.42 -29.61
N TRP J 40 -20.23 -9.05 -28.86
CA TRP J 40 -20.04 -9.53 -27.50
C TRP J 40 -19.49 -8.40 -26.64
N VAL J 41 -19.76 -8.47 -25.34
CA VAL J 41 -19.24 -7.49 -24.41
C VAL J 41 -17.76 -7.72 -24.19
N THR J 42 -17.01 -6.64 -23.98
CA THR J 42 -15.59 -6.73 -23.69
C THR J 42 -15.24 -5.64 -22.70
N VAL J 43 -14.49 -6.02 -21.66
CA VAL J 43 -14.06 -5.10 -20.61
C VAL J 43 -12.70 -4.52 -20.96
N TYR J 44 -12.61 -3.19 -20.90
CA TYR J 44 -11.39 -2.46 -21.19
C TYR J 44 -10.96 -1.77 -19.89
N TYR J 45 -9.75 -2.09 -19.42
CA TYR J 45 -9.21 -1.52 -18.19
C TYR J 45 -8.10 -0.53 -18.52
N GLY J 46 -8.22 0.68 -17.97
CA GLY J 46 -7.35 1.77 -18.32
C GLY J 46 -7.98 2.77 -19.27
N VAL J 47 -9.29 2.74 -19.41
CA VAL J 47 -9.98 3.57 -20.40
C VAL J 47 -9.82 5.04 -20.03
N PRO J 48 -9.63 5.96 -20.99
CA PRO J 48 -9.53 7.38 -20.63
C PRO J 48 -10.88 8.04 -20.41
N VAL J 49 -11.43 7.94 -19.20
CA VAL J 49 -12.68 8.61 -18.85
C VAL J 49 -12.53 9.23 -17.47
N TRP J 50 -13.42 10.16 -17.16
CA TRP J 50 -13.40 10.80 -15.85
C TRP J 50 -14.76 11.42 -15.56
N LYS J 51 -15.02 11.63 -14.28
CA LYS J 51 -16.21 12.33 -13.80
C LYS J 51 -15.80 13.39 -12.80
N ASP J 52 -16.57 14.48 -12.77
CA ASP J 52 -16.31 15.54 -11.82
C ASP J 52 -16.40 15.02 -10.39
N ALA J 53 -15.39 15.36 -9.57
CA ALA J 53 -15.28 14.81 -8.24
C ALA J 53 -14.57 15.80 -7.33
N GLU J 54 -14.73 15.60 -6.03
CA GLU J 54 -14.13 16.45 -5.00
C GLU J 54 -13.28 15.58 -4.10
N THR J 55 -12.05 16.04 -3.82
CA THR J 55 -11.13 15.28 -2.99
C THR J 55 -10.18 16.25 -2.29
N THR J 56 -9.13 15.69 -1.68
CA THR J 56 -8.11 16.45 -0.97
C THR J 56 -6.79 16.30 -1.69
N LEU J 57 -6.08 17.41 -1.87
CA LEU J 57 -4.84 17.47 -2.63
C LEU J 57 -3.63 17.52 -1.70
N PHE J 58 -2.44 17.47 -2.32
CA PHE J 58 -1.18 17.41 -1.60
C PHE J 58 -0.46 18.74 -1.71
N CYS J 59 0.12 19.18 -0.60
CA CYS J 59 0.89 20.41 -0.53
C CYS J 59 2.32 20.14 -1.01
N ALA J 60 2.61 20.48 -2.25
CA ALA J 60 3.93 20.31 -2.84
C ALA J 60 4.63 21.66 -2.87
N SER J 61 5.85 21.71 -2.32
CA SER J 61 6.65 22.93 -2.29
C SER J 61 7.93 22.76 -3.10
N ASN J 72 9.18 28.96 8.52
CA ASN J 72 8.17 29.74 7.81
C ASN J 72 6.78 29.17 8.09
N VAL J 73 5.75 30.02 7.98
CA VAL J 73 4.37 29.60 8.21
C VAL J 73 4.04 28.48 7.23
N TRP J 74 4.03 28.81 5.95
CA TRP J 74 3.51 27.91 4.93
C TRP J 74 4.61 27.02 4.37
N ALA J 75 4.18 25.96 3.69
CA ALA J 75 5.08 24.89 3.23
C ALA J 75 5.87 24.33 4.41
N THR J 76 5.14 23.95 5.46
CA THR J 76 5.75 23.35 6.63
C THR J 76 6.47 22.05 6.25
N HIS J 77 7.24 21.52 7.21
CA HIS J 77 8.05 20.34 6.93
C HIS J 77 7.20 19.13 6.54
N ALA J 78 5.93 19.11 6.93
CA ALA J 78 5.05 18.01 6.51
C ALA J 78 4.73 18.07 5.03
N CYS J 79 4.75 19.27 4.43
CA CYS J 79 4.45 19.40 3.01
C CYS J 79 5.48 18.66 2.17
N VAL J 80 5.00 17.99 1.12
CA VAL J 80 5.88 17.19 0.26
C VAL J 80 6.79 18.13 -0.51
N PRO J 81 8.04 17.78 -0.79
CA PRO J 81 8.83 18.59 -1.72
C PRO J 81 8.35 18.41 -3.15
N THR J 82 8.46 19.48 -3.93
CA THR J 82 8.07 19.43 -5.33
C THR J 82 8.99 18.50 -6.11
N ASP J 83 8.66 18.31 -7.39
CA ASP J 83 9.50 17.58 -8.34
C ASP J 83 10.25 18.58 -9.22
N PRO J 84 11.49 18.29 -9.67
CA PRO J 84 12.19 19.28 -10.50
C PRO J 84 11.48 19.61 -11.80
N ASN J 85 10.74 18.67 -12.41
CA ASN J 85 10.08 18.89 -13.69
C ASN J 85 8.59 18.57 -13.57
N PRO J 86 7.69 19.45 -14.02
CA PRO J 86 6.28 19.07 -14.10
C PRO J 86 5.95 18.45 -15.45
N GLN J 87 4.80 17.80 -15.50
CA GLN J 87 4.30 17.15 -16.71
C GLN J 87 3.06 17.90 -17.17
N GLU J 88 3.08 18.31 -18.44
CA GLU J 88 1.96 19.04 -19.06
C GLU J 88 1.66 18.36 -20.39
N ILE J 89 0.55 17.64 -20.46
CA ILE J 89 0.18 16.88 -21.66
C ILE J 89 -1.06 17.54 -22.27
N HIS J 90 -0.91 18.01 -23.50
CA HIS J 90 -2.03 18.57 -24.25
C HIS J 90 -2.88 17.44 -24.81
N LEU J 91 -4.20 17.64 -24.79
CA LEU J 91 -5.17 16.65 -25.23
C LEU J 91 -6.03 17.28 -26.33
N GLU J 92 -5.64 17.06 -27.58
CA GLU J 92 -6.38 17.61 -28.71
C GLU J 92 -7.74 16.94 -28.81
N ASN J 93 -8.67 17.64 -29.47
CA ASN J 93 -10.04 17.21 -29.68
C ASN J 93 -10.84 17.08 -28.38
N VAL J 94 -10.31 17.56 -27.26
CA VAL J 94 -10.97 17.49 -25.97
C VAL J 94 -11.70 18.80 -25.73
N THR J 95 -12.90 18.71 -25.16
CA THR J 95 -13.70 19.90 -24.85
C THR J 95 -14.45 19.62 -23.55
N GLU J 96 -13.85 20.03 -22.44
CA GLU J 96 -14.46 19.91 -21.13
C GLU J 96 -15.07 21.24 -20.72
N GLU J 97 -15.79 21.21 -19.59
CA GLU J 97 -16.47 22.37 -19.05
C GLU J 97 -15.93 22.64 -17.65
N PHE J 98 -15.40 23.84 -17.45
CA PHE J 98 -14.88 24.28 -16.16
C PHE J 98 -15.93 25.12 -15.43
N ASN J 99 -15.69 25.35 -14.15
CA ASN J 99 -16.49 26.33 -13.41
C ASN J 99 -15.65 26.82 -12.23
N MET J 100 -15.14 28.05 -12.37
CA MET J 100 -14.38 28.67 -11.29
C MET J 100 -15.22 28.84 -10.03
N TRP J 101 -16.53 28.97 -10.18
CA TRP J 101 -17.43 29.29 -9.07
C TRP J 101 -17.97 28.08 -8.33
N LYS J 102 -17.66 26.86 -8.78
CA LYS J 102 -18.04 25.64 -8.07
C LYS J 102 -16.85 24.69 -7.99
N ASN J 103 -15.66 25.23 -7.83
CA ASN J 103 -14.44 24.45 -7.81
C ASN J 103 -14.10 24.11 -6.36
N ASN J 104 -14.00 22.81 -6.06
CA ASN J 104 -13.73 22.38 -4.70
C ASN J 104 -12.37 22.85 -4.21
N MET J 105 -11.42 23.03 -5.13
CA MET J 105 -10.08 23.47 -4.75
C MET J 105 -10.09 24.81 -4.03
N VAL J 106 -11.09 25.65 -4.30
CA VAL J 106 -11.19 26.94 -3.64
C VAL J 106 -11.33 26.75 -2.13
N GLU J 107 -12.40 26.06 -1.72
CA GLU J 107 -12.61 25.86 -0.29
C GLU J 107 -11.55 24.94 0.30
N GLN J 108 -10.97 24.04 -0.51
CA GLN J 108 -9.85 23.26 0.00
C GLN J 108 -8.70 24.17 0.39
N MET J 109 -8.32 25.10 -0.50
CA MET J 109 -7.28 26.07 -0.17
C MET J 109 -7.65 26.88 1.05
N HIS J 110 -8.90 27.33 1.13
CA HIS J 110 -9.31 28.23 2.20
C HIS J 110 -9.22 27.53 3.56
N THR J 111 -9.82 26.34 3.66
CA THR J 111 -9.74 25.57 4.91
C THR J 111 -8.29 25.25 5.24
N ASP J 112 -7.50 24.86 4.24
CA ASP J 112 -6.12 24.49 4.52
C ASP J 112 -5.30 25.67 5.00
N ILE J 113 -5.47 26.85 4.40
CA ILE J 113 -4.66 28.00 4.79
C ILE J 113 -5.04 28.43 6.21
N ILE J 114 -6.34 28.45 6.53
CA ILE J 114 -6.72 28.87 7.88
C ILE J 114 -6.23 27.86 8.91
N SER J 115 -6.38 26.55 8.64
CA SER J 115 -5.90 25.56 9.60
C SER J 115 -4.39 25.64 9.75
N LEU J 116 -3.68 25.88 8.65
CA LEU J 116 -2.23 26.01 8.71
C LEU J 116 -1.83 27.19 9.56
N TRP J 117 -2.51 28.33 9.38
CA TRP J 117 -2.19 29.50 10.18
C TRP J 117 -2.45 29.25 11.66
N ASP J 118 -3.56 28.58 11.97
CA ASP J 118 -3.86 28.27 13.37
C ASP J 118 -2.78 27.37 13.96
N GLN J 119 -2.34 26.37 13.19
CA GLN J 119 -1.26 25.51 13.65
C GLN J 119 0.01 26.31 13.88
N SER J 120 0.32 27.25 12.99
CA SER J 120 1.55 28.03 13.11
C SER J 120 1.51 28.91 14.35
N LEU J 121 0.36 29.54 14.62
CA LEU J 121 0.25 30.41 15.79
C LEU J 121 0.17 29.64 17.09
N LYS J 122 -0.31 28.39 17.05
CA LYS J 122 -0.58 27.66 18.29
C LYS J 122 0.64 27.52 19.20
N PRO J 123 1.81 27.05 18.74
CA PRO J 123 2.96 26.91 19.65
C PRO J 123 3.77 28.19 19.80
N CYS J 124 3.12 29.23 20.32
CA CYS J 124 3.74 30.55 20.46
C CYS J 124 3.33 31.16 21.79
N VAL J 125 3.79 32.38 22.02
CA VAL J 125 3.59 33.04 23.31
C VAL J 125 2.11 33.38 23.48
N LYS J 126 1.44 32.68 24.40
CA LYS J 126 0.10 33.06 24.79
C LYS J 126 0.21 34.32 25.63
N LEU J 127 -0.04 35.47 25.00
CA LEU J 127 0.22 36.77 25.63
C LEU J 127 -1.03 37.28 26.35
N THR J 128 -1.57 36.43 27.23
CA THR J 128 -2.74 36.83 28.01
C THR J 128 -2.50 38.04 28.91
N PRO J 129 -1.39 38.14 29.68
CA PRO J 129 -1.34 39.18 30.71
C PRO J 129 -1.08 40.59 30.20
N LEU J 130 -1.02 40.83 28.89
CA LEU J 130 -0.91 42.20 28.41
C LEU J 130 -2.22 42.96 28.47
N CYS J 131 -3.35 42.26 28.58
CA CYS J 131 -4.65 42.93 28.64
C CYS J 131 -4.77 43.61 29.99
N VAL J 132 -4.11 44.75 30.11
CA VAL J 132 -3.99 45.50 31.36
C VAL J 132 -4.21 46.97 31.04
N THR J 133 -4.73 47.72 32.03
CA THR J 133 -4.92 49.15 31.86
C THR J 133 -3.58 49.83 31.56
N LEU J 134 -3.58 50.67 30.54
CA LEU J 134 -2.40 51.39 30.09
C LEU J 134 -2.59 52.89 30.36
N GLN J 135 -1.62 53.49 31.04
CA GLN J 135 -1.57 54.94 31.17
C GLN J 135 -0.90 55.48 29.92
N CYS J 136 -1.66 56.21 29.10
CA CYS J 136 -1.24 56.57 27.76
C CYS J 136 -1.37 58.07 27.52
N THR J 137 -0.57 58.54 26.56
CA THR J 137 -0.52 59.95 26.20
C THR J 137 -0.07 60.07 24.75
N ASN J 138 -0.28 61.25 24.18
CA ASN J 138 0.18 61.52 22.83
C ASN J 138 1.71 61.67 22.81
N VAL J 139 2.27 61.63 21.60
CA VAL J 139 3.70 61.75 21.36
C VAL J 139 3.93 63.06 20.63
N THR J 140 5.05 63.74 20.95
CA THR J 140 5.40 65.00 20.31
C THR J 140 6.91 65.09 20.01
N ASN J 141 7.57 63.95 19.83
CA ASN J 141 9.00 63.93 19.49
C ASN J 141 9.14 63.93 17.97
N ASN J 142 9.61 65.06 17.42
CA ASN J 142 9.76 65.31 15.97
C ASN J 142 8.57 64.82 15.16
N ILE J 143 7.36 64.98 15.71
CA ILE J 143 6.16 64.46 15.06
C ILE J 143 5.89 65.23 13.77
N THR J 144 5.39 64.52 12.76
CA THR J 144 4.97 65.10 11.49
C THR J 144 3.45 65.31 11.51
N ASP J 145 3.00 66.33 10.80
CA ASP J 145 1.56 66.61 10.71
C ASP J 145 0.86 65.46 10.00
N ASP J 146 -0.42 65.28 10.33
CA ASP J 146 -1.32 64.24 9.89
C ASP J 146 -1.09 62.93 10.64
N MET J 147 -0.04 62.82 11.46
CA MET J 147 0.06 61.67 12.36
C MET J 147 -0.91 61.83 13.53
N ARG J 148 -0.89 63.00 14.16
CA ARG J 148 -1.93 63.47 15.08
C ARG J 148 -2.21 62.44 16.17
N GLY J 149 -1.16 62.02 16.88
CA GLY J 149 -1.31 61.06 17.96
C GLY J 149 -1.80 59.70 17.53
N GLU J 150 -1.47 59.27 16.32
CA GLU J 150 -1.64 57.86 15.96
C GLU J 150 -0.60 56.95 16.60
N LEU J 151 0.46 57.50 17.19
CA LEU J 151 1.49 56.75 17.90
C LEU J 151 1.45 57.23 19.35
N LYS J 152 0.87 56.41 20.23
CA LYS J 152 0.59 56.81 21.59
C LYS J 152 1.58 56.13 22.52
N ASN J 153 2.25 56.95 23.35
CA ASN J 153 3.14 56.44 24.39
C ASN J 153 2.30 55.90 25.53
N CYS J 154 2.47 54.62 25.84
CA CYS J 154 1.74 53.95 26.91
C CYS J 154 2.72 53.34 27.90
N SER J 155 2.29 53.22 29.14
CA SER J 155 3.08 52.57 30.17
C SER J 155 2.16 51.83 31.11
N PHE J 156 2.65 50.73 31.68
CA PHE J 156 1.79 49.86 32.47
C PHE J 156 2.63 48.95 33.35
N ASN J 157 1.98 48.43 34.38
CA ASN J 157 2.55 47.34 35.17
C ASN J 157 2.45 46.03 34.40
N MET J 158 3.38 45.13 34.67
CA MET J 158 3.46 43.87 33.95
C MET J 158 4.18 42.86 34.84
N THR J 159 3.82 41.60 34.67
CA THR J 159 4.53 40.53 35.38
C THR J 159 5.95 40.40 34.81
N THR J 160 6.75 39.60 35.50
CA THR J 160 8.14 39.37 35.13
C THR J 160 8.47 37.90 35.38
N GLU J 161 9.77 37.59 35.35
CA GLU J 161 10.20 36.20 35.55
C GLU J 161 9.74 35.66 36.89
N LEU J 162 9.63 36.52 37.90
CA LEU J 162 9.27 36.17 39.26
C LEU J 162 7.91 36.78 39.58
N ARG J 163 6.98 35.95 40.05
CA ARG J 163 5.63 36.42 40.28
C ARG J 163 5.56 37.49 41.35
N ASP J 164 6.43 37.41 42.36
CA ASP J 164 6.36 38.37 43.46
C ASP J 164 6.65 39.79 42.98
N LYS J 165 7.65 39.94 42.13
CA LYS J 165 8.02 41.25 41.60
C LYS J 165 7.19 41.58 40.37
N LYS J 166 7.07 42.89 40.10
CA LYS J 166 6.37 43.39 38.93
C LYS J 166 7.15 44.56 38.38
N GLN J 167 7.07 44.75 37.06
CA GLN J 167 7.86 45.75 36.34
C GLN J 167 6.93 46.73 35.64
N LYS J 168 7.21 48.03 35.81
CA LYS J 168 6.54 49.06 35.04
C LYS J 168 7.34 49.30 33.77
N VAL J 169 6.69 49.13 32.63
CA VAL J 169 7.34 49.24 31.33
C VAL J 169 6.52 50.12 30.41
N TYR J 170 7.21 50.76 29.46
CA TYR J 170 6.61 51.66 28.49
C TYR J 170 6.79 51.11 27.08
N SER J 171 5.86 51.47 26.20
CA SER J 171 5.94 51.11 24.80
C SER J 171 5.06 52.03 23.99
N LEU J 172 5.28 52.04 22.68
CA LEU J 172 4.52 52.84 21.73
C LEU J 172 3.51 51.95 21.02
N PHE J 173 2.24 52.35 21.04
CA PHE J 173 1.16 51.59 20.42
C PHE J 173 0.40 52.46 19.43
N TYR J 174 -0.04 51.83 18.34
CA TYR J 174 -0.85 52.51 17.34
C TYR J 174 -2.27 52.73 17.86
N ARG J 175 -2.89 53.81 17.39
CA ARG J 175 -4.22 54.19 17.88
C ARG J 175 -5.24 53.10 17.57
N LEU J 176 -5.19 52.53 16.35
CA LEU J 176 -6.20 51.56 15.95
C LEU J 176 -6.13 50.28 16.76
N ASP J 177 -5.03 50.03 17.47
CA ASP J 177 -4.85 48.82 18.26
C ASP J 177 -5.28 48.98 19.71
N VAL J 178 -5.68 50.19 20.12
CA VAL J 178 -6.10 50.45 21.50
C VAL J 178 -7.37 51.28 21.48
N VAL J 179 -8.08 51.25 22.61
CA VAL J 179 -9.33 51.97 22.79
C VAL J 179 -9.31 52.66 24.14
N GLN J 180 -9.76 53.91 24.17
CA GLN J 180 -9.85 54.66 25.41
C GLN J 180 -10.96 54.10 26.29
N ILE J 181 -10.75 54.20 27.61
CA ILE J 181 -11.75 53.80 28.60
C ILE J 181 -11.67 54.81 29.73
N ASN J 182 -12.68 55.68 29.82
CA ASN J 182 -12.72 56.76 30.81
C ASN J 182 -11.48 57.64 30.71
N LYS J 194 -7.11 59.28 29.41
CA LYS J 194 -5.70 58.99 29.62
C LYS J 194 -5.43 57.51 29.87
N GLU J 195 -6.49 56.74 30.16
CA GLU J 195 -6.41 55.31 30.36
C GLU J 195 -6.93 54.60 29.12
N TYR J 196 -6.18 53.60 28.65
CA TYR J 196 -6.49 52.87 27.44
C TYR J 196 -6.38 51.37 27.69
N ARG J 197 -6.93 50.58 26.76
CA ARG J 197 -6.82 49.14 26.78
C ARG J 197 -6.60 48.65 25.35
N LEU J 198 -6.24 47.38 25.22
CA LEU J 198 -6.13 46.76 23.90
C LEU J 198 -7.53 46.54 23.32
N ILE J 199 -7.60 46.57 21.99
CA ILE J 199 -8.90 46.46 21.33
C ILE J 199 -9.51 45.09 21.55
N ASN J 200 -8.68 44.05 21.61
CA ASN J 200 -9.18 42.69 21.77
C ASN J 200 -9.44 42.31 23.23
N CYS J 201 -9.28 43.24 24.17
CA CYS J 201 -9.48 42.91 25.57
C CYS J 201 -10.92 42.45 25.83
N ASN J 202 -11.89 43.14 25.25
CA ASN J 202 -13.30 42.81 25.45
C ASN J 202 -13.85 41.84 24.42
N THR J 203 -13.03 41.31 23.51
CA THR J 203 -13.47 40.40 22.47
C THR J 203 -12.90 39.00 22.65
N SER J 204 -11.58 38.86 22.68
CA SER J 204 -10.96 37.54 22.58
C SER J 204 -9.57 37.60 23.22
N ALA J 205 -8.82 36.51 23.07
CA ALA J 205 -7.47 36.42 23.61
C ALA J 205 -6.49 37.05 22.62
N ILE J 206 -5.20 36.84 22.84
CA ILE J 206 -4.15 37.45 22.03
C ILE J 206 -2.91 36.57 22.13
N THR J 207 -2.21 36.42 21.00
CA THR J 207 -1.05 35.54 20.93
C THR J 207 -0.17 36.04 19.79
N GLN J 208 0.98 36.60 20.13
CA GLN J 208 1.85 37.19 19.13
C GLN J 208 2.51 36.11 18.28
N ALA J 209 2.67 36.38 17.00
CA ALA J 209 3.33 35.44 16.11
C ALA J 209 4.81 35.33 16.43
N CYS J 210 5.34 34.12 16.38
CA CYS J 210 6.72 33.89 16.84
C CYS J 210 7.70 34.64 15.94
N PRO J 211 8.80 35.16 16.50
CA PRO J 211 9.73 35.94 15.66
C PRO J 211 10.54 35.10 14.69
N LYS J 212 10.67 33.80 14.94
CA LYS J 212 11.46 32.92 14.09
C LYS J 212 10.63 32.30 12.96
N VAL J 213 9.54 32.96 12.56
CA VAL J 213 8.63 32.47 11.54
C VAL J 213 8.52 33.54 10.46
N SER J 214 8.83 33.16 9.23
CA SER J 214 8.81 34.08 8.10
C SER J 214 7.38 34.35 7.64
N PHE J 215 7.19 35.50 6.99
CA PHE J 215 5.89 35.95 6.51
C PHE J 215 5.88 36.23 5.02
N GLU J 216 7.00 36.08 4.32
CA GLU J 216 6.98 36.24 2.87
C GLU J 216 6.15 35.13 2.25
N PRO J 217 5.10 35.42 1.47
CA PRO J 217 4.39 34.33 0.79
C PRO J 217 5.28 33.65 -0.22
N ILE J 218 5.37 32.33 -0.12
CA ILE J 218 6.21 31.51 -1.00
C ILE J 218 5.27 30.78 -1.96
N PRO J 219 5.66 30.50 -3.21
CA PRO J 219 4.77 29.74 -4.08
C PRO J 219 4.51 28.35 -3.52
N ILE J 220 3.23 27.96 -3.50
CA ILE J 220 2.80 26.65 -3.05
C ILE J 220 2.05 25.97 -4.19
N HIS J 221 2.50 24.77 -4.54
CA HIS J 221 1.89 23.95 -5.57
C HIS J 221 0.97 22.93 -4.91
N TYR J 222 -0.09 22.55 -5.60
CA TYR J 222 -0.99 21.50 -5.13
C TYR J 222 -0.99 20.34 -6.11
N CYS J 223 -0.26 19.29 -5.74
CA CYS J 223 -0.18 18.06 -6.50
C CYS J 223 -1.42 17.20 -6.23
N ALA J 224 -1.79 16.25 -7.24
CA ALA J 224 -3.01 15.48 -7.06
C ALA J 224 -2.73 14.13 -6.41
N PRO J 225 -3.67 13.57 -5.67
CA PRO J 225 -3.51 12.18 -5.22
C PRO J 225 -3.56 11.25 -6.42
N ALA J 226 -2.87 10.12 -6.31
CA ALA J 226 -2.89 9.15 -7.39
C ALA J 226 -4.30 8.63 -7.60
N GLY J 227 -4.65 8.40 -8.87
CA GLY J 227 -6.01 8.07 -9.25
C GLY J 227 -6.89 9.26 -9.57
N PHE J 228 -6.37 10.48 -9.50
CA PHE J 228 -7.11 11.69 -9.84
C PHE J 228 -6.22 12.57 -10.71
N ALA J 229 -6.84 13.41 -11.53
CA ALA J 229 -6.13 14.27 -12.46
C ALA J 229 -6.60 15.72 -12.33
N ILE J 230 -5.74 16.65 -12.77
CA ILE J 230 -6.07 18.08 -12.80
C ILE J 230 -5.98 18.54 -14.24
N LEU J 231 -7.06 19.15 -14.71
CA LEU J 231 -7.16 19.71 -16.04
C LEU J 231 -6.92 21.21 -15.97
N LYS J 232 -6.18 21.73 -16.94
CA LYS J 232 -5.79 23.12 -17.02
C LYS J 232 -6.29 23.67 -18.36
N CYS J 233 -6.91 24.83 -18.32
CA CYS J 233 -7.55 25.43 -19.49
C CYS J 233 -6.61 26.48 -20.07
N LYS J 234 -6.00 26.16 -21.21
CA LYS J 234 -5.07 27.07 -21.87
C LYS J 234 -5.76 28.05 -22.83
N ASP J 235 -7.08 27.98 -22.96
CA ASP J 235 -7.79 28.81 -23.93
C ASP J 235 -7.69 30.26 -23.50
N LYS J 236 -6.91 31.05 -24.23
CA LYS J 236 -6.89 32.48 -24.00
C LYS J 236 -8.27 33.07 -24.28
N LYS J 237 -8.66 34.05 -23.46
CA LYS J 237 -9.99 34.64 -23.47
C LYS J 237 -11.05 33.65 -22.97
N PHE J 238 -10.68 32.84 -21.98
CA PHE J 238 -11.60 31.95 -21.29
C PHE J 238 -12.24 32.75 -20.17
N ASN J 239 -13.48 33.21 -20.40
CA ASN J 239 -14.08 34.18 -19.47
C ASN J 239 -14.27 33.60 -18.08
N GLY J 240 -14.37 32.28 -17.95
CA GLY J 240 -14.34 31.64 -16.64
C GLY J 240 -15.29 30.48 -16.43
N THR J 241 -16.39 30.45 -17.17
CA THR J 241 -17.46 29.48 -16.94
C THR J 241 -17.82 28.63 -18.15
N GLY J 242 -17.57 29.11 -19.37
CA GLY J 242 -17.98 28.39 -20.55
C GLY J 242 -17.11 27.17 -20.80
N PRO J 243 -17.53 26.30 -21.73
CA PRO J 243 -16.67 25.17 -22.10
C PRO J 243 -15.34 25.66 -22.68
N CYS J 244 -14.27 24.97 -22.33
CA CYS J 244 -12.91 25.38 -22.68
C CYS J 244 -12.24 24.33 -23.55
N PRO J 245 -11.97 24.57 -24.84
CA PRO J 245 -11.15 23.64 -25.61
C PRO J 245 -9.68 23.79 -25.23
N SER J 246 -8.83 23.05 -25.92
CA SER J 246 -7.38 23.10 -25.69
C SER J 246 -7.03 22.78 -24.24
N VAL J 247 -7.74 21.81 -23.68
CA VAL J 247 -7.45 21.37 -22.33
C VAL J 247 -6.10 20.67 -22.29
N SER J 248 -5.42 20.79 -21.15
CA SER J 248 -4.23 20.01 -20.86
C SER J 248 -4.42 19.35 -19.51
N THR J 249 -3.63 18.31 -19.24
CA THR J 249 -3.56 17.71 -17.90
C THR J 249 -2.18 17.98 -17.30
N VAL J 250 -2.19 18.42 -16.04
CA VAL J 250 -0.98 18.56 -15.25
C VAL J 250 -1.16 17.83 -13.93
N GLN J 251 -0.10 17.15 -13.48
CA GLN J 251 -0.15 16.47 -12.18
C GLN J 251 -0.23 17.47 -11.04
N CYS J 252 0.44 18.61 -11.17
CA CYS J 252 0.50 19.63 -10.13
C CYS J 252 0.42 21.00 -10.78
N THR J 253 -0.05 21.98 -10.00
CA THR J 253 -0.35 23.30 -10.55
C THR J 253 0.92 24.14 -10.66
N HIS J 254 0.80 25.27 -11.38
CA HIS J 254 1.89 26.23 -11.45
C HIS J 254 2.20 26.84 -10.09
N GLY J 255 1.23 26.85 -9.19
CA GLY J 255 1.42 27.28 -7.82
C GLY J 255 0.98 28.72 -7.59
N ILE J 256 0.35 28.96 -6.45
CA ILE J 256 -0.19 30.25 -6.08
C ILE J 256 0.52 30.71 -4.82
N LYS J 257 1.19 31.84 -4.88
CA LYS J 257 1.72 32.44 -3.66
C LYS J 257 0.55 32.85 -2.77
N PRO J 258 0.45 32.38 -1.50
CA PRO J 258 -0.77 32.67 -0.74
C PRO J 258 -0.80 34.12 -0.29
N VAL J 259 -0.96 35.03 -1.24
CA VAL J 259 -0.91 36.45 -0.93
C VAL J 259 -2.17 36.85 -0.17
N VAL J 260 -1.99 37.47 0.99
CA VAL J 260 -3.09 37.98 1.78
C VAL J 260 -3.32 39.43 1.36
N SER J 261 -4.55 39.74 0.94
CA SER J 261 -4.85 41.09 0.49
C SER J 261 -6.33 41.16 0.14
N THR J 262 -6.85 42.39 0.10
CA THR J 262 -8.23 42.64 -0.24
C THR J 262 -8.31 43.87 -1.13
N GLN J 263 -9.32 43.89 -2.02
CA GLN J 263 -9.59 44.99 -2.93
C GLN J 263 -8.56 45.11 -4.05
N LEU J 264 -7.50 44.31 -4.00
CA LEU J 264 -6.36 44.50 -4.90
C LEU J 264 -5.45 43.29 -4.77
N LEU J 265 -5.09 42.65 -5.87
CA LEU J 265 -4.27 41.45 -5.83
C LEU J 265 -2.81 41.78 -6.09
N LEU J 266 -1.93 41.25 -5.25
CA LEU J 266 -0.50 41.50 -5.30
C LEU J 266 0.23 40.23 -5.67
N ASN J 267 1.26 40.36 -6.53
CA ASN J 267 2.13 39.24 -6.90
C ASN J 267 1.31 38.08 -7.47
N GLY J 268 0.27 38.41 -8.24
CA GLY J 268 -0.60 37.42 -8.83
C GLY J 268 -0.17 37.02 -10.23
N SER J 269 -1.02 36.20 -10.86
CA SER J 269 -0.80 35.79 -12.24
C SER J 269 -1.36 36.83 -13.20
N LEU J 270 -0.70 36.96 -14.34
CA LEU J 270 -1.04 37.96 -15.36
C LEU J 270 -1.83 37.33 -16.48
N ALA J 271 -2.88 38.03 -16.92
CA ALA J 271 -3.65 37.57 -18.07
C ALA J 271 -2.75 37.51 -19.30
N GLU J 272 -3.07 36.59 -20.20
CA GLU J 272 -2.14 36.25 -21.28
C GLU J 272 -1.95 37.42 -22.23
N GLU J 273 -3.02 37.86 -22.88
CA GLU J 273 -2.95 38.89 -23.92
C GLU J 273 -3.79 40.11 -23.60
N GLU J 274 -5.04 39.94 -23.19
CA GLU J 274 -5.97 41.04 -22.98
C GLU J 274 -6.54 40.94 -21.57
N VAL J 275 -6.83 42.10 -20.98
CA VAL J 275 -7.43 42.16 -19.65
C VAL J 275 -8.72 41.35 -19.61
N MET J 276 -8.91 40.61 -18.53
CA MET J 276 -10.03 39.70 -18.36
C MET J 276 -10.96 40.14 -17.25
N ILE J 277 -12.26 39.96 -17.47
CA ILE J 277 -13.32 40.18 -16.49
C ILE J 277 -13.98 38.84 -16.20
N ARG J 278 -14.21 38.56 -14.92
CA ARG J 278 -14.74 37.28 -14.49
C ARG J 278 -15.79 37.52 -13.42
N SER J 279 -16.89 36.78 -13.48
CA SER J 279 -17.97 36.96 -12.52
C SER J 279 -18.85 35.72 -12.49
N GLU J 280 -19.62 35.61 -11.40
CA GLU J 280 -20.60 34.54 -11.28
C GLU J 280 -21.84 34.84 -12.11
N ASN J 281 -22.50 35.96 -11.82
CA ASN J 281 -23.67 36.43 -12.56
C ASN J 281 -23.41 37.92 -12.80
N ILE J 282 -22.82 38.24 -13.95
CA ILE J 282 -22.44 39.61 -14.27
C ILE J 282 -23.65 40.53 -14.25
N THR J 283 -24.84 40.00 -14.56
CA THR J 283 -26.05 40.80 -14.52
C THR J 283 -26.53 41.10 -13.11
N ASN J 284 -25.95 40.47 -12.08
CA ASN J 284 -26.36 40.68 -10.70
C ASN J 284 -25.32 41.56 -10.00
N ASN J 285 -25.81 42.58 -9.30
CA ASN J 285 -24.91 43.48 -8.59
C ASN J 285 -24.23 42.78 -7.41
N ALA J 286 -24.92 41.85 -6.76
CA ALA J 286 -24.39 41.21 -5.54
C ALA J 286 -23.51 40.01 -5.88
N LYS J 287 -22.54 40.23 -6.76
CA LYS J 287 -21.55 39.21 -7.11
C LYS J 287 -20.31 39.95 -7.55
N ASN J 288 -19.26 39.90 -6.73
CA ASN J 288 -18.05 40.67 -6.99
C ASN J 288 -17.44 40.27 -8.33
N ILE J 289 -16.82 41.24 -8.99
CA ILE J 289 -16.25 41.08 -10.32
C ILE J 289 -14.75 40.99 -10.17
N LEU J 290 -14.19 39.84 -10.51
CA LEU J 290 -12.75 39.69 -10.61
C LEU J 290 -12.26 40.32 -11.91
N VAL J 291 -11.11 40.98 -11.85
CA VAL J 291 -10.46 41.54 -13.03
C VAL J 291 -9.00 41.14 -12.98
N GLN J 292 -8.48 40.63 -14.09
CA GLN J 292 -7.09 40.20 -14.22
C GLN J 292 -6.43 41.01 -15.32
N PHE J 293 -5.28 41.61 -15.00
CA PHE J 293 -4.57 42.45 -15.96
C PHE J 293 -3.70 41.62 -16.89
N ASN J 294 -3.52 42.14 -18.11
CA ASN J 294 -2.56 41.58 -19.06
C ASN J 294 -1.15 42.12 -18.83
N THR J 295 -0.97 43.11 -17.95
CA THR J 295 0.33 43.67 -17.63
C THR J 295 0.17 44.35 -16.28
N PRO J 296 1.10 44.19 -15.35
CA PRO J 296 0.87 44.70 -13.99
C PRO J 296 1.14 46.19 -13.89
N VAL J 297 0.84 46.73 -12.71
CA VAL J 297 1.09 48.11 -12.35
C VAL J 297 2.10 48.09 -11.20
N GLN J 298 3.23 48.75 -11.37
CA GLN J 298 4.22 48.74 -10.30
C GLN J 298 3.71 49.56 -9.12
N ILE J 299 3.87 49.01 -7.91
CA ILE J 299 3.53 49.70 -6.68
C ILE J 299 4.69 49.53 -5.71
N ASN J 300 5.01 50.60 -4.97
CA ASN J 300 5.99 50.48 -3.90
C ASN J 300 5.43 51.12 -2.64
N CYS J 301 5.53 50.41 -1.53
CA CYS J 301 5.01 50.84 -0.24
C CYS J 301 6.15 50.95 0.75
N THR J 302 5.98 51.81 1.75
CA THR J 302 7.06 52.08 2.68
C THR J 302 6.49 52.42 4.05
N ARG J 303 7.16 51.91 5.09
CA ARG J 303 7.00 52.40 6.46
C ARG J 303 8.28 53.19 6.76
N PRO J 304 8.25 54.53 6.76
CA PRO J 304 9.50 55.30 6.87
C PRO J 304 10.14 55.27 8.24
N ASN J 305 9.40 54.92 9.29
CA ASN J 305 9.97 54.96 10.64
C ASN J 305 11.13 53.98 10.77
N ASN J 306 12.22 54.46 11.38
CA ASN J 306 13.33 53.59 11.77
C ASN J 306 13.01 53.04 13.17
N ASN J 307 12.07 52.09 13.18
CA ASN J 307 11.59 51.55 14.44
C ASN J 307 12.67 50.70 15.11
N THR J 308 12.46 50.46 16.41
CA THR J 308 13.33 49.61 17.22
C THR J 308 12.46 48.64 18.00
N ARG J 309 13.07 47.54 18.41
CA ARG J 309 12.40 46.47 19.15
C ARG J 309 13.10 46.26 20.47
N LYS J 310 12.31 46.19 21.55
CA LYS J 310 12.83 45.91 22.89
C LYS J 310 12.19 44.64 23.42
N SER J 311 13.00 43.79 24.03
CA SER J 311 12.52 42.52 24.59
C SER J 311 12.25 42.70 26.07
N ILE J 312 10.99 42.49 26.47
CA ILE J 312 10.56 42.59 27.85
C ILE J 312 10.14 41.19 28.29
N ARG J 313 10.83 40.66 29.28
CA ARG J 313 10.50 39.33 29.77
C ARG J 313 9.19 39.37 30.53
N ILE J 314 8.37 38.34 30.36
CA ILE J 314 7.02 38.31 30.90
C ILE J 314 6.87 37.13 31.84
N GLY J 315 7.00 35.92 31.29
CA GLY J 315 6.84 34.70 32.05
C GLY J 315 8.17 34.05 32.33
N PRO J 316 8.15 32.91 33.01
CA PRO J 316 9.40 32.19 33.29
C PRO J 316 9.99 31.56 32.03
N GLY J 317 10.63 32.36 31.20
CA GLY J 317 11.32 31.89 30.02
C GLY J 317 10.69 32.26 28.69
N GLN J 318 9.59 33.02 28.69
CA GLN J 318 8.94 33.48 27.48
C GLN J 318 8.74 34.98 27.59
N ALA J 319 9.03 35.70 26.52
CA ALA J 319 9.14 37.15 26.52
C ALA J 319 8.15 37.78 25.53
N PHE J 320 8.21 39.11 25.47
CA PHE J 320 7.39 39.94 24.60
C PHE J 320 8.30 40.96 23.92
N TYR J 321 7.87 41.41 22.75
CA TYR J 321 8.60 42.39 21.94
C TYR J 321 7.76 43.64 21.79
N ALA J 322 8.29 44.78 22.24
CA ALA J 322 7.59 46.05 22.19
C ALA J 322 8.33 47.01 21.26
N THR J 323 7.60 48.03 20.80
CA THR J 323 8.21 49.12 20.07
C THR J 323 9.26 49.78 20.96
N GLY J 324 10.48 49.90 20.44
CA GLY J 324 11.56 50.47 21.21
C GLY J 324 11.49 51.99 21.25
N ASP J 325 11.63 52.60 20.08
CA ASP J 325 11.59 54.05 19.92
C ASP J 325 11.68 54.32 18.42
N ILE J 326 11.23 55.50 18.02
CA ILE J 326 11.32 55.95 16.64
C ILE J 326 12.55 56.85 16.58
N ILE J 327 13.69 56.24 16.25
CA ILE J 327 14.97 56.95 16.21
C ILE J 327 15.12 57.63 14.86
N GLY J 328 14.61 58.85 14.75
CA GLY J 328 14.64 59.62 13.53
C GLY J 328 13.35 60.39 13.37
N ASP J 329 13.18 60.99 12.20
CA ASP J 329 11.97 61.76 11.93
C ASP J 329 10.78 60.81 11.80
N ILE J 330 9.66 61.17 12.44
CA ILE J 330 8.44 60.39 12.34
C ILE J 330 7.74 60.75 11.04
N ARG J 331 7.35 59.73 10.27
CA ARG J 331 6.63 59.94 9.03
C ARG J 331 5.66 58.79 8.82
N GLN J 332 4.68 59.04 7.95
CA GLN J 332 3.56 58.14 7.75
C GLN J 332 3.89 57.10 6.68
N ALA J 333 3.52 55.85 6.95
CA ALA J 333 3.66 54.81 5.95
C ALA J 333 2.71 55.07 4.78
N HIS J 334 3.20 54.90 3.57
CA HIS J 334 2.43 55.26 2.39
C HIS J 334 2.86 54.42 1.19
N CYS J 335 2.03 54.42 0.15
CA CYS J 335 2.29 53.70 -1.09
C CYS J 335 2.26 54.65 -2.27
N ASN J 336 3.29 54.56 -3.12
CA ASN J 336 3.33 55.28 -4.39
C ASN J 336 3.04 54.32 -5.53
N VAL J 337 2.26 54.80 -6.50
CA VAL J 337 1.91 54.05 -7.70
C VAL J 337 2.00 54.98 -8.90
N SER J 338 2.49 54.45 -10.02
CA SER J 338 2.64 55.24 -11.23
C SER J 338 1.29 55.73 -11.74
N LYS J 339 1.22 57.03 -12.03
CA LYS J 339 -0.04 57.61 -12.50
C LYS J 339 -0.37 57.15 -13.91
N ALA J 340 0.61 57.24 -14.83
CA ALA J 340 0.35 56.91 -16.23
C ALA J 340 0.04 55.44 -16.41
N THR J 341 0.79 54.56 -15.72
CA THR J 341 0.54 53.14 -15.84
C THR J 341 -0.87 52.79 -15.36
N TRP J 342 -1.29 53.36 -14.24
CA TRP J 342 -2.63 53.09 -13.74
C TRP J 342 -3.69 53.64 -14.68
N ASN J 343 -3.45 54.81 -15.26
CA ASN J 343 -4.41 55.38 -16.20
C ASN J 343 -4.57 54.50 -17.43
N GLU J 344 -3.45 53.99 -17.97
CA GLU J 344 -3.53 53.09 -19.11
C GLU J 344 -4.23 51.79 -18.73
N THR J 345 -3.92 51.26 -17.55
CA THR J 345 -4.57 50.02 -17.10
C THR J 345 -6.07 50.22 -17.00
N LEU J 346 -6.50 51.32 -16.40
CA LEU J 346 -7.93 51.57 -16.25
C LEU J 346 -8.60 51.83 -17.59
N GLY J 347 -7.87 52.43 -18.54
CA GLY J 347 -8.37 52.46 -19.91
C GLY J 347 -8.65 51.06 -20.44
N LYS J 348 -7.71 50.14 -20.19
CA LYS J 348 -7.91 48.77 -20.66
C LYS J 348 -9.14 48.14 -19.99
N VAL J 349 -9.28 48.32 -18.67
CA VAL J 349 -10.40 47.69 -17.98
C VAL J 349 -11.73 48.29 -18.44
N VAL J 350 -11.80 49.61 -18.61
CA VAL J 350 -13.07 50.20 -19.02
C VAL J 350 -13.41 49.78 -20.44
N LYS J 351 -12.41 49.67 -21.31
CA LYS J 351 -12.67 49.17 -22.66
C LYS J 351 -13.22 47.75 -22.61
N GLN J 352 -12.64 46.90 -21.76
CA GLN J 352 -13.15 45.53 -21.63
C GLN J 352 -14.56 45.53 -21.06
N LEU J 353 -14.81 46.36 -20.05
CA LEU J 353 -16.12 46.36 -19.38
C LEU J 353 -17.21 46.88 -20.30
N ARG J 354 -16.88 47.79 -21.20
CA ARG J 354 -17.90 48.33 -22.11
C ARG J 354 -18.48 47.26 -23.02
N LYS J 355 -17.78 46.13 -23.20
CA LYS J 355 -18.35 45.03 -23.97
C LYS J 355 -19.62 44.51 -23.32
N HIS J 356 -19.64 44.39 -22.00
CA HIS J 356 -20.77 43.84 -21.27
C HIS J 356 -21.83 44.88 -20.92
N PHE J 357 -21.57 46.17 -21.16
CA PHE J 357 -22.53 47.23 -20.84
C PHE J 357 -22.62 48.24 -21.98
N GLY J 358 -22.50 47.78 -23.22
CA GLY J 358 -22.64 48.65 -24.38
C GLY J 358 -21.54 49.69 -24.48
N ASN J 359 -21.49 50.38 -25.62
CA ASN J 359 -20.47 51.38 -25.89
C ASN J 359 -20.94 52.81 -25.64
N ASN J 360 -22.13 52.98 -25.06
CA ASN J 360 -22.72 54.30 -24.83
C ASN J 360 -22.93 54.61 -23.35
N THR J 361 -22.27 53.87 -22.46
CA THR J 361 -22.48 54.01 -21.03
C THR J 361 -21.45 54.93 -20.40
N ILE J 362 -21.65 55.21 -19.12
CA ILE J 362 -20.73 56.02 -18.32
C ILE J 362 -20.34 55.18 -17.11
N ILE J 363 -19.03 55.06 -16.87
CA ILE J 363 -18.49 54.21 -15.81
C ILE J 363 -17.78 55.10 -14.81
N ARG J 364 -18.23 55.09 -13.56
CA ARG J 364 -17.62 55.86 -12.49
C ARG J 364 -16.89 54.90 -11.56
N PHE J 365 -15.57 54.98 -11.53
CA PHE J 365 -14.80 54.25 -10.53
C PHE J 365 -14.88 55.05 -9.25
N ALA J 366 -15.75 54.62 -8.34
CA ALA J 366 -15.95 55.29 -7.06
C ALA J 366 -15.00 54.71 -6.02
N ASN J 367 -14.95 55.35 -4.86
CA ASN J 367 -14.11 54.87 -3.77
C ASN J 367 -14.82 53.73 -3.04
N SER J 368 -14.16 53.20 -2.01
CA SER J 368 -14.73 52.08 -1.27
C SER J 368 -15.97 52.52 -0.49
N SER J 369 -16.78 51.53 -0.13
CA SER J 369 -17.92 51.73 0.76
C SER J 369 -17.42 51.79 2.19
N GLY J 370 -18.33 51.67 3.15
CA GLY J 370 -17.95 51.72 4.56
C GLY J 370 -17.51 50.38 5.06
N GLY J 371 -18.25 49.78 5.98
CA GLY J 371 -17.89 48.46 6.45
C GLY J 371 -16.62 48.48 7.29
N ASP J 372 -16.08 47.29 7.49
CA ASP J 372 -14.88 47.14 8.29
C ASP J 372 -13.67 47.77 7.58
N LEU J 373 -12.60 47.98 8.35
CA LEU J 373 -11.41 48.59 7.80
C LEU J 373 -10.81 47.75 6.69
N GLU J 374 -10.95 46.43 6.76
CA GLU J 374 -10.50 45.58 5.65
C GLU J 374 -11.31 45.86 4.40
N VAL J 375 -12.62 46.03 4.52
CA VAL J 375 -13.44 46.39 3.37
C VAL J 375 -13.23 47.86 3.03
N THR J 376 -13.03 48.72 4.03
CA THR J 376 -12.90 50.14 3.76
C THR J 376 -11.55 50.45 3.12
N THR J 377 -10.50 49.79 3.56
CA THR J 377 -9.13 50.08 3.17
C THR J 377 -8.46 48.85 2.56
N HIS J 378 -7.48 49.12 1.69
CA HIS J 378 -6.70 48.06 1.07
C HIS J 378 -5.76 47.49 2.12
N SER J 379 -6.11 46.34 2.67
CA SER J 379 -5.26 45.67 3.66
C SER J 379 -4.28 44.76 2.94
N PHE J 380 -2.99 44.91 3.25
CA PHE J 380 -1.97 44.06 2.64
C PHE J 380 -0.81 43.88 3.61
N ASN J 381 -0.31 42.66 3.71
CA ASN J 381 0.83 42.35 4.56
C ASN J 381 2.13 42.55 3.80
N CYS J 382 3.11 43.17 4.47
CA CYS J 382 4.46 43.26 3.93
C CYS J 382 5.45 43.27 5.07
N GLY J 383 6.49 42.45 4.94
CA GLY J 383 7.59 42.49 5.88
C GLY J 383 7.21 42.16 7.31
N GLY J 384 6.07 41.50 7.53
CA GLY J 384 5.60 41.21 8.85
C GLY J 384 4.71 42.27 9.46
N GLU J 385 4.45 43.37 8.76
CA GLU J 385 3.54 44.42 9.21
C GLU J 385 2.40 44.57 8.22
N PHE J 386 1.20 44.71 8.78
CA PHE J 386 -0.05 44.68 8.00
C PHE J 386 -0.49 46.11 7.75
N PHE J 387 -0.26 46.58 6.53
CA PHE J 387 -0.63 47.94 6.16
C PHE J 387 -2.11 47.97 5.79
N TYR J 388 -2.75 49.10 6.11
CA TYR J 388 -4.12 49.38 5.69
C TYR J 388 -4.08 50.71 4.95
N CYS J 389 -4.24 50.67 3.63
CA CYS J 389 -4.04 51.84 2.78
C CYS J 389 -5.38 52.47 2.38
N ASN J 390 -5.37 53.80 2.33
CA ASN J 390 -6.59 54.56 2.09
C ASN J 390 -7.26 54.14 0.78
N THR J 391 -6.47 54.07 -0.30
CA THR J 391 -6.79 53.50 -1.60
C THR J 391 -7.94 54.20 -2.34
N SER J 392 -8.56 55.23 -1.75
CA SER J 392 -9.69 55.87 -2.40
C SER J 392 -9.24 56.78 -3.53
N GLY J 393 -8.00 57.25 -3.50
CA GLY J 393 -7.52 58.17 -4.51
C GLY J 393 -7.54 57.56 -5.90
N LEU J 394 -7.24 56.27 -6.01
CA LEU J 394 -7.07 55.67 -7.33
C LEU J 394 -8.41 55.60 -8.06
N PHE J 395 -9.44 55.12 -7.38
CA PHE J 395 -10.76 54.97 -7.98
C PHE J 395 -11.56 56.25 -7.77
N ASN J 396 -11.05 57.32 -8.37
CA ASN J 396 -11.71 58.64 -8.41
C ASN J 396 -11.63 59.14 -9.85
N SER J 397 -12.55 58.68 -10.69
CA SER J 397 -12.60 59.12 -12.09
C SER J 397 -13.86 58.57 -12.73
N THR J 398 -14.41 59.35 -13.67
CA THR J 398 -15.51 58.94 -14.53
C THR J 398 -14.99 58.83 -15.95
N TRP J 399 -15.48 57.81 -16.67
CA TRP J 399 -15.05 57.51 -18.03
C TRP J 399 -16.28 57.37 -18.91
N ILE J 400 -16.17 57.85 -20.14
CA ILE J 400 -17.26 57.85 -21.10
C ILE J 400 -16.70 57.39 -22.45
N ASP J 415 6.11 61.52 -12.00
CA ASP J 415 4.75 61.75 -11.51
C ASP J 415 4.16 60.45 -10.97
N SER J 416 3.65 60.51 -9.73
CA SER J 416 3.11 59.35 -9.05
C SER J 416 1.93 59.77 -8.19
N ILE J 417 1.23 58.77 -7.66
CA ILE J 417 0.09 58.97 -6.77
C ILE J 417 0.44 58.33 -5.43
N THR J 418 0.31 59.12 -4.36
CA THR J 418 0.67 58.71 -3.01
C THR J 418 -0.58 58.42 -2.21
N LEU J 419 -0.55 57.34 -1.43
CA LEU J 419 -1.71 56.85 -0.68
C LEU J 419 -1.32 56.71 0.79
N PRO J 420 -2.03 57.34 1.73
CA PRO J 420 -1.76 57.08 3.15
C PRO J 420 -2.02 55.63 3.51
N CYS J 421 -1.22 55.12 4.44
CA CYS J 421 -1.38 53.76 4.94
C CYS J 421 -1.08 53.72 6.42
N ARG J 422 -2.08 53.31 7.21
CA ARG J 422 -1.92 53.09 8.64
C ARG J 422 -1.45 51.66 8.89
N ILE J 423 -1.13 51.37 10.15
CA ILE J 423 -0.61 50.07 10.57
C ILE J 423 -1.44 49.59 11.74
N LYS J 424 -1.52 48.28 11.91
CA LYS J 424 -2.24 47.65 13.02
C LYS J 424 -1.48 46.41 13.43
N GLN J 425 -0.95 46.42 14.66
CA GLN J 425 -0.30 45.22 15.20
C GLN J 425 -1.31 44.14 15.60
N ILE J 426 -2.56 44.51 15.85
CA ILE J 426 -3.58 43.57 16.32
C ILE J 426 -4.39 43.16 15.09
N ILE J 427 -4.23 41.90 14.66
CA ILE J 427 -4.90 41.50 13.39
C ILE J 427 -5.87 40.33 13.60
N ASN J 428 -7.12 40.48 13.15
CA ASN J 428 -8.11 39.38 13.20
C ASN J 428 -8.66 39.24 11.77
N MET J 429 -7.83 38.76 10.84
CA MET J 429 -8.20 38.73 9.44
C MET J 429 -9.12 37.53 9.19
N TRP J 430 -9.43 37.27 7.92
CA TRP J 430 -10.57 36.42 7.54
C TRP J 430 -11.81 37.05 8.18
N GLN J 431 -12.79 36.23 8.55
CA GLN J 431 -14.00 36.69 9.21
C GLN J 431 -14.10 36.25 10.66
N ARG J 432 -13.10 35.51 11.17
CA ARG J 432 -13.21 34.91 12.49
C ARG J 432 -13.02 35.97 13.57
N ILE J 433 -13.97 36.01 14.51
CA ILE J 433 -13.88 36.85 15.70
C ILE J 433 -13.75 35.91 16.88
N GLY J 434 -12.63 36.00 17.59
CA GLY J 434 -12.32 35.08 18.67
C GLY J 434 -10.88 34.60 18.68
N GLN J 435 -10.06 35.14 17.78
CA GLN J 435 -8.65 34.76 17.73
C GLN J 435 -7.89 35.90 17.07
N ALA J 436 -7.02 36.55 17.85
CA ALA J 436 -6.26 37.71 17.41
C ALA J 436 -4.77 37.44 17.58
N MET J 437 -3.96 38.10 16.76
CA MET J 437 -2.52 37.92 16.74
C MET J 437 -1.84 39.28 16.78
N TYR J 438 -0.79 39.37 17.59
CA TYR J 438 0.01 40.59 17.73
C TYR J 438 1.26 40.47 16.87
N ALA J 439 1.42 41.41 15.95
CA ALA J 439 2.61 41.41 15.10
C ALA J 439 3.77 42.11 15.81
N PRO J 440 4.88 41.42 16.11
CA PRO J 440 5.98 42.11 16.78
C PRO J 440 6.59 43.16 15.87
N PRO J 441 7.09 44.28 16.42
CA PRO J 441 7.67 45.30 15.55
C PRO J 441 8.93 44.80 14.85
N ILE J 442 9.03 45.11 13.56
CA ILE J 442 10.22 44.79 12.77
C ILE J 442 11.14 46.01 12.80
N GLN J 443 12.41 45.78 13.10
CA GLN J 443 13.36 46.87 13.26
C GLN J 443 13.51 47.66 11.96
N GLY J 444 13.55 48.98 12.08
CA GLY J 444 13.96 49.83 10.99
C GLY J 444 12.88 50.07 9.95
N VAL J 445 13.29 50.80 8.92
CA VAL J 445 12.41 51.14 7.81
C VAL J 445 11.95 49.88 7.10
N ILE J 446 10.73 49.93 6.54
CA ILE J 446 10.18 48.84 5.74
C ILE J 446 9.97 49.35 4.33
N ARG J 447 10.43 48.57 3.34
CA ARG J 447 10.19 48.85 1.94
C ARG J 447 9.65 47.61 1.24
N CYS J 448 8.56 47.77 0.49
CA CYS J 448 7.94 46.72 -0.30
C CYS J 448 7.83 47.19 -1.74
N VAL J 449 8.10 46.27 -2.66
CA VAL J 449 7.95 46.57 -4.13
C VAL J 449 7.17 45.39 -4.73
N SER J 450 5.94 45.64 -5.20
CA SER J 450 5.07 44.60 -5.73
C SER J 450 4.52 45.02 -7.09
N ASN J 451 3.98 44.04 -7.79
CA ASN J 451 3.37 44.21 -9.10
C ASN J 451 1.87 43.92 -8.98
N ILE J 452 1.07 44.98 -9.10
CA ILE J 452 -0.37 44.89 -9.00
C ILE J 452 -0.88 44.12 -10.22
N THR J 453 -1.69 43.09 -9.98
CA THR J 453 -2.18 42.23 -11.06
C THR J 453 -3.69 42.22 -11.21
N GLY J 454 -4.44 42.18 -10.11
CA GLY J 454 -5.87 41.96 -10.18
C GLY J 454 -6.66 42.89 -9.27
N LEU J 455 -7.95 43.01 -9.60
CA LEU J 455 -8.90 43.83 -8.86
C LEU J 455 -10.15 43.04 -8.51
N ILE J 456 -10.76 43.40 -7.39
CA ILE J 456 -12.07 42.88 -6.99
C ILE J 456 -13.01 44.09 -6.96
N LEU J 457 -13.70 44.32 -8.07
CA LEU J 457 -14.60 45.47 -8.23
C LEU J 457 -16.05 45.01 -8.15
N THR J 458 -16.84 45.66 -7.30
CA THR J 458 -18.25 45.39 -7.16
C THR J 458 -19.05 46.50 -7.84
N ARG J 459 -19.97 46.12 -8.72
CA ARG J 459 -20.79 47.09 -9.44
C ARG J 459 -21.96 47.54 -8.57
N ASP J 460 -22.23 48.84 -8.60
CA ASP J 460 -23.33 49.39 -7.82
C ASP J 460 -24.65 48.84 -8.34
N GLY J 461 -25.57 48.58 -7.41
CA GLY J 461 -26.88 48.10 -7.78
C GLY J 461 -27.68 49.12 -8.56
N SER J 466 -30.32 55.21 -15.12
CA SER J 466 -30.63 53.86 -15.56
C SER J 466 -29.76 53.40 -16.73
N THR J 467 -28.69 54.16 -17.02
CA THR J 467 -27.72 53.78 -18.05
C THR J 467 -26.27 53.98 -17.62
N THR J 468 -26.01 54.61 -16.47
CA THR J 468 -24.66 54.84 -15.98
C THR J 468 -24.40 53.94 -14.78
N GLU J 469 -23.17 53.43 -14.68
CA GLU J 469 -22.81 52.43 -13.68
C GLU J 469 -21.61 52.89 -12.87
N THR J 470 -21.56 52.41 -11.63
CA THR J 470 -20.52 52.73 -10.67
C THR J 470 -19.84 51.46 -10.20
N PHE J 471 -18.54 51.54 -9.97
CA PHE J 471 -17.73 50.38 -9.59
C PHE J 471 -16.91 50.75 -8.37
N ARG J 472 -16.90 49.86 -7.37
CA ARG J 472 -16.32 50.12 -6.06
C ARG J 472 -15.31 49.04 -5.73
N PRO J 473 -14.22 49.36 -5.03
CA PRO J 473 -13.35 48.29 -4.52
C PRO J 473 -14.11 47.38 -3.55
N GLY J 474 -13.91 46.07 -3.70
CA GLY J 474 -14.64 45.08 -2.94
C GLY J 474 -13.71 44.21 -2.12
N GLY J 475 -14.31 43.22 -1.48
CA GLY J 475 -13.58 42.32 -0.59
C GLY J 475 -14.51 41.76 0.46
N GLY J 476 -13.89 41.30 1.55
CA GLY J 476 -14.62 40.68 2.64
C GLY J 476 -14.82 39.18 2.51
N ASP J 477 -14.47 38.60 1.36
CA ASP J 477 -14.55 37.14 1.14
C ASP J 477 -13.25 36.75 0.47
N MET J 478 -12.27 36.34 1.29
CA MET J 478 -10.93 36.08 0.78
C MET J 478 -10.87 34.95 -0.23
N ARG J 479 -11.85 34.03 -0.21
CA ARG J 479 -11.82 32.88 -1.12
C ARG J 479 -11.66 33.33 -2.57
N ASP J 480 -12.28 34.46 -2.92
CA ASP J 480 -12.20 34.98 -4.29
C ASP J 480 -10.76 35.15 -4.76
N ASN J 481 -9.86 35.55 -3.85
CA ASN J 481 -8.47 35.73 -4.21
C ASN J 481 -7.90 34.45 -4.81
N TRP J 482 -8.17 33.31 -4.17
CA TRP J 482 -7.67 32.05 -4.68
C TRP J 482 -8.20 31.79 -6.08
N ARG J 483 -9.49 32.10 -6.30
CA ARG J 483 -10.09 31.89 -7.62
C ARG J 483 -9.35 32.67 -8.69
N SER J 484 -8.83 33.86 -8.34
CA SER J 484 -8.14 34.68 -9.34
C SER J 484 -6.95 33.93 -9.93
N GLU J 485 -6.28 33.11 -9.12
CA GLU J 485 -5.15 32.32 -9.58
C GLU J 485 -5.51 30.85 -9.79
N LEU J 486 -6.80 30.48 -9.67
CA LEU J 486 -7.24 29.12 -9.86
C LEU J 486 -8.39 29.02 -10.87
N TYR J 487 -8.53 30.02 -11.74
CA TYR J 487 -9.63 30.01 -12.70
C TYR J 487 -9.52 28.85 -13.69
N LYS J 488 -8.30 28.46 -14.04
CA LYS J 488 -8.05 27.52 -15.13
C LYS J 488 -7.96 26.07 -14.70
N TYR J 489 -7.94 25.78 -13.40
CA TYR J 489 -7.65 24.45 -12.90
C TYR J 489 -8.94 23.79 -12.39
N LYS J 490 -9.16 22.55 -12.81
CA LYS J 490 -10.27 21.74 -12.37
C LYS J 490 -9.75 20.35 -11.99
N VAL J 491 -10.46 19.69 -11.09
CA VAL J 491 -10.11 18.35 -10.63
C VAL J 491 -11.08 17.35 -11.23
N VAL J 492 -10.59 16.16 -11.55
CA VAL J 492 -11.39 15.10 -12.13
C VAL J 492 -10.97 13.75 -11.56
N LYS J 493 -11.94 12.87 -11.37
CA LYS J 493 -11.72 11.51 -10.89
C LYS J 493 -11.74 10.57 -12.08
N ILE J 494 -10.74 9.71 -12.17
CA ILE J 494 -10.65 8.75 -13.26
C ILE J 494 -11.60 7.59 -12.98
N GLU J 495 -12.17 7.01 -14.04
CA GLU J 495 -12.99 5.81 -13.96
C GLU J 495 -12.41 4.79 -14.95
N PRO J 496 -11.27 4.19 -14.59
CA PRO J 496 -10.44 3.52 -15.61
C PRO J 496 -11.12 2.39 -16.34
N LEU J 497 -12.00 1.65 -15.68
CA LEU J 497 -12.63 0.50 -16.29
C LEU J 497 -13.79 0.94 -17.17
N GLY J 498 -14.11 0.11 -18.15
CA GLY J 498 -15.24 0.35 -19.04
C GLY J 498 -15.57 -0.91 -19.80
N VAL J 499 -16.68 -0.85 -20.53
CA VAL J 499 -17.13 -1.97 -21.36
C VAL J 499 -17.52 -1.44 -22.73
N ALA J 500 -17.45 -2.32 -23.73
CA ALA J 500 -17.77 -1.92 -25.09
C ALA J 500 -17.97 -3.17 -25.93
N PRO J 501 -18.64 -3.05 -27.09
CA PRO J 501 -18.85 -4.24 -27.94
C PRO J 501 -17.71 -4.52 -28.89
N THR J 502 -17.38 -5.80 -29.01
CA THR J 502 -16.39 -6.28 -29.98
C THR J 502 -16.93 -7.56 -30.58
N ARG J 503 -16.06 -8.29 -31.27
CA ARG J 503 -16.40 -9.56 -31.90
C ARG J 503 -15.77 -10.76 -31.22
N CYS J 504 -14.71 -10.57 -30.44
CA CYS J 504 -14.06 -11.69 -29.78
C CYS J 504 -14.97 -12.30 -28.72
N LYS J 505 -15.02 -13.63 -28.70
CA LYS J 505 -15.83 -14.40 -27.78
C LYS J 505 -14.93 -15.42 -27.09
N ARG J 506 -15.10 -15.58 -25.78
CA ARG J 506 -14.35 -16.59 -25.03
C ARG J 506 -14.98 -17.97 -25.19
N LEU K 9 2.46 8.37 -26.48
CA LEU K 9 1.98 9.54 -25.75
C LEU K 9 1.84 9.18 -24.28
N GLY K 10 1.60 10.19 -23.45
CA GLY K 10 1.63 10.04 -22.00
C GLY K 10 0.27 9.90 -21.36
N PHE K 11 0.19 10.32 -20.10
CA PHE K 11 -1.01 10.13 -19.28
C PHE K 11 -2.21 10.83 -19.91
N LEU K 12 -3.31 10.09 -20.04
CA LEU K 12 -4.58 10.57 -20.59
C LEU K 12 -4.43 11.12 -22.01
N GLY K 13 -3.33 10.80 -22.70
CA GLY K 13 -3.04 11.48 -23.95
C GLY K 13 -4.05 11.18 -25.04
N ALA K 14 -4.50 9.93 -25.11
CA ALA K 14 -5.47 9.51 -26.12
C ALA K 14 -6.91 9.80 -25.71
N ALA K 15 -7.14 10.62 -24.68
CA ALA K 15 -8.50 10.81 -24.18
C ALA K 15 -9.39 11.45 -25.23
N GLY K 16 -8.88 12.46 -25.93
CA GLY K 16 -9.60 13.06 -27.03
C GLY K 16 -9.45 12.33 -28.35
N SER K 17 -8.63 11.29 -28.40
CA SER K 17 -8.36 10.59 -29.65
C SER K 17 -9.45 9.59 -29.97
N THR K 18 -9.26 8.88 -31.08
CA THR K 18 -10.23 7.90 -31.52
C THR K 18 -10.26 6.71 -30.55
N MET K 19 -11.40 6.04 -30.51
CA MET K 19 -11.55 4.82 -29.74
C MET K 19 -10.45 3.81 -30.06
N GLY K 20 -10.23 3.55 -31.35
CA GLY K 20 -9.22 2.59 -31.74
C GLY K 20 -7.83 3.01 -31.30
N ALA K 21 -7.51 4.29 -31.42
CA ALA K 21 -6.19 4.77 -31.01
C ALA K 21 -6.00 4.59 -29.51
N ALA K 22 -6.96 5.04 -28.71
CA ALA K 22 -6.85 4.92 -27.26
C ALA K 22 -6.86 3.47 -26.80
N SER K 23 -7.43 2.55 -27.58
CA SER K 23 -7.46 1.16 -27.17
C SER K 23 -6.10 0.47 -27.27
N MET K 24 -5.06 1.15 -27.78
CA MET K 24 -3.72 0.59 -27.82
C MET K 24 -2.82 1.07 -26.69
N THR K 25 -3.25 2.07 -25.91
CA THR K 25 -2.40 2.69 -24.90
C THR K 25 -3.02 2.59 -23.51
N LEU K 26 -3.46 1.39 -23.12
CA LEU K 26 -4.11 1.23 -21.84
C LEU K 26 -3.11 1.25 -20.68
N THR K 27 -1.90 0.71 -20.90
CA THR K 27 -0.94 0.58 -19.81
C THR K 27 -0.50 1.93 -19.27
N VAL K 28 -0.26 2.90 -20.16
CA VAL K 28 0.22 4.22 -19.74
C VAL K 28 -0.78 4.86 -18.78
N GLN K 29 -2.06 4.55 -18.91
CA GLN K 29 -3.09 5.06 -18.04
C GLN K 29 -3.39 4.14 -16.87
N ALA K 30 -2.93 2.88 -16.92
CA ALA K 30 -3.14 1.97 -15.81
C ALA K 30 -2.05 2.07 -14.76
N ARG K 31 -0.80 2.26 -15.17
CA ARG K 31 0.28 2.36 -14.20
C ARG K 31 0.23 3.69 -13.45
N ASN K 32 -0.17 4.77 -14.12
CA ASN K 32 -0.37 6.06 -13.48
C ASN K 32 -1.64 6.12 -12.65
N LEU K 33 -2.47 5.09 -12.66
CA LEU K 33 -3.61 5.04 -11.75
C LEU K 33 -3.16 5.00 -10.30
N LEU K 34 -2.04 4.35 -10.02
CA LEU K 34 -1.59 4.08 -8.67
C LEU K 34 -0.10 4.36 -8.54
N THR K 58 0.03 17.92 11.68
CA THR K 58 -0.12 16.47 11.80
C THR K 58 -1.39 16.02 11.08
N VAL K 59 -2.40 16.89 11.05
CA VAL K 59 -3.62 16.61 10.30
C VAL K 59 -3.33 16.48 8.80
N TRP K 60 -2.22 17.07 8.34
CA TRP K 60 -1.88 16.99 6.93
C TRP K 60 -1.58 15.56 6.54
N GLY K 61 -0.81 14.86 7.38
CA GLY K 61 -0.62 13.45 7.18
C GLY K 61 -1.92 12.66 7.27
N ILE K 62 -2.86 13.14 8.09
CA ILE K 62 -4.13 12.43 8.23
C ILE K 62 -4.89 12.46 6.91
N LYS K 63 -5.04 13.66 6.33
CA LYS K 63 -5.75 13.75 5.06
C LYS K 63 -4.97 13.03 3.97
N GLN K 64 -3.64 13.07 4.02
CA GLN K 64 -2.85 12.39 3.01
C GLN K 64 -3.05 10.88 3.07
N LEU K 65 -3.03 10.31 4.28
CA LEU K 65 -3.24 8.87 4.41
C LEU K 65 -4.66 8.49 4.03
N GLN K 66 -5.64 9.34 4.36
CA GLN K 66 -7.01 9.05 3.95
C GLN K 66 -7.11 9.00 2.43
N ALA K 67 -6.52 9.98 1.74
CA ALA K 67 -6.56 9.98 0.28
C ALA K 67 -5.82 8.78 -0.30
N ARG K 68 -4.66 8.44 0.26
CA ARG K 68 -3.89 7.33 -0.26
C ARG K 68 -4.63 6.01 -0.09
N VAL K 69 -5.23 5.80 1.09
CA VAL K 69 -5.98 4.58 1.32
C VAL K 69 -7.21 4.54 0.43
N LEU K 70 -7.83 5.69 0.18
CA LEU K 70 -8.97 5.73 -0.74
C LEU K 70 -8.54 5.30 -2.14
N ALA K 71 -7.40 5.81 -2.62
CA ALA K 71 -6.92 5.42 -3.94
C ALA K 71 -6.60 3.93 -3.99
N VAL K 72 -5.97 3.41 -2.95
CA VAL K 72 -5.66 1.98 -2.91
C VAL K 72 -6.95 1.17 -2.93
N GLU K 73 -7.95 1.57 -2.15
CA GLU K 73 -9.20 0.84 -2.10
C GLU K 73 -9.95 0.91 -3.43
N ARG K 74 -9.80 2.02 -4.16
CA ARG K 74 -10.45 2.11 -5.48
C ARG K 74 -9.76 1.19 -6.48
N TYR K 75 -8.43 1.16 -6.47
CA TYR K 75 -7.73 0.22 -7.34
C TYR K 75 -8.12 -1.21 -6.98
N LEU K 76 -8.33 -1.48 -5.69
CA LEU K 76 -8.73 -2.82 -5.27
C LEU K 76 -10.17 -3.13 -5.66
N ARG K 77 -11.06 -2.13 -5.61
CA ARG K 77 -12.39 -2.25 -6.21
C ARG K 77 -12.27 -2.79 -7.61
N ASP K 78 -11.52 -2.08 -8.46
CA ASP K 78 -11.44 -2.45 -9.86
C ASP K 78 -10.79 -3.83 -10.04
N GLN K 79 -9.72 -4.10 -9.29
CA GLN K 79 -9.03 -5.38 -9.43
C GLN K 79 -9.94 -6.54 -9.06
N GLN K 80 -10.65 -6.43 -7.93
CA GLN K 80 -11.56 -7.50 -7.56
C GLN K 80 -12.69 -7.64 -8.57
N LEU K 81 -13.24 -6.51 -9.03
CA LEU K 81 -14.37 -6.57 -9.95
C LEU K 81 -13.97 -7.22 -11.25
N LEU K 82 -12.72 -7.04 -11.68
CA LEU K 82 -12.22 -7.77 -12.83
C LEU K 82 -11.94 -9.23 -12.48
N GLY K 83 -11.52 -9.49 -11.24
CA GLY K 83 -11.23 -10.86 -10.85
C GLY K 83 -12.46 -11.75 -10.84
N ILE K 84 -13.61 -11.19 -10.44
CA ILE K 84 -14.85 -11.99 -10.44
C ILE K 84 -15.46 -12.00 -11.84
N TRP K 85 -14.78 -11.44 -12.83
CA TRP K 85 -15.22 -11.47 -14.22
C TRP K 85 -14.34 -12.37 -15.09
N GLY K 86 -13.45 -13.16 -14.49
CA GLY K 86 -12.55 -13.98 -15.27
C GLY K 86 -11.48 -13.22 -16.03
N CYS K 87 -11.37 -11.92 -15.80
CA CYS K 87 -10.46 -11.05 -16.55
C CYS K 87 -9.28 -10.59 -15.69
N SER K 88 -8.91 -11.39 -14.69
CA SER K 88 -7.85 -11.00 -13.77
C SER K 88 -6.52 -10.91 -14.50
N GLY K 89 -5.83 -9.78 -14.32
CA GLY K 89 -4.48 -9.61 -14.83
C GLY K 89 -4.38 -9.29 -16.31
N LYS K 90 -5.50 -9.23 -17.02
CA LYS K 90 -5.53 -8.78 -18.41
C LYS K 90 -6.21 -7.41 -18.44
N LEU K 91 -5.51 -6.43 -19.00
CA LEU K 91 -6.12 -5.11 -19.16
C LEU K 91 -7.34 -5.17 -20.07
N ILE K 92 -7.39 -6.17 -20.95
CA ILE K 92 -8.43 -6.30 -21.96
C ILE K 92 -8.94 -7.73 -21.85
N CYS K 93 -10.24 -7.95 -22.04
CA CYS K 93 -10.76 -9.29 -21.85
C CYS K 93 -12.15 -9.44 -22.47
N CYS K 94 -12.32 -10.49 -23.27
CA CYS K 94 -13.59 -10.83 -23.88
C CYS K 94 -14.36 -11.82 -23.01
N THR K 95 -15.69 -11.72 -23.09
CA THR K 95 -16.57 -12.55 -22.28
C THR K 95 -17.74 -13.01 -23.12
N ASN K 96 -18.42 -14.05 -22.63
CA ASN K 96 -19.47 -14.73 -23.37
C ASN K 96 -20.78 -13.97 -23.42
N VAL K 97 -20.98 -12.96 -22.58
CA VAL K 97 -22.27 -12.27 -22.54
C VAL K 97 -22.51 -11.59 -23.89
N PRO K 98 -23.64 -11.83 -24.56
CA PRO K 98 -23.84 -11.25 -25.89
C PRO K 98 -24.35 -9.82 -25.78
N TRP K 99 -24.05 -9.04 -26.81
CA TRP K 99 -24.54 -7.67 -26.85
C TRP K 99 -26.05 -7.68 -27.09
N ASN K 100 -26.67 -6.56 -26.74
CA ASN K 100 -28.10 -6.33 -26.92
C ASN K 100 -28.25 -5.01 -27.67
N SER K 101 -28.94 -5.06 -28.81
CA SER K 101 -29.08 -3.85 -29.63
C SER K 101 -29.80 -2.74 -28.89
N SER K 102 -30.56 -3.06 -27.85
CA SER K 102 -31.20 -2.03 -27.04
C SER K 102 -30.16 -1.13 -26.38
N TRP K 103 -29.07 -1.72 -25.87
CA TRP K 103 -28.05 -0.92 -25.20
C TRP K 103 -27.42 0.09 -26.14
N SER K 104 -27.10 -0.32 -27.37
CA SER K 104 -26.57 0.60 -28.36
C SER K 104 -26.98 0.11 -29.73
N ASN K 105 -27.72 0.95 -30.47
CA ASN K 105 -28.01 0.69 -31.87
C ASN K 105 -26.94 1.36 -32.71
N ARG K 106 -25.73 0.78 -32.65
CA ARG K 106 -24.51 1.41 -33.13
C ARG K 106 -23.77 0.44 -34.03
N ASN K 107 -23.35 0.93 -35.20
CA ASN K 107 -22.48 0.15 -36.07
C ASN K 107 -21.07 0.13 -35.52
N LEU K 108 -20.39 -1.01 -35.68
CA LEU K 108 -19.12 -1.23 -35.00
C LEU K 108 -18.08 -0.23 -35.45
N SER K 109 -18.08 0.11 -36.75
CA SER K 109 -17.12 1.08 -37.27
C SER K 109 -17.30 2.42 -36.58
N GLU K 110 -18.55 2.85 -36.39
CA GLU K 110 -18.81 4.10 -35.68
C GLU K 110 -18.18 4.08 -34.29
N ILE K 111 -18.42 3.00 -33.54
CA ILE K 111 -17.97 2.91 -32.16
C ILE K 111 -16.45 3.00 -32.11
N TRP K 112 -15.76 2.22 -32.94
CA TRP K 112 -14.35 2.00 -32.73
C TRP K 112 -13.45 2.88 -33.59
N ASP K 113 -14.01 3.61 -34.56
CA ASP K 113 -13.23 4.49 -35.42
C ASP K 113 -13.76 5.92 -35.49
N ASN K 114 -14.85 6.26 -34.79
CA ASN K 114 -15.40 7.61 -34.91
C ASN K 114 -15.70 8.30 -33.59
N MET K 115 -15.95 7.53 -32.52
CA MET K 115 -16.58 8.07 -31.32
C MET K 115 -15.66 7.88 -30.12
N THR K 116 -15.46 8.96 -29.38
CA THR K 116 -14.49 9.00 -28.30
C THR K 116 -14.95 8.16 -27.10
N TRP K 117 -13.98 7.85 -26.24
CA TRP K 117 -14.28 7.04 -25.06
C TRP K 117 -15.22 7.76 -24.10
N LEU K 118 -15.04 9.07 -23.92
CA LEU K 118 -15.87 9.82 -22.99
C LEU K 118 -17.34 9.80 -23.42
N GLN K 119 -17.59 10.02 -24.71
CA GLN K 119 -18.95 9.96 -25.21
C GLN K 119 -19.54 8.57 -25.02
N TRP K 120 -18.72 7.53 -25.13
CA TRP K 120 -19.21 6.17 -24.94
C TRP K 120 -19.58 5.91 -23.49
N ASP K 121 -18.74 6.35 -22.55
CA ASP K 121 -19.08 6.19 -21.14
C ASP K 121 -20.33 6.98 -20.80
N LYS K 122 -20.49 8.16 -21.40
CA LYS K 122 -21.70 8.94 -21.17
C LYS K 122 -22.92 8.23 -21.72
N GLU K 123 -22.81 7.65 -22.91
CA GLU K 123 -23.97 7.09 -23.58
C GLU K 123 -24.51 5.88 -22.83
N ILE K 124 -23.62 5.00 -22.36
CA ILE K 124 -24.01 3.76 -21.69
C ILE K 124 -24.02 3.90 -20.17
N SER K 125 -23.95 5.13 -19.65
CA SER K 125 -23.94 5.31 -18.20
C SER K 125 -25.20 4.77 -17.54
N ASN K 126 -26.32 4.78 -18.26
CA ASN K 126 -27.56 4.24 -17.72
C ASN K 126 -27.47 2.75 -17.47
N TYR K 127 -26.99 2.00 -18.46
CA TYR K 127 -27.11 0.55 -18.52
C TYR K 127 -25.92 -0.18 -17.93
N THR K 128 -25.00 0.53 -17.29
CA THR K 128 -23.75 -0.07 -16.83
C THR K 128 -23.99 -1.20 -15.83
N GLN K 129 -24.93 -0.99 -14.90
CA GLN K 129 -25.13 -1.97 -13.83
C GLN K 129 -25.64 -3.30 -14.36
N ILE K 130 -26.57 -3.27 -15.33
CA ILE K 130 -27.08 -4.53 -15.84
C ILE K 130 -25.98 -5.28 -16.59
N ILE K 131 -25.08 -4.54 -17.27
CA ILE K 131 -23.96 -5.20 -17.93
C ILE K 131 -23.08 -5.90 -16.89
N TYR K 132 -22.79 -5.21 -15.79
CA TYR K 132 -21.96 -5.82 -14.77
C TYR K 132 -22.63 -7.05 -14.18
N GLY K 133 -23.94 -6.98 -13.93
CA GLY K 133 -24.64 -8.12 -13.36
C GLY K 133 -24.63 -9.33 -14.27
N LEU K 134 -24.97 -9.12 -15.54
CA LEU K 134 -24.95 -10.22 -16.51
C LEU K 134 -23.54 -10.79 -16.66
N LEU K 135 -22.54 -9.91 -16.69
CA LEU K 135 -21.17 -10.36 -16.87
C LEU K 135 -20.72 -11.22 -15.69
N GLU K 136 -21.05 -10.79 -14.47
CA GLU K 136 -20.71 -11.57 -13.29
C GLU K 136 -21.42 -12.91 -13.29
N GLU K 137 -22.70 -12.93 -13.66
CA GLU K 137 -23.43 -14.20 -13.69
C GLU K 137 -22.80 -15.15 -14.70
N SER K 138 -22.44 -14.63 -15.88
CA SER K 138 -21.82 -15.46 -16.90
C SER K 138 -20.49 -16.01 -16.42
N GLN K 139 -19.69 -15.19 -15.73
CA GLN K 139 -18.42 -15.67 -15.20
C GLN K 139 -18.63 -16.77 -14.17
N ASN K 140 -19.61 -16.61 -13.29
CA ASN K 140 -19.88 -17.64 -12.30
C ASN K 140 -20.27 -18.96 -12.97
N GLN K 141 -21.15 -18.86 -13.98
CA GLN K 141 -21.56 -20.06 -14.71
C GLN K 141 -20.37 -20.70 -15.41
N GLN K 142 -19.48 -19.87 -15.96
CA GLN K 142 -18.29 -20.39 -16.62
C GLN K 142 -17.38 -21.11 -15.64
N GLU K 143 -17.19 -20.54 -14.44
CA GLU K 143 -16.36 -21.21 -13.45
C GLU K 143 -16.95 -22.57 -13.07
N LYS K 144 -18.26 -22.61 -12.86
CA LYS K 144 -18.87 -23.88 -12.48
C LYS K 144 -18.73 -24.91 -13.59
N ASN K 145 -18.94 -24.49 -14.84
CA ASN K 145 -18.76 -25.41 -15.97
C ASN K 145 -17.32 -25.89 -16.07
N GLU K 146 -16.35 -24.99 -15.86
CA GLU K 146 -14.96 -25.39 -15.91
C GLU K 146 -14.64 -26.42 -14.83
N GLN K 147 -15.16 -26.19 -13.62
CA GLN K 147 -14.94 -27.16 -12.54
C GLN K 147 -15.53 -28.50 -12.89
N ASP K 148 -16.75 -28.50 -13.45
CA ASP K 148 -17.38 -29.77 -13.79
C ASP K 148 -16.58 -30.49 -14.88
N LEU K 149 -16.13 -29.75 -15.88
CA LEU K 149 -15.36 -30.36 -16.97
C LEU K 149 -14.05 -30.94 -16.47
N LEU K 150 -13.37 -30.24 -15.56
CA LEU K 150 -12.09 -30.73 -15.06
C LEU K 150 -12.25 -32.05 -14.32
N ALA K 151 -13.39 -32.27 -13.68
CA ALA K 151 -13.67 -33.52 -12.98
C ALA K 151 -14.16 -34.62 -13.90
N LEU K 152 -14.39 -34.35 -15.18
CA LEU K 152 -15.00 -35.31 -16.10
C LEU K 152 -13.96 -36.36 -16.50
N ASP K 153 -13.64 -37.22 -15.54
CA ASP K 153 -12.74 -38.34 -15.78
C ASP K 153 -12.78 -39.32 -14.61
N GLU L 1 -10.18 1.70 -56.94
CA GLU L 1 -9.08 2.39 -57.66
C GLU L 1 -7.69 1.99 -57.17
N VAL L 2 -7.64 1.21 -56.08
CA VAL L 2 -6.36 0.86 -55.47
C VAL L 2 -5.54 0.03 -56.43
N GLN L 3 -4.28 0.41 -56.60
CA GLN L 3 -3.34 -0.34 -57.42
C GLN L 3 -2.66 -1.39 -56.54
N LEU L 4 -2.73 -2.65 -56.95
CA LEU L 4 -2.10 -3.76 -56.24
C LEU L 4 -1.28 -4.55 -57.24
N VAL L 5 0.03 -4.31 -57.25
CA VAL L 5 0.96 -4.93 -58.19
C VAL L 5 1.86 -5.90 -57.44
N GLU L 6 2.53 -6.76 -58.20
CA GLU L 6 3.30 -7.86 -57.65
C GLU L 6 4.61 -7.98 -58.43
N THR L 7 5.53 -8.77 -57.88
CA THR L 7 6.74 -9.10 -58.60
C THR L 7 7.41 -10.29 -57.93
N GLY L 8 8.05 -11.12 -58.73
CA GLY L 8 8.73 -12.30 -58.21
C GLY L 8 9.19 -13.20 -59.33
N GLY L 9 9.99 -14.18 -58.95
CA GLY L 9 10.53 -15.10 -59.93
C GLY L 9 9.45 -15.93 -60.60
N GLY L 10 9.67 -16.23 -61.88
CA GLY L 10 8.75 -17.02 -62.66
C GLY L 10 9.21 -18.45 -62.86
N LEU L 11 10.52 -18.64 -63.01
CA LEU L 11 11.12 -19.96 -63.24
C LEU L 11 12.13 -20.24 -62.14
N VAL L 12 12.10 -21.46 -61.62
CA VAL L 12 13.01 -21.88 -60.55
C VAL L 12 13.32 -23.35 -60.76
N GLN L 13 14.23 -23.90 -59.92
CA GLN L 13 14.62 -25.30 -59.91
C GLN L 13 14.13 -25.99 -58.63
N PRO L 14 13.67 -27.24 -58.67
CA PRO L 14 13.12 -27.87 -57.46
C PRO L 14 14.13 -27.95 -56.32
N GLY L 15 13.65 -27.64 -55.12
CA GLY L 15 14.51 -27.60 -53.95
C GLY L 15 15.08 -26.23 -53.63
N GLY L 16 14.84 -25.22 -54.47
CA GLY L 16 15.28 -23.87 -54.22
C GLY L 16 14.29 -23.06 -53.44
N SER L 17 14.30 -21.75 -53.65
CA SER L 17 13.44 -20.85 -52.91
C SER L 17 13.31 -19.54 -53.67
N LEU L 18 12.20 -18.85 -53.33
CA LEU L 18 11.91 -17.55 -53.98
C LEU L 18 11.22 -16.63 -52.98
N LYS L 19 11.04 -15.36 -53.36
CA LYS L 19 10.35 -14.38 -52.51
C LYS L 19 9.48 -13.52 -53.42
N LEU L 20 8.17 -13.68 -53.31
CA LEU L 20 7.23 -12.78 -53.98
C LEU L 20 7.05 -11.50 -53.16
N SER L 21 6.91 -10.38 -53.85
CA SER L 21 6.64 -9.09 -53.22
C SER L 21 5.39 -8.47 -53.84
N CYS L 22 4.67 -7.71 -53.02
CA CYS L 22 3.45 -7.04 -53.42
C CYS L 22 3.49 -5.59 -52.95
N ARG L 23 3.14 -4.67 -53.85
CA ARG L 23 3.06 -3.25 -53.56
C ARG L 23 1.61 -2.81 -53.75
N ALA L 24 1.09 -2.08 -52.76
CA ALA L 24 -0.27 -1.59 -52.77
C ALA L 24 -0.26 -0.08 -52.60
N SER L 25 -1.25 0.58 -53.23
CA SER L 25 -1.32 2.04 -53.16
C SER L 25 -2.75 2.50 -53.43
N GLY L 26 -3.26 3.39 -52.59
CA GLY L 26 -4.57 3.99 -52.77
C GLY L 26 -5.50 3.86 -51.59
N TYR L 27 -4.95 3.53 -50.41
CA TYR L 27 -5.77 3.32 -49.22
C TYR L 27 -4.82 3.19 -48.03
N THR L 28 -5.40 2.88 -46.87
CA THR L 28 -4.65 2.64 -45.64
C THR L 28 -4.25 1.17 -45.61
N PHE L 29 -3.03 0.88 -46.06
CA PHE L 29 -2.52 -0.48 -46.02
C PHE L 29 -2.37 -1.00 -44.60
N SER L 30 -2.24 -0.11 -43.61
CA SER L 30 -2.05 -0.55 -42.24
C SER L 30 -3.34 -1.07 -41.60
N SER L 31 -4.51 -0.72 -42.13
CA SER L 31 -5.79 -1.09 -41.55
C SER L 31 -6.46 -2.26 -42.26
N PHE L 32 -5.76 -2.92 -43.19
CA PHE L 32 -6.34 -3.97 -44.02
C PHE L 32 -5.49 -5.22 -43.94
N ALA L 33 -6.15 -6.37 -43.73
CA ALA L 33 -5.48 -7.64 -43.84
C ALA L 33 -5.05 -7.88 -45.29
N MET L 34 -4.20 -8.88 -45.49
CA MET L 34 -3.74 -9.25 -46.82
C MET L 34 -3.76 -10.77 -46.94
N SER L 35 -3.76 -11.27 -48.17
CA SER L 35 -3.84 -12.70 -48.38
C SER L 35 -3.23 -13.09 -49.73
N TRP L 36 -2.45 -14.16 -49.70
CA TRP L 36 -1.89 -14.78 -50.89
C TRP L 36 -2.78 -15.95 -51.29
N VAL L 37 -3.27 -15.91 -52.53
CA VAL L 37 -4.11 -16.96 -53.08
C VAL L 37 -3.46 -17.41 -54.38
N ARG L 38 -3.70 -18.67 -54.78
CA ARG L 38 -3.13 -19.22 -55.99
C ARG L 38 -4.18 -19.90 -56.82
N GLN L 39 -3.99 -19.85 -58.14
CA GLN L 39 -4.81 -20.57 -59.10
C GLN L 39 -3.88 -21.29 -60.07
N ALA L 40 -4.03 -22.60 -60.16
CA ALA L 40 -3.22 -23.40 -61.06
C ALA L 40 -3.52 -22.99 -62.50
N PRO L 41 -2.58 -23.19 -63.44
CA PRO L 41 -2.74 -22.60 -64.78
C PRO L 41 -4.01 -23.02 -65.51
N GLY L 42 -4.49 -24.24 -65.26
CA GLY L 42 -5.73 -24.71 -65.86
C GLY L 42 -6.87 -24.86 -64.88
N LYS L 43 -6.56 -24.99 -63.59
CA LYS L 43 -7.54 -25.37 -62.58
C LYS L 43 -8.02 -24.11 -61.86
N GLY L 44 -8.78 -24.30 -60.78
CA GLY L 44 -9.40 -23.22 -60.06
C GLY L 44 -8.47 -22.59 -59.03
N LEU L 45 -9.04 -21.67 -58.25
CA LEU L 45 -8.28 -20.94 -57.25
C LEU L 45 -8.08 -21.77 -56.00
N GLU L 46 -7.11 -21.36 -55.18
CA GLU L 46 -6.77 -22.07 -53.95
C GLU L 46 -6.11 -21.10 -52.99
N TRP L 47 -6.67 -20.97 -51.79
CA TRP L 47 -6.09 -20.10 -50.78
C TRP L 47 -4.74 -20.64 -50.32
N VAL L 48 -3.76 -19.76 -50.18
CA VAL L 48 -2.41 -20.12 -49.75
C VAL L 48 -2.16 -19.65 -48.31
N SER L 49 -2.26 -18.35 -48.07
CA SER L 49 -1.91 -17.82 -46.76
C SER L 49 -2.68 -16.53 -46.50
N LEU L 50 -2.86 -16.23 -45.21
CA LEU L 50 -3.62 -15.07 -44.74
C LEU L 50 -2.82 -14.37 -43.66
N ILE L 51 -2.77 -13.04 -43.71
CA ILE L 51 -1.98 -12.23 -42.80
C ILE L 51 -2.86 -11.11 -42.26
N ASN L 52 -2.77 -10.88 -40.96
CA ASN L 52 -3.52 -9.83 -40.29
C ASN L 52 -2.93 -8.46 -40.65
N ASP L 53 -3.71 -7.41 -40.34
CA ASP L 53 -3.29 -6.06 -40.71
C ASP L 53 -2.03 -5.63 -39.98
N ARG L 54 -1.93 -5.93 -38.68
CA ARG L 54 -0.76 -5.52 -37.91
C ARG L 54 0.49 -6.32 -38.27
N GLY L 55 0.37 -7.37 -39.08
CA GLY L 55 1.53 -8.13 -39.48
C GLY L 55 2.18 -8.89 -38.35
N GLY L 56 1.38 -9.41 -37.42
CA GLY L 56 1.89 -10.21 -36.32
C GLY L 56 1.50 -11.68 -36.42
N LEU L 57 0.32 -11.96 -36.97
CA LEU L 57 -0.18 -13.31 -37.10
C LEU L 57 0.20 -13.91 -38.45
N THR L 58 -0.01 -15.22 -38.57
CA THR L 58 0.25 -15.95 -39.80
C THR L 58 -0.74 -17.09 -39.90
N PHE L 59 -1.10 -17.46 -41.13
CA PHE L 59 -1.98 -18.58 -41.37
C PHE L 59 -1.64 -19.20 -42.73
N TYR L 60 -1.67 -20.52 -42.80
CA TYR L 60 -1.31 -21.25 -44.01
C TYR L 60 -2.21 -22.47 -44.15
N VAL L 61 -2.36 -22.94 -45.39
CA VAL L 61 -2.91 -24.27 -45.60
C VAL L 61 -1.96 -25.29 -45.00
N ASP L 62 -2.47 -26.51 -44.81
CA ASP L 62 -1.63 -27.57 -44.27
C ASP L 62 -0.53 -28.01 -45.24
N SER L 63 -0.62 -27.63 -46.51
CA SER L 63 0.35 -28.10 -47.50
C SER L 63 1.74 -27.54 -47.24
N VAL L 64 1.84 -26.25 -46.93
CA VAL L 64 3.11 -25.53 -46.91
C VAL L 64 3.38 -24.90 -45.55
N LYS L 65 2.96 -25.56 -44.48
CA LYS L 65 3.15 -25.01 -43.14
C LYS L 65 4.62 -24.71 -42.85
N GLY L 66 5.49 -25.68 -43.10
CA GLY L 66 6.91 -25.52 -42.85
C GLY L 66 7.73 -24.98 -43.99
N ARG L 67 7.11 -24.60 -45.11
CA ARG L 67 7.81 -24.19 -46.32
C ARG L 67 7.62 -22.72 -46.68
N PHE L 68 6.46 -22.15 -46.37
CA PHE L 68 6.14 -20.77 -46.71
C PHE L 68 6.24 -19.90 -45.47
N THR L 69 6.56 -18.62 -45.68
CA THR L 69 6.50 -17.64 -44.59
C THR L 69 6.17 -16.27 -45.17
N ILE L 70 5.08 -15.67 -44.69
CA ILE L 70 4.52 -14.45 -45.25
C ILE L 70 4.69 -13.35 -44.20
N SER L 71 5.17 -12.19 -44.64
CA SER L 71 5.38 -11.03 -43.79
C SER L 71 4.91 -9.79 -44.53
N ARG L 72 4.88 -8.67 -43.82
CA ARG L 72 4.40 -7.42 -44.40
C ARG L 72 5.01 -6.24 -43.68
N ASP L 73 5.51 -5.28 -44.45
CA ASP L 73 5.98 -4.00 -43.94
C ASP L 73 4.82 -3.02 -44.09
N ASN L 74 4.55 -2.26 -43.03
CA ASN L 74 3.39 -1.39 -42.98
C ASN L 74 3.73 0.04 -43.41
N SER L 75 4.88 0.55 -42.98
CA SER L 75 5.27 1.91 -43.33
C SER L 75 5.51 2.04 -44.84
N LYS L 76 6.32 1.13 -45.40
CA LYS L 76 6.55 1.17 -46.85
C LYS L 76 5.35 0.67 -47.65
N ASN L 77 4.31 0.16 -47.00
CA ASN L 77 3.11 -0.32 -47.68
C ASN L 77 3.48 -1.45 -48.65
N THR L 78 3.96 -2.56 -48.08
CA THR L 78 4.50 -3.65 -48.87
C THR L 78 4.19 -4.97 -48.18
N LEU L 79 4.05 -6.03 -48.97
CA LEU L 79 3.88 -7.38 -48.46
C LEU L 79 4.89 -8.29 -49.15
N SER L 80 5.24 -9.39 -48.50
CA SER L 80 6.18 -10.34 -49.08
C SER L 80 5.86 -11.75 -48.57
N LEU L 81 6.29 -12.74 -49.36
CA LEU L 81 6.18 -14.14 -48.97
C LEU L 81 7.39 -14.87 -49.51
N GLN L 82 8.12 -15.54 -48.63
CA GLN L 82 9.29 -16.33 -49.01
C GLN L 82 8.88 -17.80 -49.01
N MET L 83 9.04 -18.45 -50.16
CA MET L 83 8.78 -19.88 -50.31
C MET L 83 10.10 -20.62 -50.32
N HIS L 84 10.20 -21.63 -49.46
CA HIS L 84 11.39 -22.45 -49.27
C HIS L 84 11.09 -23.89 -49.68
N SER L 85 12.03 -24.50 -50.41
CA SER L 85 11.95 -25.90 -50.80
C SER L 85 10.62 -26.22 -51.50
N LEU L 86 10.24 -25.36 -52.44
CA LEU L 86 8.94 -25.49 -53.08
C LEU L 86 8.89 -26.74 -53.96
N ARG L 87 7.67 -27.27 -54.12
CA ARG L 87 7.37 -28.43 -54.94
C ARG L 87 6.63 -27.99 -56.20
N ASP L 88 6.32 -28.96 -57.06
CA ASP L 88 5.83 -28.65 -58.39
C ASP L 88 4.38 -28.20 -58.37
N GLY L 89 3.59 -28.68 -57.41
CA GLY L 89 2.21 -28.23 -57.29
C GLY L 89 2.08 -26.73 -57.12
N ASP L 90 3.11 -26.07 -56.58
CA ASP L 90 3.11 -24.62 -56.44
C ASP L 90 3.14 -23.88 -57.77
N THR L 91 3.40 -24.56 -58.88
CA THR L 91 3.37 -23.92 -60.19
C THR L 91 1.98 -23.37 -60.48
N ALA L 92 1.84 -22.04 -60.49
CA ALA L 92 0.51 -21.44 -60.52
C ALA L 92 0.67 -19.93 -60.59
N VAL L 93 -0.47 -19.24 -60.80
CA VAL L 93 -0.50 -17.78 -60.73
C VAL L 93 -0.93 -17.38 -59.32
N TYR L 94 -0.12 -16.53 -58.68
CA TYR L 94 -0.33 -16.10 -57.31
C TYR L 94 -0.86 -14.68 -57.31
N TYR L 95 -2.01 -14.48 -56.67
CA TYR L 95 -2.69 -13.20 -56.55
C TYR L 95 -2.59 -12.71 -55.12
N CYS L 96 -2.22 -11.44 -54.95
CA CYS L 96 -2.44 -10.74 -53.70
C CYS L 96 -3.89 -10.29 -53.61
N ALA L 97 -4.41 -10.23 -52.40
CA ALA L 97 -5.76 -9.71 -52.24
C ALA L 97 -5.97 -9.18 -50.82
N THR L 98 -6.58 -8.01 -50.73
CA THR L 98 -6.90 -7.41 -49.44
C THR L 98 -7.95 -8.26 -48.72
N GLY L 99 -8.25 -7.88 -47.48
CA GLY L 99 -9.27 -8.58 -46.74
C GLY L 99 -8.87 -9.99 -46.34
N GLY L 100 -9.89 -10.77 -45.98
CA GLY L 100 -9.70 -12.12 -45.50
C GLY L 100 -10.12 -12.26 -44.05
N MET L 101 -9.76 -11.29 -43.22
CA MET L 101 -10.20 -11.25 -41.84
C MET L 101 -10.01 -9.83 -41.32
N SER L 102 -11.00 -9.33 -40.60
CA SER L 102 -10.86 -8.05 -39.94
C SER L 102 -10.04 -8.20 -38.67
N SER L 103 -9.72 -7.07 -38.06
CA SER L 103 -8.78 -7.00 -36.94
C SER L 103 -9.47 -7.03 -35.60
N ALA L 104 -10.61 -7.72 -35.49
CA ALA L 104 -11.39 -7.89 -34.27
C ALA L 104 -12.09 -6.62 -33.81
N LEU L 105 -11.90 -5.50 -34.50
CA LEU L 105 -12.37 -4.20 -34.04
C LEU L 105 -13.25 -3.47 -35.03
N GLN L 106 -13.18 -3.79 -36.31
CA GLN L 106 -14.09 -3.29 -37.33
C GLN L 106 -14.93 -4.46 -37.86
N SER L 107 -15.76 -4.15 -38.85
CA SER L 107 -16.73 -5.13 -39.35
C SER L 107 -16.03 -6.36 -39.90
N SER L 108 -16.57 -7.52 -39.58
CA SER L 108 -16.04 -8.77 -40.10
C SER L 108 -16.11 -8.77 -41.62
N LYS L 109 -15.04 -9.25 -42.26
CA LYS L 109 -14.91 -9.20 -43.72
C LYS L 109 -15.05 -10.60 -44.31
N TYR L 110 -14.13 -11.51 -44.04
CA TYR L 110 -14.14 -12.88 -44.55
C TYR L 110 -14.41 -12.92 -46.06
N TYR L 111 -13.61 -12.18 -46.81
CA TYR L 111 -13.61 -12.24 -48.26
C TYR L 111 -12.32 -11.61 -48.76
N PHE L 112 -12.24 -11.37 -50.07
CA PHE L 112 -11.05 -10.82 -50.71
C PHE L 112 -11.45 -9.64 -51.58
N ASP L 113 -11.19 -8.42 -51.11
CA ASP L 113 -11.83 -7.24 -51.71
C ASP L 113 -11.15 -6.95 -53.05
N PHE L 114 -9.87 -6.58 -53.00
CA PHE L 114 -9.11 -6.21 -54.19
C PHE L 114 -8.31 -7.40 -54.67
N TRP L 115 -8.06 -7.45 -55.98
CA TRP L 115 -7.27 -8.51 -56.58
C TRP L 115 -6.30 -7.87 -57.55
N GLY L 116 -5.01 -8.13 -57.36
CA GLY L 116 -3.98 -7.64 -58.26
C GLY L 116 -3.87 -8.48 -59.51
N GLN L 117 -2.95 -8.05 -60.39
CA GLN L 117 -2.77 -8.72 -61.67
C GLN L 117 -2.17 -10.11 -61.54
N GLY L 118 -1.65 -10.46 -60.38
CA GLY L 118 -1.01 -11.75 -60.16
C GLY L 118 0.41 -11.81 -60.68
N ALA L 119 1.03 -12.96 -60.44
CA ALA L 119 2.33 -13.28 -61.01
C ALA L 119 2.44 -14.79 -61.13
N LEU L 120 2.92 -15.26 -62.27
CA LEU L 120 3.06 -16.69 -62.48
C LEU L 120 4.38 -17.19 -61.87
N VAL L 121 4.32 -18.37 -61.27
CA VAL L 121 5.49 -19.06 -60.74
C VAL L 121 5.54 -20.45 -61.34
N THR L 122 6.72 -20.85 -61.81
CA THR L 122 6.97 -22.16 -62.39
C THR L 122 8.28 -22.69 -61.84
N VAL L 123 8.39 -24.03 -61.77
CA VAL L 123 9.58 -24.70 -61.29
C VAL L 123 9.93 -25.83 -62.24
N SER L 124 11.23 -25.99 -62.50
CA SER L 124 11.72 -27.00 -63.43
C SER L 124 11.39 -28.40 -62.92
N ALA M 1 -12.51 -29.81 -51.59
CA ALA M 1 -13.03 -28.74 -52.44
C ALA M 1 -14.55 -28.72 -52.40
N LEU M 2 -15.13 -27.70 -53.01
CA LEU M 2 -16.58 -27.57 -53.12
C LEU M 2 -17.03 -28.26 -54.41
N THR M 3 -18.35 -28.29 -54.63
CA THR M 3 -18.95 -28.93 -55.80
C THR M 3 -19.82 -27.90 -56.50
N GLN M 4 -19.49 -27.62 -57.77
CA GLN M 4 -20.23 -26.70 -58.62
C GLN M 4 -20.47 -27.35 -59.97
N PRO M 5 -21.52 -26.95 -60.70
CA PRO M 5 -21.68 -27.44 -62.08
C PRO M 5 -20.49 -27.01 -62.93
N PRO M 6 -20.00 -27.87 -63.82
CA PRO M 6 -18.90 -27.42 -64.71
C PRO M 6 -19.27 -26.24 -65.61
N SER M 7 -20.51 -26.17 -66.08
CA SER M 7 -20.87 -25.15 -67.07
C SER M 7 -22.36 -24.86 -67.02
N VAL M 8 -22.73 -23.73 -67.61
CA VAL M 8 -24.13 -23.34 -67.78
C VAL M 8 -24.22 -22.53 -69.07
N SER M 9 -25.41 -22.52 -69.68
CA SER M 9 -25.67 -21.75 -70.89
C SER M 9 -27.01 -21.04 -70.77
N GLY M 10 -27.13 -19.93 -71.47
CA GLY M 10 -28.37 -19.16 -71.46
C GLY M 10 -28.27 -18.01 -72.43
N SER M 11 -29.45 -17.49 -72.79
CA SER M 11 -29.59 -16.39 -73.74
C SER M 11 -29.86 -15.09 -73.01
N PRO M 12 -29.55 -13.93 -73.62
CA PRO M 12 -29.87 -12.66 -72.96
C PRO M 12 -31.37 -12.49 -72.77
N GLY M 13 -31.73 -11.83 -71.66
CA GLY M 13 -33.10 -11.55 -71.31
C GLY M 13 -33.66 -12.44 -70.21
N GLN M 14 -33.12 -13.65 -70.05
CA GLN M 14 -33.53 -14.58 -69.01
C GLN M 14 -32.51 -14.55 -67.87
N SER M 15 -32.65 -15.49 -66.93
CA SER M 15 -31.76 -15.60 -65.78
C SER M 15 -31.32 -17.04 -65.60
N VAL M 16 -30.13 -17.21 -65.02
CA VAL M 16 -29.56 -18.52 -64.74
C VAL M 16 -29.05 -18.53 -63.30
N THR M 17 -28.80 -19.75 -62.81
CA THR M 17 -28.36 -19.96 -61.43
C THR M 17 -27.20 -20.95 -61.41
N ILE M 18 -26.30 -20.76 -60.45
CA ILE M 18 -25.16 -21.64 -60.22
C ILE M 18 -25.14 -22.00 -58.74
N SER M 19 -24.98 -23.29 -58.46
CA SER M 19 -24.98 -23.82 -57.10
C SER M 19 -23.56 -24.17 -56.66
N CYS M 20 -23.36 -24.11 -55.34
CA CYS M 20 -22.10 -24.50 -54.71
C CYS M 20 -22.44 -25.17 -53.39
N THR M 21 -21.94 -26.39 -53.19
CA THR M 21 -22.31 -27.20 -52.03
C THR M 21 -21.08 -27.87 -51.46
N GLY M 22 -21.09 -28.05 -50.13
CA GLY M 22 -20.01 -28.71 -49.42
C GLY M 22 -20.46 -29.36 -48.13
N THR M 23 -19.52 -29.60 -47.23
CA THR M 23 -19.85 -30.22 -45.95
C THR M 23 -20.69 -29.27 -45.09
N SER M 24 -21.45 -29.86 -44.16
CA SER M 24 -22.28 -29.07 -43.28
C SER M 24 -21.46 -28.20 -42.33
N SER M 25 -20.19 -28.55 -42.10
CA SER M 25 -19.39 -27.79 -41.13
C SER M 25 -19.19 -26.35 -41.58
N ASP M 26 -19.00 -26.14 -42.88
CA ASP M 26 -18.65 -24.82 -43.42
C ASP M 26 -19.88 -24.04 -43.90
N ILE M 27 -20.63 -24.59 -44.85
CA ILE M 27 -21.75 -23.85 -45.41
C ILE M 27 -22.88 -23.75 -44.40
N GLY M 28 -23.20 -24.84 -43.71
CA GLY M 28 -24.30 -24.83 -42.76
C GLY M 28 -24.04 -23.93 -41.57
N SER M 29 -22.85 -24.02 -40.99
CA SER M 29 -22.57 -23.28 -39.76
C SER M 29 -22.47 -21.78 -40.02
N TYR M 30 -21.71 -21.39 -41.04
CA TYR M 30 -21.38 -20.00 -41.32
C TYR M 30 -22.03 -19.56 -42.62
N ASN M 31 -22.67 -18.39 -42.60
CA ASN M 31 -23.24 -17.79 -43.79
C ASN M 31 -22.25 -16.86 -44.49
N TYR M 32 -21.05 -17.39 -44.72
CA TYR M 32 -19.94 -16.67 -45.35
C TYR M 32 -19.56 -17.45 -46.60
N VAL M 33 -20.24 -17.16 -47.70
CA VAL M 33 -19.98 -17.82 -48.98
C VAL M 33 -19.98 -16.78 -50.09
N SER M 34 -18.79 -16.33 -50.48
CA SER M 34 -18.67 -15.32 -51.51
C SER M 34 -18.59 -15.96 -52.89
N TRP M 35 -18.74 -15.12 -53.92
CA TRP M 35 -18.70 -15.55 -55.32
C TRP M 35 -17.80 -14.59 -56.09
N TYR M 36 -16.86 -15.16 -56.84
CA TYR M 36 -15.88 -14.40 -57.62
C TYR M 36 -16.01 -14.74 -59.10
N GLN M 37 -15.72 -13.74 -59.94
CA GLN M 37 -15.69 -13.88 -61.38
C GLN M 37 -14.26 -13.67 -61.87
N GLN M 38 -13.82 -14.51 -62.79
CA GLN M 38 -12.51 -14.40 -63.42
C GLN M 38 -12.70 -14.47 -64.93
N HIS M 39 -12.47 -13.36 -65.62
CA HIS M 39 -12.50 -13.37 -67.07
C HIS M 39 -11.34 -14.20 -67.59
N PRO M 40 -11.42 -14.69 -68.85
CA PRO M 40 -10.35 -15.57 -69.36
C PRO M 40 -8.96 -14.95 -69.29
N GLY M 41 -8.11 -15.52 -68.44
CA GLY M 41 -6.74 -15.04 -68.30
C GLY M 41 -6.59 -13.71 -67.60
N LYS M 42 -7.67 -13.17 -67.03
CA LYS M 42 -7.65 -11.86 -66.39
C LYS M 42 -7.70 -12.02 -64.87
N ALA M 43 -7.50 -10.90 -64.18
CA ALA M 43 -7.55 -10.92 -62.72
C ALA M 43 -8.98 -11.22 -62.25
N PRO M 44 -9.16 -12.05 -61.22
CA PRO M 44 -10.52 -12.24 -60.69
C PRO M 44 -11.06 -10.97 -60.06
N LYS M 45 -12.38 -10.97 -59.87
CA LYS M 45 -13.10 -9.85 -59.28
C LYS M 45 -14.15 -10.39 -58.33
N LEU M 46 -14.45 -9.62 -57.28
CA LEU M 46 -15.34 -10.06 -56.22
C LEU M 46 -16.76 -9.61 -56.57
N MET M 47 -17.64 -10.57 -56.84
CA MET M 47 -19.02 -10.31 -57.26
C MET M 47 -19.99 -10.30 -56.09
N ILE M 48 -19.87 -11.23 -55.15
CA ILE M 48 -20.78 -11.29 -54.00
C ILE M 48 -19.96 -11.64 -52.76
N TYR M 49 -20.31 -11.02 -51.63
CA TYR M 49 -19.69 -11.30 -50.34
C TYR M 49 -20.77 -11.58 -49.30
N ASP M 50 -20.37 -12.33 -48.27
CA ASP M 50 -21.26 -12.89 -47.26
C ASP M 50 -22.20 -13.86 -47.99
N VAL M 51 -23.51 -13.63 -48.01
CA VAL M 51 -24.45 -14.50 -48.72
C VAL M 51 -25.29 -13.70 -49.70
N THR M 52 -25.51 -12.42 -49.41
CA THR M 52 -26.35 -11.56 -50.26
C THR M 52 -25.78 -10.17 -50.49
N GLN M 53 -24.88 -9.67 -49.65
CA GLN M 53 -24.43 -8.28 -49.77
C GLN M 53 -23.73 -8.05 -51.10
N ARG M 54 -24.08 -6.91 -51.74
CA ARG M 54 -23.58 -6.60 -53.08
C ARG M 54 -22.49 -5.55 -53.01
N PRO M 55 -21.32 -5.72 -53.64
CA PRO M 55 -20.27 -4.70 -53.51
C PRO M 55 -20.64 -3.41 -54.22
N SER M 56 -19.98 -2.34 -53.80
CA SER M 56 -20.17 -1.05 -54.44
C SER M 56 -19.74 -1.12 -55.91
N GLY M 57 -20.60 -0.62 -56.79
CA GLY M 57 -20.32 -0.62 -58.21
C GLY M 57 -20.67 -1.90 -58.95
N VAL M 58 -21.43 -2.79 -58.34
CA VAL M 58 -21.81 -4.07 -58.94
C VAL M 58 -23.29 -4.02 -59.29
N SER M 59 -23.62 -4.52 -60.48
CA SER M 59 -24.97 -4.40 -61.01
C SER M 59 -25.96 -5.19 -60.17
N ASP M 60 -27.23 -4.77 -60.20
CA ASP M 60 -28.27 -5.46 -59.44
C ASP M 60 -28.52 -6.86 -59.96
N ARG M 61 -28.14 -7.15 -61.22
CA ARG M 61 -28.43 -8.45 -61.82
C ARG M 61 -27.80 -9.60 -61.05
N PHE M 62 -26.66 -9.37 -60.40
CA PHE M 62 -26.04 -10.38 -59.56
C PHE M 62 -26.79 -10.47 -58.22
N SER M 63 -27.11 -11.69 -57.80
CA SER M 63 -27.76 -11.89 -56.52
C SER M 63 -27.37 -13.27 -55.99
N GLY M 64 -27.60 -13.48 -54.69
CA GLY M 64 -27.20 -14.72 -54.05
C GLY M 64 -28.13 -15.11 -52.93
N SER M 65 -28.02 -16.38 -52.53
CA SER M 65 -28.79 -16.91 -51.42
C SER M 65 -28.09 -18.16 -50.90
N LYS M 66 -28.43 -18.53 -49.65
CA LYS M 66 -27.96 -19.75 -49.03
C LYS M 66 -29.16 -20.54 -48.52
N SER M 67 -29.13 -21.86 -48.73
CA SER M 67 -30.17 -22.75 -48.24
C SER M 67 -29.49 -24.00 -47.70
N GLY M 68 -29.46 -24.12 -46.37
CA GLY M 68 -28.88 -25.31 -45.76
C GLY M 68 -27.41 -25.44 -46.09
N ASN M 69 -27.05 -26.57 -46.69
CA ASN M 69 -25.68 -26.84 -47.08
C ASN M 69 -25.31 -26.26 -48.43
N THR M 70 -26.25 -25.62 -49.13
CA THR M 70 -26.05 -25.14 -50.48
C THR M 70 -26.06 -23.61 -50.51
N ALA M 71 -25.42 -23.06 -51.55
CA ALA M 71 -25.42 -21.63 -51.80
C ALA M 71 -25.53 -21.39 -53.30
N SER M 72 -26.48 -20.56 -53.69
CA SER M 72 -26.78 -20.31 -55.10
C SER M 72 -26.54 -18.85 -55.45
N LEU M 73 -26.09 -18.64 -56.68
CA LEU M 73 -25.86 -17.32 -57.24
C LEU M 73 -26.68 -17.21 -58.52
N THR M 74 -27.53 -16.18 -58.58
CA THR M 74 -28.45 -15.97 -59.69
C THR M 74 -28.05 -14.72 -60.46
N ILE M 75 -27.97 -14.86 -61.78
CA ILE M 75 -27.66 -13.76 -62.70
C ILE M 75 -28.89 -13.57 -63.59
N SER M 76 -29.35 -12.33 -63.69
CA SER M 76 -30.46 -11.96 -64.57
C SER M 76 -29.94 -11.12 -65.73
N GLY M 77 -30.79 -10.97 -66.74
CA GLY M 77 -30.46 -10.18 -67.91
C GLY M 77 -29.50 -10.89 -68.84
N LEU M 78 -28.27 -11.14 -68.36
CA LEU M 78 -27.25 -11.85 -69.13
C LEU M 78 -26.95 -11.11 -70.44
N GLN M 79 -26.37 -9.91 -70.27
CA GLN M 79 -26.00 -9.06 -71.39
C GLN M 79 -24.82 -9.61 -72.20
N ALA M 80 -24.27 -10.78 -71.87
CA ALA M 80 -23.22 -11.51 -72.58
C ALA M 80 -21.84 -10.93 -72.33
N ASP M 81 -21.71 -9.85 -71.54
CA ASP M 81 -20.39 -9.32 -71.23
C ASP M 81 -19.68 -10.20 -70.22
N ASP M 82 -20.43 -10.84 -69.31
CA ASP M 82 -19.85 -11.67 -68.27
C ASP M 82 -19.59 -13.09 -68.77
N GLU M 83 -18.86 -13.22 -69.86
CA GLU M 83 -18.47 -14.53 -70.39
C GLU M 83 -17.20 -14.99 -69.68
N ALA M 84 -17.37 -15.26 -68.39
CA ALA M 84 -16.24 -15.43 -67.47
C ALA M 84 -16.49 -16.63 -66.56
N ASP M 85 -15.41 -17.15 -66.01
CA ASP M 85 -15.50 -18.28 -65.07
C ASP M 85 -15.97 -17.78 -63.71
N TYR M 86 -16.81 -18.59 -63.05
CA TYR M 86 -17.36 -18.27 -61.75
C TYR M 86 -16.87 -19.28 -60.72
N TYR M 87 -16.57 -18.79 -59.51
CA TYR M 87 -16.12 -19.65 -58.42
C TYR M 87 -16.81 -19.21 -57.13
N CYS M 88 -17.02 -20.19 -56.25
CA CYS M 88 -17.50 -19.95 -54.90
C CYS M 88 -16.34 -20.02 -53.92
N SER M 89 -16.53 -19.36 -52.78
CA SER M 89 -15.47 -19.20 -51.77
C SER M 89 -16.12 -19.27 -50.40
N ALA M 90 -15.97 -20.42 -49.74
CA ALA M 90 -16.62 -20.70 -48.46
C ALA M 90 -15.59 -20.64 -47.34
N TYR M 91 -15.95 -19.95 -46.25
CA TYR M 91 -15.11 -19.90 -45.07
C TYR M 91 -15.48 -21.06 -44.14
N ALA M 92 -14.46 -21.79 -43.68
CA ALA M 92 -14.64 -23.04 -42.95
C ALA M 92 -13.91 -23.00 -41.61
N GLY M 93 -14.10 -21.92 -40.87
CA GLY M 93 -13.57 -21.86 -39.52
C GLY M 93 -12.07 -21.69 -39.49
N ARG M 94 -11.46 -22.28 -38.47
CA ARG M 94 -10.02 -22.18 -38.24
C ARG M 94 -9.33 -23.45 -38.74
N GLN M 95 -8.08 -23.27 -39.19
CA GLN M 95 -7.24 -24.33 -39.78
C GLN M 95 -7.66 -24.70 -41.21
N THR M 96 -8.80 -24.18 -41.68
CA THR M 96 -9.26 -24.36 -43.06
C THR M 96 -10.03 -23.07 -43.37
N PHE M 97 -9.33 -22.11 -43.95
CA PHE M 97 -9.85 -20.74 -43.98
C PHE M 97 -10.72 -20.48 -45.20
N TYR M 98 -10.30 -20.88 -46.39
CA TYR M 98 -11.09 -20.63 -47.59
C TYR M 98 -10.94 -21.80 -48.55
N ILE M 99 -12.06 -22.28 -49.06
CA ILE M 99 -12.11 -23.42 -49.97
C ILE M 99 -12.99 -23.02 -51.14
N PHE M 100 -12.69 -23.60 -52.31
CA PHE M 100 -13.37 -23.30 -53.56
C PHE M 100 -13.80 -24.61 -54.21
N GLY M 101 -14.55 -24.49 -55.30
CA GLY M 101 -15.05 -25.64 -56.03
C GLY M 101 -14.60 -25.68 -57.47
N GLY M 102 -15.11 -26.64 -58.23
CA GLY M 102 -14.80 -26.75 -59.64
C GLY M 102 -15.20 -25.51 -60.42
N GLY M 103 -14.31 -25.02 -61.27
CA GLY M 103 -14.57 -23.81 -62.04
C GLY M 103 -15.81 -23.90 -62.89
N THR M 104 -16.69 -22.91 -62.76
CA THR M 104 -17.96 -22.89 -63.46
C THR M 104 -17.86 -22.01 -64.70
N ARG M 105 -18.40 -22.49 -65.81
CA ARG M 105 -18.41 -21.78 -67.07
C ARG M 105 -19.80 -21.26 -67.35
N LEU M 106 -19.91 -19.95 -67.60
CA LEU M 106 -21.18 -19.31 -67.91
C LEU M 106 -21.16 -18.94 -69.39
N THR M 107 -21.91 -19.69 -70.19
CA THR M 107 -22.00 -19.47 -71.62
C THR M 107 -23.18 -18.56 -71.93
N VAL M 108 -22.98 -17.66 -72.88
CA VAL M 108 -23.94 -16.62 -73.21
C VAL M 108 -24.19 -16.65 -74.71
N LEU M 109 -25.46 -16.69 -75.09
CA LEU M 109 -25.86 -16.75 -76.50
C LEU M 109 -26.38 -15.39 -76.97
N GLN N 1 22.34 37.39 6.85
CA GLN N 1 23.43 36.54 6.30
C GLN N 1 24.29 35.98 7.43
N VAL N 2 25.16 35.03 7.11
CA VAL N 2 26.07 34.47 8.10
C VAL N 2 27.18 35.48 8.39
N GLN N 3 27.23 35.93 9.65
CA GLN N 3 28.23 36.90 10.10
C GLN N 3 28.90 36.39 11.37
N LEU N 4 30.24 36.39 11.36
CA LEU N 4 31.06 36.02 12.52
C LEU N 4 31.86 37.25 12.91
N VAL N 5 31.30 38.05 13.82
CA VAL N 5 32.04 39.18 14.38
C VAL N 5 32.97 38.66 15.46
N GLN N 6 34.09 39.35 15.65
CA GLN N 6 35.09 38.95 16.64
C GLN N 6 35.44 40.18 17.49
N SER N 7 36.03 39.92 18.65
CA SER N 7 36.33 40.99 19.59
C SER N 7 37.30 42.01 18.99
N GLY N 8 37.45 43.13 19.68
CA GLY N 8 38.36 44.17 19.25
C GLY N 8 39.79 43.90 19.66
N ALA N 9 40.69 44.73 19.14
CA ALA N 9 42.10 44.64 19.49
C ALA N 9 42.29 44.97 20.96
N GLU N 10 43.15 44.18 21.62
CA GLU N 10 43.39 44.27 23.05
C GLU N 10 44.90 44.40 23.26
N VAL N 11 45.29 45.23 24.23
CA VAL N 11 46.68 45.44 24.61
C VAL N 11 46.81 45.22 26.11
N LYS N 12 47.95 44.67 26.52
CA LYS N 12 48.10 44.12 27.87
C LYS N 12 49.58 43.95 28.20
N LYS N 13 49.83 43.47 29.42
CA LYS N 13 51.12 43.19 30.01
C LYS N 13 51.20 41.73 30.43
N PRO N 14 52.39 41.11 30.46
CA PRO N 14 52.46 39.68 30.79
C PRO N 14 51.96 39.37 32.21
N GLY N 15 51.41 38.16 32.37
CA GLY N 15 51.06 37.61 33.66
C GLY N 15 49.59 37.65 34.02
N ALA N 16 48.79 38.43 33.29
CA ALA N 16 47.38 38.61 33.60
C ALA N 16 46.57 37.54 32.85
N SER N 17 45.26 37.76 32.72
CA SER N 17 44.38 36.92 31.91
C SER N 17 43.69 37.78 30.86
N VAL N 18 43.62 37.27 29.62
CA VAL N 18 43.02 37.98 28.49
C VAL N 18 41.84 37.17 27.98
N LYS N 19 40.73 37.85 27.67
CA LYS N 19 39.53 37.22 27.16
C LYS N 19 39.17 37.77 25.78
N VAL N 20 38.69 36.88 24.92
CA VAL N 20 38.23 37.23 23.56
C VAL N 20 36.87 36.61 23.34
N SER N 21 36.10 37.22 22.43
CA SER N 21 34.75 36.81 22.11
C SER N 21 34.55 36.72 20.61
N CYS N 22 33.70 35.77 20.18
CA CYS N 22 33.31 35.62 18.78
C CYS N 22 31.80 35.44 18.73
N LYS N 23 31.11 36.42 18.16
CA LYS N 23 29.66 36.43 18.04
C LYS N 23 29.25 35.97 16.66
N THR N 24 28.25 35.08 16.61
CA THR N 24 27.75 34.51 15.36
C THR N 24 26.30 34.92 15.14
N SER N 25 25.95 35.06 13.86
CA SER N 25 24.56 35.30 13.47
C SER N 25 24.34 34.66 12.11
N GLY N 26 23.10 34.22 11.88
CA GLY N 26 22.68 33.72 10.58
C GLY N 26 22.62 32.22 10.42
N TYR N 27 22.92 31.43 11.46
CA TYR N 27 22.90 29.98 11.33
C TYR N 27 22.61 29.35 12.68
N THR N 28 22.24 28.07 12.65
CA THR N 28 21.95 27.34 13.88
C THR N 28 23.25 27.17 14.65
N PHE N 29 23.32 27.83 15.81
CA PHE N 29 24.57 27.90 16.56
C PHE N 29 25.03 26.52 17.00
N THR N 30 24.11 25.69 17.49
CA THR N 30 24.48 24.41 18.08
C THR N 30 24.88 23.37 17.05
N ASP N 31 24.66 23.61 15.75
CA ASP N 31 24.91 22.58 14.75
C ASP N 31 26.39 22.46 14.41
N PHE N 32 27.12 23.57 14.43
CA PHE N 32 28.49 23.65 13.90
C PHE N 32 29.45 23.84 15.06
N TYR N 33 30.51 23.02 15.08
CA TYR N 33 31.55 23.19 16.07
C TYR N 33 32.40 24.41 15.72
N MET N 34 33.07 24.96 16.73
CA MET N 34 33.87 26.17 16.56
C MET N 34 35.31 25.86 16.92
N HIS N 35 36.21 26.10 15.97
CA HIS N 35 37.63 26.04 16.24
C HIS N 35 38.14 27.45 16.48
N TRP N 36 39.08 27.56 17.41
CA TRP N 36 39.87 28.76 17.60
C TRP N 36 41.28 28.49 17.10
N MET N 37 41.84 29.49 16.42
CA MET N 37 43.12 29.41 15.74
C MET N 37 43.98 30.59 16.17
N ARG N 38 45.30 30.41 16.12
CA ARG N 38 46.23 31.49 16.41
C ARG N 38 47.40 31.43 15.44
N GLN N 39 47.85 32.61 14.99
CA GLN N 39 49.06 32.74 14.21
C GLN N 39 49.94 33.83 14.80
N ALA N 40 51.20 33.50 15.05
CA ALA N 40 52.17 34.48 15.48
C ALA N 40 52.53 35.39 14.30
N PRO N 41 53.00 36.61 14.55
CA PRO N 41 53.25 37.55 13.44
C PRO N 41 54.27 37.00 12.46
N GLY N 42 53.86 36.90 11.19
CA GLY N 42 54.72 36.33 10.17
C GLY N 42 55.06 34.88 10.41
N GLN N 43 54.07 34.09 10.84
CA GLN N 43 54.27 32.68 11.14
C GLN N 43 53.05 31.90 10.67
N GLY N 44 53.10 30.59 10.84
CA GLY N 44 51.96 29.74 10.55
C GLY N 44 50.84 29.97 11.55
N LEU N 45 49.73 29.30 11.31
CA LEU N 45 48.49 29.48 12.07
C LEU N 45 48.19 28.23 12.92
N GLU N 46 48.70 28.25 14.15
CA GLU N 46 48.57 27.10 15.03
C GLU N 46 47.16 27.03 15.62
N TRP N 47 46.71 25.81 15.85
CA TRP N 47 45.32 25.53 16.18
C TRP N 47 45.13 25.60 17.70
N MET N 48 44.36 26.61 18.15
CA MET N 48 44.22 26.83 19.59
C MET N 48 43.34 25.75 20.21
N GLY N 49 42.23 25.41 19.56
CA GLY N 49 41.40 24.33 20.05
C GLY N 49 40.05 24.29 19.36
N TRP N 50 39.17 23.40 19.85
CA TRP N 50 37.81 23.31 19.32
C TRP N 50 36.81 23.12 20.46
N ILE N 51 35.59 23.62 20.23
CA ILE N 51 34.49 23.62 21.19
C ILE N 51 33.22 23.16 20.47
N ASN N 52 32.38 22.43 21.21
CA ASN N 52 31.11 21.93 20.72
C ASN N 52 30.03 22.80 21.33
N PRO N 53 29.26 23.60 20.55
CA PRO N 53 28.15 24.36 21.13
C PRO N 53 26.84 23.60 21.32
N THR N 54 26.92 22.39 21.86
CA THR N 54 25.72 21.59 22.13
C THR N 54 25.71 21.14 23.58
N GLY N 55 26.89 20.86 24.13
CA GLY N 55 27.02 20.51 25.52
C GLY N 55 28.22 21.19 26.18
N GLY N 56 28.93 22.04 25.44
CA GLY N 56 30.12 22.66 25.98
C GLY N 56 31.36 21.82 25.91
N GLY N 57 31.36 20.72 25.16
CA GLY N 57 32.57 19.93 25.00
C GLY N 57 33.66 20.74 24.33
N VAL N 58 34.89 20.55 24.81
CA VAL N 58 36.06 21.29 24.32
C VAL N 58 37.24 20.35 24.28
N ASN N 59 38.13 20.57 23.31
CA ASN N 59 39.42 19.88 23.26
C ASN N 59 40.51 20.89 22.92
N TYR N 60 41.56 20.90 23.72
CA TYR N 60 42.73 21.72 23.50
C TYR N 60 43.87 20.84 22.97
N ALA N 61 45.01 21.49 22.75
CA ALA N 61 46.21 20.76 22.31
C ALA N 61 47.25 20.97 23.42
N HIS N 62 48.17 20.05 23.59
CA HIS N 62 49.05 20.18 24.78
C HIS N 62 49.81 21.49 24.65
N LYS N 63 50.27 21.80 23.45
CA LYS N 63 51.08 23.03 23.26
C LYS N 63 50.45 24.14 24.07
N PHE N 64 49.14 24.11 24.22
CA PHE N 64 48.41 25.19 24.88
C PHE N 64 47.38 24.62 25.85
N GLN N 65 47.80 23.65 26.67
CA GLN N 65 46.94 23.04 27.67
C GLN N 65 47.26 23.56 29.06
N GLY N 66 46.23 23.68 29.89
CA GLY N 66 46.40 24.20 31.23
C GLY N 66 46.54 25.69 31.31
N ARG N 67 46.41 26.40 30.19
CA ARG N 67 46.53 27.85 30.13
C ARG N 67 45.31 28.49 29.51
N VAL N 68 44.67 27.78 28.58
CA VAL N 68 43.53 28.29 27.84
C VAL N 68 42.26 27.73 28.48
N THR N 69 41.16 28.45 28.29
CA THR N 69 39.84 27.94 28.69
C THR N 69 38.79 28.68 27.89
N MET N 70 37.92 27.94 27.18
CA MET N 70 36.86 28.53 26.38
C MET N 70 35.52 27.91 26.74
N THR N 71 34.49 28.73 26.64
CA THR N 71 33.11 28.34 26.93
C THR N 71 32.21 28.95 25.88
N ARG N 72 30.90 28.69 26.03
CA ARG N 72 29.90 29.08 25.06
C ARG N 72 28.80 29.87 25.78
N ASP N 73 28.02 30.60 25.00
CA ASP N 73 26.81 31.25 25.49
C ASP N 73 25.77 31.11 24.39
N THR N 74 24.80 30.23 24.61
CA THR N 74 23.80 29.93 23.59
C THR N 74 22.77 31.04 23.43
N SER N 75 22.53 31.81 24.49
CA SER N 75 21.48 32.82 24.44
C SER N 75 21.78 33.91 23.41
N ILE N 76 22.98 34.47 23.45
CA ILE N 76 23.37 35.52 22.49
C ILE N 76 24.06 34.90 21.27
N SER N 77 24.25 33.58 21.24
CA SER N 77 24.92 32.90 20.12
C SER N 77 26.38 33.33 19.97
N THR N 78 27.16 33.07 21.04
CA THR N 78 28.55 33.52 21.12
C THR N 78 29.46 32.44 21.71
N ALA N 79 30.75 32.56 21.41
CA ALA N 79 31.79 31.68 21.94
C ALA N 79 32.89 32.54 22.55
N TYR N 80 33.22 32.28 23.82
CA TYR N 80 34.23 32.99 24.56
C TYR N 80 35.47 32.13 24.81
N MET N 81 36.62 32.81 24.84
CA MET N 81 37.92 32.20 25.14
C MET N 81 38.68 33.10 26.11
N GLU N 82 39.55 32.47 26.89
CA GLU N 82 40.39 33.18 27.84
C GLU N 82 41.72 32.46 27.88
N LEU N 83 42.78 33.23 28.15
CA LEU N 83 44.13 32.71 28.26
C LEU N 83 44.77 33.32 29.50
N SER N 84 45.35 32.47 30.35
CA SER N 84 46.03 32.88 31.56
C SER N 84 47.48 32.41 31.53
N ARG N 85 48.31 33.06 32.34
CA ARG N 85 49.74 32.77 32.44
C ARG N 85 50.41 32.89 31.07
N LEU N 86 50.41 34.10 30.53
CA LEU N 86 50.88 34.34 29.18
C LEU N 86 52.39 34.47 29.14
N THR N 87 52.97 34.12 27.98
CA THR N 87 54.38 34.24 27.70
C THR N 87 54.56 35.09 26.45
N SER N 88 55.72 35.74 26.34
CA SER N 88 55.93 36.75 25.30
C SER N 88 55.72 36.18 23.90
N ASP N 89 56.00 34.89 23.70
CA ASP N 89 55.77 34.28 22.39
C ASP N 89 54.30 34.27 22.01
N ASP N 90 53.39 34.32 22.98
CA ASP N 90 51.96 34.23 22.71
C ASP N 90 51.39 35.47 22.02
N THR N 91 52.17 36.55 21.91
CA THR N 91 51.73 37.72 21.16
C THR N 91 51.43 37.32 19.72
N GLY N 92 50.29 37.77 19.22
CA GLY N 92 49.92 37.45 17.85
C GLY N 92 48.43 37.59 17.63
N VAL N 93 47.98 37.02 16.52
CA VAL N 93 46.60 37.13 16.05
C VAL N 93 45.83 35.87 16.41
N TYR N 94 44.57 36.05 16.80
CA TYR N 94 43.66 34.97 17.15
C TYR N 94 42.40 35.10 16.30
N TYR N 95 41.83 33.94 15.96
CA TYR N 95 40.73 33.83 15.02
C TYR N 95 39.71 32.80 15.51
N CYS N 96 38.45 33.02 15.16
CA CYS N 96 37.38 32.05 15.36
C CYS N 96 36.88 31.53 14.01
N ALA N 97 36.74 30.22 13.89
CA ALA N 97 36.36 29.56 12.66
C ALA N 97 35.31 28.50 12.94
N ARG N 98 34.60 28.11 11.90
CA ARG N 98 33.39 27.29 11.98
C ARG N 98 33.58 26.02 11.16
N SER N 99 33.34 24.86 11.79
CA SER N 99 33.41 23.56 11.13
C SER N 99 32.11 22.80 11.29
N PRO N 100 31.61 22.12 10.24
CA PRO N 100 30.36 21.37 10.41
C PRO N 100 30.52 20.20 11.37
N ALA N 101 29.49 19.97 12.17
CA ALA N 101 29.33 18.77 12.99
C ALA N 101 30.60 18.50 13.80
N ARG N 102 30.93 17.22 14.02
CA ARG N 102 32.16 16.83 14.71
C ARG N 102 33.30 16.58 13.71
N GLU N 103 33.50 17.54 12.82
CA GLU N 103 34.53 17.52 11.80
C GLU N 103 35.42 18.73 11.98
N LEU N 104 36.67 18.64 11.48
CA LEU N 104 37.68 19.65 11.76
C LEU N 104 38.41 20.24 10.56
N LEU N 105 38.29 19.65 9.36
CA LEU N 105 39.00 20.25 8.25
C LEU N 105 38.33 21.54 7.77
N PRO N 106 37.06 21.48 7.33
CA PRO N 106 36.53 22.66 6.62
C PRO N 106 36.29 23.79 7.59
N LEU N 107 37.19 24.78 7.58
CA LEU N 107 37.05 25.96 8.43
C LEU N 107 36.38 27.06 7.61
N ASP N 108 35.12 26.81 7.29
CA ASP N 108 34.35 27.74 6.48
C ASP N 108 34.08 29.01 7.27
N TYR N 109 34.28 30.15 6.60
CA TYR N 109 34.03 31.48 7.15
C TYR N 109 34.93 31.74 8.36
N TRP N 110 35.08 33.00 8.76
CA TRP N 110 36.12 33.38 9.70
C TRP N 110 35.71 34.67 10.39
N GLY N 111 36.38 34.96 11.50
CA GLY N 111 36.09 36.17 12.25
C GLY N 111 36.87 37.37 11.74
N GLN N 112 36.56 38.54 12.31
CA GLN N 112 37.27 39.75 11.94
C GLN N 112 38.74 39.66 12.27
N GLY N 113 39.06 39.13 13.46
CA GLY N 113 40.43 38.92 13.89
C GLY N 113 40.81 39.78 15.07
N THR N 114 41.38 39.17 16.11
CA THR N 114 41.88 39.88 17.28
C THR N 114 43.39 39.81 17.32
N LEU N 115 44.01 40.87 17.84
CA LEU N 115 45.44 40.92 18.10
C LEU N 115 45.64 41.05 19.60
N VAL N 116 46.60 40.28 20.13
CA VAL N 116 47.00 40.37 21.53
C VAL N 116 48.49 40.64 21.60
N THR N 117 48.87 41.66 22.38
CA THR N 117 50.25 42.01 22.65
C THR N 117 50.54 41.62 24.10
N VAL N 118 51.42 40.66 24.28
CA VAL N 118 51.71 40.13 25.60
C VAL N 118 52.52 41.13 26.42
C1 NAG O . 28.44 -3.38 45.22
C2 NAG O . 29.84 -3.91 45.50
C3 NAG O . 29.83 -5.42 45.23
C4 NAG O . 28.77 -6.09 46.08
C5 NAG O . 27.43 -5.36 45.97
C6 NAG O . 26.37 -5.85 46.93
C7 NAG O . 31.95 -2.66 45.17
C8 NAG O . 32.84 -2.02 44.13
N2 NAG O . 30.83 -3.25 44.69
O3 NAG O . 31.13 -5.88 45.49
O4 NAG O . 28.61 -7.41 45.61
O5 NAG O . 27.59 -3.97 46.16
O6 NAG O . 25.24 -5.02 46.86
O7 NAG O . 32.26 -2.63 46.35
C1 NAG O . 29.59 -8.29 46.18
C2 NAG O . 28.94 -9.68 46.32
C3 NAG O . 29.95 -10.79 46.55
C4 NAG O . 31.12 -10.66 45.59
C5 NAG O . 31.71 -9.26 45.75
C6 NAG O . 32.97 -9.03 44.94
C7 NAG O . 26.66 -9.47 47.29
C8 NAG O . 25.91 -9.49 48.60
N2 NAG O . 28.00 -9.65 47.41
O3 NAG O . 29.27 -12.01 46.38
O4 NAG O . 32.05 -11.67 45.93
O5 NAG O . 30.72 -8.34 45.35
O6 NAG O . 33.44 -7.71 45.17
O7 NAG O . 26.10 -9.32 46.23
C1 NAG P . 32.08 3.25 49.29
C2 NAG P . 31.16 2.62 50.33
C3 NAG P . 31.38 3.29 51.68
C4 NAG P . 32.86 3.23 52.06
C5 NAG P . 33.66 3.88 50.92
C6 NAG P . 35.15 3.92 51.18
C7 NAG P . 28.92 1.85 49.43
C8 NAG P . 29.37 0.43 49.20
N2 NAG P . 29.77 2.77 49.95
O3 NAG P . 30.57 2.62 52.60
O4 NAG P . 33.04 3.90 53.28
O5 NAG P . 33.42 3.18 49.73
O6 NAG P . 35.62 2.63 51.45
O7 NAG P . 27.76 2.16 49.16
C1 NAG P . 32.97 2.95 54.36
C2 NAG P . 33.39 3.68 55.65
C3 NAG P . 33.07 2.85 56.89
C4 NAG P . 31.66 2.29 56.83
C5 NAG P . 31.50 1.51 55.53
C6 NAG P . 30.15 0.84 55.37
C7 NAG P . 35.48 5.05 55.22
C8 NAG P . 34.70 6.22 54.68
N2 NAG P . 34.81 3.94 55.63
O3 NAG P . 33.26 3.68 58.00
O4 NAG P . 31.50 1.43 57.96
O5 NAG P . 31.67 2.44 54.47
O6 NAG P . 30.08 0.24 54.09
O7 NAG P . 36.70 5.11 55.27
C1 NAG Q . 40.05 18.21 36.45
C2 NAG Q . 39.07 18.92 37.39
C3 NAG Q . 39.65 20.15 38.10
C4 NAG Q . 41.11 19.98 38.49
C5 NAG Q . 41.87 19.40 37.30
C6 NAG Q . 43.36 19.26 37.51
C7 NAG Q . 36.71 18.78 36.43
C8 NAG Q . 36.43 17.42 37.04
N2 NAG Q . 37.91 19.38 36.65
O3 NAG Q . 38.80 20.36 39.19
O4 NAG Q . 41.66 21.25 38.80
O5 NAG Q . 41.33 18.15 37.02
O6 NAG Q . 43.95 18.74 36.35
O7 NAG Q . 35.85 19.33 35.77
C1 NAG Q . 41.17 21.77 40.06
C2 NAG Q . 42.34 22.48 40.76
C3 NAG Q . 41.84 23.24 41.99
C4 NAG Q . 40.64 24.11 41.66
C5 NAG Q . 39.58 23.23 40.99
C6 NAG Q . 38.30 23.99 40.64
C7 NAG Q . 44.59 21.46 40.66
C8 NAG Q . 45.43 20.37 41.25
N2 NAG Q . 43.33 21.53 41.16
O3 NAG Q . 42.92 24.00 42.49
O4 NAG Q . 40.17 24.68 42.86
O5 NAG Q . 40.12 22.67 39.82
O6 NAG Q . 37.40 23.10 40.04
O7 NAG Q . 45.02 22.21 39.80
C1 NAG R . 21.04 -1.03 35.38
C2 NAG R . 20.27 0.22 35.81
C3 NAG R . 19.94 0.16 37.30
C4 NAG R . 19.26 -1.16 37.65
C5 NAG R . 20.15 -2.29 37.16
C6 NAG R . 19.63 -3.66 37.50
C7 NAG R . 20.47 2.58 35.12
C8 NAG R . 21.45 3.70 34.89
N2 NAG R . 21.01 1.42 35.54
O3 NAG R . 19.11 1.26 37.58
O4 NAG R . 19.07 -1.21 39.05
O5 NAG R . 20.32 -2.18 35.76
O6 NAG R . 18.27 -3.74 37.11
O7 NAG R . 19.27 2.74 34.93
C1 NAG R . 17.69 -0.92 39.34
C2 NAG R . 17.19 -1.85 40.46
C3 NAG R . 15.72 -1.56 40.72
C4 NAG R . 15.55 -0.10 41.09
C5 NAG R . 16.19 0.77 40.01
C6 NAG R . 16.16 2.25 40.34
C7 NAG R . 18.10 -4.12 40.83
C8 NAG R . 18.10 -5.52 40.28
N2 NAG R . 17.36 -3.25 40.13
O3 NAG R . 15.28 -2.43 41.72
O4 NAG R . 14.17 0.16 41.22
O5 NAG R . 17.55 0.40 39.81
O6 NAG R . 16.81 2.98 39.33
O7 NAG R . 18.72 -3.84 41.84
C1 BMA R . 13.76 0.11 42.59
C2 BMA R . 12.27 0.39 42.64
C3 BMA R . 11.77 0.39 44.10
C4 BMA R . 12.61 -0.50 45.04
C5 BMA R . 13.37 -1.61 44.31
C6 BMA R . 12.50 -2.81 43.96
O2 BMA R . 11.62 -0.58 41.86
O3 BMA R . 10.42 0.01 44.05
O4 BMA R . 13.51 0.38 45.69
O5 BMA R . 14.05 -1.17 43.15
O6 BMA R . 12.24 -3.51 45.15
C1 NAG S . 36.69 16.08 41.19
C2 NAG S . 36.85 17.56 41.54
C3 NAG S . 38.34 17.89 41.60
C4 NAG S . 39.06 16.95 42.56
C5 NAG S . 38.76 15.50 42.17
C6 NAG S . 39.38 14.48 43.10
C7 NAG S . 35.00 19.00 40.76
C8 NAG S . 34.52 19.82 39.60
N2 NAG S . 36.19 18.39 40.57
O3 NAG S . 38.46 19.23 42.01
O4 NAG S . 40.44 17.22 42.44
O5 NAG S . 37.36 15.31 42.16
O6 NAG S . 38.96 14.73 44.42
O7 NAG S . 34.35 18.89 41.78
C1 NAG S . 40.88 17.93 43.61
C2 NAG S . 42.35 18.28 43.40
C3 NAG S . 42.87 19.05 44.61
C4 NAG S . 41.97 20.26 44.88
C5 NAG S . 40.51 19.80 44.98
C6 NAG S . 39.53 20.94 45.18
C7 NAG S . 43.68 16.74 42.00
C8 NAG S . 44.46 15.45 42.03
N2 NAG S . 43.14 17.09 43.18
O3 NAG S . 44.19 19.44 44.34
O4 NAG S . 42.41 20.85 46.08
O5 NAG S . 40.16 19.13 43.79
O6 NAG S . 39.63 21.84 44.10
O7 NAG S . 43.57 17.38 40.98
C1 NAG T . -28.59 37.52 46.14
C2 NAG T . -29.99 38.11 45.96
C3 NAG T . -29.88 39.38 45.13
C4 NAG T . -28.90 40.36 45.76
C5 NAG T . -27.56 39.67 46.07
C6 NAG T . -26.62 40.52 46.88
C7 NAG T . -31.87 36.42 45.83
C8 NAG T . -32.20 36.52 47.30
N2 NAG T . -30.86 37.16 45.31
O3 NAG T . -31.16 39.93 45.03
O4 NAG T . -28.74 41.39 44.82
O5 NAG T . -27.78 38.47 46.79
O6 NAG T . -25.49 39.76 47.25
O7 NAG T . -32.52 35.66 45.13
C1 NAG T . -29.18 42.66 45.35
C2 NAG T . -29.11 43.68 44.21
C3 NAG T . -29.53 45.05 44.74
C4 NAG T . -30.90 44.95 45.43
C5 NAG T . -30.86 43.82 46.46
C6 NAG T . -32.17 43.62 47.19
C7 NAG T . -26.62 43.73 44.24
C8 NAG T . -25.42 43.80 43.33
N2 NAG T . -27.80 43.74 43.61
O3 NAG T . -29.57 45.94 43.65
O4 NAG T . -31.16 46.20 46.01
O5 NAG T . -30.52 42.62 45.81
O6 NAG T . -33.20 43.37 46.26
O7 NAG T . -26.47 43.69 45.47
C1 NAG U . -36.45 10.92 25.78
C2 NAG U . -35.72 12.14 26.37
C3 NAG U . -36.62 13.37 26.33
C4 NAG U . -37.15 13.60 24.92
C5 NAG U . -37.78 12.31 24.39
C6 NAG U . -38.23 12.43 22.95
C7 NAG U . -34.07 11.63 28.12
C8 NAG U . -33.90 11.40 29.61
N2 NAG U . -35.33 11.88 27.73
O3 NAG U . -35.86 14.47 26.78
O4 NAG U . -38.10 14.64 24.99
O5 NAG U . -36.87 11.25 24.48
O6 NAG U . -37.10 12.55 22.13
O7 NAG U . -33.10 11.58 27.37
C1 NAG U . -37.45 15.84 24.53
C2 NAG U . -38.49 16.87 24.11
C3 NAG U . -37.76 18.03 23.45
C4 NAG U . -36.69 18.60 24.39
C5 NAG U . -35.88 17.50 25.08
C6 NAG U . -35.09 18.00 26.28
C7 NAG U . -40.79 16.19 23.52
C8 NAG U . -41.63 15.62 22.41
N2 NAG U . -39.49 16.34 23.21
O3 NAG U . -38.72 18.99 23.10
O4 NAG U . -35.83 19.35 23.56
O5 NAG U . -36.70 16.45 25.54
O6 NAG U . -34.54 16.90 26.95
O7 NAG U . -41.28 16.48 24.60
C1 BMA U . -36.18 20.75 23.54
C2 BMA U . -34.95 21.43 22.95
C3 BMA U . -35.23 22.81 22.32
C4 BMA U . -36.57 22.94 21.57
C5 BMA U . -37.71 22.21 22.26
C6 BMA U . -38.97 22.07 21.40
O2 BMA U . -34.41 20.54 22.00
O3 BMA U . -34.08 23.04 21.52
O4 BMA U . -36.84 24.31 21.50
O5 BMA U . -37.36 20.94 22.79
O6 BMA U . -38.61 21.45 20.17
C1 MAN U . -33.90 24.44 21.18
C2 MAN U . -32.60 24.53 20.37
C3 MAN U . -31.41 24.13 21.25
C4 MAN U . -31.39 24.99 22.51
C5 MAN U . -32.74 24.89 23.22
C6 MAN U . -32.82 25.84 24.40
O2 MAN U . -32.50 25.85 19.91
O3 MAN U . -30.25 24.30 20.47
O4 MAN U . -30.33 24.50 23.31
O5 MAN U . -33.79 25.24 22.33
O6 MAN U . -34.11 25.77 24.96
C1 NAG V . 5.92 40.34 -3.91
C2 NAG V . 5.91 40.71 -2.43
C3 NAG V . 7.13 41.55 -2.11
C4 NAG V . 8.41 40.85 -2.52
C5 NAG V . 8.31 40.41 -3.98
C6 NAG V . 9.48 39.56 -4.41
C7 NAG V . 3.66 41.07 -1.29
C8 NAG V . 3.64 39.69 -0.68
N2 NAG V . 4.72 41.44 -2.06
O3 NAG V . 7.11 41.83 -0.73
O4 NAG V . 9.48 41.75 -2.33
O5 NAG V . 7.13 39.67 -4.18
O6 NAG V . 9.55 38.40 -3.61
O7 NAG V . 2.73 41.83 -1.09
C1 NAG V . 10.38 41.16 -1.36
C2 NAG V . 11.73 41.87 -1.37
C3 NAG V . 12.67 41.13 -0.43
C4 NAG V . 12.06 41.02 0.95
C5 NAG V . 10.62 40.52 0.87
C6 NAG V . 9.86 40.54 2.17
C7 NAG V . 12.62 43.07 -3.36
C8 NAG V . 13.17 42.86 -4.73
N2 NAG V . 12.28 41.93 -2.70
O3 NAG V . 13.90 41.82 -0.41
O4 NAG V . 12.86 40.10 1.67
O5 NAG V . 9.88 41.30 -0.06
O6 NAG V . 8.51 40.21 1.94
O7 NAG V . 12.49 44.19 -2.88
C1 BMA V . 13.41 40.74 2.84
C2 BMA V . 13.94 39.62 3.74
C3 BMA V . 14.68 40.22 4.95
C4 BMA V . 15.73 41.28 4.55
C5 BMA V . 15.23 42.24 3.48
C6 BMA V . 16.35 43.07 2.84
O2 BMA V . 14.77 38.81 2.96
O3 BMA V . 15.19 39.13 5.68
O4 BMA V . 16.02 41.99 5.73
O5 BMA V . 14.42 41.66 2.48
O6 BMA V . 16.81 42.42 1.68
C1 MAN V . 15.26 39.46 7.09
C2 MAN V . 16.03 38.34 7.80
C3 MAN V . 15.22 37.04 7.81
C4 MAN V . 13.84 37.29 8.39
C5 MAN V . 13.16 38.39 7.59
C6 MAN V . 11.80 38.76 8.14
O2 MAN V . 16.28 38.79 9.10
O3 MAN V . 15.95 36.09 8.56
O4 MAN V . 13.13 36.07 8.32
O5 MAN V . 13.97 39.56 7.64
O6 MAN V . 11.26 39.79 7.37
C1 MAN V . 18.05 43.04 1.28
C2 MAN V . 18.19 42.92 -0.25
C3 MAN V . 18.43 41.48 -0.67
C4 MAN V . 19.59 40.87 0.11
C5 MAN V . 19.30 41.03 1.61
C6 MAN V . 20.43 40.49 2.46
O2 MAN V . 19.27 43.75 -0.61
O3 MAN V . 18.68 41.48 -2.06
O4 MAN V . 19.69 39.51 -0.27
O5 MAN V . 19.13 42.40 1.92
O6 MAN V . 20.55 39.10 2.25
C1 NAG W . 28.72 -21.84 0.16
C2 NAG W . 27.61 -22.79 -0.26
C3 NAG W . 28.07 -24.24 -0.26
C4 NAG W . 29.37 -24.38 -1.06
C5 NAG W . 30.39 -23.39 -0.50
C6 NAG W . 31.73 -23.44 -1.20
C7 NAG W . 25.27 -22.16 0.25
C8 NAG W . 24.24 -22.10 1.34
N2 NAG W . 26.47 -22.65 0.61
O3 NAG W . 27.04 -25.02 -0.80
O4 NAG W . 29.80 -25.71 -0.94
O5 NAG W . 29.87 -22.07 -0.62
O6 NAG W . 32.61 -22.53 -0.60
O7 NAG W . 25.01 -21.79 -0.89
C1 NAG X . 25.93 29.21 54.44
C2 NAG X . 25.96 30.48 53.58
C3 NAG X . 27.03 30.39 52.49
C4 NAG X . 28.36 29.99 53.10
C5 NAG X . 28.18 28.71 53.91
C6 NAG X . 29.45 28.20 54.56
C7 NAG X . 23.69 31.48 53.49
C8 NAG X . 22.42 31.54 52.69
N2 NAG X . 24.66 30.68 52.98
O3 NAG X . 27.10 31.64 51.85
O4 NAG X . 29.27 29.80 52.03
O5 NAG X . 27.23 28.96 54.93
O6 NAG X . 30.04 29.24 55.33
O7 NAG X . 23.83 32.11 54.53
C1 NAG Y . 4.75 36.55 51.76
C2 NAG Y . 6.26 36.81 51.86
C3 NAG Y . 6.54 38.05 52.70
C4 NAG Y . 5.73 39.24 52.19
C5 NAG Y . 4.26 38.84 52.20
C6 NAG Y . 3.31 39.92 51.75
C7 NAG Y . 8.23 35.36 52.19
C8 NAG Y . 8.74 34.15 52.94
N2 NAG Y . 6.96 35.69 52.45
O3 NAG Y . 7.92 38.29 52.67
O4 NAG Y . 5.98 40.32 53.06
O5 NAG Y . 4.10 37.73 51.34
O6 NAG Y . 2.00 39.44 51.75
O7 NAG Y . 8.95 35.99 51.42
C1 NAG Z . 37.81 -1.95 9.93
C2 NAG Z . 38.72 -0.87 9.34
C3 NAG Z . 38.85 -1.09 7.84
C4 NAG Z . 39.32 -2.50 7.56
C5 NAG Z . 38.41 -3.50 8.27
C6 NAG Z . 38.83 -4.95 8.10
C7 NAG Z . 38.81 1.38 10.38
C8 NAG Z . 38.06 2.68 10.52
N2 NAG Z . 38.20 0.44 9.63
O3 NAG Z . 39.75 -0.13 7.36
O4 NAG Z . 39.30 -2.68 6.16
O5 NAG Z . 38.36 -3.21 9.65
O6 NAG Z . 40.17 -5.10 8.53
O7 NAG Z . 39.89 1.21 10.93
C1 NAG AA . 14.12 6.94 57.40
C2 NAG AA . 14.19 5.42 57.22
C3 NAG AA . 12.77 4.89 57.29
C4 NAG AA . 12.17 5.25 58.64
C5 NAG AA . 12.33 6.75 58.93
C6 NAG AA . 11.95 7.10 60.35
C7 NAG AA . 15.89 4.20 55.91
C8 NAG AA . 16.38 3.93 54.52
N2 NAG AA . 14.84 5.04 56.00
O3 NAG AA . 12.80 3.51 57.06
O4 NAG AA . 10.81 4.89 58.59
O5 NAG AA . 13.66 7.18 58.70
O6 NAG AA . 10.67 6.58 60.63
O7 NAG AA . 16.43 3.67 56.88
C1 NAG BA . 47.38 -1.46 38.10
C2 NAG BA . 48.00 -2.20 36.91
C3 NAG BA . 49.47 -1.77 36.73
C4 NAG BA . 49.64 -0.26 36.76
C5 NAG BA . 48.95 0.30 38.01
C6 NAG BA . 49.03 1.82 38.13
C7 NAG BA . 48.36 -4.58 36.26
C8 NAG BA . 48.18 -6.00 36.71
N2 NAG BA . 47.92 -3.63 37.11
O3 NAG BA . 49.98 -2.28 35.51
O4 NAG BA . 51.03 -0.02 36.78
O5 NAG BA . 47.60 -0.07 37.98
O6 NAG BA . 50.38 2.22 38.15
O7 NAG BA . 48.89 -4.32 35.19
C1 NAG CA . 46.17 11.10 40.42
C2 NAG CA . 45.84 10.79 41.88
C3 NAG CA . 47.09 10.84 42.74
C4 NAG CA . 48.17 9.95 42.13
C5 NAG CA . 48.41 10.39 40.68
C6 NAG CA . 49.48 9.60 39.95
C7 NAG CA . 43.58 11.58 42.76
C8 NAG CA . 42.95 10.21 42.68
N2 NAG CA . 44.87 11.75 42.38
O3 NAG CA . 46.76 10.42 44.03
O4 NAG CA . 49.34 10.10 42.92
O5 NAG CA . 47.20 10.25 39.98
O6 NAG CA . 49.67 10.14 38.67
O7 NAG CA . 42.91 12.52 43.17
C1 NAG DA . 14.71 24.66 57.30
C2 NAG DA . 14.89 23.56 58.34
C3 NAG DA . 13.54 23.08 58.85
C4 NAG DA . 12.73 24.25 59.39
C5 NAG DA . 12.63 25.33 58.31
C6 NAG DA . 11.95 26.57 58.81
C7 NAG DA . 16.68 21.86 58.42
C8 NAG DA . 17.23 20.67 57.71
N2 NAG DA . 15.61 22.43 57.84
O3 NAG DA . 13.77 22.11 59.84
O4 NAG DA . 11.47 23.74 59.75
O5 NAG DA . 13.92 25.68 57.85
O6 NAG DA . 10.76 26.22 59.48
O7 NAG DA . 17.18 22.27 59.47
C1 NAG EA . 19.40 33.70 33.56
C2 NAG EA . 20.12 34.45 32.44
C3 NAG EA . 21.47 33.80 32.20
C4 NAG EA . 22.27 33.72 33.50
C5 NAG EA . 21.41 33.08 34.60
C6 NAG EA . 22.10 33.07 35.95
C7 NAG EA . 18.61 35.52 30.81
C8 NAG EA . 17.85 35.28 29.53
N2 NAG EA . 19.32 34.47 31.25
O3 NAG EA . 22.14 34.55 31.22
O4 NAG EA . 23.42 32.96 33.23
O5 NAG EA . 20.18 33.78 34.73
O6 NAG EA . 23.38 32.50 35.80
O7 NAG EA . 18.55 36.60 31.39
C1 NAG FA . 37.70 7.62 7.84
C2 NAG FA . 38.72 6.88 6.99
C3 NAG FA . 38.27 7.12 5.55
C4 NAG FA . 36.86 6.55 5.38
C5 NAG FA . 35.90 7.04 6.47
C6 NAG FA . 34.58 6.29 6.48
C7 NAG FA . 41.00 6.86 8.06
C8 NAG FA . 40.73 5.58 8.83
N2 NAG FA . 40.05 7.37 7.25
O3 NAG FA . 39.20 6.52 4.69
O4 NAG FA . 36.42 6.97 4.10
O5 NAG FA . 36.50 6.91 7.75
O6 NAG FA . 34.82 4.90 6.57
O7 NAG FA . 42.10 7.40 8.18
C1 NAG GA . 25.86 -7.78 34.95
C2 NAG GA . 24.44 -7.94 34.38
C3 NAG GA . 23.86 -9.31 34.67
C4 NAG GA . 24.84 -10.41 34.28
C5 NAG GA . 26.16 -10.13 35.01
C6 NAG GA . 27.24 -11.17 34.77
C7 NAG GA . 23.16 -5.83 34.23
C8 NAG GA . 22.27 -4.89 35.01
N2 NAG GA . 23.58 -6.90 34.91
O3 NAG GA . 22.65 -9.43 33.96
O4 NAG GA . 24.26 -11.63 34.64
O5 NAG GA . 26.65 -8.88 34.59
O6 NAG GA . 26.77 -12.42 35.20
O7 NAG GA . 23.44 -5.59 33.06
C1 NAG HA . 25.85 1.06 -15.47
C2 NAG HA . 26.52 -0.20 -14.92
C3 NAG HA . 27.69 0.22 -14.06
C4 NAG HA . 28.68 1.03 -14.91
C5 NAG HA . 27.94 2.18 -15.63
C6 NAG HA . 28.81 2.90 -16.63
C7 NAG HA . 24.86 -2.10 -14.52
C8 NAG HA . 24.89 -2.51 -15.97
N2 NAG HA . 25.62 -1.04 -14.12
O3 NAG HA . 28.29 -0.92 -13.53
O4 NAG HA . 29.67 1.52 -14.04
O5 NAG HA . 26.80 1.70 -16.30
O6 NAG HA . 29.30 1.97 -17.58
O7 NAG HA . 24.16 -2.70 -13.73
C1 NAG IA . -32.66 -24.62 6.05
C2 NAG IA . -32.51 -24.26 4.57
C3 NAG IA . -33.95 -24.18 4.09
C4 NAG IA . -34.72 -25.47 4.28
C5 NAG IA . -34.31 -26.30 5.50
C6 NAG IA . -34.23 -27.78 5.21
C7 NAG IA . -31.05 -22.24 4.78
C8 NAG IA . -30.76 -20.93 4.08
N2 NAG IA . -31.99 -22.98 4.16
O3 NAG IA . -33.95 -23.77 2.73
O4 NAG IA . -36.08 -25.11 4.43
O5 NAG IA . -33.04 -25.97 6.03
O6 NAG IA . -35.33 -28.17 4.42
O7 NAG IA . -30.49 -22.54 5.82
C1 NAG JA . -28.48 26.78 56.82
C2 NAG JA . -27.92 27.54 58.02
C3 NAG JA . -27.75 26.56 59.18
C4 NAG JA . -29.08 25.86 59.47
C5 NAG JA . -29.66 25.26 58.18
C6 NAG JA . -31.04 24.68 58.37
C7 NAG JA . -26.49 29.50 57.52
C8 NAG JA . -25.08 29.91 57.20
N2 NAG JA . -26.66 28.17 57.70
O3 NAG JA . -27.28 27.28 60.29
O4 NAG JA . -28.81 24.88 60.44
O5 NAG JA . -29.73 26.25 57.17
O6 NAG JA . -31.00 23.65 59.33
O7 NAG JA . -27.39 30.32 57.62
C1 NAG KA . -13.61 41.06 47.72
C2 NAG KA . -14.14 40.11 48.81
C3 NAG KA . -13.95 40.69 50.22
C4 NAG KA . -12.61 41.38 50.39
C5 NAG KA . -12.35 42.33 49.23
C6 NAG KA . -11.07 43.11 49.33
C7 NAG KA . -16.35 39.13 49.31
C8 NAG KA . -17.77 39.02 48.80
N2 NAG KA . -15.53 39.86 48.53
O3 NAG KA . -14.07 39.64 51.14
O4 NAG KA . -12.65 42.06 51.62
O5 NAG KA . -12.33 41.55 48.06
O6 NAG KA . -10.96 43.98 48.21
O7 NAG KA . -16.01 38.59 50.35
C1 NAG LA . -30.58 -18.65 29.10
C2 NAG LA . -29.90 -19.23 30.34
C3 NAG LA . -29.06 -20.44 29.95
C4 NAG LA . -29.91 -21.44 29.18
C5 NAG LA . -30.64 -20.75 28.03
C6 NAG LA . -31.58 -21.64 27.26
C7 NAG LA . -29.19 -17.82 32.25
C8 NAG LA . -28.19 -16.77 32.67
N2 NAG LA . -29.07 -18.23 30.98
O3 NAG LA . -28.52 -20.99 31.12
O4 NAG LA . -29.02 -22.44 28.72
O5 NAG LA . -31.38 -19.66 28.53
O6 NAG LA . -30.85 -22.71 26.69
O7 NAG LA . -30.01 -18.26 33.04
C1 NAG MA . -22.76 -18.56 40.70
C2 NAG MA . -21.49 -19.41 40.55
C3 NAG MA . -21.31 -20.39 41.71
C4 NAG MA . -21.51 -19.70 43.05
C5 NAG MA . -22.89 -19.01 43.02
C6 NAG MA . -23.29 -18.33 44.31
C7 NAG MA . -20.72 -19.93 38.26
C8 NAG MA . -20.98 -20.83 37.08
N2 NAG MA . -21.54 -20.13 39.30
O3 NAG MA . -20.02 -20.93 41.60
O4 NAG MA . -21.42 -20.70 44.04
O5 NAG MA . -22.87 -18.05 42.00
O6 NAG MA . -23.43 -19.29 45.33
O7 NAG MA . -19.83 -19.10 38.23
C1 NAG NA . -46.95 12.99 32.02
C2 NAG NA . -48.22 12.33 32.54
C3 NAG NA . -49.15 12.05 31.36
C4 NAG NA . -49.40 13.32 30.58
C5 NAG NA . -48.06 13.97 30.20
C6 NAG NA . -48.21 15.30 29.49
C7 NAG NA . -47.94 11.00 34.59
C8 NAG NA . -47.57 9.64 35.11
N2 NAG NA . -47.91 11.13 33.26
O3 NAG NA . -50.35 11.50 31.88
O4 NAG NA . -50.14 12.97 29.42
O5 NAG NA . -47.30 14.18 31.37
O6 NAG NA . -48.97 16.17 30.28
O7 NAG NA . -48.24 11.90 35.36
C1 NAG OA . -40.12 33.84 33.02
C2 NAG OA . -41.55 33.78 32.47
C3 NAG OA . -41.70 34.59 31.19
C4 NAG OA . -41.05 35.97 31.31
C5 NAG OA . -39.62 35.78 31.81
C6 NAG OA . -38.82 37.07 31.93
C7 NAG OA . -42.42 31.57 33.13
C8 NAG OA . -42.73 30.17 32.63
N2 NAG OA . -41.92 32.41 32.20
O3 NAG OA . -43.07 34.70 30.91
O4 NAG OA . -41.12 36.56 30.03
O5 NAG OA . -39.67 35.17 33.07
O6 NAG OA . -38.74 37.69 30.66
O7 NAG OA . -42.62 31.88 34.29
C1 NAG PA . -46.81 15.99 39.84
C2 NAG PA . -47.21 17.17 38.95
C3 NAG PA . -47.69 18.36 39.78
C4 NAG PA . -48.70 17.93 40.83
C5 NAG PA . -48.11 16.77 41.64
C6 NAG PA . -49.02 16.26 42.74
C7 NAG PA . -45.71 16.98 37.00
C8 NAG PA . -44.53 17.62 36.31
N2 NAG PA . -46.11 17.58 38.12
O3 NAG PA . -48.22 19.30 38.89
O4 NAG PA . -48.97 19.07 41.62
O5 NAG PA . -47.84 15.71 40.76
O6 NAG PA . -49.25 17.30 43.67
O7 NAG PA . -46.25 15.98 36.55
C1 NAG QA . -51.05 -2.24 43.70
C2 NAG QA . -51.44 -3.70 43.51
C3 NAG QA . -52.07 -4.21 44.79
C4 NAG QA . -51.10 -3.98 45.96
C5 NAG QA . -50.61 -2.53 45.98
C6 NAG QA . -49.55 -2.27 47.03
C7 NAG QA . -52.09 -4.62 41.30
C8 NAG QA . -53.20 -4.64 40.28
N2 NAG QA . -52.34 -3.87 42.40
O3 NAG QA . -52.39 -5.56 44.62
O4 NAG QA . -51.81 -4.31 47.14
O5 NAG QA . -50.09 -2.17 44.73
O6 NAG QA . -48.46 -3.14 46.82
O7 NAG QA . -51.07 -5.26 41.13
C1 NAG RA . -44.29 -22.52 40.21
C2 NAG RA . -44.66 -23.79 39.44
C3 NAG RA . -44.84 -23.42 37.97
C4 NAG RA . -45.84 -22.29 37.81
C5 NAG RA . -45.45 -21.13 38.75
C6 NAG RA . -46.41 -19.95 38.74
C7 NAG RA . -43.81 -25.98 40.22
C8 NAG RA . -42.59 -26.86 40.25
N2 NAG RA . -43.64 -24.79 39.59
O3 NAG RA . -45.26 -24.58 37.29
O4 NAG RA . -45.84 -21.91 36.46
O5 NAG RA . -45.36 -21.62 40.07
O6 NAG RA . -46.40 -19.34 37.47
O7 NAG RA . -44.86 -26.32 40.74
C1 NAG SA . -33.99 4.46 52.46
C2 NAG SA . -33.42 5.87 52.59
C3 NAG SA . -33.03 6.14 54.04
C4 NAG SA . -34.24 5.91 54.93
C5 NAG SA . -34.82 4.51 54.67
C6 NAG SA . -36.10 4.26 55.44
C7 NAG SA . -32.26 6.94 50.68
C8 NAG SA . -30.96 6.95 49.91
N2 NAG SA . -32.30 6.07 51.72
O3 NAG SA . -32.56 7.46 54.13
O4 NAG SA . -33.81 6.05 56.27
O5 NAG SA . -35.11 4.35 53.29
O6 NAG SA . -37.04 5.25 55.13
O7 NAG SA . -33.19 7.68 50.38
C1 NAG TA . -43.09 2.32 52.18
C2 NAG TA . -43.79 3.68 52.33
C3 NAG TA . -44.77 3.64 53.50
C4 NAG TA . -45.71 2.45 53.36
C5 NAG TA . -44.88 1.18 53.18
C6 NAG TA . -45.70 -0.08 53.05
C7 NAG TA . -42.55 5.70 51.63
C8 NAG TA . -41.47 6.66 52.07
N2 NAG TA . -42.81 4.72 52.52
O3 NAG TA . -45.47 4.86 53.51
O4 NAG TA . -46.50 2.43 54.53
O5 NAG TA . -44.06 1.32 52.03
O6 NAG TA . -46.42 -0.31 54.22
O7 NAG TA . -43.12 5.83 50.57
C1 NAG UA . -10.98 17.83 49.40
C2 NAG UA . -10.69 16.34 49.17
C3 NAG UA . -12.02 15.62 48.96
C4 NAG UA . -12.93 15.89 50.15
C5 NAG UA . -13.07 17.40 50.35
C6 NAG UA . -13.93 17.79 51.54
C7 NAG UA . -9.00 15.10 47.88
C8 NAG UA . -8.13 15.14 46.64
N2 NAG UA . -9.80 16.17 48.05
O3 NAG UA . -11.75 14.25 48.79
O4 NAG UA . -14.16 15.27 49.86
O5 NAG UA . -11.78 17.96 50.54
O6 NAG UA . -15.20 17.21 51.39
O7 NAG UA . -8.97 14.16 48.65
C1 NAG VA . -42.73 5.84 24.19
C2 NAG VA . -41.89 6.44 23.06
C3 NAG VA . -42.79 6.80 21.88
C4 NAG VA . -43.64 5.62 21.47
C5 NAG VA . -44.40 5.11 22.69
C6 NAG VA . -45.28 3.91 22.40
C7 NAG VA . -39.86 7.66 23.76
C8 NAG VA . -39.36 9.00 24.21
N2 NAG VA . -41.18 7.62 23.49
O3 NAG VA . -41.96 7.24 20.83
O4 NAG VA . -44.51 6.08 20.44
O5 NAG VA . -43.48 4.77 23.70
O6 NAG VA . -46.15 4.19 21.33
O7 NAG VA . -39.12 6.70 23.66
C1 NAG WA . -35.83 9.48 50.53
C2 NAG WA . -34.79 10.25 51.38
C3 NAG WA . -34.69 9.67 52.79
C4 NAG WA . -36.07 9.54 53.43
C5 NAG WA . -36.97 8.74 52.49
C6 NAG WA . -38.37 8.50 53.00
C7 NAG WA . -32.90 11.29 50.19
C8 NAG WA . -31.55 10.99 49.60
N2 NAG WA . -33.51 10.22 50.75
O3 NAG WA . -33.85 10.50 53.53
O4 NAG WA . -35.88 8.92 54.68
O5 NAG WA . -37.05 9.42 51.25
O6 NAG WA . -38.31 7.73 54.18
O7 NAG WA . -33.37 12.42 50.17
C1 NAG XA . -2.48 -38.83 6.22
C2 NAG XA . -1.07 -39.36 5.94
C3 NAG XA . -0.61 -40.24 7.09
C4 NAG XA . -0.77 -39.51 8.42
C5 NAG XA . -2.20 -38.97 8.56
C6 NAG XA . -2.43 -38.19 9.83
C7 NAG XA . -0.71 -39.69 3.46
C8 NAG XA . -0.26 -38.27 3.24
N2 NAG XA . -1.05 -40.09 4.70
O3 NAG XA . 0.73 -40.59 6.85
O4 NAG XA . -0.47 -40.44 9.44
O5 NAG XA . -2.48 -38.14 7.46
O6 NAG XA . -3.70 -37.58 9.79
O7 NAG XA . -0.75 -40.46 2.50
C1 NAG YA . -22.10 -42.18 2.55
C2 NAG YA . -23.13 -43.05 1.83
C3 NAG YA . -24.28 -43.35 2.80
C4 NAG YA . -23.73 -44.03 4.05
C5 NAG YA . -22.59 -43.20 4.65
C6 NAG YA . -21.89 -43.86 5.82
C7 NAG YA . -23.14 -42.68 -0.61
C8 NAG YA . -23.79 -41.90 -1.72
N2 NAG YA . -23.60 -42.42 0.63
O3 NAG YA . -25.22 -44.15 2.13
O4 NAG YA . -24.79 -44.17 4.95
O5 NAG YA . -21.62 -42.89 3.66
O6 NAG YA . -20.85 -43.03 6.28
O7 NAG YA . -22.27 -43.51 -0.84
C1 NAG ZA . -8.00 15.06 -33.48
C2 NAG ZA . -6.88 14.02 -33.60
C3 NAG ZA . -6.23 14.18 -34.97
C4 NAG ZA . -7.28 14.06 -36.07
C5 NAG ZA . -8.44 15.01 -35.79
C6 NAG ZA . -9.58 14.86 -36.77
C7 NAG ZA . -5.70 13.22 -31.60
C8 NAG ZA . -4.63 13.55 -30.59
N2 NAG ZA . -5.91 14.14 -32.55
O3 NAG ZA . -5.22 13.21 -35.08
O4 NAG ZA . -6.64 14.36 -37.29
O5 NAG ZA . -8.95 14.80 -34.49
O6 NAG ZA . -10.66 15.68 -36.39
O7 NAG ZA . -6.32 12.17 -31.52
C1 NAG AB . 1.60 49.84 39.23
C2 NAG AB . 0.90 51.16 38.87
C3 NAG AB . 1.08 52.21 39.97
C4 NAG AB . 0.76 51.62 41.34
C5 NAG AB . 1.60 50.36 41.53
C6 NAG AB . 1.45 49.70 42.89
C7 NAG AB . 0.79 51.76 36.48
C8 NAG AB . 1.59 52.34 35.34
N2 NAG AB . 1.45 51.67 37.65
O3 NAG AB . 0.25 53.29 39.67
O4 NAG AB . 1.08 52.60 42.30
O5 NAG AB . 1.23 49.43 40.52
O6 NAG AB . 2.38 48.64 43.01
O7 NAG AB . -0.39 51.44 36.33
C1 NAG BB . -18.49 32.93 -21.31
C2 NAG BB . -19.91 33.40 -20.96
C3 NAG BB . -20.88 32.27 -21.24
C4 NAG BB . -20.72 31.76 -22.67
C5 NAG BB . -19.25 31.44 -22.94
C6 NAG BB . -18.94 30.96 -24.34
C7 NAG BB . -20.44 35.01 -19.16
C8 NAG BB . -20.42 35.19 -17.67
N2 NAG BB . -19.99 33.82 -19.59
O3 NAG BB . -22.17 32.74 -20.99
O4 NAG BB . -21.54 30.62 -22.79
O5 NAG BB . -18.46 32.59 -22.67
O6 NAG BB . -19.53 29.70 -24.55
O7 NAG BB . -20.85 35.89 -19.91
C1 NAG CB . -28.59 37.01 -12.45
C2 NAG CB . -29.62 35.88 -12.39
C3 NAG CB . -30.89 36.34 -13.09
C4 NAG CB . -31.39 37.63 -12.44
C5 NAG CB . -30.27 38.66 -12.43
C6 NAG CB . -30.65 39.95 -11.72
C7 NAG CB . -28.64 33.62 -12.29
C8 NAG CB . -28.14 32.48 -13.14
N2 NAG CB . -29.09 34.68 -12.98
O3 NAG CB . -31.85 35.31 -13.00
O4 NAG CB . -32.50 38.08 -13.20
O5 NAG CB . -29.13 38.12 -11.78
O6 NAG CB . -31.11 39.65 -10.42
O7 NAG CB . -28.64 33.55 -11.08
C1 NAG DB . 8.35 51.99 -6.97
C2 NAG DB . 8.57 52.70 -8.30
C3 NAG DB . 9.31 51.78 -9.26
C4 NAG DB . 10.56 51.22 -8.62
C5 NAG DB . 10.21 50.58 -7.28
C6 NAG DB . 11.39 50.00 -6.51
C7 NAG DB . 6.70 54.30 -8.95
C8 NAG DB . 7.39 55.51 -8.38
N2 NAG DB . 7.30 53.09 -8.87
O3 NAG DB . 9.59 52.50 -10.43
O4 NAG DB . 11.12 50.28 -9.51
O5 NAG DB . 9.59 51.55 -6.47
O6 NAG DB . 12.37 51.00 -6.33
O7 NAG DB . 5.60 54.43 -9.46
C1 NAG EB . 18.27 53.34 12.21
C2 NAG EB . 18.97 52.62 11.05
C3 NAG EB . 20.14 51.82 11.62
C4 NAG EB . 21.06 52.72 12.44
C5 NAG EB . 20.24 53.51 13.47
C6 NAG EB . 21.08 54.47 14.28
C7 NAG EB . 18.05 51.60 9.01
C8 NAG EB . 17.06 50.58 8.49
N2 NAG EB . 18.10 51.72 10.35
O3 NAG EB . 20.83 51.24 10.54
O4 NAG EB . 22.01 51.89 13.07
O5 NAG EB . 19.21 54.21 12.80
O6 NAG EB . 20.27 55.15 15.22
O7 NAG EB . 18.75 52.24 8.24
C1 NAG FB . 6.67 58.59 -2.81
C2 NAG FB . 8.11 58.28 -2.43
C3 NAG FB . 8.66 59.37 -1.51
C4 NAG FB . 8.48 60.74 -2.16
C5 NAG FB . 7.01 60.92 -2.59
C6 NAG FB . 6.75 62.23 -3.31
C7 NAG FB . 8.58 55.79 -2.24
C8 NAG FB . 9.06 55.67 -3.68
N2 NAG FB . 8.18 57.00 -1.77
O3 NAG FB . 10.00 59.09 -1.24
O4 NAG FB . 8.89 61.70 -1.21
O5 NAG FB . 6.62 59.86 -3.43
O6 NAG FB . 7.20 63.30 -2.51
O7 NAG FB . 8.57 54.79 -1.54
C1 NAG GB . -15.24 57.65 0.20
C2 NAG GB . -14.50 57.36 1.52
C3 NAG GB . -15.13 58.05 2.73
C4 NAG GB . -15.42 59.51 2.40
C5 NAG GB . -16.31 59.53 1.15
C6 NAG GB . -16.84 60.90 0.78
C7 NAG GB . -13.43 55.08 1.88
C8 NAG GB . -12.03 55.63 1.97
N2 NAG GB . -14.48 55.93 1.69
O3 NAG GB . -14.24 57.92 3.80
O4 NAG GB . -16.04 60.09 3.52
O5 NAG GB . -15.57 59.01 0.07
O6 NAG GB . -17.79 60.78 -0.24
O7 NAG GB . -13.61 53.88 2.00
C1 NAG HB . 7.50 57.63 26.39
C2 NAG HB . 8.65 58.28 25.61
C3 NAG HB . 9.95 57.81 26.23
C4 NAG HB . 9.98 58.16 27.71
C5 NAG HB . 8.73 57.61 28.41
C6 NAG HB . 8.61 58.02 29.85
C7 NAG HB . 8.04 58.64 23.18
C8 NAG HB . 7.42 59.99 23.43
N2 NAG HB . 8.57 57.94 24.22
O3 NAG HB . 11.01 58.42 25.53
O4 NAG HB . 11.16 57.59 28.25
O5 NAG HB . 7.57 58.04 27.73
O6 NAG HB . 9.74 57.58 30.57
O7 NAG HB . 8.06 58.20 22.04
C1 NAG IB . -16.13 45.60 22.63
C2 NAG IB . -17.51 45.05 22.25
C3 NAG IB . -17.79 45.45 20.81
C4 NAG IB . -17.71 46.97 20.68
C5 NAG IB . -16.38 47.48 21.24
C6 NAG IB . -16.28 48.99 21.25
C7 NAG IB . -18.43 42.96 23.21
C8 NAG IB . -18.30 41.47 23.20
N2 NAG IB . -17.57 43.62 22.40
O3 NAG IB . -19.07 44.96 20.49
O4 NAG IB . -17.84 47.26 19.31
O5 NAG IB . -16.18 47.00 22.55
O6 NAG IB . -16.54 49.49 19.97
O7 NAG IB . -19.28 43.52 23.90
C1 NAG JB . -9.10 58.54 2.46
C2 NAG JB . -9.95 58.84 3.70
C3 NAG JB . -11.14 59.71 3.29
C4 NAG JB . -10.70 60.93 2.49
C5 NAG JB . -9.77 60.50 1.36
C6 NAG JB . -9.22 61.66 0.56
C7 NAG JB . -9.78 56.64 4.87
C8 NAG JB . -10.58 55.54 5.51
N2 NAG JB . -10.48 57.67 4.36
O3 NAG JB . -11.84 60.06 4.44
O4 NAG JB . -11.88 61.52 2.00
O5 NAG JB . -8.69 59.76 1.90
O6 NAG JB . -10.29 62.46 0.09
O7 NAG JB . -8.56 56.58 4.82
C1 NAG KB . 5.89 41.54 -11.58
C2 NAG KB . 7.24 40.83 -11.42
C3 NAG KB . 8.17 41.11 -12.58
C4 NAG KB . 7.47 40.72 -13.87
C5 NAG KB . 6.19 41.54 -13.95
C6 NAG KB . 5.48 41.30 -15.27
C7 NAG KB . 7.82 40.43 -9.06
C8 NAG KB . 8.56 40.99 -7.87
N2 NAG KB . 7.87 41.19 -10.18
O3 NAG KB . 9.34 40.34 -12.39
O4 NAG KB . 8.35 41.01 -14.93
O5 NAG KB . 5.34 41.24 -12.85
O6 NAG KB . 6.42 41.44 -16.31
O7 NAG KB . 7.23 39.36 -8.98
C1 NAG LB . -32.37 -6.06 -24.38
C2 NAG LB . -32.79 -7.37 -23.70
C3 NAG LB . -34.31 -7.37 -23.56
C4 NAG LB . -34.73 -6.16 -22.75
C5 NAG LB . -34.15 -4.87 -23.35
C6 NAG LB . -34.39 -3.64 -22.50
C7 NAG LB . -31.20 -9.20 -24.12
C8 NAG LB . -30.87 -10.33 -25.07
N2 NAG LB . -32.29 -8.48 -24.45
O3 NAG LB . -34.67 -8.57 -22.94
O4 NAG LB . -36.14 -6.13 -22.75
O5 NAG LB . -32.76 -5.00 -23.54
O6 NAG LB . -33.90 -3.86 -21.20
O7 NAG LB . -30.51 -8.98 -23.14
C1 NAG MB . -30.83 7.62 -18.29
C2 NAG MB . -31.44 7.88 -19.67
C3 NAG MB . -32.48 9.00 -19.67
C4 NAG MB . -33.39 8.92 -18.46
C5 NAG MB . -32.51 8.91 -17.21
C6 NAG MB . -33.28 8.95 -15.92
C7 NAG MB . -30.01 7.41 -21.63
C8 NAG MB . -28.91 7.99 -22.48
N2 NAG MB . -30.41 8.21 -20.62
O3 NAG MB . -33.20 8.91 -20.87
O4 NAG MB . -34.26 10.03 -18.49
O5 NAG MB . -31.76 7.73 -17.24
O6 NAG MB . -34.24 7.92 -15.90
O7 NAG MB . -30.48 6.31 -21.86
C1 NAG NB . -23.19 1.54 -40.20
C2 NAG NB . -22.66 1.61 -41.64
C3 NAG NB . -23.08 2.87 -42.39
C4 NAG NB . -24.54 3.22 -42.14
C5 NAG NB . -24.74 3.31 -40.63
C6 NAG NB . -26.12 3.78 -40.23
C7 NAG NB . -20.37 0.52 -41.76
C8 NAG NB . -20.94 -0.86 -41.96
N2 NAG NB . -21.21 1.58 -41.63
O3 NAG NB . -22.84 2.63 -43.76
O4 NAG NB . -24.82 4.43 -42.80
O5 NAG NB . -24.49 2.04 -40.07
O6 NAG NB . -26.45 4.92 -40.96
O7 NAG NB . -19.16 0.67 -41.73
#